data_4A54
#
_entry.id   4A54
#
_cell.length_a   1.000
_cell.length_b   1.000
_cell.length_c   1.000
_cell.angle_alpha   90.00
_cell.angle_beta   90.00
_cell.angle_gamma   90.00
#
_symmetry.space_group_name_H-M   'P 1'
#
loop_
_entity.id
_entity.type
_entity.pdbx_description
1 polymer EDC3
2 polymer 'MRNA DECAPPING COMPLEX SUBUNIT 2'
#
loop_
_entity_poly.entity_id
_entity_poly.type
_entity_poly.pdbx_seq_one_letter_code
_entity_poly.pdbx_strand_id
1 'polypeptide(L)'
;MGMSVADFYGSNVEVLLNNDSKARGVITNFDSSNSILQLRLANDSTKSIVTKDIKDLRILPKNEIMPKNGTKSPSTNSTK
LKSAETYSSKNKWSMD
;
A
2 'polypeptide(L)' GATTKEKNISVDVDADASSQLLSLLKSSTAPSDLATPQPSTFPQPPVESHSS B
#
# COMPACT_ATOMS: atom_id res chain seq x y z
N MET A 1 -14.12 -1.13 4.48
CA MET A 1 -15.07 -1.99 3.70
C MET A 1 -14.29 -3.00 2.85
N GLY A 2 -13.51 -2.53 1.92
CA GLY A 2 -12.72 -3.45 1.05
C GLY A 2 -12.31 -2.72 -0.23
N MET A 3 -11.04 -2.73 -0.56
CA MET A 3 -10.57 -2.03 -1.79
C MET A 3 -9.69 -2.98 -2.62
N SER A 4 -9.48 -2.64 -3.88
CA SER A 4 -8.63 -3.50 -4.76
C SER A 4 -7.19 -2.98 -4.75
N VAL A 5 -6.29 -3.70 -5.40
CA VAL A 5 -4.85 -3.28 -5.42
C VAL A 5 -4.69 -1.97 -6.20
N ALA A 6 -5.56 -1.71 -7.15
CA ALA A 6 -5.43 -0.46 -7.97
C ALA A 6 -5.39 0.79 -7.07
N ASP A 7 -6.05 0.72 -5.95
CA ASP A 7 -5.97 1.84 -4.95
C ASP A 7 -4.57 1.90 -4.33
N PHE A 8 -3.92 0.77 -4.21
CA PHE A 8 -2.56 0.73 -3.56
C PHE A 8 -1.43 0.80 -4.61
N TYR A 9 -1.75 1.08 -5.86
CA TYR A 9 -0.67 1.28 -6.88
C TYR A 9 0.12 2.56 -6.56
N GLY A 10 1.42 2.50 -6.66
CA GLY A 10 2.27 3.67 -6.27
C GLY A 10 2.51 3.69 -4.75
N SER A 11 1.96 2.74 -4.02
CA SER A 11 2.19 2.69 -2.54
C SER A 11 3.58 2.13 -2.24
N ASN A 12 4.31 2.75 -1.34
CA ASN A 12 5.61 2.17 -0.88
C ASN A 12 5.36 1.15 0.22
N VAL A 13 5.74 -0.08 0.00
CA VAL A 13 5.52 -1.14 1.02
C VAL A 13 6.71 -2.10 1.06
N GLU A 14 6.83 -2.87 2.10
CA GLU A 14 7.93 -3.86 2.17
C GLU A 14 7.36 -5.28 2.03
N VAL A 15 8.09 -6.17 1.44
CA VAL A 15 7.55 -7.54 1.15
C VAL A 15 8.59 -8.61 1.51
N LEU A 16 8.23 -9.54 2.34
CA LEU A 16 9.15 -10.67 2.65
C LEU A 16 8.79 -11.87 1.75
N LEU A 17 9.77 -12.41 1.07
CA LEU A 17 9.49 -13.49 0.07
C LEU A 17 9.62 -14.88 0.72
N ASN A 18 9.23 -15.90 -0.01
CA ASN A 18 9.28 -17.30 0.55
C ASN A 18 10.68 -17.68 1.02
N ASN A 19 11.70 -17.01 0.51
CA ASN A 19 13.10 -17.36 0.89
C ASN A 19 13.58 -16.49 2.06
N ASP A 20 12.66 -15.96 2.86
CA ASP A 20 13.04 -15.17 4.08
C ASP A 20 13.91 -13.96 3.70
N SER A 21 13.76 -13.46 2.49
CA SER A 21 14.46 -12.20 2.11
C SER A 21 13.46 -11.04 2.07
N LYS A 22 13.90 -9.86 2.41
CA LYS A 22 12.95 -8.70 2.46
C LYS A 22 13.24 -7.71 1.32
N ALA A 23 12.22 -7.10 0.80
CA ALA A 23 12.42 -6.07 -0.27
C ALA A 23 11.28 -5.05 -0.26
N ARG A 24 11.60 -3.78 -0.29
CA ARG A 24 10.54 -2.71 -0.23
C ARG A 24 10.69 -1.75 -1.40
N GLY A 25 9.59 -1.27 -1.92
CA GLY A 25 9.65 -0.39 -3.13
C GLY A 25 8.26 0.19 -3.41
N VAL A 26 8.15 1.12 -4.32
CA VAL A 26 6.83 1.76 -4.58
C VAL A 26 6.14 1.06 -5.75
N ILE A 27 4.98 0.50 -5.51
CA ILE A 27 4.32 -0.39 -6.54
C ILE A 27 3.98 0.43 -7.80
N THR A 28 4.11 -0.19 -8.95
CA THR A 28 3.75 0.50 -10.23
C THR A 28 2.66 -0.25 -10.99
N ASN A 29 2.55 -1.56 -10.82
CA ASN A 29 1.49 -2.30 -11.57
C ASN A 29 1.20 -3.68 -10.95
N PHE A 30 0.05 -4.23 -11.28
CA PHE A 30 -0.27 -5.65 -10.91
C PHE A 30 -1.19 -6.24 -11.97
N ASP A 31 -0.83 -7.37 -12.51
CA ASP A 31 -1.67 -8.00 -13.58
C ASP A 31 -2.52 -9.10 -12.97
N SER A 32 -3.80 -9.10 -13.21
CA SER A 32 -4.69 -10.10 -12.55
C SER A 32 -4.40 -11.51 -13.07
N SER A 33 -4.30 -11.67 -14.37
CA SER A 33 -4.15 -13.05 -14.95
C SER A 33 -2.89 -13.73 -14.43
N ASN A 34 -1.78 -13.02 -14.39
CA ASN A 34 -0.51 -13.64 -13.92
C ASN A 34 -0.14 -13.16 -12.51
N SER A 35 -0.86 -12.20 -11.95
CA SER A 35 -0.48 -11.61 -10.61
C SER A 35 1.00 -11.20 -10.61
N ILE A 36 1.35 -10.20 -11.39
CA ILE A 36 2.79 -9.82 -11.52
C ILE A 36 2.96 -8.35 -11.10
N LEU A 37 3.84 -8.08 -10.18
CA LEU A 37 3.89 -6.73 -9.54
C LEU A 37 5.20 -6.03 -9.86
N GLN A 38 5.14 -4.89 -10.50
CA GLN A 38 6.36 -4.07 -10.73
C GLN A 38 6.55 -3.10 -9.57
N LEU A 39 7.75 -3.02 -9.04
CA LEU A 39 8.04 -2.04 -7.94
C LEU A 39 9.11 -1.04 -8.41
N ARG A 40 8.80 0.24 -8.37
CA ARG A 40 9.83 1.27 -8.71
C ARG A 40 10.48 1.80 -7.44
N LEU A 41 11.71 1.42 -7.19
CA LEU A 41 12.37 1.80 -5.90
C LEU A 41 12.98 3.20 -6.01
N ALA A 42 13.08 3.88 -4.89
CA ALA A 42 13.51 5.32 -4.90
C ALA A 42 14.97 5.49 -5.35
N ASN A 43 15.69 4.41 -5.55
CA ASN A 43 17.07 4.52 -6.11
C ASN A 43 17.05 4.54 -7.65
N ASP A 44 15.97 5.03 -8.26
CA ASP A 44 15.91 5.16 -9.75
C ASP A 44 16.01 3.80 -10.43
N SER A 45 15.56 2.74 -9.78
CA SER A 45 15.66 1.38 -10.39
C SER A 45 14.28 0.72 -10.45
N THR A 46 13.96 0.07 -11.54
CA THR A 46 12.69 -0.69 -11.64
C THR A 46 12.93 -2.18 -11.36
N LYS A 47 11.95 -2.86 -10.84
CA LYS A 47 12.12 -4.33 -10.56
C LYS A 47 10.77 -5.05 -10.66
N SER A 48 10.66 -5.99 -11.58
CA SER A 48 9.39 -6.75 -11.73
C SER A 48 9.44 -8.05 -10.93
N ILE A 49 8.51 -8.25 -10.03
CA ILE A 49 8.47 -9.50 -9.21
C ILE A 49 7.08 -10.12 -9.26
N VAL A 50 6.99 -11.41 -9.44
CA VAL A 50 5.65 -12.08 -9.48
C VAL A 50 5.15 -12.31 -8.05
N THR A 51 3.95 -11.86 -7.74
CA THR A 51 3.46 -11.86 -6.32
C THR A 51 3.46 -13.27 -5.71
N LYS A 52 3.36 -14.28 -6.53
CA LYS A 52 3.27 -15.68 -5.99
C LYS A 52 4.47 -16.00 -5.09
N ASP A 53 5.58 -15.34 -5.29
CA ASP A 53 6.75 -15.57 -4.38
C ASP A 53 6.64 -14.72 -3.11
N ILE A 54 5.56 -13.99 -2.92
CA ILE A 54 5.37 -13.22 -1.64
C ILE A 54 5.00 -14.18 -0.50
N LYS A 55 5.73 -14.13 0.58
CA LYS A 55 5.32 -14.87 1.80
C LYS A 55 4.48 -13.95 2.71
N ASP A 56 4.72 -12.65 2.66
CA ASP A 56 3.97 -11.70 3.54
C ASP A 56 4.15 -10.27 3.01
N LEU A 57 3.23 -9.39 3.35
CA LEU A 57 3.32 -7.97 2.86
C LEU A 57 3.09 -6.99 4.01
N ARG A 58 3.67 -5.82 3.94
CA ARG A 58 3.42 -4.76 4.97
C ARG A 58 3.63 -3.37 4.35
N ILE A 59 2.83 -2.41 4.71
CA ILE A 59 3.05 -1.01 4.23
C ILE A 59 4.03 -0.28 5.16
N LEU A 60 5.01 0.39 4.61
CA LEU A 60 6.00 1.11 5.46
C LEU A 60 5.45 2.50 5.87
N PRO A 61 6.04 3.08 6.89
CA PRO A 61 5.61 4.43 7.33
C PRO A 61 5.93 5.47 6.25
N LYS A 62 5.17 6.55 6.21
CA LYS A 62 5.42 7.59 5.17
C LYS A 62 6.58 8.49 5.59
N ASN A 63 7.59 8.63 4.74
CA ASN A 63 8.79 9.47 5.07
C ASN A 63 9.47 8.98 6.36
N GLU A 64 10.69 9.43 6.60
CA GLU A 64 11.43 9.01 7.84
C GLU A 64 11.47 7.48 7.96
N ILE A 65 11.47 6.78 6.86
CA ILE A 65 11.49 5.28 6.90
C ILE A 65 12.85 4.80 7.43
N MET A 66 13.92 5.25 6.84
CA MET A 66 15.28 4.83 7.31
C MET A 66 15.70 5.65 8.55
N PRO A 67 15.72 6.97 8.42
CA PRO A 67 16.14 7.82 9.57
C PRO A 67 15.06 7.84 10.64
N LYS A 68 15.45 7.89 11.90
CA LYS A 68 14.45 7.93 13.01
C LYS A 68 14.48 9.30 13.70
N ASN A 69 13.34 9.94 13.79
CA ASN A 69 13.28 11.28 14.46
C ASN A 69 12.00 11.41 15.28
N GLY A 70 11.91 12.41 16.13
CA GLY A 70 10.70 12.59 16.97
C GLY A 70 10.15 14.01 16.79
N THR A 71 10.15 14.50 15.57
CA THR A 71 9.64 15.88 15.31
C THR A 71 8.47 15.83 14.32
N LYS A 72 7.59 16.79 14.38
CA LYS A 72 6.42 16.81 13.44
C LYS A 72 6.88 17.02 12.00
N SER A 73 7.88 17.86 11.80
CA SER A 73 8.39 18.15 10.41
C SER A 73 7.23 18.59 9.49
N PRO A 74 6.63 19.72 9.80
CA PRO A 74 5.48 20.22 9.01
C PRO A 74 5.92 20.59 7.59
N SER A 75 7.14 21.07 7.44
CA SER A 75 7.64 21.47 6.10
C SER A 75 8.87 20.64 5.71
N THR A 76 9.00 20.31 4.46
CA THR A 76 10.18 19.51 4.01
C THR A 76 11.46 20.35 4.09
N ASN A 77 11.35 21.64 3.81
CA ASN A 77 12.54 22.56 3.86
C ASN A 77 13.70 22.00 3.01
N SER A 78 13.39 21.55 1.81
CA SER A 78 14.45 21.01 0.92
C SER A 78 14.86 22.06 -0.13
N THR A 79 16.11 22.08 -0.51
CA THR A 79 16.59 23.08 -1.50
C THR A 79 17.55 22.43 -2.51
N LYS A 80 17.24 21.23 -2.93
CA LYS A 80 18.14 20.52 -3.90
C LYS A 80 18.09 21.21 -5.26
N LEU A 81 19.25 21.52 -5.82
CA LEU A 81 19.32 22.22 -7.14
C LEU A 81 18.48 23.50 -7.14
N LYS A 82 18.47 24.23 -8.24
CA LYS A 82 17.68 25.50 -8.33
C LYS A 82 18.01 26.44 -7.17
N SER A 83 18.98 27.31 -7.35
CA SER A 83 19.37 28.25 -6.25
C SER A 83 19.09 29.70 -6.67
N ALA A 84 18.61 30.50 -5.74
CA ALA A 84 18.32 31.93 -6.06
C ALA A 84 19.27 32.85 -5.31
N GLU A 85 19.04 34.14 -5.36
CA GLU A 85 19.93 35.11 -4.64
C GLU A 85 19.33 35.51 -3.29
N THR A 86 18.51 34.65 -2.71
CA THR A 86 17.89 34.97 -1.39
C THR A 86 18.17 33.84 -0.38
N TYR A 87 18.48 34.20 0.85
CA TYR A 87 18.78 33.17 1.89
C TYR A 87 17.76 33.25 3.02
N SER A 88 17.29 32.11 3.49
CA SER A 88 16.29 32.11 4.60
C SER A 88 16.77 31.19 5.74
N SER A 89 16.56 31.60 6.97
CA SER A 89 17.00 30.77 8.13
C SER A 89 15.84 30.59 9.11
N LYS A 90 15.67 29.39 9.64
CA LYS A 90 14.55 29.09 10.59
C LYS A 90 13.19 29.46 10.00
N ASN A 91 12.77 30.70 10.11
CA ASN A 91 11.43 31.10 9.55
C ASN A 91 11.49 32.55 9.04
N LYS A 92 10.72 32.86 8.03
CA LYS A 92 10.71 34.25 7.47
C LYS A 92 10.13 35.24 8.50
N TRP A 93 9.11 34.83 9.20
CA TRP A 93 8.49 35.73 10.22
C TRP A 93 8.63 35.13 11.63
N SER A 94 9.01 35.94 12.59
CA SER A 94 9.15 35.44 13.99
C SER A 94 8.33 36.29 14.95
N MET A 95 7.77 35.68 15.98
CA MET A 95 6.95 36.43 16.98
C MET A 95 5.85 37.27 16.30
N ASP A 96 5.35 36.80 15.19
CA ASP A 96 4.27 37.55 14.46
C ASP A 96 2.90 37.02 14.88
N GLY B 1 -3.92 17.66 28.35
CA GLY B 1 -2.86 17.78 29.40
C GLY B 1 -1.65 16.94 29.01
N ALA B 2 -1.23 16.05 29.88
CA ALA B 2 -0.05 15.18 29.58
C ALA B 2 -0.51 13.77 29.21
N THR B 3 0.19 13.14 28.29
CA THR B 3 -0.19 11.75 27.87
C THR B 3 1.02 10.82 27.96
N THR B 4 0.79 9.53 27.94
CA THR B 4 1.92 8.55 28.04
C THR B 4 2.83 8.66 26.80
N LYS B 5 2.25 8.85 25.64
CA LYS B 5 3.06 8.98 24.40
C LYS B 5 3.15 10.44 23.96
N GLU B 6 4.33 10.91 23.64
CA GLU B 6 4.48 12.33 23.20
C GLU B 6 3.81 12.55 21.83
N LYS B 7 3.84 11.54 20.98
CA LYS B 7 3.22 11.68 19.63
C LYS B 7 1.81 11.07 19.64
N ASN B 8 0.85 11.80 19.12
CA ASN B 8 -0.56 11.27 19.07
C ASN B 8 -1.14 11.44 17.67
N ILE B 9 -1.11 12.66 17.14
CA ILE B 9 -1.66 12.97 15.77
C ILE B 9 -2.96 12.20 15.48
N SER B 10 -3.32 12.07 14.22
CA SER B 10 -4.55 11.32 13.86
C SER B 10 -4.30 10.43 12.63
N VAL B 11 -4.00 11.04 11.50
CA VAL B 11 -3.68 10.29 10.22
C VAL B 11 -4.60 9.07 10.01
N ASP B 12 -4.19 8.12 9.21
CA ASP B 12 -5.03 6.90 8.98
C ASP B 12 -4.17 5.77 8.41
N VAL B 13 -3.84 4.80 9.23
CA VAL B 13 -3.00 3.66 8.75
C VAL B 13 -3.12 2.48 9.74
N ASP B 14 -4.16 1.70 9.63
CA ASP B 14 -4.37 0.56 10.58
C ASP B 14 -3.50 -0.64 10.17
N ALA B 15 -2.93 -1.31 11.14
CA ALA B 15 -2.09 -2.51 10.83
C ALA B 15 -2.94 -3.65 10.26
N ASP B 16 -4.22 -3.65 10.55
CA ASP B 16 -5.11 -4.75 10.04
C ASP B 16 -5.30 -4.63 8.53
N ALA B 17 -5.24 -3.42 8.00
CA ALA B 17 -5.42 -3.23 6.52
C ALA B 17 -4.30 -3.94 5.75
N SER B 18 -3.09 -3.90 6.27
CA SER B 18 -1.95 -4.62 5.60
C SER B 18 -2.30 -6.10 5.40
N SER B 19 -3.02 -6.67 6.33
CA SER B 19 -3.40 -8.12 6.21
C SER B 19 -4.39 -8.32 5.06
N GLN B 20 -5.24 -7.34 4.81
CA GLN B 20 -6.25 -7.47 3.72
C GLN B 20 -5.57 -7.61 2.35
N LEU B 21 -4.47 -6.91 2.16
CA LEU B 21 -3.73 -7.01 0.85
C LEU B 21 -3.11 -8.39 0.71
N LEU B 22 -2.50 -8.91 1.75
CA LEU B 22 -1.94 -10.29 1.70
C LEU B 22 -3.09 -11.31 1.63
N SER B 23 -4.18 -11.02 2.30
CA SER B 23 -5.37 -11.93 2.26
C SER B 23 -5.92 -12.04 0.84
N LEU B 24 -5.92 -10.96 0.10
CA LEU B 24 -6.46 -10.99 -1.30
C LEU B 24 -5.58 -11.88 -2.17
N LEU B 25 -4.28 -11.72 -2.09
CA LEU B 25 -3.36 -12.59 -2.89
C LEU B 25 -3.46 -14.05 -2.45
N LYS B 26 -3.72 -14.28 -1.19
CA LYS B 26 -3.78 -15.68 -0.67
C LYS B 26 -5.09 -16.35 -1.10
N SER B 27 -6.19 -15.64 -1.01
CA SER B 27 -7.51 -16.24 -1.39
C SER B 27 -8.55 -15.12 -1.61
N SER B 28 -9.69 -15.48 -2.14
CA SER B 28 -10.76 -14.46 -2.39
C SER B 28 -11.27 -13.87 -1.07
N THR B 29 -11.26 -14.65 -0.02
CA THR B 29 -11.81 -14.20 1.32
C THR B 29 -13.32 -13.96 1.24
N ALA B 30 -13.75 -12.97 0.47
CA ALA B 30 -15.22 -12.66 0.34
C ALA B 30 -15.86 -12.42 1.72
N PRO B 31 -17.14 -12.08 1.72
CA PRO B 31 -17.86 -11.81 2.99
C PRO B 31 -17.88 -13.04 3.89
N SER B 32 -18.02 -14.21 3.31
CA SER B 32 -18.07 -15.47 4.13
C SER B 32 -17.37 -16.61 3.39
N ASP B 33 -16.47 -17.29 4.06
CA ASP B 33 -15.76 -18.45 3.42
C ASP B 33 -15.13 -19.33 4.50
N LEU B 34 -15.88 -19.66 5.52
CA LEU B 34 -15.33 -20.49 6.64
C LEU B 34 -16.47 -21.09 7.46
N ALA B 35 -17.47 -20.31 7.78
CA ALA B 35 -18.63 -20.84 8.58
C ALA B 35 -19.52 -21.72 7.70
N THR B 36 -20.58 -22.24 8.26
CA THR B 36 -21.50 -23.13 7.46
C THR B 36 -22.22 -22.31 6.38
N PRO B 37 -22.70 -23.00 5.35
CA PRO B 37 -23.40 -22.30 4.23
C PRO B 37 -24.66 -21.59 4.76
N GLN B 38 -24.89 -20.37 4.31
CA GLN B 38 -26.10 -19.62 4.75
C GLN B 38 -26.68 -18.81 3.58
N PRO B 39 -27.94 -18.45 3.68
CA PRO B 39 -28.60 -17.66 2.60
C PRO B 39 -27.99 -16.25 2.55
N SER B 40 -27.33 -15.92 1.46
CA SER B 40 -26.72 -14.56 1.32
C SER B 40 -26.65 -14.16 -0.15
N THR B 41 -26.50 -12.89 -0.42
CA THR B 41 -26.42 -12.40 -1.83
C THR B 41 -25.15 -11.56 -2.03
N PHE B 42 -24.50 -11.72 -3.15
CA PHE B 42 -23.26 -10.93 -3.42
C PHE B 42 -23.40 -10.16 -4.75
N PRO B 43 -24.10 -9.04 -4.70
CA PRO B 43 -24.32 -8.22 -5.93
C PRO B 43 -22.99 -7.61 -6.40
N GLN B 44 -22.77 -7.56 -7.69
CA GLN B 44 -21.51 -6.97 -8.22
C GLN B 44 -21.83 -5.95 -9.34
N PRO B 45 -22.10 -4.72 -8.95
CA PRO B 45 -22.42 -3.67 -9.94
C PRO B 45 -21.18 -3.34 -10.81
N PRO B 46 -21.41 -2.90 -12.02
CA PRO B 46 -20.28 -2.57 -12.94
C PRO B 46 -19.52 -1.35 -12.43
N VAL B 47 -20.22 -0.41 -11.83
CA VAL B 47 -19.56 0.83 -11.33
C VAL B 47 -19.93 1.07 -9.86
N GLU B 48 -18.97 1.44 -9.05
CA GLU B 48 -19.26 1.71 -7.61
C GLU B 48 -19.19 3.22 -7.34
N SER B 49 -20.02 3.70 -6.44
CA SER B 49 -20.03 5.17 -6.12
C SER B 49 -20.09 5.38 -4.61
N HIS B 50 -19.40 6.37 -4.11
CA HIS B 50 -19.43 6.66 -2.65
C HIS B 50 -20.53 7.67 -2.32
N SER B 51 -20.82 8.57 -3.24
CA SER B 51 -21.90 9.58 -2.99
C SER B 51 -22.97 9.47 -4.07
N SER B 52 -24.20 9.77 -3.72
CA SER B 52 -25.32 9.69 -4.71
C SER B 52 -26.41 10.71 -4.37
N MET A 1 -15.19 -7.83 -1.67
CA MET A 1 -15.80 -6.76 -0.83
C MET A 1 -14.73 -6.08 0.02
N GLY A 2 -14.23 -4.95 -0.42
CA GLY A 2 -13.17 -4.24 0.35
C GLY A 2 -12.39 -3.31 -0.59
N MET A 3 -11.14 -3.06 -0.28
CA MET A 3 -10.32 -2.16 -1.15
C MET A 3 -9.52 -3.00 -2.16
N SER A 4 -9.28 -2.46 -3.33
CA SER A 4 -8.52 -3.22 -4.38
C SER A 4 -7.07 -2.74 -4.41
N VAL A 5 -6.21 -3.48 -5.09
CA VAL A 5 -4.77 -3.08 -5.16
C VAL A 5 -4.61 -1.76 -5.95
N ALA A 6 -5.51 -1.48 -6.86
CA ALA A 6 -5.41 -0.23 -7.69
C ALA A 6 -5.32 1.00 -6.77
N ASP A 7 -5.93 0.93 -5.61
CA ASP A 7 -5.80 2.04 -4.61
C ASP A 7 -4.38 2.08 -4.05
N PHE A 8 -3.72 0.94 -3.98
CA PHE A 8 -2.34 0.89 -3.40
C PHE A 8 -1.26 0.95 -4.50
N TYR A 9 -1.64 1.25 -5.72
CA TYR A 9 -0.60 1.45 -6.79
C TYR A 9 0.21 2.72 -6.50
N GLY A 10 1.51 2.64 -6.61
CA GLY A 10 2.38 3.80 -6.25
C GLY A 10 2.64 3.86 -4.73
N SER A 11 2.06 2.95 -3.97
CA SER A 11 2.32 2.94 -2.49
C SER A 11 3.69 2.32 -2.20
N ASN A 12 4.43 2.89 -1.28
CA ASN A 12 5.71 2.27 -0.83
C ASN A 12 5.43 1.20 0.23
N VAL A 13 5.83 -0.01 -0.03
CA VAL A 13 5.58 -1.12 0.94
C VAL A 13 6.78 -2.07 0.97
N GLU A 14 6.92 -2.85 2.02
CA GLU A 14 8.03 -3.84 2.05
C GLU A 14 7.47 -5.26 1.93
N VAL A 15 7.93 -6.01 0.96
CA VAL A 15 7.37 -7.38 0.74
C VAL A 15 8.39 -8.43 1.19
N LEU A 16 8.00 -9.31 2.10
CA LEU A 16 8.90 -10.41 2.51
C LEU A 16 8.55 -11.68 1.71
N LEU A 17 9.53 -12.28 1.08
CA LEU A 17 9.25 -13.41 0.15
C LEU A 17 9.46 -14.76 0.83
N ASN A 18 9.04 -15.83 0.19
CA ASN A 18 9.16 -17.21 0.78
C ASN A 18 10.62 -17.54 1.14
N ASN A 19 11.57 -16.88 0.53
CA ASN A 19 13.01 -17.20 0.77
C ASN A 19 13.58 -16.37 1.94
N ASP A 20 12.72 -15.85 2.79
CA ASP A 20 13.18 -15.11 4.02
C ASP A 20 14.05 -13.91 3.64
N SER A 21 13.85 -13.36 2.47
CA SER A 21 14.54 -12.08 2.10
C SER A 21 13.52 -10.93 2.06
N LYS A 22 13.85 -9.81 2.65
CA LYS A 22 12.88 -8.69 2.72
C LYS A 22 13.32 -7.53 1.83
N ALA A 23 12.38 -6.87 1.19
CA ALA A 23 12.73 -5.69 0.33
C ALA A 23 11.54 -4.73 0.25
N ARG A 24 11.78 -3.50 -0.10
CA ARG A 24 10.67 -2.49 -0.16
C ARG A 24 10.83 -1.56 -1.37
N GLY A 25 9.74 -1.11 -1.91
CA GLY A 25 9.79 -0.25 -3.14
C GLY A 25 8.40 0.29 -3.42
N VAL A 26 8.27 1.21 -4.37
CA VAL A 26 6.95 1.85 -4.62
C VAL A 26 6.23 1.11 -5.74
N ILE A 27 5.04 0.62 -5.47
CA ILE A 27 4.35 -0.27 -6.46
C ILE A 27 4.02 0.50 -7.74
N THR A 28 4.13 -0.15 -8.88
CA THR A 28 3.80 0.53 -10.17
C THR A 28 2.69 -0.21 -10.92
N ASN A 29 2.53 -1.51 -10.71
CA ASN A 29 1.46 -2.24 -11.46
C ASN A 29 1.11 -3.58 -10.81
N PHE A 30 -0.06 -4.10 -11.13
CA PHE A 30 -0.41 -5.50 -10.75
C PHE A 30 -1.37 -6.08 -11.80
N ASP A 31 -1.04 -7.22 -12.34
CA ASP A 31 -1.90 -7.82 -13.41
C ASP A 31 -2.81 -8.88 -12.79
N SER A 32 -4.09 -8.83 -13.06
CA SER A 32 -5.02 -9.80 -12.41
C SER A 32 -4.79 -11.22 -12.93
N SER A 33 -4.74 -11.39 -14.23
CA SER A 33 -4.63 -12.76 -14.81
C SER A 33 -3.35 -13.47 -14.33
N ASN A 34 -2.25 -12.77 -14.29
CA ASN A 34 -0.96 -13.40 -13.86
C ASN A 34 -0.58 -13.00 -12.44
N SER A 35 -1.26 -12.03 -11.84
CA SER A 35 -0.85 -11.51 -10.49
C SER A 35 0.64 -11.15 -10.46
N ILE A 36 1.02 -10.14 -11.20
CA ILE A 36 2.48 -9.79 -11.31
C ILE A 36 2.68 -8.33 -10.91
N LEU A 37 3.57 -8.09 -9.98
CA LEU A 37 3.66 -6.72 -9.36
C LEU A 37 5.01 -6.08 -9.68
N GLN A 38 4.98 -4.94 -10.32
CA GLN A 38 6.24 -4.17 -10.55
C GLN A 38 6.45 -3.20 -9.39
N LEU A 39 7.66 -3.12 -8.87
CA LEU A 39 7.97 -2.09 -7.84
C LEU A 39 9.06 -1.16 -8.36
N ARG A 40 8.79 0.12 -8.38
CA ARG A 40 9.85 1.11 -8.80
C ARG A 40 10.52 1.70 -7.56
N LEU A 41 11.76 1.32 -7.32
CA LEU A 41 12.45 1.76 -6.06
C LEU A 41 13.07 3.14 -6.24
N ALA A 42 13.20 3.88 -5.16
CA ALA A 42 13.64 5.32 -5.24
C ALA A 42 15.09 5.44 -5.73
N ASN A 43 15.80 4.33 -5.88
CA ASN A 43 17.18 4.40 -6.48
C ASN A 43 17.12 4.33 -8.01
N ASP A 44 16.04 4.79 -8.62
CA ASP A 44 15.96 4.84 -10.13
C ASP A 44 16.04 3.44 -10.72
N SER A 45 15.60 2.43 -10.00
CA SER A 45 15.67 1.03 -10.54
C SER A 45 14.28 0.39 -10.57
N THR A 46 13.95 -0.31 -11.63
CA THR A 46 12.65 -1.03 -11.70
C THR A 46 12.84 -2.51 -11.36
N LYS A 47 11.83 -3.15 -10.82
CA LYS A 47 11.94 -4.60 -10.48
C LYS A 47 10.57 -5.27 -10.59
N SER A 48 10.44 -6.24 -11.47
CA SER A 48 9.13 -6.96 -11.60
C SER A 48 9.16 -8.25 -10.78
N ILE A 49 8.23 -8.40 -9.87
CA ILE A 49 8.18 -9.64 -9.03
C ILE A 49 6.77 -10.22 -9.07
N VAL A 50 6.65 -11.52 -9.22
CA VAL A 50 5.29 -12.16 -9.23
C VAL A 50 4.81 -12.37 -7.79
N THR A 51 3.63 -11.89 -7.47
CA THR A 51 3.17 -11.86 -6.04
C THR A 51 3.13 -13.26 -5.41
N LYS A 52 2.99 -14.28 -6.22
CA LYS A 52 2.88 -15.68 -5.65
C LYS A 52 4.08 -16.02 -4.78
N ASP A 53 5.20 -15.37 -4.99
CA ASP A 53 6.38 -15.61 -4.10
C ASP A 53 6.31 -14.77 -2.82
N ILE A 54 5.25 -14.00 -2.62
CA ILE A 54 5.12 -13.20 -1.37
C ILE A 54 4.75 -14.11 -0.19
N LYS A 55 5.53 -14.06 0.87
CA LYS A 55 5.13 -14.76 2.13
C LYS A 55 4.36 -13.79 3.04
N ASP A 56 4.64 -12.51 2.95
CA ASP A 56 3.96 -11.51 3.84
C ASP A 56 4.15 -10.10 3.28
N LEU A 57 3.25 -9.20 3.61
CA LEU A 57 3.36 -7.80 3.09
C LEU A 57 3.16 -6.78 4.21
N ARG A 58 3.79 -5.64 4.11
CA ARG A 58 3.58 -4.55 5.11
C ARG A 58 3.81 -3.19 4.46
N ILE A 59 2.95 -2.23 4.73
CA ILE A 59 3.18 -0.85 4.18
C ILE A 59 4.12 -0.08 5.12
N LEU A 60 5.12 0.57 4.58
CA LEU A 60 6.07 1.36 5.42
C LEU A 60 5.49 2.75 5.70
N PRO A 61 5.69 3.26 6.91
CA PRO A 61 5.19 4.61 7.25
C PRO A 61 6.07 5.69 6.60
N LYS A 62 6.06 5.76 5.29
CA LYS A 62 6.90 6.76 4.57
C LYS A 62 6.10 8.03 4.30
N ASN A 63 5.06 7.93 3.51
CA ASN A 63 4.24 9.13 3.17
C ASN A 63 2.82 8.97 3.72
N GLU A 64 2.40 9.87 4.57
CA GLU A 64 1.02 9.81 5.13
C GLU A 64 0.15 10.93 4.55
N ILE A 65 -1.08 10.64 4.22
CA ILE A 65 -1.99 11.69 3.63
C ILE A 65 -3.21 11.88 4.54
N MET A 66 -3.52 13.11 4.88
CA MET A 66 -4.72 13.40 5.76
C MET A 66 -4.68 12.54 7.05
N PRO A 67 -4.04 13.06 8.08
CA PRO A 67 -3.96 12.33 9.38
C PRO A 67 -5.37 12.10 9.95
N LYS A 68 -6.29 13.01 9.70
CA LYS A 68 -7.70 12.87 10.20
C LYS A 68 -7.70 12.64 11.72
N ASN A 69 -8.80 12.17 12.27
CA ASN A 69 -8.90 11.90 13.75
C ASN A 69 -8.51 13.15 14.56
N GLY A 70 -8.90 14.31 14.10
CA GLY A 70 -8.56 15.57 14.83
C GLY A 70 -9.47 15.70 16.05
N THR A 71 -8.94 16.19 17.15
CA THR A 71 -9.76 16.34 18.39
C THR A 71 -9.70 17.79 18.88
N LYS A 72 -10.84 18.37 19.20
CA LYS A 72 -10.87 19.76 19.71
C LYS A 72 -10.91 19.77 21.25
N SER A 73 -11.57 18.78 21.84
CA SER A 73 -11.70 18.70 23.33
C SER A 73 -12.42 19.94 23.89
N PRO A 74 -12.96 19.82 25.08
CA PRO A 74 -13.67 20.96 25.73
C PRO A 74 -12.67 22.07 26.08
N SER A 75 -13.16 23.20 26.54
CA SER A 75 -12.26 24.33 26.91
C SER A 75 -12.01 24.33 28.42
N THR A 76 -10.83 24.69 28.85
CA THR A 76 -10.51 24.71 30.30
C THR A 76 -10.17 26.13 30.76
N ASN A 77 -10.54 26.49 31.96
CA ASN A 77 -10.29 27.88 32.47
C ASN A 77 -8.78 28.15 32.53
N SER A 78 -7.99 27.16 32.86
CA SER A 78 -6.51 27.35 32.93
C SER A 78 -5.94 27.73 31.56
N THR A 79 -6.52 27.20 30.51
CA THR A 79 -6.04 27.54 29.14
C THR A 79 -7.03 28.48 28.45
N LYS A 80 -7.70 29.32 29.20
CA LYS A 80 -8.70 30.26 28.59
C LYS A 80 -8.00 31.22 27.60
N LEU A 81 -6.82 31.66 27.93
CA LEU A 81 -6.06 32.57 27.02
C LEU A 81 -4.82 31.86 26.48
N LYS A 82 -4.63 31.88 25.18
CA LYS A 82 -3.44 31.21 24.59
C LYS A 82 -2.31 32.22 24.39
N SER A 83 -1.08 31.78 24.49
CA SER A 83 0.09 32.71 24.32
C SER A 83 0.31 32.98 22.83
N ALA A 84 1.09 34.00 22.52
CA ALA A 84 1.36 34.34 21.09
C ALA A 84 2.70 33.75 20.65
N GLU A 85 2.79 33.28 19.43
CA GLU A 85 4.07 32.67 18.93
C GLU A 85 5.18 33.73 18.86
N THR A 86 4.82 34.97 18.62
CA THR A 86 5.85 36.06 18.54
C THR A 86 5.68 37.03 19.71
N TYR A 87 6.78 37.48 20.28
CA TYR A 87 6.69 38.43 21.43
C TYR A 87 7.44 39.73 21.10
N SER A 88 6.90 40.86 21.48
CA SER A 88 7.57 42.16 21.17
C SER A 88 7.97 42.87 22.47
N SER A 89 8.92 43.76 22.41
CA SER A 89 9.37 44.50 23.64
C SER A 89 8.23 45.35 24.20
N LYS A 90 7.39 45.88 23.34
CA LYS A 90 6.24 46.71 23.80
C LYS A 90 4.98 45.85 23.93
N ASN A 91 4.22 46.03 24.98
CA ASN A 91 2.99 45.22 25.17
C ASN A 91 1.74 46.10 24.97
N LYS A 92 0.89 45.74 24.04
CA LYS A 92 -0.35 46.54 23.80
C LYS A 92 -1.58 45.63 23.81
N TRP A 93 -2.57 45.98 24.59
CA TRP A 93 -3.81 45.15 24.66
C TRP A 93 -4.97 45.96 25.25
N SER A 94 -4.82 46.41 26.48
CA SER A 94 -5.89 47.21 27.13
C SER A 94 -5.34 48.55 27.62
N MET A 95 -6.17 49.56 27.66
CA MET A 95 -5.70 50.91 28.13
C MET A 95 -5.29 50.85 29.61
N ASP A 96 -5.97 50.04 30.38
CA ASP A 96 -5.62 49.93 31.84
C ASP A 96 -5.74 48.46 32.29
N GLY B 1 30.60 -3.95 14.44
CA GLY B 1 30.68 -4.09 12.96
C GLY B 1 29.29 -3.94 12.35
N ALA B 2 28.41 -4.87 12.62
CA ALA B 2 27.02 -4.81 12.07
C ALA B 2 26.02 -5.34 13.09
N THR B 3 24.79 -4.88 13.01
CA THR B 3 23.74 -5.35 13.97
C THR B 3 22.54 -5.93 13.21
N THR B 4 21.73 -6.71 13.87
CA THR B 4 20.53 -7.31 13.20
C THR B 4 19.24 -6.63 13.68
N LYS B 5 19.32 -5.37 14.02
CA LYS B 5 18.12 -4.63 14.52
C LYS B 5 17.96 -3.32 13.76
N GLU B 6 16.75 -2.97 13.39
CA GLU B 6 16.51 -1.70 12.63
C GLU B 6 16.11 -0.58 13.60
N LYS B 7 16.65 0.60 13.42
CA LYS B 7 16.30 1.74 14.31
C LYS B 7 14.83 2.13 14.14
N ASN B 8 14.32 2.04 12.93
CA ASN B 8 12.89 2.42 12.68
C ASN B 8 12.01 1.17 12.66
N ILE B 9 10.73 1.33 12.89
CA ILE B 9 9.80 0.17 12.88
C ILE B 9 8.35 0.66 12.73
N SER B 10 7.44 -0.23 12.40
CA SER B 10 6.02 0.17 12.22
C SER B 10 5.14 -0.46 13.30
N VAL B 11 4.19 0.28 13.82
CA VAL B 11 3.29 -0.26 14.89
C VAL B 11 1.92 0.41 14.78
N ASP B 12 0.85 -0.33 14.99
CA ASP B 12 -0.54 0.24 14.93
C ASP B 12 -0.76 0.99 13.60
N VAL B 13 -1.71 1.90 13.56
CA VAL B 13 -2.00 2.68 12.30
C VAL B 13 -2.27 1.72 11.13
N ASP B 14 -3.54 1.43 10.87
CA ASP B 14 -3.92 0.51 9.74
C ASP B 14 -3.16 -0.82 9.84
N ALA B 15 -3.13 -1.40 11.01
CA ALA B 15 -2.45 -2.72 11.19
C ALA B 15 -3.21 -3.82 10.44
N ASP B 16 -4.52 -3.76 10.46
CA ASP B 16 -5.33 -4.80 9.76
C ASP B 16 -5.29 -4.61 8.24
N ALA B 17 -5.08 -3.40 7.79
CA ALA B 17 -5.07 -3.12 6.31
C ALA B 17 -3.94 -3.88 5.63
N SER B 18 -2.75 -3.86 6.22
CA SER B 18 -1.59 -4.62 5.63
C SER B 18 -1.95 -6.09 5.47
N SER B 19 -2.69 -6.64 6.40
CA SER B 19 -3.11 -8.07 6.30
C SER B 19 -4.11 -8.26 5.17
N GLN B 20 -4.94 -7.26 4.92
CA GLN B 20 -5.97 -7.38 3.83
C GLN B 20 -5.28 -7.54 2.47
N LEU B 21 -4.19 -6.86 2.25
CA LEU B 21 -3.47 -6.97 0.94
C LEU B 21 -2.87 -8.38 0.79
N LEU B 22 -2.29 -8.90 1.84
CA LEU B 22 -1.77 -10.31 1.79
C LEU B 22 -2.95 -11.29 1.73
N SER B 23 -4.02 -10.97 2.41
CA SER B 23 -5.23 -11.86 2.38
C SER B 23 -5.80 -11.93 0.96
N LEU B 24 -5.79 -10.83 0.24
CA LEU B 24 -6.34 -10.84 -1.15
C LEU B 24 -5.51 -11.75 -2.06
N LEU B 25 -4.20 -11.67 -1.95
CA LEU B 25 -3.31 -12.56 -2.77
C LEU B 25 -3.54 -14.03 -2.42
N LYS B 26 -3.88 -14.31 -1.18
CA LYS B 26 -4.08 -15.73 -0.75
C LYS B 26 -5.42 -16.26 -1.30
N SER B 27 -6.41 -15.41 -1.37
CA SER B 27 -7.74 -15.85 -1.89
C SER B 27 -7.72 -15.96 -3.42
N SER B 28 -8.40 -16.92 -3.97
CA SER B 28 -8.42 -17.09 -5.45
C SER B 28 -9.71 -17.80 -5.89
N THR B 29 -10.03 -17.75 -7.17
CA THR B 29 -11.26 -18.43 -7.67
C THR B 29 -10.89 -19.41 -8.78
N ALA B 30 -11.76 -20.38 -9.03
CA ALA B 30 -11.49 -21.42 -10.09
C ALA B 30 -10.06 -22.01 -9.95
N PRO B 31 -9.92 -23.01 -9.11
CA PRO B 31 -8.58 -23.65 -8.91
C PRO B 31 -8.15 -24.37 -10.18
N SER B 32 -6.87 -24.37 -10.46
CA SER B 32 -6.36 -25.07 -11.68
C SER B 32 -5.14 -25.95 -11.33
N ASP B 33 -4.88 -26.96 -12.11
CA ASP B 33 -3.72 -27.86 -11.83
C ASP B 33 -2.86 -28.02 -13.09
N LEU B 34 -1.67 -27.43 -13.08
CA LEU B 34 -0.75 -27.53 -14.26
C LEU B 34 -1.46 -27.14 -15.57
N ALA B 35 -1.46 -25.87 -15.90
CA ALA B 35 -2.14 -25.38 -17.15
C ALA B 35 -3.58 -25.91 -17.25
N THR B 36 -4.18 -25.81 -18.40
CA THR B 36 -5.58 -26.30 -18.59
C THR B 36 -5.60 -27.48 -19.57
N PRO B 37 -5.41 -28.69 -19.04
CA PRO B 37 -5.39 -29.89 -19.91
C PRO B 37 -6.77 -30.15 -20.53
N GLN B 38 -7.82 -29.80 -19.83
CA GLN B 38 -9.20 -30.02 -20.37
C GLN B 38 -9.91 -28.67 -20.56
N PRO B 39 -10.88 -28.65 -21.46
CA PRO B 39 -11.63 -27.40 -21.74
C PRO B 39 -12.49 -27.01 -20.51
N SER B 40 -12.65 -25.73 -20.27
CA SER B 40 -13.49 -25.27 -19.12
C SER B 40 -14.96 -25.64 -19.34
N THR B 41 -15.39 -25.68 -20.58
CA THR B 41 -16.81 -26.04 -20.88
C THR B 41 -16.94 -27.54 -21.14
N PHE B 42 -18.04 -28.12 -20.75
CA PHE B 42 -18.24 -29.58 -20.96
C PHE B 42 -19.42 -29.84 -21.92
N PRO B 43 -19.13 -29.96 -23.20
CA PRO B 43 -20.19 -30.20 -24.21
C PRO B 43 -20.92 -31.53 -23.93
N GLN B 44 -20.23 -32.48 -23.35
CA GLN B 44 -20.88 -33.79 -23.03
C GLN B 44 -21.55 -33.72 -21.65
N PRO B 45 -22.48 -34.63 -21.40
CA PRO B 45 -23.20 -34.64 -20.10
C PRO B 45 -22.24 -35.01 -18.95
N PRO B 46 -22.56 -34.55 -17.75
CA PRO B 46 -21.69 -34.85 -16.57
C PRO B 46 -21.74 -36.35 -16.24
N VAL B 47 -20.69 -36.87 -15.64
CA VAL B 47 -20.67 -38.31 -15.28
C VAL B 47 -20.80 -38.46 -13.75
N GLU B 48 -21.63 -39.37 -13.30
CA GLU B 48 -21.83 -39.57 -11.84
C GLU B 48 -21.08 -40.82 -11.36
N SER B 49 -20.66 -40.82 -10.12
CA SER B 49 -19.92 -42.00 -9.57
C SER B 49 -20.66 -42.59 -8.37
N HIS B 50 -20.60 -43.88 -8.19
CA HIS B 50 -21.31 -44.53 -7.04
C HIS B 50 -20.73 -44.05 -5.71
N SER B 51 -19.44 -43.82 -5.67
CA SER B 51 -18.79 -43.34 -4.41
C SER B 51 -18.00 -42.06 -4.68
N SER B 52 -17.80 -41.25 -3.66
CA SER B 52 -17.04 -39.97 -3.84
C SER B 52 -15.64 -40.11 -3.24
N MET A 1 -19.00 -3.14 -1.95
CA MET A 1 -17.81 -3.38 -2.81
C MET A 1 -16.53 -3.31 -1.98
N GLY A 2 -15.62 -4.24 -2.18
CA GLY A 2 -14.35 -4.24 -1.41
C GLY A 2 -13.34 -3.32 -2.09
N MET A 3 -12.13 -3.27 -1.59
CA MET A 3 -11.08 -2.39 -2.19
C MET A 3 -10.19 -3.20 -3.13
N SER A 4 -9.80 -2.61 -4.25
CA SER A 4 -8.94 -3.35 -5.23
C SER A 4 -7.49 -2.90 -5.07
N VAL A 5 -6.56 -3.65 -5.63
CA VAL A 5 -5.12 -3.26 -5.54
C VAL A 5 -4.87 -1.96 -6.34
N ALA A 6 -5.65 -1.71 -7.36
CA ALA A 6 -5.45 -0.46 -8.17
C ALA A 6 -5.47 0.78 -7.27
N ASP A 7 -6.21 0.73 -6.19
CA ASP A 7 -6.20 1.85 -5.20
C ASP A 7 -4.84 1.91 -4.49
N PHE A 8 -4.19 0.78 -4.32
CA PHE A 8 -2.88 0.76 -3.62
C PHE A 8 -1.70 0.79 -4.61
N TYR A 9 -1.96 1.04 -5.88
CA TYR A 9 -0.83 1.19 -6.86
C TYR A 9 -0.04 2.47 -6.54
N GLY A 10 1.27 2.40 -6.66
CA GLY A 10 2.12 3.58 -6.29
C GLY A 10 2.37 3.59 -4.77
N SER A 11 1.84 2.64 -4.03
CA SER A 11 2.07 2.62 -2.56
C SER A 11 3.47 2.08 -2.24
N ASN A 12 4.18 2.72 -1.35
CA ASN A 12 5.49 2.16 -0.87
C ASN A 12 5.25 1.14 0.22
N VAL A 13 5.64 -0.08 0.00
CA VAL A 13 5.37 -1.16 1.00
C VAL A 13 6.57 -2.11 1.06
N GLU A 14 6.68 -2.88 2.11
CA GLU A 14 7.78 -3.88 2.20
C GLU A 14 7.20 -5.29 2.07
N VAL A 15 7.96 -6.20 1.49
CA VAL A 15 7.42 -7.56 1.23
C VAL A 15 8.48 -8.61 1.58
N LEU A 16 8.14 -9.56 2.42
CA LEU A 16 9.09 -10.66 2.75
C LEU A 16 8.80 -11.87 1.86
N LEU A 17 9.82 -12.40 1.23
CA LEU A 17 9.59 -13.52 0.26
C LEU A 17 9.68 -14.88 0.98
N ASN A 18 9.32 -15.94 0.30
CA ASN A 18 9.33 -17.31 0.92
C ASN A 18 10.73 -17.67 1.47
N ASN A 19 11.76 -17.05 0.95
CA ASN A 19 13.15 -17.39 1.39
C ASN A 19 13.61 -16.44 2.52
N ASP A 20 12.68 -15.85 3.25
CA ASP A 20 13.03 -14.98 4.43
C ASP A 20 13.91 -13.80 3.99
N SER A 21 13.76 -13.36 2.75
CA SER A 21 14.46 -12.12 2.31
C SER A 21 13.46 -10.96 2.25
N LYS A 22 13.87 -9.77 2.57
CA LYS A 22 12.94 -8.61 2.62
C LYS A 22 13.21 -7.64 1.47
N ALA A 23 12.18 -7.04 0.93
CA ALA A 23 12.38 -6.02 -0.15
C ALA A 23 11.21 -5.01 -0.15
N ARG A 24 11.51 -3.74 -0.21
CA ARG A 24 10.44 -2.70 -0.17
C ARG A 24 10.58 -1.73 -1.34
N GLY A 25 9.48 -1.26 -1.87
CA GLY A 25 9.54 -0.39 -3.09
C GLY A 25 8.13 0.17 -3.38
N VAL A 26 8.03 1.09 -4.30
CA VAL A 26 6.71 1.72 -4.58
C VAL A 26 6.02 1.00 -5.74
N ILE A 27 4.87 0.42 -5.50
CA ILE A 27 4.23 -0.47 -6.51
C ILE A 27 3.87 0.32 -7.78
N THR A 28 4.01 -0.30 -8.93
CA THR A 28 3.65 0.38 -10.21
C THR A 28 2.57 -0.41 -10.97
N ASN A 29 2.48 -1.72 -10.77
CA ASN A 29 1.44 -2.49 -11.53
C ASN A 29 1.17 -3.86 -10.88
N PHE A 30 0.02 -4.42 -11.16
CA PHE A 30 -0.30 -5.82 -10.75
C PHE A 30 -1.26 -6.45 -11.77
N ASP A 31 -0.89 -7.56 -12.33
CA ASP A 31 -1.77 -8.23 -13.34
C ASP A 31 -2.56 -9.34 -12.66
N SER A 32 -3.86 -9.33 -12.78
CA SER A 32 -4.70 -10.32 -12.02
C SER A 32 -4.41 -11.75 -12.51
N SER A 33 -4.31 -11.95 -13.80
CA SER A 33 -4.18 -13.34 -14.35
C SER A 33 -2.91 -14.03 -13.79
N ASN A 34 -1.80 -13.35 -13.83
CA ASN A 34 -0.52 -13.97 -13.33
C ASN A 34 -0.09 -13.35 -11.99
N SER A 35 -0.84 -12.40 -11.46
CA SER A 35 -0.42 -11.67 -10.20
C SER A 35 1.05 -11.24 -10.29
N ILE A 36 1.37 -10.34 -11.17
CA ILE A 36 2.79 -9.93 -11.38
C ILE A 36 2.97 -8.47 -10.96
N LEU A 37 3.90 -8.19 -10.09
CA LEU A 37 3.96 -6.85 -9.45
C LEU A 37 5.25 -6.12 -9.83
N GLN A 38 5.14 -4.98 -10.45
CA GLN A 38 6.33 -4.13 -10.70
C GLN A 38 6.50 -3.17 -9.54
N LEU A 39 7.71 -3.06 -9.02
CA LEU A 39 7.98 -2.06 -7.94
C LEU A 39 9.02 -1.05 -8.40
N ARG A 40 8.68 0.22 -8.36
CA ARG A 40 9.68 1.27 -8.72
C ARG A 40 10.34 1.82 -7.46
N LEU A 41 11.56 1.44 -7.21
CA LEU A 41 12.22 1.82 -5.92
C LEU A 41 12.84 3.21 -6.01
N ALA A 42 12.97 3.88 -4.88
CA ALA A 42 13.40 5.31 -4.88
C ALA A 42 14.85 5.49 -5.34
N ASN A 43 15.57 4.42 -5.59
CA ASN A 43 16.94 4.54 -6.17
C ASN A 43 16.88 4.59 -7.71
N ASP A 44 15.79 5.08 -8.28
CA ASP A 44 15.70 5.25 -9.78
C ASP A 44 15.80 3.89 -10.48
N SER A 45 15.37 2.82 -9.83
CA SER A 45 15.46 1.48 -10.48
C SER A 45 14.09 0.79 -10.50
N THR A 46 13.75 0.17 -11.60
CA THR A 46 12.48 -0.62 -11.66
C THR A 46 12.76 -2.11 -11.41
N LYS A 47 11.81 -2.82 -10.87
CA LYS A 47 12.01 -4.29 -10.62
C LYS A 47 10.68 -5.04 -10.73
N SER A 48 10.60 -5.97 -11.66
CA SER A 48 9.34 -6.75 -11.82
C SER A 48 9.45 -8.09 -11.07
N ILE A 49 8.57 -8.32 -10.13
CA ILE A 49 8.60 -9.61 -9.36
C ILE A 49 7.19 -10.23 -9.36
N VAL A 50 7.11 -11.53 -9.53
CA VAL A 50 5.77 -12.20 -9.51
C VAL A 50 5.35 -12.44 -8.05
N THR A 51 4.16 -12.01 -7.69
CA THR A 51 3.76 -11.99 -6.24
C THR A 51 3.81 -13.39 -5.61
N LYS A 52 3.68 -14.42 -6.40
CA LYS A 52 3.61 -15.81 -5.84
C LYS A 52 4.86 -16.14 -5.02
N ASP A 53 5.95 -15.45 -5.26
CA ASP A 53 7.17 -15.68 -4.41
C ASP A 53 7.08 -14.89 -3.09
N ILE A 54 6.04 -14.11 -2.90
CA ILE A 54 5.87 -13.36 -1.60
C ILE A 54 5.32 -14.30 -0.52
N LYS A 55 5.88 -14.24 0.65
CA LYS A 55 5.28 -14.95 1.83
C LYS A 55 4.35 -13.99 2.57
N ASP A 56 4.61 -12.70 2.52
CA ASP A 56 3.78 -11.71 3.28
C ASP A 56 4.05 -10.28 2.77
N LEU A 57 3.13 -9.38 3.00
CA LEU A 57 3.32 -7.96 2.57
C LEU A 57 2.98 -7.00 3.71
N ARG A 58 3.56 -5.83 3.72
CA ARG A 58 3.20 -4.79 4.74
C ARG A 58 3.44 -3.39 4.16
N ILE A 59 2.63 -2.44 4.54
CA ILE A 59 2.90 -1.02 4.13
C ILE A 59 3.87 -0.36 5.12
N LEU A 60 4.89 0.32 4.62
CA LEU A 60 5.89 0.94 5.54
C LEU A 60 5.38 2.29 6.04
N PRO A 61 5.73 2.64 7.27
CA PRO A 61 5.30 3.95 7.83
C PRO A 61 6.06 5.09 7.13
N LYS A 62 5.37 6.19 6.87
CA LYS A 62 6.03 7.35 6.20
C LYS A 62 6.47 8.38 7.24
N ASN A 63 5.53 8.96 7.95
CA ASN A 63 5.86 9.99 9.00
C ASN A 63 6.75 11.10 8.41
N GLU A 64 6.44 11.56 7.23
CA GLU A 64 7.24 12.64 6.58
C GLU A 64 6.44 13.95 6.56
N ILE A 65 7.11 15.06 6.36
CA ILE A 65 6.41 16.37 6.32
C ILE A 65 6.38 16.89 4.87
N MET A 66 5.28 17.49 4.46
CA MET A 66 5.15 18.00 3.05
C MET A 66 5.50 16.90 2.03
N PRO A 67 4.51 16.09 1.68
CA PRO A 67 4.75 14.98 0.73
C PRO A 67 5.09 15.52 -0.66
N LYS A 68 6.11 14.97 -1.30
CA LYS A 68 6.50 15.43 -2.66
C LYS A 68 5.39 15.09 -3.67
N ASN A 69 4.73 13.98 -3.49
CA ASN A 69 3.63 13.58 -4.42
C ASN A 69 2.47 14.57 -4.32
N GLY A 70 2.22 15.10 -3.16
CA GLY A 70 1.10 16.08 -2.98
C GLY A 70 -0.18 15.32 -2.62
N THR A 71 -1.32 15.95 -2.76
CA THR A 71 -2.62 15.28 -2.41
C THR A 71 -3.48 15.13 -3.67
N LYS A 72 -4.13 14.01 -3.81
CA LYS A 72 -5.00 13.78 -5.01
C LYS A 72 -6.47 14.01 -4.66
N SER A 73 -7.29 14.33 -5.63
CA SER A 73 -8.74 14.54 -5.37
C SER A 73 -9.47 13.18 -5.31
N PRO A 74 -10.63 13.18 -4.69
CA PRO A 74 -11.41 11.91 -4.56
C PRO A 74 -11.86 11.42 -5.94
N SER A 75 -12.59 12.23 -6.66
CA SER A 75 -13.05 11.82 -8.02
C SER A 75 -12.85 12.98 -9.01
N THR A 76 -12.28 12.70 -10.15
CA THR A 76 -12.07 13.77 -11.19
C THR A 76 -13.38 14.00 -11.95
N ASN A 77 -14.16 12.95 -12.17
CA ASN A 77 -15.45 13.07 -12.92
C ASN A 77 -15.23 13.68 -14.31
N SER A 78 -16.24 13.63 -15.15
CA SER A 78 -16.11 14.19 -16.53
C SER A 78 -17.49 14.44 -17.14
N THR A 79 -17.58 15.32 -18.11
CA THR A 79 -18.89 15.61 -18.76
C THR A 79 -18.82 15.30 -20.26
N LYS A 80 -19.89 14.82 -20.83
CA LYS A 80 -19.91 14.50 -22.29
C LYS A 80 -21.23 14.91 -22.92
N LEU A 81 -21.24 15.14 -24.21
CA LEU A 81 -22.50 15.53 -24.91
C LEU A 81 -23.50 14.36 -24.91
N LYS A 82 -23.00 13.15 -24.97
CA LYS A 82 -23.90 11.95 -24.99
C LYS A 82 -24.68 11.84 -23.67
N SER A 83 -24.01 12.07 -22.57
CA SER A 83 -24.69 11.98 -21.24
C SER A 83 -24.07 12.97 -20.25
N ALA A 84 -24.81 13.35 -19.23
CA ALA A 84 -24.27 14.31 -18.22
C ALA A 84 -24.83 13.97 -16.83
N GLU A 85 -24.12 14.38 -15.80
CA GLU A 85 -24.59 14.10 -14.41
C GLU A 85 -25.25 15.34 -13.81
N THR A 86 -26.42 15.18 -13.23
CA THR A 86 -27.12 16.36 -12.61
C THR A 86 -27.51 16.03 -11.16
N TYR A 87 -27.37 16.98 -10.27
CA TYR A 87 -27.74 16.74 -8.84
C TYR A 87 -28.96 17.57 -8.46
N SER A 88 -30.00 16.91 -8.02
CA SER A 88 -31.24 17.65 -7.62
C SER A 88 -32.00 16.87 -6.54
N SER A 89 -32.85 17.54 -5.80
CA SER A 89 -33.64 16.85 -4.72
C SER A 89 -35.01 17.48 -4.57
N LYS A 90 -35.97 16.75 -4.06
CA LYS A 90 -37.34 17.31 -3.87
C LYS A 90 -37.78 17.15 -2.41
N ASN A 91 -38.14 18.24 -1.76
CA ASN A 91 -38.59 18.17 -0.34
C ASN A 91 -39.92 17.42 -0.24
N LYS A 92 -40.78 17.61 -1.21
CA LYS A 92 -42.11 16.91 -1.17
C LYS A 92 -41.92 15.40 -1.33
N TRP A 93 -40.95 14.99 -2.11
CA TRP A 93 -40.72 13.52 -2.34
C TRP A 93 -40.34 12.82 -1.02
N SER A 94 -39.58 13.48 -0.18
CA SER A 94 -39.15 12.86 1.11
C SER A 94 -39.88 13.51 2.28
N MET A 95 -40.01 12.79 3.37
CA MET A 95 -40.72 13.34 4.57
C MET A 95 -39.78 13.33 5.79
N ASP A 96 -40.04 14.18 6.75
CA ASP A 96 -39.16 14.22 7.97
C ASP A 96 -39.88 13.54 9.14
N GLY B 1 -17.86 -0.05 8.84
CA GLY B 1 -19.15 0.34 8.21
C GLY B 1 -19.36 1.84 8.38
N ALA B 2 -18.78 2.64 7.51
CA ALA B 2 -18.93 4.13 7.60
C ALA B 2 -18.57 4.66 8.99
N THR B 3 -17.63 4.01 9.65
CA THR B 3 -17.23 4.45 11.02
C THR B 3 -16.52 5.81 10.95
N THR B 4 -15.79 6.05 9.90
CA THR B 4 -15.07 7.35 9.76
C THR B 4 -15.41 8.00 8.41
N LYS B 5 -15.21 9.30 8.31
CA LYS B 5 -15.52 10.01 7.02
C LYS B 5 -14.56 9.55 5.92
N GLU B 6 -15.06 9.38 4.71
CA GLU B 6 -14.18 8.94 3.59
C GLU B 6 -13.74 10.14 2.73
N LYS B 7 -13.66 11.30 3.32
CA LYS B 7 -13.25 12.52 2.55
C LYS B 7 -11.81 12.39 2.06
N ASN B 8 -10.97 11.72 2.84
CA ASN B 8 -9.54 11.54 2.43
C ASN B 8 -9.36 10.23 1.69
N ILE B 9 -8.37 10.14 0.83
CA ILE B 9 -8.15 8.88 0.05
C ILE B 9 -7.50 7.82 0.95
N SER B 10 -6.68 8.23 1.88
CA SER B 10 -6.02 7.26 2.80
C SER B 10 -6.59 7.39 4.22
N VAL B 11 -6.76 6.28 4.90
CA VAL B 11 -7.32 6.32 6.29
C VAL B 11 -6.77 5.14 7.10
N ASP B 12 -6.82 5.24 8.42
CA ASP B 12 -6.30 4.15 9.32
C ASP B 12 -4.81 3.85 9.02
N VAL B 13 -4.53 3.05 8.02
CA VAL B 13 -3.10 2.67 7.69
C VAL B 13 -2.40 2.10 8.93
N ASP B 14 -2.37 0.79 9.07
CA ASP B 14 -1.72 0.18 10.25
C ASP B 14 -1.40 -1.30 9.98
N ALA B 15 -1.05 -2.04 11.01
CA ALA B 15 -0.66 -3.47 10.81
C ALA B 15 -1.85 -4.31 10.33
N ASP B 16 -3.05 -3.92 10.70
CA ASP B 16 -4.25 -4.71 10.28
C ASP B 16 -4.53 -4.50 8.78
N ALA B 17 -4.22 -3.33 8.27
CA ALA B 17 -4.40 -3.08 6.80
C ALA B 17 -3.46 -3.98 5.99
N SER B 18 -2.27 -4.19 6.48
CA SER B 18 -1.28 -5.07 5.75
C SER B 18 -1.87 -6.46 5.52
N SER B 19 -2.61 -6.97 6.48
CA SER B 19 -3.18 -8.35 6.35
C SER B 19 -4.26 -8.38 5.26
N GLN B 20 -4.96 -7.28 5.08
CA GLN B 20 -6.05 -7.24 4.04
C GLN B 20 -5.45 -7.40 2.64
N LEU B 21 -4.33 -6.78 2.38
CA LEU B 21 -3.68 -6.89 1.04
C LEU B 21 -3.16 -8.31 0.82
N LEU B 22 -2.61 -8.92 1.84
CA LEU B 22 -2.09 -10.32 1.70
C LEU B 22 -3.26 -11.29 1.50
N SER B 23 -4.38 -11.04 2.16
CA SER B 23 -5.59 -11.92 1.98
C SER B 23 -6.07 -11.84 0.53
N LEU B 24 -6.02 -10.67 -0.07
CA LEU B 24 -6.47 -10.53 -1.49
C LEU B 24 -5.56 -11.33 -2.43
N LEU B 25 -4.27 -11.30 -2.17
CA LEU B 25 -3.30 -12.09 -3.01
C LEU B 25 -3.61 -13.58 -2.92
N LYS B 26 -4.02 -14.04 -1.77
CA LYS B 26 -4.32 -15.50 -1.60
C LYS B 26 -5.66 -15.85 -2.25
N SER B 27 -6.62 -14.94 -2.17
CA SER B 27 -7.96 -15.21 -2.79
C SER B 27 -8.73 -13.89 -2.93
N SER B 28 -9.86 -13.93 -3.62
CA SER B 28 -10.67 -12.68 -3.81
C SER B 28 -11.68 -12.54 -2.66
N THR B 29 -12.17 -11.34 -2.46
CA THR B 29 -13.16 -11.10 -1.35
C THR B 29 -14.46 -11.86 -1.64
N ALA B 30 -14.87 -11.91 -2.89
CA ALA B 30 -16.16 -12.59 -3.26
C ALA B 30 -17.32 -12.15 -2.34
N PRO B 31 -17.97 -11.06 -2.71
CA PRO B 31 -19.10 -10.54 -1.88
C PRO B 31 -20.28 -11.52 -1.90
N SER B 32 -20.46 -12.23 -2.99
CA SER B 32 -21.59 -13.21 -3.08
C SER B 32 -21.05 -14.61 -3.42
N ASP B 33 -21.69 -15.63 -2.91
CA ASP B 33 -21.23 -17.03 -3.21
C ASP B 33 -22.36 -18.03 -2.92
N LEU B 34 -23.59 -17.61 -3.11
CA LEU B 34 -24.76 -18.51 -2.86
C LEU B 34 -24.68 -19.14 -1.45
N ALA B 35 -24.77 -18.32 -0.43
CA ALA B 35 -24.69 -18.85 0.98
C ALA B 35 -25.15 -17.77 1.97
N THR B 36 -25.31 -18.14 3.22
CA THR B 36 -25.76 -17.15 4.24
C THR B 36 -24.67 -16.98 5.32
N PRO B 37 -23.67 -16.16 5.02
CA PRO B 37 -22.57 -15.93 5.99
C PRO B 37 -23.08 -15.20 7.24
N GLN B 38 -24.08 -14.37 7.08
CA GLN B 38 -24.63 -13.61 8.25
C GLN B 38 -26.11 -13.96 8.47
N PRO B 39 -26.36 -15.00 9.24
CA PRO B 39 -27.76 -15.41 9.54
C PRO B 39 -28.50 -14.30 10.30
N SER B 40 -29.80 -14.23 10.17
CA SER B 40 -30.59 -13.18 10.87
C SER B 40 -31.38 -13.80 12.03
N THR B 41 -31.62 -13.03 13.07
CA THR B 41 -32.39 -13.57 14.24
C THR B 41 -33.10 -12.43 14.97
N PHE B 42 -32.41 -11.34 15.22
CA PHE B 42 -33.05 -10.19 15.94
C PHE B 42 -34.24 -9.62 15.14
N PRO B 43 -34.04 -9.36 13.85
CA PRO B 43 -35.17 -8.87 13.00
C PRO B 43 -36.35 -9.85 13.02
N GLN B 44 -37.55 -9.36 12.85
CA GLN B 44 -38.75 -10.26 12.87
C GLN B 44 -38.70 -11.25 11.69
N PRO B 45 -39.42 -12.35 11.83
CA PRO B 45 -39.43 -13.39 10.77
C PRO B 45 -40.12 -12.84 9.50
N PRO B 46 -39.78 -13.42 8.36
CA PRO B 46 -40.39 -12.96 7.08
C PRO B 46 -41.89 -13.30 7.05
N VAL B 47 -42.66 -12.51 6.34
CA VAL B 47 -44.14 -12.78 6.26
C VAL B 47 -44.41 -14.13 5.57
N GLU B 48 -43.57 -14.51 4.64
CA GLU B 48 -43.77 -15.81 3.92
C GLU B 48 -42.85 -16.87 4.53
N SER B 49 -43.36 -18.07 4.72
CA SER B 49 -42.53 -19.17 5.30
C SER B 49 -42.77 -20.47 4.53
N HIS B 50 -41.80 -21.35 4.53
CA HIS B 50 -41.94 -22.64 3.80
C HIS B 50 -42.22 -23.79 4.79
N SER B 51 -43.20 -24.61 4.49
CA SER B 51 -43.55 -25.74 5.40
C SER B 51 -43.77 -27.01 4.59
N SER B 52 -43.45 -28.16 5.15
CA SER B 52 -43.63 -29.45 4.43
C SER B 52 -44.95 -30.10 4.85
N MET A 1 -13.38 -1.33 5.23
CA MET A 1 -13.75 -1.13 3.81
C MET A 1 -12.81 -1.94 2.90
N GLY A 2 -13.32 -2.96 2.25
CA GLY A 2 -12.45 -3.78 1.35
C GLY A 2 -12.10 -2.98 0.10
N MET A 3 -10.85 -3.01 -0.30
CA MET A 3 -10.44 -2.25 -1.52
C MET A 3 -9.59 -3.15 -2.44
N SER A 4 -9.42 -2.74 -3.68
CA SER A 4 -8.61 -3.56 -4.63
C SER A 4 -7.17 -3.05 -4.66
N VAL A 5 -6.30 -3.76 -5.34
CA VAL A 5 -4.86 -3.35 -5.38
C VAL A 5 -4.70 -2.03 -6.15
N ALA A 6 -5.59 -1.76 -7.09
CA ALA A 6 -5.49 -0.49 -7.89
C ALA A 6 -5.43 0.74 -6.97
N ASP A 7 -6.08 0.65 -5.83
CA ASP A 7 -5.98 1.76 -4.82
C ASP A 7 -4.57 1.80 -4.22
N PHE A 8 -3.91 0.66 -4.13
CA PHE A 8 -2.55 0.62 -3.51
C PHE A 8 -1.44 0.70 -4.58
N TYR A 9 -1.79 1.00 -5.81
CA TYR A 9 -0.73 1.23 -6.85
C TYR A 9 0.06 2.50 -6.53
N GLY A 10 1.37 2.44 -6.62
CA GLY A 10 2.21 3.62 -6.27
C GLY A 10 2.45 3.70 -4.75
N SER A 11 1.91 2.78 -3.98
CA SER A 11 2.19 2.78 -2.51
C SER A 11 3.57 2.20 -2.21
N ASN A 12 4.31 2.80 -1.32
CA ASN A 12 5.62 2.22 -0.89
C ASN A 12 5.39 1.19 0.23
N VAL A 13 5.75 -0.03 -0.01
CA VAL A 13 5.56 -1.10 1.03
C VAL A 13 6.75 -2.06 1.01
N GLU A 14 6.93 -2.84 2.05
CA GLU A 14 8.05 -3.82 2.06
C GLU A 14 7.51 -5.24 1.93
N VAL A 15 8.01 -5.99 0.99
CA VAL A 15 7.49 -7.38 0.77
C VAL A 15 8.53 -8.40 1.27
N LEU A 16 8.12 -9.28 2.16
CA LEU A 16 9.03 -10.38 2.59
C LEU A 16 8.72 -11.65 1.78
N LEU A 17 9.73 -12.23 1.16
CA LEU A 17 9.48 -13.33 0.20
C LEU A 17 9.68 -14.70 0.87
N ASN A 18 9.23 -15.76 0.21
CA ASN A 18 9.32 -17.13 0.81
C ASN A 18 10.77 -17.52 1.14
N ASN A 19 11.72 -16.89 0.50
CA ASN A 19 13.16 -17.26 0.71
C ASN A 19 13.79 -16.38 1.81
N ASP A 20 12.99 -15.83 2.70
CA ASP A 20 13.53 -15.04 3.86
C ASP A 20 14.37 -13.86 3.36
N SER A 21 14.08 -13.35 2.18
CA SER A 21 14.73 -12.10 1.72
C SER A 21 13.75 -10.93 1.82
N LYS A 22 14.19 -9.82 2.36
CA LYS A 22 13.26 -8.66 2.56
C LYS A 22 13.60 -7.53 1.60
N ALA A 23 12.58 -6.90 1.05
CA ALA A 23 12.83 -5.76 0.10
C ALA A 23 11.64 -4.80 0.11
N ARG A 24 11.84 -3.59 -0.34
CA ARG A 24 10.72 -2.59 -0.36
C ARG A 24 10.77 -1.75 -1.64
N GLY A 25 9.65 -1.22 -2.06
CA GLY A 25 9.64 -0.38 -3.30
C GLY A 25 8.26 0.27 -3.44
N VAL A 26 8.11 1.18 -4.37
CA VAL A 26 6.77 1.80 -4.62
C VAL A 26 6.07 1.04 -5.75
N ILE A 27 4.90 0.52 -5.50
CA ILE A 27 4.23 -0.38 -6.50
C ILE A 27 3.94 0.38 -7.80
N THR A 28 4.12 -0.27 -8.93
CA THR A 28 3.86 0.39 -10.24
C THR A 28 2.79 -0.35 -11.05
N ASN A 29 2.60 -1.64 -10.82
CA ASN A 29 1.54 -2.36 -11.59
C ASN A 29 1.18 -3.70 -10.94
N PHE A 30 0.03 -4.24 -11.29
CA PHE A 30 -0.33 -5.64 -10.93
C PHE A 30 -1.25 -6.23 -12.00
N ASP A 31 -0.92 -7.39 -12.50
CA ASP A 31 -1.74 -8.01 -13.58
C ASP A 31 -2.68 -9.04 -12.95
N SER A 32 -3.95 -9.00 -13.29
CA SER A 32 -4.92 -9.93 -12.62
C SER A 32 -4.69 -11.37 -13.07
N SER A 33 -4.61 -11.59 -14.36
CA SER A 33 -4.51 -13.00 -14.89
C SER A 33 -3.26 -13.69 -14.34
N ASN A 34 -2.15 -12.99 -14.30
CA ASN A 34 -0.87 -13.62 -13.85
C ASN A 34 -0.51 -13.16 -12.43
N SER A 35 -1.20 -12.18 -11.87
CA SER A 35 -0.80 -11.61 -10.54
C SER A 35 0.69 -11.26 -10.51
N ILE A 36 1.10 -10.28 -11.28
CA ILE A 36 2.55 -9.95 -11.37
C ILE A 36 2.76 -8.47 -11.00
N LEU A 37 3.63 -8.21 -10.05
CA LEU A 37 3.71 -6.84 -9.46
C LEU A 37 5.06 -6.19 -9.77
N GLN A 38 5.04 -5.05 -10.40
CA GLN A 38 6.30 -4.27 -10.58
C GLN A 38 6.47 -3.31 -9.42
N LEU A 39 7.65 -3.25 -8.85
CA LEU A 39 7.93 -2.25 -7.78
C LEU A 39 9.04 -1.29 -8.23
N ARG A 40 8.76 -0.01 -8.23
CA ARG A 40 9.83 1.00 -8.54
C ARG A 40 10.29 1.69 -7.25
N LEU A 41 11.45 1.33 -6.75
CA LEU A 41 11.93 1.91 -5.46
C LEU A 41 12.58 3.28 -5.67
N ALA A 42 12.60 4.10 -4.65
CA ALA A 42 13.02 5.54 -4.81
C ALA A 42 14.51 5.67 -5.15
N ASN A 43 15.24 4.58 -5.19
CA ASN A 43 16.66 4.64 -5.67
C ASN A 43 16.73 4.54 -7.22
N ASP A 44 15.70 4.98 -7.93
CA ASP A 44 15.73 4.97 -9.43
C ASP A 44 15.92 3.54 -9.95
N SER A 45 15.47 2.55 -9.21
CA SER A 45 15.56 1.14 -9.69
C SER A 45 14.17 0.51 -9.76
N THR A 46 13.93 -0.28 -10.77
CA THR A 46 12.59 -0.94 -10.92
C THR A 46 12.76 -2.45 -11.10
N LYS A 47 11.82 -3.22 -10.60
CA LYS A 47 11.96 -4.71 -10.69
C LYS A 47 10.58 -5.38 -10.75
N SER A 48 10.40 -6.32 -11.64
CA SER A 48 9.11 -7.05 -11.74
C SER A 48 9.17 -8.35 -10.93
N ILE A 49 8.27 -8.51 -9.99
CA ILE A 49 8.25 -9.74 -9.16
C ILE A 49 6.84 -10.34 -9.15
N VAL A 50 6.73 -11.64 -9.27
CA VAL A 50 5.37 -12.28 -9.27
C VAL A 50 4.90 -12.46 -7.81
N THR A 51 3.73 -11.99 -7.50
CA THR A 51 3.27 -11.94 -6.06
C THR A 51 3.24 -13.33 -5.42
N LYS A 52 3.10 -14.36 -6.21
CA LYS A 52 2.99 -15.74 -5.64
C LYS A 52 4.19 -16.08 -4.76
N ASP A 53 5.33 -15.46 -5.00
CA ASP A 53 6.51 -15.69 -4.12
C ASP A 53 6.46 -14.80 -2.86
N ILE A 54 5.41 -14.05 -2.67
CA ILE A 54 5.29 -13.24 -1.41
C ILE A 54 4.92 -14.15 -0.24
N LYS A 55 5.67 -14.07 0.84
CA LYS A 55 5.27 -14.77 2.10
C LYS A 55 4.49 -13.80 2.99
N ASP A 56 4.75 -12.51 2.89
CA ASP A 56 4.06 -11.52 3.77
C ASP A 56 4.25 -10.11 3.21
N LEU A 57 3.35 -9.21 3.51
CA LEU A 57 3.46 -7.81 3.00
C LEU A 57 3.23 -6.79 4.13
N ARG A 58 3.86 -5.65 4.04
CA ARG A 58 3.61 -4.56 5.04
C ARG A 58 3.83 -3.20 4.40
N ILE A 59 3.08 -2.20 4.81
CA ILE A 59 3.36 -0.81 4.32
C ILE A 59 4.40 -0.13 5.21
N LEU A 60 5.38 0.50 4.63
CA LEU A 60 6.45 1.16 5.45
C LEU A 60 5.98 2.56 5.88
N PRO A 61 6.52 3.04 7.00
CA PRO A 61 6.12 4.38 7.50
C PRO A 61 6.66 5.48 6.58
N LYS A 62 5.92 6.55 6.42
CA LYS A 62 6.40 7.67 5.55
C LYS A 62 7.09 8.74 6.39
N ASN A 63 6.57 9.02 7.56
CA ASN A 63 7.20 10.05 8.44
C ASN A 63 7.85 9.38 9.66
N GLU A 64 9.12 9.62 9.89
CA GLU A 64 9.81 8.99 11.04
C GLU A 64 11.01 9.85 11.48
N ILE A 65 11.82 10.30 10.55
CA ILE A 65 13.02 11.10 10.90
C ILE A 65 12.86 12.55 10.41
N MET A 66 13.30 13.51 11.20
CA MET A 66 13.19 14.96 10.79
C MET A 66 11.74 15.32 10.40
N PRO A 67 10.83 15.19 11.35
CA PRO A 67 9.40 15.53 11.09
C PRO A 67 9.26 17.04 10.88
N LYS A 68 8.52 17.44 9.87
CA LYS A 68 8.33 18.90 9.60
C LYS A 68 6.90 19.32 9.95
N ASN A 69 6.74 20.44 10.59
CA ASN A 69 5.36 20.93 10.96
C ASN A 69 4.80 21.82 9.85
N GLY A 70 5.46 22.92 9.58
CA GLY A 70 4.98 23.84 8.50
C GLY A 70 3.66 24.50 8.94
N THR A 71 2.62 24.33 8.16
CA THR A 71 1.29 24.91 8.53
C THR A 71 0.43 23.84 9.21
N LYS A 72 -0.63 24.25 9.86
CA LYS A 72 -1.52 23.27 10.56
C LYS A 72 -2.75 22.95 9.69
N SER A 73 -2.60 22.99 8.39
CA SER A 73 -3.76 22.69 7.49
C SER A 73 -3.31 21.79 6.34
N PRO A 74 -4.25 21.08 5.75
CA PRO A 74 -3.92 20.17 4.61
C PRO A 74 -3.49 20.98 3.38
N SER A 75 -2.66 20.42 2.55
CA SER A 75 -2.21 21.14 1.32
C SER A 75 -2.70 20.40 0.06
N THR A 76 -3.22 21.13 -0.89
CA THR A 76 -3.74 20.49 -2.14
C THR A 76 -2.60 19.89 -2.96
N ASN A 77 -1.51 20.62 -3.08
CA ASN A 77 -0.36 20.12 -3.90
C ASN A 77 0.85 19.88 -3.00
N SER A 78 1.35 18.67 -2.97
CA SER A 78 2.55 18.35 -2.13
C SER A 78 3.78 18.12 -3.02
N THR A 79 3.84 18.77 -4.16
CA THR A 79 5.00 18.57 -5.09
C THR A 79 5.77 19.88 -5.24
N LYS A 80 7.09 19.81 -5.25
CA LYS A 80 7.91 21.05 -5.39
C LYS A 80 9.06 20.81 -6.38
N LEU A 81 9.54 21.84 -7.01
CA LEU A 81 10.66 21.70 -7.98
C LEU A 81 11.99 22.07 -7.31
N LYS A 82 13.03 21.31 -7.57
CA LYS A 82 14.36 21.60 -6.95
C LYS A 82 15.33 22.12 -8.01
N SER A 83 15.94 23.25 -7.76
CA SER A 83 16.92 23.83 -8.74
C SER A 83 18.16 22.93 -8.84
N ALA A 84 18.62 22.42 -7.73
CA ALA A 84 19.82 21.52 -7.74
C ALA A 84 19.87 20.69 -6.45
N GLU A 85 20.38 19.49 -6.53
CA GLU A 85 20.48 18.61 -5.33
C GLU A 85 21.92 18.56 -4.83
N THR A 86 22.83 18.14 -5.67
CA THR A 86 24.27 18.06 -5.26
C THR A 86 25.15 18.79 -6.29
N TYR A 87 26.42 18.93 -6.00
CA TYR A 87 27.34 19.62 -6.95
C TYR A 87 28.19 18.60 -7.71
N SER A 88 28.25 18.71 -9.02
CA SER A 88 29.05 17.74 -9.83
C SER A 88 30.01 18.50 -10.75
N SER A 89 31.07 17.85 -11.18
CA SER A 89 32.06 18.52 -12.09
C SER A 89 31.39 18.91 -13.42
N LYS A 90 30.45 18.11 -13.88
CA LYS A 90 29.73 18.43 -15.14
C LYS A 90 28.34 18.98 -14.81
N ASN A 91 27.98 20.11 -15.40
CA ASN A 91 26.65 20.72 -15.11
C ASN A 91 25.52 19.83 -15.64
N LYS A 92 25.73 19.19 -16.76
CA LYS A 92 24.67 18.32 -17.35
C LYS A 92 24.99 16.84 -17.11
N TRP A 93 25.71 16.54 -16.05
CA TRP A 93 26.09 15.12 -15.74
C TRP A 93 26.85 14.48 -16.91
N SER A 94 26.16 13.93 -17.89
CA SER A 94 26.86 13.28 -19.03
C SER A 94 26.34 13.85 -20.36
N MET A 95 27.20 14.03 -21.33
CA MET A 95 26.77 14.58 -22.65
C MET A 95 25.85 13.58 -23.37
N ASP A 96 26.11 12.31 -23.20
CA ASP A 96 25.26 11.27 -23.87
C ASP A 96 25.20 10.01 -23.01
N GLY B 1 -0.12 28.65 22.89
CA GLY B 1 -0.55 27.32 22.40
C GLY B 1 -2.01 27.41 21.94
N ALA B 2 -2.24 28.01 20.78
CA ALA B 2 -3.64 28.13 20.26
C ALA B 2 -4.19 26.75 19.88
N THR B 3 -3.33 25.87 19.42
CA THR B 3 -3.78 24.50 19.03
C THR B 3 -3.08 23.44 19.88
N THR B 4 -3.75 22.37 20.21
CA THR B 4 -3.12 21.29 21.05
C THR B 4 -2.28 20.37 20.16
N LYS B 5 -1.29 19.73 20.74
CA LYS B 5 -0.41 18.82 19.94
C LYS B 5 -0.98 17.40 19.95
N GLU B 6 -1.66 17.01 21.00
CA GLU B 6 -2.22 15.63 21.08
C GLU B 6 -3.67 15.61 20.58
N LYS B 7 -3.99 14.68 19.72
CA LYS B 7 -5.39 14.60 19.19
C LYS B 7 -5.90 13.15 19.26
N ASN B 8 -7.20 12.97 19.21
CA ASN B 8 -7.77 11.58 19.28
C ASN B 8 -7.53 10.85 17.96
N ILE B 9 -7.82 9.56 17.93
CA ILE B 9 -7.61 8.73 16.68
C ILE B 9 -6.14 8.77 16.24
N SER B 10 -5.74 7.88 15.37
CA SER B 10 -4.33 7.85 14.89
C SER B 10 -4.28 8.26 13.41
N VAL B 11 -3.14 8.74 12.95
CA VAL B 11 -3.03 9.18 11.53
C VAL B 11 -2.63 8.00 10.64
N ASP B 12 -3.36 7.79 9.56
CA ASP B 12 -3.06 6.67 8.61
C ASP B 12 -3.01 5.31 9.35
N VAL B 13 -1.87 4.92 9.89
CA VAL B 13 -1.72 3.59 10.55
C VAL B 13 -2.13 2.44 9.59
N ASP B 14 -3.40 2.09 9.53
CA ASP B 14 -3.86 0.98 8.63
C ASP B 14 -3.03 -0.30 8.86
N ALA B 15 -2.85 -0.69 10.09
CA ALA B 15 -2.06 -1.92 10.40
C ALA B 15 -2.80 -3.16 9.91
N ASP B 16 -4.10 -3.18 10.05
CA ASP B 16 -4.92 -4.36 9.60
C ASP B 16 -5.03 -4.39 8.07
N ALA B 17 -4.93 -3.25 7.43
CA ALA B 17 -5.03 -3.21 5.93
C ALA B 17 -3.89 -4.01 5.30
N SER B 18 -2.71 -3.98 5.91
CA SER B 18 -1.55 -4.76 5.36
C SER B 18 -1.90 -6.24 5.22
N SER B 19 -2.61 -6.78 6.19
CA SER B 19 -2.97 -8.23 6.14
C SER B 19 -4.01 -8.48 5.05
N GLN B 20 -4.86 -7.51 4.79
CA GLN B 20 -5.92 -7.68 3.74
C GLN B 20 -5.27 -7.80 2.36
N LEU B 21 -4.17 -7.10 2.13
CA LEU B 21 -3.49 -7.18 0.81
C LEU B 21 -2.86 -8.57 0.61
N LEU B 22 -2.28 -9.11 1.64
CA LEU B 22 -1.69 -10.49 1.54
C LEU B 22 -2.81 -11.53 1.42
N SER B 23 -3.88 -11.36 2.18
CA SER B 23 -5.04 -12.29 2.08
C SER B 23 -5.67 -12.23 0.68
N LEU B 24 -5.66 -11.07 0.07
CA LEU B 24 -6.22 -10.94 -1.32
C LEU B 24 -5.40 -11.76 -2.31
N LEU B 25 -4.09 -11.69 -2.20
CA LEU B 25 -3.20 -12.48 -3.12
C LEU B 25 -3.43 -13.98 -2.91
N LYS B 26 -3.70 -14.39 -1.70
CA LYS B 26 -3.91 -15.85 -1.41
C LYS B 26 -5.29 -16.30 -1.91
N SER B 27 -6.29 -15.46 -1.76
CA SER B 27 -7.67 -15.84 -2.19
C SER B 27 -8.54 -14.59 -2.31
N SER B 28 -9.65 -14.69 -3.01
CA SER B 28 -10.57 -13.53 -3.17
C SER B 28 -11.94 -13.85 -2.58
N THR B 29 -12.70 -12.85 -2.23
CA THR B 29 -14.06 -13.09 -1.64
C THR B 29 -14.98 -13.73 -2.68
N ALA B 30 -14.90 -13.31 -3.92
CA ALA B 30 -15.77 -13.86 -5.01
C ALA B 30 -17.26 -13.89 -4.58
N PRO B 31 -17.86 -12.70 -4.52
CA PRO B 31 -19.30 -12.61 -4.12
C PRO B 31 -20.19 -13.35 -5.13
N SER B 32 -21.32 -13.84 -4.68
CA SER B 32 -22.25 -14.57 -5.61
C SER B 32 -22.82 -13.63 -6.68
N ASP B 33 -22.95 -12.36 -6.35
CA ASP B 33 -23.49 -11.37 -7.34
C ASP B 33 -22.50 -11.19 -8.49
N LEU B 34 -22.99 -10.88 -9.67
CA LEU B 34 -22.09 -10.69 -10.85
C LEU B 34 -21.42 -9.31 -10.79
N ALA B 35 -22.13 -8.32 -10.29
CA ALA B 35 -21.55 -6.94 -10.20
C ALA B 35 -22.40 -6.09 -9.27
N THR B 36 -21.78 -5.14 -8.60
CA THR B 36 -22.55 -4.25 -7.66
C THR B 36 -21.79 -2.92 -7.46
N PRO B 37 -22.27 -1.86 -8.11
CA PRO B 37 -21.59 -0.54 -7.99
C PRO B 37 -21.71 -0.01 -6.55
N GLN B 38 -20.65 0.56 -6.03
CA GLN B 38 -20.66 1.11 -4.62
C GLN B 38 -21.17 0.06 -3.62
N PRO B 39 -20.29 -0.82 -3.18
CA PRO B 39 -20.68 -1.87 -2.21
C PRO B 39 -21.05 -1.25 -0.86
N SER B 40 -20.42 -0.15 -0.51
CA SER B 40 -20.74 0.53 0.79
C SER B 40 -20.84 2.04 0.57
N THR B 41 -21.52 2.73 1.46
CA THR B 41 -21.68 4.21 1.32
C THR B 41 -21.26 4.91 2.62
N PHE B 42 -20.97 6.19 2.55
CA PHE B 42 -20.56 6.94 3.77
C PHE B 42 -21.35 8.26 3.86
N PRO B 43 -21.45 8.80 5.06
CA PRO B 43 -22.19 10.08 5.26
C PRO B 43 -21.45 11.23 4.58
N GLN B 44 -22.17 12.15 3.99
CA GLN B 44 -21.53 13.30 3.29
C GLN B 44 -22.02 14.63 3.89
N PRO B 45 -21.36 15.72 3.53
CA PRO B 45 -21.76 17.05 4.05
C PRO B 45 -23.18 17.42 3.58
N PRO B 46 -23.85 18.28 4.32
CA PRO B 46 -25.23 18.69 3.96
C PRO B 46 -25.24 19.46 2.64
N VAL B 47 -24.28 20.35 2.46
CA VAL B 47 -24.21 21.14 1.19
C VAL B 47 -22.74 21.35 0.80
N GLU B 48 -22.01 22.12 1.57
CA GLU B 48 -20.58 22.37 1.26
C GLU B 48 -19.76 22.44 2.55
N SER B 49 -18.45 22.39 2.44
CA SER B 49 -17.58 22.46 3.65
C SER B 49 -16.80 23.78 3.67
N HIS B 50 -16.59 24.33 4.84
CA HIS B 50 -15.85 25.62 4.95
C HIS B 50 -14.56 25.44 5.77
N SER B 51 -13.45 25.92 5.25
CA SER B 51 -12.16 25.78 6.00
C SER B 51 -11.55 27.17 6.26
N SER B 52 -10.84 27.31 7.35
CA SER B 52 -10.21 28.62 7.69
C SER B 52 -8.94 28.41 8.52
N MET A 1 -16.26 -4.90 1.83
CA MET A 1 -14.78 -4.88 1.73
C MET A 1 -14.33 -5.26 0.31
N GLY A 2 -14.00 -4.29 -0.50
CA GLY A 2 -13.56 -4.59 -1.90
C GLY A 2 -12.41 -3.66 -2.28
N MET A 3 -11.34 -3.68 -1.52
CA MET A 3 -10.17 -2.80 -1.83
C MET A 3 -9.15 -3.56 -2.68
N SER A 4 -8.88 -3.08 -3.87
CA SER A 4 -7.94 -3.79 -4.79
C SER A 4 -6.57 -3.12 -4.77
N VAL A 5 -5.64 -3.64 -5.55
CA VAL A 5 -4.26 -3.06 -5.59
C VAL A 5 -4.29 -1.63 -6.14
N ALA A 6 -5.26 -1.33 -6.99
CA ALA A 6 -5.33 0.05 -7.60
C ALA A 6 -5.36 1.12 -6.51
N ASP A 7 -5.94 0.80 -5.37
CA ASP A 7 -5.91 1.75 -4.22
C ASP A 7 -4.49 1.87 -3.68
N PHE A 8 -3.72 0.80 -3.72
CA PHE A 8 -2.31 0.85 -3.24
C PHE A 8 -1.34 1.05 -4.41
N TYR A 9 -1.82 1.36 -5.59
CA TYR A 9 -0.91 1.54 -6.76
C TYR A 9 -0.04 2.78 -6.57
N GLY A 10 1.26 2.63 -6.70
CA GLY A 10 2.20 3.78 -6.48
C GLY A 10 2.51 3.95 -4.99
N SER A 11 1.93 3.14 -4.12
CA SER A 11 2.25 3.23 -2.66
C SER A 11 3.61 2.58 -2.38
N ASN A 12 4.36 3.12 -1.45
CA ASN A 12 5.65 2.47 -1.04
C ASN A 12 5.37 1.41 0.02
N VAL A 13 5.70 0.17 -0.26
CA VAL A 13 5.45 -0.91 0.73
C VAL A 13 6.61 -1.92 0.68
N GLU A 14 6.78 -2.71 1.71
CA GLU A 14 7.87 -3.72 1.71
C GLU A 14 7.29 -5.12 1.61
N VAL A 15 7.78 -5.91 0.68
CA VAL A 15 7.25 -7.30 0.50
C VAL A 15 8.27 -8.32 1.02
N LEU A 16 7.84 -9.21 1.88
CA LEU A 16 8.72 -10.32 2.33
C LEU A 16 8.45 -11.56 1.49
N LEU A 17 9.46 -12.14 0.91
CA LEU A 17 9.25 -13.26 -0.06
C LEU A 17 9.39 -14.63 0.63
N ASN A 18 8.98 -15.68 -0.04
CA ASN A 18 9.04 -17.06 0.55
C ASN A 18 10.47 -17.43 0.98
N ASN A 19 11.46 -16.78 0.41
CA ASN A 19 12.88 -17.12 0.72
C ASN A 19 13.41 -16.27 1.90
N ASP A 20 12.52 -15.74 2.72
CA ASP A 20 12.96 -15.02 3.97
C ASP A 20 13.86 -13.83 3.64
N SER A 21 13.70 -13.24 2.48
CA SER A 21 14.41 -11.97 2.18
C SER A 21 13.39 -10.82 2.09
N LYS A 22 13.77 -9.63 2.48
CA LYS A 22 12.83 -8.49 2.48
C LYS A 22 13.18 -7.48 1.38
N ALA A 23 12.20 -6.79 0.86
CA ALA A 23 12.47 -5.74 -0.16
C ALA A 23 11.37 -4.68 -0.12
N ARG A 24 11.68 -3.47 -0.53
CA ARG A 24 10.65 -2.38 -0.53
C ARG A 24 10.75 -1.55 -1.81
N GLY A 25 9.65 -0.99 -2.25
CA GLY A 25 9.66 -0.19 -3.50
C GLY A 25 8.30 0.50 -3.66
N VAL A 26 8.18 1.40 -4.61
CA VAL A 26 6.86 2.04 -4.89
C VAL A 26 6.14 1.28 -6.01
N ILE A 27 4.94 0.83 -5.76
CA ILE A 27 4.26 -0.09 -6.73
C ILE A 27 4.08 0.60 -8.09
N THR A 28 4.34 -0.13 -9.16
CA THR A 28 4.24 0.46 -10.53
C THR A 28 3.23 -0.31 -11.40
N ASN A 29 2.90 -1.54 -11.06
CA ASN A 29 1.85 -2.27 -11.87
C ASN A 29 1.34 -3.52 -11.15
N PHE A 30 0.16 -3.96 -11.52
CA PHE A 30 -0.39 -5.26 -11.02
C PHE A 30 -1.31 -5.85 -12.09
N ASP A 31 -0.99 -7.04 -12.57
CA ASP A 31 -1.80 -7.65 -13.65
C ASP A 31 -2.78 -8.64 -13.04
N SER A 32 -4.05 -8.54 -13.36
CA SER A 32 -5.07 -9.43 -12.72
C SER A 32 -4.88 -10.89 -13.16
N SER A 33 -4.72 -11.11 -14.44
CA SER A 33 -4.66 -12.52 -14.96
C SER A 33 -3.48 -13.28 -14.34
N ASN A 34 -2.33 -12.66 -14.27
CA ASN A 34 -1.13 -13.37 -13.71
C ASN A 34 -0.78 -12.85 -12.30
N SER A 35 -1.46 -11.82 -11.81
CA SER A 35 -1.08 -11.20 -10.49
C SER A 35 0.42 -10.90 -10.45
N ILE A 36 0.88 -9.97 -11.26
CA ILE A 36 2.35 -9.68 -11.35
C ILE A 36 2.60 -8.23 -10.90
N LEU A 37 3.48 -8.05 -9.96
CA LEU A 37 3.63 -6.70 -9.33
C LEU A 37 5.02 -6.13 -9.61
N GLN A 38 5.08 -5.01 -10.29
CA GLN A 38 6.38 -4.30 -10.45
C GLN A 38 6.55 -3.29 -9.31
N LEU A 39 7.71 -3.26 -8.70
CA LEU A 39 7.98 -2.22 -7.66
C LEU A 39 9.15 -1.34 -8.10
N ARG A 40 8.93 -0.04 -8.18
CA ARG A 40 10.06 0.90 -8.47
C ARG A 40 10.46 1.65 -7.20
N LEU A 41 11.57 1.29 -6.61
CA LEU A 41 11.98 1.91 -5.31
C LEU A 41 12.71 3.25 -5.57
N ALA A 42 12.71 4.12 -4.58
CA ALA A 42 13.20 5.52 -4.79
C ALA A 42 14.72 5.58 -5.05
N ASN A 43 15.40 4.46 -4.99
CA ASN A 43 16.85 4.44 -5.37
C ASN A 43 17.02 4.24 -6.88
N ASP A 44 16.06 4.67 -7.69
CA ASP A 44 16.20 4.59 -9.18
C ASP A 44 16.35 3.13 -9.63
N SER A 45 15.74 2.21 -8.91
CA SER A 45 15.80 0.77 -9.33
C SER A 45 14.38 0.20 -9.44
N THR A 46 14.13 -0.58 -10.46
CA THR A 46 12.77 -1.19 -10.64
C THR A 46 12.90 -2.70 -10.83
N LYS A 47 11.93 -3.45 -10.36
CA LYS A 47 12.01 -4.94 -10.47
C LYS A 47 10.60 -5.54 -10.56
N SER A 48 10.41 -6.48 -11.45
CA SER A 48 9.08 -7.15 -11.59
C SER A 48 9.05 -8.44 -10.76
N ILE A 49 8.10 -8.56 -9.86
CA ILE A 49 8.00 -9.80 -9.03
C ILE A 49 6.56 -10.33 -9.09
N VAL A 50 6.40 -11.62 -9.30
CA VAL A 50 5.03 -12.21 -9.35
C VAL A 50 4.52 -12.46 -7.92
N THR A 51 3.35 -11.96 -7.60
CA THR A 51 2.90 -11.92 -6.17
C THR A 51 2.89 -13.30 -5.52
N LYS A 52 2.77 -14.34 -6.32
CA LYS A 52 2.68 -15.72 -5.75
C LYS A 52 3.91 -16.04 -4.89
N ASP A 53 5.03 -15.40 -5.15
CA ASP A 53 6.23 -15.61 -4.28
C ASP A 53 6.20 -14.70 -3.04
N ILE A 54 5.11 -13.98 -2.82
CA ILE A 54 5.02 -13.16 -1.57
C ILE A 54 4.71 -14.06 -0.37
N LYS A 55 5.52 -13.97 0.67
CA LYS A 55 5.19 -14.65 1.96
C LYS A 55 4.43 -13.69 2.88
N ASP A 56 4.68 -12.41 2.75
CA ASP A 56 4.01 -11.40 3.65
C ASP A 56 4.15 -10.00 3.07
N LEU A 57 3.24 -9.11 3.41
CA LEU A 57 3.29 -7.71 2.86
C LEU A 57 3.11 -6.69 3.98
N ARG A 58 3.72 -5.54 3.85
CA ARG A 58 3.52 -4.46 4.87
C ARG A 58 3.73 -3.09 4.20
N ILE A 59 2.95 -2.11 4.58
CA ILE A 59 3.21 -0.71 4.09
C ILE A 59 4.25 -0.03 5.01
N LEU A 60 5.24 0.60 4.43
CA LEU A 60 6.30 1.24 5.27
C LEU A 60 5.84 2.63 5.73
N PRO A 61 5.71 2.81 7.04
CA PRO A 61 5.34 4.15 7.58
C PRO A 61 6.46 5.16 7.34
N LYS A 62 6.15 6.44 7.37
CA LYS A 62 7.20 7.48 7.16
C LYS A 62 8.26 7.42 8.27
N ASN A 63 7.84 7.15 9.49
CA ASN A 63 8.81 7.04 10.62
C ASN A 63 8.91 5.59 11.09
N GLU A 64 10.09 5.03 11.04
CA GLU A 64 10.28 3.60 11.46
C GLU A 64 11.52 3.47 12.35
N ILE A 65 11.76 4.44 13.19
CA ILE A 65 12.97 4.40 14.09
C ILE A 65 12.87 3.21 15.06
N MET A 66 11.67 2.84 15.45
CA MET A 66 11.49 1.72 16.42
C MET A 66 10.06 1.15 16.31
N PRO A 67 9.82 0.03 16.98
CA PRO A 67 8.49 -0.61 16.95
C PRO A 67 7.41 0.33 17.52
N LYS A 68 7.80 1.20 18.42
CA LYS A 68 6.80 2.15 19.03
C LYS A 68 6.58 3.35 18.10
N ASN A 69 5.37 3.86 18.07
CA ASN A 69 5.06 5.02 17.17
C ASN A 69 5.86 6.26 17.61
N GLY A 70 6.08 6.41 18.88
CA GLY A 70 6.84 7.60 19.38
C GLY A 70 7.05 7.47 20.89
N THR A 71 7.63 8.48 21.51
CA THR A 71 7.87 8.44 22.97
C THR A 71 7.49 9.78 23.62
N LYS A 72 7.49 9.84 24.93
CA LYS A 72 7.12 11.12 25.63
C LYS A 72 8.12 12.23 25.27
N SER A 73 9.37 11.88 25.10
CA SER A 73 10.40 12.90 24.73
C SER A 73 11.11 12.47 23.43
N PRO A 74 10.47 12.71 22.30
CA PRO A 74 11.06 12.33 21.00
C PRO A 74 12.30 13.17 20.69
N SER A 75 13.30 12.58 20.09
CA SER A 75 14.54 13.33 19.75
C SER A 75 14.53 13.77 18.28
N THR A 76 13.36 13.98 17.72
CA THR A 76 13.26 14.38 16.28
C THR A 76 12.91 15.87 16.16
N ASN A 77 13.33 16.67 17.12
CA ASN A 77 13.05 18.15 17.08
C ASN A 77 11.54 18.42 16.91
N SER A 78 10.72 17.69 17.64
CA SER A 78 9.24 17.88 17.53
C SER A 78 8.84 19.30 17.99
N THR A 79 9.56 19.84 18.96
CA THR A 79 9.23 21.21 19.46
C THR A 79 9.50 22.25 18.36
N LYS A 80 10.52 22.02 17.57
CA LYS A 80 10.85 22.99 16.47
C LYS A 80 10.04 22.67 15.22
N LEU A 81 9.53 23.69 14.55
CA LEU A 81 8.71 23.46 13.32
C LEU A 81 9.61 23.46 12.09
N LYS A 82 9.22 22.73 11.05
CA LYS A 82 10.06 22.67 9.80
C LYS A 82 10.16 24.07 9.17
N SER A 83 9.12 24.86 9.30
CA SER A 83 9.15 26.24 8.70
C SER A 83 9.52 27.26 9.78
N ALA A 84 10.28 28.27 9.42
CA ALA A 84 10.69 29.30 10.42
C ALA A 84 10.47 30.71 9.85
N GLU A 85 11.01 31.71 10.50
CA GLU A 85 10.84 33.12 9.99
C GLU A 85 12.03 33.52 9.12
N THR A 86 11.86 34.51 8.29
CA THR A 86 12.97 34.95 7.38
C THR A 86 14.13 35.51 8.20
N TYR A 87 13.83 36.19 9.29
CA TYR A 87 14.90 36.79 10.14
C TYR A 87 14.94 36.09 11.51
N SER A 88 16.11 35.73 11.97
CA SER A 88 16.22 35.05 13.30
C SER A 88 17.47 35.56 14.04
N SER A 89 17.39 35.65 15.34
CA SER A 89 18.56 36.15 16.13
C SER A 89 18.99 35.10 17.17
N LYS A 90 20.25 35.06 17.52
CA LYS A 90 20.74 34.07 18.51
C LYS A 90 21.50 34.78 19.64
N ASN A 91 21.42 34.28 20.85
CA ASN A 91 22.13 34.93 21.99
C ASN A 91 23.39 34.13 22.36
N LYS A 92 24.54 34.61 21.97
CA LYS A 92 25.81 33.90 22.31
C LYS A 92 26.84 34.89 22.86
N TRP A 93 27.47 34.56 23.96
CA TRP A 93 28.50 35.47 24.56
C TRP A 93 29.81 34.72 24.78
N SER A 94 30.90 35.23 24.24
CA SER A 94 32.22 34.55 24.42
C SER A 94 33.33 35.60 24.50
N MET A 95 34.26 35.43 25.40
CA MET A 95 35.39 36.41 25.52
C MET A 95 36.29 36.35 24.28
N ASP A 96 36.46 35.16 23.72
CA ASP A 96 37.33 35.00 22.50
C ASP A 96 38.72 35.62 22.71
N GLY B 1 8.82 21.07 0.16
CA GLY B 1 8.10 22.37 0.04
C GLY B 1 7.35 22.66 1.34
N ALA B 2 6.04 22.58 1.31
CA ALA B 2 5.23 22.84 2.54
C ALA B 2 4.05 21.87 2.62
N THR B 3 3.60 21.56 3.81
CA THR B 3 2.44 20.62 3.96
C THR B 3 1.47 21.13 5.03
N THR B 4 0.23 20.72 4.96
CA THR B 4 -0.77 21.16 5.99
C THR B 4 -1.87 20.10 6.14
N LYS B 5 -2.59 19.81 5.08
CA LYS B 5 -3.67 18.78 5.15
C LYS B 5 -3.21 17.48 4.46
N GLU B 6 -1.92 17.22 4.47
CA GLU B 6 -1.39 15.98 3.81
C GLU B 6 -0.87 15.01 4.87
N LYS B 7 -0.63 13.77 4.49
CA LYS B 7 -0.11 12.74 5.45
C LYS B 7 -0.99 12.66 6.71
N ASN B 8 -2.19 12.13 6.57
CA ASN B 8 -3.13 12.03 7.73
C ASN B 8 -2.52 11.14 8.83
N ILE B 9 -1.74 10.15 8.45
CA ILE B 9 -1.11 9.23 9.46
C ILE B 9 -2.18 8.63 10.39
N SER B 10 -2.66 7.46 10.07
CA SER B 10 -3.71 6.82 10.92
C SER B 10 -3.07 6.16 12.15
N VAL B 11 -3.84 5.46 12.94
CA VAL B 11 -3.29 4.79 14.16
C VAL B 11 -2.75 3.40 13.80
N ASP B 12 -1.77 2.92 14.54
CA ASP B 12 -1.16 1.58 14.24
C ASP B 12 -0.69 1.49 12.78
N VAL B 13 -0.22 2.60 12.23
CA VAL B 13 0.28 2.66 10.80
C VAL B 13 -0.55 1.78 9.85
N ASP B 14 -1.85 1.71 10.07
CA ASP B 14 -2.75 0.88 9.19
C ASP B 14 -2.22 -0.56 9.09
N ALA B 15 -1.93 -1.18 10.20
CA ALA B 15 -1.40 -2.59 10.19
C ALA B 15 -2.46 -3.56 9.66
N ASP B 16 -3.72 -3.26 9.88
CA ASP B 16 -4.80 -4.18 9.40
C ASP B 16 -4.93 -4.12 7.88
N ALA B 17 -4.65 -2.98 7.30
CA ALA B 17 -4.69 -2.87 5.80
C ALA B 17 -3.63 -3.77 5.16
N SER B 18 -2.45 -3.82 5.75
CA SER B 18 -1.34 -4.68 5.20
C SER B 18 -1.80 -6.13 5.10
N SER B 19 -2.55 -6.59 6.07
CA SER B 19 -3.00 -8.02 6.05
C SER B 19 -4.03 -8.26 4.94
N GLN B 20 -4.79 -7.25 4.59
CA GLN B 20 -5.81 -7.41 3.51
C GLN B 20 -5.14 -7.72 2.17
N LEU B 21 -4.02 -7.09 1.90
CA LEU B 21 -3.30 -7.36 0.60
C LEU B 21 -2.75 -8.78 0.59
N LEU B 22 -2.14 -9.21 1.67
CA LEU B 22 -1.65 -10.61 1.75
C LEU B 22 -2.83 -11.59 1.78
N SER B 23 -3.90 -11.20 2.44
CA SER B 23 -5.12 -12.07 2.48
C SER B 23 -5.68 -12.27 1.06
N LEU B 24 -5.62 -11.25 0.24
CA LEU B 24 -6.14 -11.37 -1.16
C LEU B 24 -5.31 -12.38 -1.95
N LEU B 25 -4.00 -12.28 -1.85
CA LEU B 25 -3.11 -13.25 -2.56
C LEU B 25 -3.31 -14.67 -2.03
N LYS B 26 -3.54 -14.81 -0.74
CA LYS B 26 -3.70 -16.17 -0.14
C LYS B 26 -5.09 -16.73 -0.45
N SER B 27 -6.12 -15.91 -0.31
CA SER B 27 -7.50 -16.39 -0.60
C SER B 27 -7.77 -16.37 -2.10
N SER B 28 -8.61 -17.26 -2.58
CA SER B 28 -8.94 -17.30 -4.03
C SER B 28 -10.29 -17.97 -4.26
N THR B 29 -11.12 -17.40 -5.10
CA THR B 29 -12.45 -18.01 -5.40
C THR B 29 -13.05 -17.39 -6.67
N ALA B 30 -12.21 -16.99 -7.60
CA ALA B 30 -12.69 -16.32 -8.86
C ALA B 30 -13.71 -15.20 -8.54
N PRO B 31 -13.29 -14.25 -7.72
CA PRO B 31 -14.19 -13.14 -7.33
C PRO B 31 -14.50 -12.24 -8.53
N SER B 32 -15.75 -12.03 -8.83
CA SER B 32 -16.13 -11.16 -9.98
C SER B 32 -17.18 -10.13 -9.54
N ASP B 33 -17.13 -8.94 -10.08
CA ASP B 33 -18.12 -7.89 -9.71
C ASP B 33 -18.46 -7.03 -10.93
N LEU B 34 -19.73 -6.73 -11.13
CA LEU B 34 -20.16 -5.90 -12.30
C LEU B 34 -19.62 -6.48 -13.62
N ALA B 35 -20.39 -7.30 -14.29
CA ALA B 35 -19.93 -7.95 -15.56
C ALA B 35 -18.57 -8.62 -15.39
N THR B 36 -17.97 -9.09 -16.46
CA THR B 36 -16.64 -9.76 -16.38
C THR B 36 -15.69 -9.18 -17.43
N PRO B 37 -14.41 -9.46 -17.28
CA PRO B 37 -13.39 -8.96 -18.25
C PRO B 37 -13.65 -9.54 -19.64
N GLN B 38 -13.33 -8.79 -20.68
CA GLN B 38 -13.56 -9.28 -22.08
C GLN B 38 -12.27 -9.87 -22.64
N PRO B 39 -12.41 -10.71 -23.66
CA PRO B 39 -11.22 -11.34 -24.29
C PRO B 39 -10.36 -10.29 -25.00
N SER B 40 -9.07 -10.53 -25.09
CA SER B 40 -8.16 -9.54 -25.78
C SER B 40 -8.51 -9.44 -27.26
N THR B 41 -8.96 -10.51 -27.85
CA THR B 41 -9.32 -10.48 -29.30
C THR B 41 -10.83 -10.72 -29.47
N PHE B 42 -11.46 -10.00 -30.37
CA PHE B 42 -12.93 -10.16 -30.58
C PHE B 42 -13.23 -10.36 -32.08
N PRO B 43 -14.35 -11.01 -32.37
CA PRO B 43 -14.74 -11.23 -33.78
C PRO B 43 -15.16 -9.91 -34.44
N GLN B 44 -16.04 -9.19 -33.81
CA GLN B 44 -16.52 -7.89 -34.38
C GLN B 44 -16.33 -6.75 -33.36
N PRO B 45 -16.33 -5.52 -33.85
CA PRO B 45 -16.14 -4.35 -32.94
C PRO B 45 -17.32 -4.22 -31.97
N PRO B 46 -17.07 -3.62 -30.82
CA PRO B 46 -18.14 -3.45 -29.80
C PRO B 46 -19.21 -2.47 -30.30
N VAL B 47 -20.43 -2.64 -29.88
CA VAL B 47 -21.53 -1.72 -30.31
C VAL B 47 -22.00 -0.89 -29.11
N GLU B 48 -22.19 0.39 -29.30
CA GLU B 48 -22.62 1.28 -28.16
C GLU B 48 -24.04 0.91 -27.72
N SER B 49 -24.91 0.63 -28.66
CA SER B 49 -26.32 0.25 -28.31
C SER B 49 -26.72 -1.03 -29.05
N HIS B 50 -27.47 -1.88 -28.40
CA HIS B 50 -27.93 -3.14 -29.06
C HIS B 50 -29.40 -3.04 -29.45
N SER B 51 -30.18 -2.33 -28.67
CA SER B 51 -31.65 -2.18 -28.98
C SER B 51 -31.82 -1.38 -30.28
N SER B 52 -30.96 -0.42 -30.51
CA SER B 52 -31.08 0.41 -31.76
C SER B 52 -29.86 0.18 -32.66
N MET A 1 -16.29 3.02 -2.04
CA MET A 1 -17.03 2.09 -2.93
C MET A 1 -16.42 0.69 -2.85
N GLY A 2 -15.11 0.59 -2.98
CA GLY A 2 -14.44 -0.74 -2.91
C GLY A 2 -13.02 -0.57 -2.38
N MET A 3 -12.26 -1.65 -2.34
CA MET A 3 -10.86 -1.57 -1.83
C MET A 3 -9.94 -2.52 -2.61
N SER A 4 -9.70 -2.21 -3.86
CA SER A 4 -8.85 -3.10 -4.72
C SER A 4 -7.39 -2.64 -4.65
N VAL A 5 -6.49 -3.40 -5.23
CA VAL A 5 -5.04 -3.02 -5.20
C VAL A 5 -4.81 -1.74 -6.02
N ALA A 6 -5.63 -1.49 -7.02
CA ALA A 6 -5.46 -0.27 -7.88
C ALA A 6 -5.43 1.00 -7.01
N ASP A 7 -6.14 0.98 -5.90
CA ASP A 7 -6.08 2.11 -4.93
C ASP A 7 -4.70 2.17 -4.26
N PHE A 8 -4.07 1.03 -4.08
CA PHE A 8 -2.73 0.99 -3.41
C PHE A 8 -1.59 0.99 -4.44
N TYR A 9 -1.88 1.22 -5.71
CA TYR A 9 -0.78 1.34 -6.72
C TYR A 9 0.05 2.60 -6.45
N GLY A 10 1.36 2.52 -6.57
CA GLY A 10 2.23 3.67 -6.22
C GLY A 10 2.51 3.70 -4.71
N SER A 11 1.96 2.78 -3.95
CA SER A 11 2.19 2.78 -2.47
C SER A 11 3.60 2.24 -2.15
N ASN A 12 4.28 2.87 -1.23
CA ASN A 12 5.60 2.32 -0.77
C ASN A 12 5.37 1.27 0.31
N VAL A 13 5.72 0.04 0.05
CA VAL A 13 5.49 -1.04 1.04
C VAL A 13 6.67 -2.02 1.02
N GLU A 14 6.80 -2.82 2.05
CA GLU A 14 7.91 -3.83 2.06
C GLU A 14 7.33 -5.24 1.91
N VAL A 15 7.86 -6.00 0.98
CA VAL A 15 7.35 -7.38 0.76
C VAL A 15 8.36 -8.40 1.30
N LEU A 16 7.90 -9.30 2.15
CA LEU A 16 8.80 -10.40 2.63
C LEU A 16 8.57 -11.64 1.78
N LEU A 17 9.62 -12.20 1.23
CA LEU A 17 9.46 -13.32 0.26
C LEU A 17 9.64 -14.68 0.95
N ASN A 18 9.26 -15.74 0.27
CA ASN A 18 9.31 -17.11 0.88
C ASN A 18 10.74 -17.48 1.33
N ASN A 19 11.73 -16.83 0.78
CA ASN A 19 13.15 -17.20 1.10
C ASN A 19 13.69 -16.33 2.26
N ASP A 20 12.81 -15.80 3.09
CA ASP A 20 13.24 -15.01 4.30
C ASP A 20 14.11 -13.81 3.88
N SER A 21 13.91 -13.30 2.68
CA SER A 21 14.60 -12.04 2.28
C SER A 21 13.59 -10.90 2.26
N LYS A 22 14.02 -9.71 2.63
CA LYS A 22 13.08 -8.56 2.72
C LYS A 22 13.35 -7.54 1.61
N ALA A 23 12.33 -6.87 1.15
CA ALA A 23 12.53 -5.80 0.12
C ALA A 23 11.42 -4.75 0.23
N ARG A 24 11.70 -3.54 -0.18
CA ARG A 24 10.65 -2.46 -0.15
C ARG A 24 10.79 -1.53 -1.35
N GLY A 25 9.68 -1.08 -1.89
CA GLY A 25 9.72 -0.26 -3.13
C GLY A 25 8.33 0.31 -3.40
N VAL A 26 8.20 1.19 -4.36
CA VAL A 26 6.87 1.82 -4.62
C VAL A 26 6.14 1.06 -5.72
N ILE A 27 5.00 0.49 -5.41
CA ILE A 27 4.32 -0.42 -6.39
C ILE A 27 3.92 0.34 -7.66
N THR A 28 4.02 -0.29 -8.80
CA THR A 28 3.67 0.38 -10.08
C THR A 28 2.55 -0.37 -10.82
N ASN A 29 2.43 -1.68 -10.63
CA ASN A 29 1.37 -2.43 -11.38
C ASN A 29 1.08 -3.79 -10.73
N PHE A 30 -0.08 -4.33 -11.03
CA PHE A 30 -0.39 -5.73 -10.64
C PHE A 30 -1.38 -6.33 -11.64
N ASP A 31 -1.05 -7.47 -12.21
CA ASP A 31 -1.93 -8.09 -13.25
C ASP A 31 -2.76 -9.19 -12.60
N SER A 32 -4.04 -9.20 -12.81
CA SER A 32 -4.92 -10.21 -12.13
C SER A 32 -4.64 -11.62 -12.66
N SER A 33 -4.60 -11.78 -13.96
CA SER A 33 -4.45 -13.16 -14.55
C SER A 33 -3.16 -13.82 -14.08
N ASN A 34 -2.07 -13.09 -14.09
CA ASN A 34 -0.76 -13.68 -13.68
C ASN A 34 -0.35 -13.24 -12.27
N SER A 35 -1.06 -12.30 -11.67
CA SER A 35 -0.64 -11.73 -10.34
C SER A 35 0.84 -11.32 -10.35
N ILE A 36 1.17 -10.31 -11.13
CA ILE A 36 2.61 -9.92 -11.27
C ILE A 36 2.78 -8.46 -10.86
N LEU A 37 3.68 -8.19 -9.93
CA LEU A 37 3.74 -6.85 -9.29
C LEU A 37 5.05 -6.15 -9.63
N GLN A 38 4.98 -5.01 -10.27
CA GLN A 38 6.21 -4.21 -10.54
C GLN A 38 6.43 -3.23 -9.39
N LEU A 39 7.64 -3.13 -8.91
CA LEU A 39 7.97 -2.10 -7.87
C LEU A 39 9.02 -1.13 -8.41
N ARG A 40 8.72 0.15 -8.39
CA ARG A 40 9.73 1.16 -8.82
C ARG A 40 10.42 1.74 -7.58
N LEU A 41 11.65 1.38 -7.35
CA LEU A 41 12.34 1.80 -6.09
C LEU A 41 12.97 3.19 -6.26
N ALA A 42 13.10 3.91 -5.17
CA ALA A 42 13.54 5.34 -5.25
C ALA A 42 15.01 5.47 -5.70
N ASN A 43 15.71 4.38 -5.89
CA ASN A 43 17.09 4.44 -6.47
C ASN A 43 17.04 4.43 -8.01
N ASP A 44 15.96 4.91 -8.61
CA ASP A 44 15.89 5.00 -10.11
C ASP A 44 15.97 3.60 -10.74
N SER A 45 15.51 2.58 -10.05
CA SER A 45 15.58 1.20 -10.62
C SER A 45 14.20 0.55 -10.63
N THR A 46 13.86 -0.14 -11.69
CA THR A 46 12.56 -0.89 -11.74
C THR A 46 12.80 -2.37 -11.42
N LYS A 47 11.82 -3.03 -10.86
CA LYS A 47 11.97 -4.48 -10.55
C LYS A 47 10.61 -5.19 -10.62
N SER A 48 10.48 -6.16 -11.49
CA SER A 48 9.20 -6.90 -11.61
C SER A 48 9.26 -8.20 -10.79
N ILE A 49 8.34 -8.39 -9.88
CA ILE A 49 8.33 -9.63 -9.06
C ILE A 49 6.93 -10.26 -9.09
N VAL A 50 6.84 -11.55 -9.27
CA VAL A 50 5.50 -12.21 -9.30
C VAL A 50 5.02 -12.45 -7.85
N THR A 51 3.82 -12.01 -7.54
CA THR A 51 3.36 -11.98 -6.10
C THR A 51 3.37 -13.38 -5.47
N LYS A 52 3.26 -14.41 -6.27
CA LYS A 52 3.20 -15.81 -5.72
C LYS A 52 4.42 -16.10 -4.82
N ASP A 53 5.51 -15.41 -5.04
CA ASP A 53 6.70 -15.61 -4.15
C ASP A 53 6.58 -14.76 -2.87
N ILE A 54 5.50 -14.05 -2.68
CA ILE A 54 5.33 -13.25 -1.42
C ILE A 54 4.98 -14.18 -0.25
N LYS A 55 5.72 -14.08 0.82
CA LYS A 55 5.32 -14.80 2.08
C LYS A 55 4.49 -13.85 2.96
N ASP A 56 4.73 -12.56 2.87
CA ASP A 56 3.99 -11.58 3.73
C ASP A 56 4.16 -10.16 3.16
N LEU A 57 3.24 -9.28 3.49
CA LEU A 57 3.31 -7.87 2.97
C LEU A 57 3.08 -6.87 4.10
N ARG A 58 3.69 -5.72 4.02
CA ARG A 58 3.44 -4.66 5.04
C ARG A 58 3.67 -3.27 4.41
N ILE A 59 2.87 -2.30 4.78
CA ILE A 59 3.14 -0.90 4.32
C ILE A 59 4.15 -0.22 5.26
N LEU A 60 5.15 0.42 4.72
CA LEU A 60 6.18 1.08 5.59
C LEU A 60 5.69 2.47 6.03
N PRO A 61 6.06 2.87 7.23
CA PRO A 61 5.64 4.21 7.75
C PRO A 61 6.42 5.32 7.03
N LYS A 62 5.80 5.98 6.09
CA LYS A 62 6.48 7.08 5.35
C LYS A 62 5.56 8.31 5.26
N ASN A 63 6.07 9.47 5.60
CA ASN A 63 5.23 10.71 5.55
C ASN A 63 5.82 11.70 4.53
N GLU A 64 5.02 12.14 3.59
CA GLU A 64 5.52 13.11 2.57
C GLU A 64 4.35 13.97 2.05
N ILE A 65 3.44 14.32 2.92
CA ILE A 65 2.26 15.14 2.50
C ILE A 65 2.72 16.56 2.14
N MET A 66 3.72 17.07 2.85
CA MET A 66 4.23 18.46 2.58
C MET A 66 3.07 19.49 2.59
N PRO A 67 2.37 19.56 3.71
CA PRO A 67 1.21 20.50 3.81
C PRO A 67 1.69 21.96 3.78
N LYS A 68 2.90 22.22 4.22
CA LYS A 68 3.39 23.64 4.26
C LYS A 68 3.43 24.25 2.85
N ASN A 69 3.93 23.52 1.89
CA ASN A 69 3.98 24.05 0.48
C ASN A 69 2.56 24.17 -0.09
N GLY A 70 1.73 23.20 0.18
CA GLY A 70 0.32 23.24 -0.34
C GLY A 70 0.33 23.10 -1.86
N THR A 71 -0.50 23.86 -2.53
CA THR A 71 -0.55 23.80 -4.03
C THR A 71 -0.61 25.21 -4.62
N LYS A 72 0.02 26.16 -3.97
CA LYS A 72 -0.02 27.57 -4.48
C LYS A 72 1.21 27.85 -5.36
N SER A 73 0.99 28.26 -6.58
CA SER A 73 2.13 28.54 -7.50
C SER A 73 2.93 29.78 -7.01
N PRO A 74 2.26 30.91 -6.88
CA PRO A 74 2.95 32.13 -6.38
C PRO A 74 3.35 31.96 -4.91
N SER A 75 4.49 32.49 -4.54
CA SER A 75 4.94 32.36 -3.11
C SER A 75 5.25 33.74 -2.53
N THR A 76 5.20 33.86 -1.22
CA THR A 76 5.49 35.17 -0.56
C THR A 76 7.00 35.36 -0.41
N ASN A 77 7.50 36.54 -0.69
CA ASN A 77 8.96 36.79 -0.60
C ASN A 77 9.29 37.52 0.70
N SER A 78 10.04 36.89 1.58
CA SER A 78 10.43 37.55 2.87
C SER A 78 11.78 38.25 2.72
N THR A 79 12.65 37.73 1.88
CA THR A 79 13.99 38.36 1.68
C THR A 79 13.84 39.73 1.00
N LYS A 80 12.82 39.89 0.18
CA LYS A 80 12.62 41.20 -0.51
C LYS A 80 12.13 42.26 0.48
N LEU A 81 12.18 43.51 0.09
CA LEU A 81 11.75 44.60 1.02
C LEU A 81 10.26 44.92 0.80
N LYS A 82 9.50 45.00 1.87
CA LYS A 82 8.04 45.28 1.75
C LYS A 82 7.81 46.80 1.69
N SER A 83 8.16 47.51 2.74
CA SER A 83 7.97 48.99 2.75
C SER A 83 9.30 49.69 2.99
N ALA A 84 9.52 50.81 2.35
CA ALA A 84 10.81 51.55 2.52
C ALA A 84 10.58 52.81 3.38
N GLU A 85 11.39 53.01 4.39
CA GLU A 85 11.26 54.23 5.25
C GLU A 85 11.65 55.47 4.45
N THR A 86 12.60 55.35 3.55
CA THR A 86 13.03 56.52 2.73
C THR A 86 12.84 56.20 1.24
N TYR A 87 12.96 57.20 0.39
CA TYR A 87 12.77 56.98 -1.07
C TYR A 87 14.09 57.23 -1.82
N SER A 88 14.38 56.43 -2.82
CA SER A 88 15.64 56.60 -3.59
C SER A 88 15.46 56.12 -5.03
N SER A 89 16.27 56.60 -5.93
CA SER A 89 16.15 56.17 -7.36
C SER A 89 17.43 55.46 -7.81
N LYS A 90 17.31 54.46 -8.65
CA LYS A 90 18.52 53.72 -9.14
C LYS A 90 18.55 53.71 -10.66
N ASN A 91 19.73 53.71 -11.24
CA ASN A 91 19.84 53.70 -12.74
C ASN A 91 20.17 52.28 -13.24
N LYS A 92 19.76 51.27 -12.51
CA LYS A 92 20.05 49.87 -12.94
C LYS A 92 18.77 49.03 -12.90
N TRP A 93 18.48 48.33 -13.97
CA TRP A 93 17.24 47.50 -14.01
C TRP A 93 17.58 46.01 -14.01
N SER A 94 16.90 45.23 -13.20
CA SER A 94 17.17 43.76 -13.15
C SER A 94 16.78 43.10 -14.47
N MET A 95 15.70 43.55 -15.07
CA MET A 95 15.24 42.96 -16.36
C MET A 95 14.94 44.07 -17.38
N ASP A 96 15.15 43.80 -18.64
CA ASP A 96 14.86 44.84 -19.68
C ASP A 96 13.49 44.61 -20.30
N GLY B 1 17.00 8.65 23.63
CA GLY B 1 15.62 8.33 24.10
C GLY B 1 15.18 6.99 23.53
N ALA B 2 15.38 5.92 24.27
CA ALA B 2 14.97 4.56 23.78
C ALA B 2 13.45 4.47 23.66
N THR B 3 12.73 5.13 24.56
CA THR B 3 11.24 5.09 24.51
C THR B 3 10.73 5.83 23.28
N THR B 4 11.29 6.98 22.98
CA THR B 4 10.85 7.76 21.79
C THR B 4 12.01 8.61 21.25
N LYS B 5 12.00 8.88 19.97
CA LYS B 5 13.08 9.74 19.38
C LYS B 5 12.49 10.68 18.32
N GLU B 6 13.30 11.55 17.76
CA GLU B 6 12.79 12.51 16.73
C GLU B 6 12.35 11.76 15.47
N LYS B 7 13.00 10.66 15.16
CA LYS B 7 12.62 9.88 13.95
C LYS B 7 11.56 8.84 14.30
N ASN B 8 10.93 8.25 13.30
CA ASN B 8 9.88 7.19 13.55
C ASN B 8 8.79 7.72 14.50
N ILE B 9 8.14 8.80 14.12
CA ILE B 9 7.07 9.38 14.99
C ILE B 9 5.80 8.52 14.89
N SER B 10 5.55 7.94 13.74
CA SER B 10 4.36 7.05 13.58
C SER B 10 4.80 5.59 13.44
N VAL B 11 4.05 4.68 14.03
CA VAL B 11 4.44 3.23 13.96
C VAL B 11 3.18 2.35 14.00
N ASP B 12 3.27 1.14 13.50
CA ASP B 12 2.09 0.21 13.49
C ASP B 12 0.87 0.89 12.85
N VAL B 13 1.06 1.65 11.81
CA VAL B 13 -0.08 2.33 11.14
C VAL B 13 -0.80 1.35 10.18
N ASP B 14 -2.10 1.22 10.33
CA ASP B 14 -2.89 0.28 9.46
C ASP B 14 -2.28 -1.12 9.46
N ALA B 15 -2.02 -1.66 10.63
CA ALA B 15 -1.40 -3.02 10.72
C ALA B 15 -2.38 -4.08 10.21
N ASP B 16 -3.65 -3.90 10.46
CA ASP B 16 -4.67 -4.88 9.98
C ASP B 16 -4.87 -4.75 8.47
N ALA B 17 -4.73 -3.55 7.94
CA ALA B 17 -4.90 -3.34 6.47
C ALA B 17 -3.81 -4.09 5.71
N SER B 18 -2.60 -4.09 6.22
CA SER B 18 -1.48 -4.85 5.55
C SER B 18 -1.87 -6.32 5.36
N SER B 19 -2.59 -6.87 6.31
CA SER B 19 -3.00 -8.30 6.21
C SER B 19 -4.04 -8.47 5.09
N GLN B 20 -4.87 -7.47 4.88
CA GLN B 20 -5.91 -7.57 3.81
C GLN B 20 -5.26 -7.69 2.43
N LEU B 21 -4.17 -6.99 2.22
CA LEU B 21 -3.47 -7.07 0.89
C LEU B 21 -2.90 -8.48 0.68
N LEU B 22 -2.30 -9.05 1.70
CA LEU B 22 -1.80 -10.45 1.58
C LEU B 22 -2.97 -11.43 1.51
N SER B 23 -4.02 -11.16 2.26
CA SER B 23 -5.24 -12.03 2.19
C SER B 23 -5.86 -11.99 0.79
N LEU B 24 -5.82 -10.84 0.15
CA LEU B 24 -6.39 -10.74 -1.23
C LEU B 24 -5.60 -11.61 -2.21
N LEU B 25 -4.30 -11.63 -2.08
CA LEU B 25 -3.46 -12.49 -2.99
C LEU B 25 -3.80 -13.97 -2.78
N LYS B 26 -4.05 -14.37 -1.56
CA LYS B 26 -4.40 -15.79 -1.29
C LYS B 26 -5.85 -16.07 -1.70
N SER B 27 -6.74 -15.13 -1.45
CA SER B 27 -8.16 -15.33 -1.83
C SER B 27 -8.37 -15.04 -3.32
N SER B 28 -9.43 -15.56 -3.89
CA SER B 28 -9.71 -15.31 -5.34
C SER B 28 -10.59 -14.07 -5.50
N THR B 29 -11.49 -13.84 -4.57
CA THR B 29 -12.41 -12.65 -4.61
C THR B 29 -13.03 -12.45 -6.01
N ALA B 30 -13.66 -11.33 -6.24
CA ALA B 30 -14.32 -11.05 -7.56
C ALA B 30 -15.40 -12.10 -7.87
N PRO B 31 -16.25 -11.81 -8.84
CA PRO B 31 -17.31 -12.78 -9.22
C PRO B 31 -16.70 -14.01 -9.90
N SER B 32 -15.94 -13.80 -10.95
CA SER B 32 -15.30 -14.95 -11.65
C SER B 32 -14.06 -14.48 -12.42
N ASP B 33 -13.24 -15.40 -12.87
CA ASP B 33 -12.01 -15.02 -13.64
C ASP B 33 -11.80 -15.99 -14.80
N LEU B 34 -12.45 -15.76 -15.91
CA LEU B 34 -12.30 -16.66 -17.10
C LEU B 34 -12.79 -15.99 -18.38
N ALA B 35 -13.88 -15.25 -18.31
CA ALA B 35 -14.44 -14.56 -19.52
C ALA B 35 -14.61 -15.54 -20.69
N THR B 36 -15.79 -16.10 -20.84
CA THR B 36 -16.04 -17.05 -21.96
C THR B 36 -16.21 -16.30 -23.28
N PRO B 37 -16.06 -17.00 -24.39
CA PRO B 37 -16.22 -16.37 -25.72
C PRO B 37 -17.69 -15.95 -25.94
N GLN B 38 -17.93 -15.12 -26.92
CA GLN B 38 -19.33 -14.67 -27.19
C GLN B 38 -20.02 -15.63 -28.17
N PRO B 39 -20.97 -16.41 -27.68
CA PRO B 39 -21.68 -17.38 -28.55
C PRO B 39 -22.51 -16.64 -29.61
N SER B 40 -22.55 -17.17 -30.81
CA SER B 40 -23.33 -16.51 -31.91
C SER B 40 -24.83 -16.56 -31.60
N THR B 41 -25.29 -17.59 -30.93
CA THR B 41 -26.74 -17.71 -30.61
C THR B 41 -27.17 -16.58 -29.67
N PHE B 42 -26.34 -16.23 -28.71
CA PHE B 42 -26.70 -15.13 -27.76
C PHE B 42 -25.52 -14.13 -27.63
N PRO B 43 -25.33 -13.31 -28.65
CA PRO B 43 -24.25 -12.30 -28.62
C PRO B 43 -24.51 -11.27 -27.50
N GLN B 44 -23.46 -10.72 -26.94
CA GLN B 44 -23.63 -9.70 -25.86
C GLN B 44 -23.59 -8.28 -26.45
N PRO B 45 -24.20 -7.34 -25.75
CA PRO B 45 -24.21 -5.93 -26.22
C PRO B 45 -22.80 -5.32 -26.14
N PRO B 46 -22.22 -4.99 -27.29
CA PRO B 46 -20.85 -4.39 -27.29
C PRO B 46 -20.89 -3.00 -26.63
N VAL B 47 -19.80 -2.60 -26.02
CA VAL B 47 -19.75 -1.26 -25.36
C VAL B 47 -19.84 -0.15 -26.41
N GLU B 48 -19.20 -0.32 -27.53
CA GLU B 48 -19.25 0.72 -28.60
C GLU B 48 -20.04 0.18 -29.81
N SER B 49 -20.59 1.08 -30.61
CA SER B 49 -21.37 0.64 -31.81
C SER B 49 -20.71 1.15 -33.08
N HIS B 50 -20.80 0.38 -34.15
CA HIS B 50 -20.18 0.81 -35.44
C HIS B 50 -20.81 0.04 -36.61
N SER B 51 -22.09 -0.27 -36.51
CA SER B 51 -22.78 -1.01 -37.60
C SER B 51 -23.95 -0.18 -38.15
N SER B 52 -24.24 -0.33 -39.42
CA SER B 52 -25.36 0.45 -40.03
C SER B 52 -26.62 -0.42 -40.14
N MET A 1 -17.83 -4.59 -2.69
CA MET A 1 -16.54 -4.75 -3.40
C MET A 1 -15.38 -4.73 -2.40
N GLY A 2 -14.42 -5.61 -2.57
CA GLY A 2 -13.25 -5.64 -1.64
C GLY A 2 -12.21 -4.61 -2.07
N MET A 3 -11.05 -4.63 -1.47
CA MET A 3 -9.99 -3.65 -1.85
C MET A 3 -9.13 -4.20 -2.99
N SER A 4 -8.96 -3.42 -4.03
CA SER A 4 -8.16 -3.90 -5.20
C SER A 4 -6.75 -3.30 -5.17
N VAL A 5 -5.84 -3.82 -5.94
CA VAL A 5 -4.44 -3.27 -5.98
C VAL A 5 -4.45 -1.84 -6.52
N ALA A 6 -5.40 -1.51 -7.36
CA ALA A 6 -5.47 -0.12 -7.95
C ALA A 6 -5.50 0.92 -6.83
N ASP A 7 -6.08 0.57 -5.71
CA ASP A 7 -6.07 1.50 -4.53
C ASP A 7 -4.65 1.61 -3.97
N PHE A 8 -3.90 0.53 -4.00
CA PHE A 8 -2.49 0.56 -3.50
C PHE A 8 -1.50 0.74 -4.66
N TYR A 9 -1.97 1.03 -5.85
CA TYR A 9 -1.04 1.24 -7.01
C TYR A 9 -0.19 2.51 -6.80
N GLY A 10 1.11 2.39 -6.92
CA GLY A 10 2.00 3.55 -6.64
C GLY A 10 2.27 3.67 -5.13
N SER A 11 1.71 2.81 -4.31
CA SER A 11 1.98 2.86 -2.84
C SER A 11 3.36 2.27 -2.54
N ASN A 12 4.11 2.91 -1.67
CA ASN A 12 5.43 2.35 -1.24
C ASN A 12 5.20 1.35 -0.11
N VAL A 13 5.58 0.12 -0.31
CA VAL A 13 5.37 -0.93 0.72
C VAL A 13 6.58 -1.88 0.74
N GLU A 14 6.72 -2.67 1.78
CA GLU A 14 7.82 -3.67 1.81
C GLU A 14 7.23 -5.08 1.67
N VAL A 15 7.76 -5.85 0.76
CA VAL A 15 7.25 -7.25 0.54
C VAL A 15 8.25 -8.26 1.10
N LEU A 16 7.81 -9.15 1.95
CA LEU A 16 8.70 -10.23 2.45
C LEU A 16 8.47 -11.50 1.61
N LEU A 17 9.52 -12.08 1.09
CA LEU A 17 9.37 -13.23 0.15
C LEU A 17 9.51 -14.56 0.88
N ASN A 18 9.04 -15.63 0.27
CA ASN A 18 9.13 -16.99 0.90
C ASN A 18 10.58 -17.37 1.22
N ASN A 19 11.53 -16.75 0.55
CA ASN A 19 12.97 -17.10 0.77
C ASN A 19 13.59 -16.23 1.87
N ASP A 20 12.78 -15.67 2.76
CA ASP A 20 13.31 -14.94 3.96
C ASP A 20 14.19 -13.75 3.54
N SER A 21 13.92 -13.17 2.39
CA SER A 21 14.61 -11.90 2.01
C SER A 21 13.58 -10.75 2.01
N LYS A 22 13.99 -9.58 2.42
CA LYS A 22 13.04 -8.44 2.53
C LYS A 22 13.34 -7.39 1.45
N ALA A 23 12.31 -6.76 0.93
CA ALA A 23 12.52 -5.68 -0.08
C ALA A 23 11.35 -4.68 -0.04
N ARG A 24 11.57 -3.48 -0.52
CA ARG A 24 10.47 -2.47 -0.55
C ARG A 24 10.58 -1.60 -1.80
N GLY A 25 9.46 -1.08 -2.27
CA GLY A 25 9.49 -0.24 -3.50
C GLY A 25 8.12 0.41 -3.70
N VAL A 26 8.00 1.31 -4.63
CA VAL A 26 6.66 1.92 -4.93
C VAL A 26 6.01 1.16 -6.09
N ILE A 27 4.80 0.70 -5.89
CA ILE A 27 4.17 -0.23 -6.90
C ILE A 27 4.02 0.46 -8.26
N THR A 28 4.31 -0.26 -9.33
CA THR A 28 4.21 0.33 -10.70
C THR A 28 3.23 -0.47 -11.58
N ASN A 29 2.92 -1.71 -11.23
CA ASN A 29 1.91 -2.47 -12.03
C ASN A 29 1.43 -3.73 -11.30
N PHE A 30 0.26 -4.22 -11.68
CA PHE A 30 -0.24 -5.53 -11.15
C PHE A 30 -1.12 -6.19 -12.21
N ASP A 31 -0.81 -7.41 -12.59
CA ASP A 31 -1.63 -8.11 -13.61
C ASP A 31 -2.62 -9.04 -12.92
N SER A 32 -3.87 -8.99 -13.28
CA SER A 32 -4.89 -9.81 -12.56
C SER A 32 -4.73 -11.30 -12.90
N SER A 33 -4.72 -11.63 -14.16
CA SER A 33 -4.65 -13.08 -14.56
C SER A 33 -3.35 -13.72 -14.07
N ASN A 34 -2.27 -12.99 -14.10
CA ASN A 34 -0.95 -13.57 -13.70
C ASN A 34 -0.52 -13.10 -12.30
N SER A 35 -1.21 -12.11 -11.72
CA SER A 35 -0.78 -11.52 -10.40
C SER A 35 0.72 -11.21 -10.40
N ILE A 36 1.12 -10.25 -11.21
CA ILE A 36 2.57 -9.92 -11.32
C ILE A 36 2.80 -8.45 -10.93
N LEU A 37 3.68 -8.20 -10.00
CA LEU A 37 3.80 -6.83 -9.42
C LEU A 37 5.18 -6.24 -9.73
N GLN A 38 5.20 -5.12 -10.42
CA GLN A 38 6.48 -4.37 -10.58
C GLN A 38 6.61 -3.36 -9.45
N LEU A 39 7.75 -3.31 -8.81
CA LEU A 39 7.97 -2.27 -7.75
C LEU A 39 9.11 -1.35 -8.16
N ARG A 40 8.86 -0.07 -8.22
CA ARG A 40 9.96 0.92 -8.48
C ARG A 40 10.31 1.65 -7.18
N LEU A 41 11.42 1.33 -6.57
CA LEU A 41 11.79 1.96 -5.26
C LEU A 41 12.49 3.31 -5.50
N ALA A 42 12.45 4.17 -4.51
CA ALA A 42 12.92 5.59 -4.69
C ALA A 42 14.43 5.67 -4.95
N ASN A 43 15.14 4.57 -4.91
CA ASN A 43 16.59 4.59 -5.29
C ASN A 43 16.76 4.42 -6.81
N ASP A 44 15.79 4.85 -7.61
CA ASP A 44 15.92 4.82 -9.11
C ASP A 44 16.12 3.37 -9.59
N SER A 45 15.55 2.42 -8.89
CA SER A 45 15.65 1.00 -9.33
C SER A 45 14.26 0.37 -9.46
N THR A 46 14.05 -0.43 -10.47
CA THR A 46 12.72 -1.09 -10.66
C THR A 46 12.89 -2.60 -10.84
N LYS A 47 11.94 -3.37 -10.38
CA LYS A 47 12.06 -4.85 -10.48
C LYS A 47 10.67 -5.50 -10.61
N SER A 48 10.55 -6.45 -11.51
CA SER A 48 9.23 -7.17 -11.67
C SER A 48 9.24 -8.46 -10.85
N ILE A 49 8.32 -8.60 -9.93
CA ILE A 49 8.26 -9.84 -9.09
C ILE A 49 6.84 -10.39 -9.10
N VAL A 50 6.69 -11.69 -9.23
CA VAL A 50 5.33 -12.30 -9.24
C VAL A 50 4.84 -12.45 -7.79
N THR A 51 3.66 -11.96 -7.50
CA THR A 51 3.20 -11.88 -6.07
C THR A 51 3.17 -13.26 -5.40
N LYS A 52 2.95 -14.29 -6.16
CA LYS A 52 2.77 -15.65 -5.57
C LYS A 52 3.99 -16.07 -4.75
N ASP A 53 5.15 -15.56 -5.07
CA ASP A 53 6.36 -15.89 -4.25
C ASP A 53 6.44 -14.99 -3.00
N ILE A 54 5.48 -14.10 -2.80
CA ILE A 54 5.48 -13.28 -1.55
C ILE A 54 4.91 -14.10 -0.38
N LYS A 55 5.59 -14.09 0.74
CA LYS A 55 5.03 -14.74 1.96
C LYS A 55 4.26 -13.72 2.80
N ASP A 56 4.57 -12.44 2.66
CA ASP A 56 3.92 -11.41 3.52
C ASP A 56 4.12 -10.00 2.92
N LEU A 57 3.21 -9.10 3.18
CA LEU A 57 3.36 -7.70 2.68
C LEU A 57 3.08 -6.69 3.80
N ARG A 58 3.67 -5.52 3.72
CA ARG A 58 3.36 -4.45 4.71
C ARG A 58 3.57 -3.07 4.06
N ILE A 59 2.78 -2.09 4.44
CA ILE A 59 3.03 -0.70 3.95
C ILE A 59 4.02 0.02 4.87
N LEU A 60 5.00 0.67 4.30
CA LEU A 60 6.02 1.38 5.14
C LEU A 60 5.49 2.79 5.52
N PRO A 61 5.68 3.17 6.77
CA PRO A 61 5.22 4.51 7.23
C PRO A 61 6.14 5.61 6.66
N LYS A 62 5.72 6.25 5.60
CA LYS A 62 6.57 7.32 4.99
C LYS A 62 5.70 8.52 4.59
N ASN A 63 6.06 9.70 5.05
CA ASN A 63 5.29 10.95 4.69
C ASN A 63 3.79 10.79 4.99
N GLU A 64 3.47 10.19 6.12
CA GLU A 64 2.04 9.99 6.49
C GLU A 64 1.36 11.35 6.75
N ILE A 65 2.07 12.26 7.37
CA ILE A 65 1.49 13.61 7.66
C ILE A 65 1.34 14.40 6.35
N MET A 66 2.31 14.29 5.47
CA MET A 66 2.28 15.04 4.16
C MET A 66 2.01 16.55 4.39
N PRO A 67 2.87 17.18 5.17
CA PRO A 67 2.72 18.62 5.48
C PRO A 67 2.94 19.45 4.21
N LYS A 68 2.16 20.50 4.03
CA LYS A 68 2.33 21.38 2.83
C LYS A 68 2.48 22.84 3.26
N ASN A 69 3.30 23.60 2.57
CA ASN A 69 3.50 25.03 2.93
C ASN A 69 3.16 25.95 1.75
N GLY A 70 2.21 25.54 0.94
CA GLY A 70 1.82 26.38 -0.23
C GLY A 70 0.38 26.04 -0.65
N THR A 71 -0.58 26.76 -0.13
CA THR A 71 -2.00 26.50 -0.50
C THR A 71 -2.67 27.80 -0.99
N LYS A 72 -3.45 27.70 -2.03
CA LYS A 72 -4.13 28.92 -2.57
C LYS A 72 -5.65 28.81 -2.37
N SER A 73 -6.29 29.90 -2.05
CA SER A 73 -7.78 29.88 -1.85
C SER A 73 -8.44 30.98 -2.70
N PRO A 74 -8.63 30.70 -3.98
CA PRO A 74 -9.26 31.69 -4.89
C PRO A 74 -10.72 31.93 -4.50
N SER A 75 -11.38 30.91 -4.01
CA SER A 75 -12.82 31.06 -3.61
C SER A 75 -13.00 30.68 -2.14
N THR A 76 -13.92 31.33 -1.46
CA THR A 76 -14.17 31.02 -0.02
C THR A 76 -14.72 29.60 0.13
N ASN A 77 -15.59 29.19 -0.76
CA ASN A 77 -16.18 27.82 -0.69
C ASN A 77 -15.61 26.94 -1.82
N SER A 78 -15.04 25.81 -1.46
CA SER A 78 -14.47 24.90 -2.50
C SER A 78 -14.81 23.44 -2.18
N THR A 79 -15.96 23.21 -1.59
CA THR A 79 -16.36 21.81 -1.23
C THR A 79 -17.66 21.44 -1.95
N LYS A 80 -17.74 20.22 -2.45
CA LYS A 80 -18.98 19.78 -3.16
C LYS A 80 -19.55 18.52 -2.49
N LEU A 81 -20.85 18.36 -2.54
CA LEU A 81 -21.48 17.15 -1.92
C LEU A 81 -21.63 16.04 -2.97
N LYS A 82 -21.59 14.80 -2.54
CA LYS A 82 -21.69 13.65 -3.51
C LYS A 82 -23.05 13.67 -4.22
N SER A 83 -24.10 14.00 -3.52
CA SER A 83 -25.46 14.05 -4.15
C SER A 83 -26.14 15.37 -3.82
N ALA A 84 -26.88 15.92 -4.76
CA ALA A 84 -27.61 17.20 -4.50
C ALA A 84 -28.70 17.40 -5.56
N GLU A 85 -29.78 18.05 -5.20
CA GLU A 85 -30.88 18.29 -6.19
C GLU A 85 -31.77 19.44 -5.71
N THR A 86 -32.44 19.28 -4.60
CA THR A 86 -33.35 20.35 -4.09
C THR A 86 -33.37 20.36 -2.56
N TYR A 87 -33.86 21.43 -1.97
CA TYR A 87 -33.91 21.55 -0.46
C TYR A 87 -32.52 21.40 0.15
N SER A 88 -32.38 21.73 1.42
CA SER A 88 -31.06 21.60 2.10
C SER A 88 -31.16 20.63 3.28
N SER A 89 -30.11 19.90 3.54
CA SER A 89 -30.14 18.91 4.65
C SER A 89 -29.59 19.54 5.94
N LYS A 90 -29.75 18.86 7.06
CA LYS A 90 -29.23 19.38 8.38
C LYS A 90 -29.76 20.79 8.65
N ASN A 91 -31.01 21.04 8.34
CA ASN A 91 -31.62 22.38 8.60
C ASN A 91 -32.96 22.22 9.33
N LYS A 92 -33.07 21.23 10.18
CA LYS A 92 -34.35 21.00 10.92
C LYS A 92 -34.37 21.84 12.20
N TRP A 93 -35.53 22.37 12.55
CA TRP A 93 -35.63 23.21 13.79
C TRP A 93 -35.36 22.35 15.04
N SER A 94 -35.76 21.11 15.02
CA SER A 94 -35.55 20.21 16.20
C SER A 94 -34.05 20.01 16.45
N MET A 95 -33.26 19.98 15.41
CA MET A 95 -31.78 19.79 15.57
C MET A 95 -31.06 21.12 15.40
N ASP A 96 -29.95 21.30 16.08
CA ASP A 96 -29.19 22.58 15.97
C ASP A 96 -27.69 22.31 16.10
N GLY B 1 -11.76 -19.71 7.98
CA GLY B 1 -10.32 -19.47 7.71
C GLY B 1 -9.79 -18.43 8.69
N ALA B 2 -10.19 -18.50 9.94
CA ALA B 2 -9.70 -17.52 10.95
C ALA B 2 -8.67 -18.16 11.87
N THR B 3 -7.72 -17.40 12.35
CA THR B 3 -6.68 -17.95 13.26
C THR B 3 -6.82 -17.33 14.66
N THR B 4 -6.80 -18.15 15.69
CA THR B 4 -6.93 -17.62 17.08
C THR B 4 -5.67 -16.82 17.46
N LYS B 5 -4.51 -17.31 17.11
CA LYS B 5 -3.25 -16.60 17.46
C LYS B 5 -2.33 -16.52 16.24
N GLU B 6 -1.59 -15.44 16.10
CA GLU B 6 -0.65 -15.31 14.94
C GLU B 6 0.80 -15.32 15.45
N LYS B 7 1.65 -16.08 14.80
CA LYS B 7 3.09 -16.14 15.22
C LYS B 7 3.89 -15.05 14.51
N ASN B 8 3.53 -14.73 13.30
CA ASN B 8 4.27 -13.67 12.53
C ASN B 8 4.08 -12.30 13.20
N ILE B 9 2.91 -12.06 13.75
CA ILE B 9 2.61 -10.74 14.41
C ILE B 9 2.77 -9.58 13.41
N SER B 10 2.25 -8.43 13.73
CA SER B 10 2.36 -7.25 12.82
C SER B 10 3.06 -6.09 13.53
N VAL B 11 3.78 -5.28 12.80
CA VAL B 11 4.53 -4.13 13.43
C VAL B 11 4.68 -2.99 12.41
N ASP B 12 5.49 -2.00 12.74
CA ASP B 12 5.74 -0.85 11.81
C ASP B 12 4.42 -0.19 11.36
N VAL B 13 3.51 0.02 12.29
CA VAL B 13 2.21 0.70 11.97
C VAL B 13 1.43 -0.07 10.88
N ASP B 14 0.16 0.24 10.71
CA ASP B 14 -0.67 -0.44 9.66
C ASP B 14 -0.60 -1.97 9.81
N ALA B 15 -0.79 -2.46 11.01
CA ALA B 15 -0.70 -3.93 11.26
C ALA B 15 -1.86 -4.65 10.57
N ASP B 16 -3.07 -4.15 10.73
CA ASP B 16 -4.26 -4.83 10.11
C ASP B 16 -4.28 -4.57 8.59
N ALA B 17 -3.86 -3.41 8.18
CA ALA B 17 -3.86 -3.08 6.71
C ALA B 17 -2.91 -4.01 5.95
N SER B 18 -1.71 -4.21 6.48
CA SER B 18 -0.74 -5.16 5.84
C SER B 18 -1.37 -6.54 5.66
N SER B 19 -2.18 -6.95 6.60
CA SER B 19 -2.84 -8.30 6.51
C SER B 19 -3.85 -8.32 5.37
N GLN B 20 -4.51 -7.22 5.11
CA GLN B 20 -5.56 -7.18 4.04
C GLN B 20 -4.93 -7.47 2.67
N LEU B 21 -3.74 -6.97 2.43
CA LEU B 21 -3.07 -7.22 1.12
C LEU B 21 -2.68 -8.68 0.98
N LEU B 22 -2.15 -9.26 2.04
CA LEU B 22 -1.79 -10.71 2.00
C LEU B 22 -3.05 -11.57 1.96
N SER B 23 -4.06 -11.20 2.71
CA SER B 23 -5.35 -11.96 2.67
C SER B 23 -5.99 -11.87 1.28
N LEU B 24 -5.85 -10.74 0.62
CA LEU B 24 -6.43 -10.60 -0.76
C LEU B 24 -5.72 -11.54 -1.74
N LEU B 25 -4.42 -11.65 -1.64
CA LEU B 25 -3.65 -12.58 -2.54
C LEU B 25 -4.10 -14.02 -2.32
N LYS B 26 -4.41 -14.39 -1.10
CA LYS B 26 -4.85 -15.79 -0.81
C LYS B 26 -6.29 -15.98 -1.27
N SER B 27 -7.16 -15.05 -0.96
CA SER B 27 -8.58 -15.14 -1.41
C SER B 27 -8.73 -14.66 -2.86
N SER B 28 -8.03 -15.29 -3.78
CA SER B 28 -8.09 -14.85 -5.21
C SER B 28 -9.09 -15.71 -5.98
N THR B 29 -8.83 -16.99 -6.12
CA THR B 29 -9.75 -17.89 -6.88
C THR B 29 -10.81 -18.47 -5.94
N ALA B 30 -10.45 -18.71 -4.69
CA ALA B 30 -11.41 -19.32 -3.71
C ALA B 30 -12.11 -20.57 -4.30
N PRO B 31 -11.32 -21.59 -4.60
CA PRO B 31 -11.88 -22.83 -5.20
C PRO B 31 -12.75 -23.56 -4.18
N SER B 32 -13.77 -24.25 -4.63
CA SER B 32 -14.66 -25.01 -3.70
C SER B 32 -14.21 -26.47 -3.57
N ASP B 33 -12.99 -26.78 -3.94
CA ASP B 33 -12.49 -28.18 -3.85
C ASP B 33 -11.61 -28.35 -2.59
N LEU B 34 -11.91 -27.61 -1.55
CA LEU B 34 -11.08 -27.67 -0.28
C LEU B 34 -9.62 -27.28 -0.56
N ALA B 35 -8.82 -28.20 -1.08
CA ALA B 35 -7.38 -27.89 -1.33
C ALA B 35 -6.76 -28.97 -2.22
N THR B 36 -5.66 -28.66 -2.86
CA THR B 36 -4.97 -29.67 -3.73
C THR B 36 -3.53 -29.88 -3.25
N PRO B 37 -3.37 -30.72 -2.23
CA PRO B 37 -2.02 -30.97 -1.68
C PRO B 37 -1.14 -31.72 -2.70
N GLN B 38 0.14 -31.44 -2.69
CA GLN B 38 1.10 -32.13 -3.64
C GLN B 38 0.60 -32.02 -5.10
N PRO B 39 0.43 -30.79 -5.56
CA PRO B 39 -0.01 -30.57 -6.96
C PRO B 39 1.12 -30.93 -7.92
N SER B 40 0.99 -32.02 -8.63
CA SER B 40 2.06 -32.44 -9.59
C SER B 40 1.46 -32.69 -10.98
N THR B 41 2.18 -32.30 -12.01
CA THR B 41 1.68 -32.52 -13.40
C THR B 41 2.79 -33.10 -14.28
N PHE B 42 2.48 -34.10 -15.07
CA PHE B 42 3.51 -34.71 -15.96
C PHE B 42 2.88 -35.14 -17.30
N PRO B 43 3.70 -35.20 -18.33
CA PRO B 43 3.20 -35.61 -19.67
C PRO B 43 2.82 -37.10 -19.66
N GLN B 44 1.88 -37.50 -20.48
CA GLN B 44 1.48 -38.94 -20.53
C GLN B 44 2.23 -39.65 -21.68
N PRO B 45 2.89 -40.76 -21.37
CA PRO B 45 3.65 -41.49 -22.42
C PRO B 45 2.68 -42.13 -23.43
N PRO B 46 3.16 -42.32 -24.65
CA PRO B 46 2.30 -42.94 -25.70
C PRO B 46 2.03 -44.42 -25.37
N VAL B 47 0.88 -44.91 -25.75
CA VAL B 47 0.54 -46.34 -25.47
C VAL B 47 0.02 -47.02 -26.76
N GLU B 48 0.44 -48.23 -27.02
CA GLU B 48 -0.02 -48.95 -28.24
C GLU B 48 -1.29 -49.75 -27.94
N SER B 49 -1.25 -50.58 -26.92
CA SER B 49 -2.45 -51.41 -26.56
C SER B 49 -2.81 -51.21 -25.10
N HIS B 50 -4.06 -51.36 -24.75
CA HIS B 50 -4.50 -51.19 -23.33
C HIS B 50 -3.86 -52.29 -22.45
N SER B 51 -3.68 -53.46 -22.99
CA SER B 51 -3.07 -54.58 -22.20
C SER B 51 -1.78 -55.05 -22.88
N SER B 52 -0.89 -55.64 -22.12
CA SER B 52 0.40 -56.14 -22.70
C SER B 52 0.30 -57.64 -22.99
N MET A 1 -17.95 -3.52 -0.72
CA MET A 1 -16.79 -4.00 0.09
C MET A 1 -15.81 -4.78 -0.80
N GLY A 2 -14.81 -4.12 -1.34
CA GLY A 2 -13.82 -4.81 -2.21
C GLY A 2 -12.70 -3.84 -2.57
N MET A 3 -11.56 -3.96 -1.94
CA MET A 3 -10.41 -3.06 -2.25
C MET A 3 -9.41 -3.79 -3.16
N SER A 4 -9.13 -3.22 -4.31
CA SER A 4 -8.21 -3.91 -5.27
C SER A 4 -6.81 -3.28 -5.21
N VAL A 5 -5.89 -3.79 -5.99
CA VAL A 5 -4.49 -3.23 -6.00
C VAL A 5 -4.50 -1.79 -6.52
N ALA A 6 -5.45 -1.45 -7.37
CA ALA A 6 -5.52 -0.06 -7.93
C ALA A 6 -5.55 0.97 -6.79
N ASP A 7 -6.12 0.61 -5.68
CA ASP A 7 -6.09 1.51 -4.48
C ASP A 7 -4.66 1.61 -3.93
N PHE A 8 -3.92 0.52 -4.01
CA PHE A 8 -2.50 0.55 -3.51
C PHE A 8 -1.51 0.75 -4.67
N TYR A 9 -1.99 1.07 -5.85
CA TYR A 9 -1.07 1.29 -7.00
C TYR A 9 -0.22 2.55 -6.77
N GLY A 10 1.08 2.44 -6.91
CA GLY A 10 1.98 3.59 -6.59
C GLY A 10 2.25 3.68 -5.08
N SER A 11 1.68 2.80 -4.28
CA SER A 11 1.96 2.82 -2.82
C SER A 11 3.33 2.24 -2.51
N ASN A 12 4.07 2.86 -1.63
CA ASN A 12 5.38 2.29 -1.19
C ASN A 12 5.15 1.27 -0.07
N VAL A 13 5.52 0.04 -0.30
CA VAL A 13 5.33 -1.02 0.74
C VAL A 13 6.52 -1.96 0.74
N GLU A 14 6.70 -2.73 1.80
CA GLU A 14 7.83 -3.71 1.83
C GLU A 14 7.27 -5.14 1.73
N VAL A 15 7.79 -5.92 0.82
CA VAL A 15 7.29 -7.31 0.65
C VAL A 15 8.32 -8.31 1.19
N LEU A 16 7.90 -9.20 2.06
CA LEU A 16 8.82 -10.28 2.53
C LEU A 16 8.58 -11.54 1.69
N LEU A 17 9.63 -12.08 1.11
CA LEU A 17 9.44 -13.21 0.15
C LEU A 17 9.62 -14.57 0.85
N ASN A 18 9.24 -15.63 0.19
CA ASN A 18 9.31 -17.00 0.81
C ASN A 18 10.73 -17.36 1.24
N ASN A 19 11.73 -16.72 0.67
CA ASN A 19 13.14 -17.07 0.98
C ASN A 19 13.69 -16.19 2.13
N ASP A 20 12.81 -15.64 2.95
CA ASP A 20 13.27 -14.85 4.15
C ASP A 20 14.12 -13.65 3.71
N SER A 21 13.91 -13.15 2.52
CA SER A 21 14.59 -11.89 2.09
C SER A 21 13.59 -10.74 2.08
N LYS A 22 14.01 -9.56 2.47
CA LYS A 22 13.07 -8.40 2.55
C LYS A 22 13.36 -7.38 1.47
N ALA A 23 12.34 -6.77 0.92
CA ALA A 23 12.55 -5.69 -0.09
C ALA A 23 11.37 -4.72 -0.07
N ARG A 24 11.57 -3.49 -0.51
CA ARG A 24 10.46 -2.50 -0.55
C ARG A 24 10.56 -1.62 -1.80
N GLY A 25 9.45 -1.10 -2.25
CA GLY A 25 9.47 -0.25 -3.48
C GLY A 25 8.09 0.38 -3.68
N VAL A 26 7.97 1.31 -4.60
CA VAL A 26 6.63 1.91 -4.89
C VAL A 26 5.98 1.16 -6.06
N ILE A 27 4.77 0.71 -5.88
CA ILE A 27 4.13 -0.20 -6.88
C ILE A 27 4.00 0.50 -8.25
N THR A 28 4.28 -0.22 -9.31
CA THR A 28 4.19 0.38 -10.68
C THR A 28 3.21 -0.40 -11.57
N ASN A 29 2.89 -1.64 -11.24
CA ASN A 29 1.87 -2.38 -12.06
C ASN A 29 1.38 -3.65 -11.36
N PHE A 30 0.21 -4.12 -11.75
CA PHE A 30 -0.31 -5.43 -11.25
C PHE A 30 -1.20 -6.06 -12.32
N ASP A 31 -0.88 -7.26 -12.74
CA ASP A 31 -1.67 -7.92 -13.81
C ASP A 31 -2.67 -8.87 -13.18
N SER A 32 -3.93 -8.80 -13.57
CA SER A 32 -4.97 -9.65 -12.92
C SER A 32 -4.78 -11.12 -13.29
N SER A 33 -4.68 -11.41 -14.57
CA SER A 33 -4.61 -12.84 -15.02
C SER A 33 -3.39 -13.55 -14.41
N ASN A 34 -2.27 -12.87 -14.37
CA ASN A 34 -1.02 -13.53 -13.85
C ASN A 34 -0.68 -13.03 -12.43
N SER A 35 -1.35 -12.00 -11.93
CA SER A 35 -0.98 -11.39 -10.61
C SER A 35 0.52 -11.09 -10.55
N ILE A 36 0.98 -10.15 -11.34
CA ILE A 36 2.45 -9.85 -11.41
C ILE A 36 2.69 -8.40 -11.02
N LEU A 37 3.54 -8.16 -10.05
CA LEU A 37 3.67 -6.80 -9.46
C LEU A 37 5.06 -6.22 -9.73
N GLN A 38 5.11 -5.11 -10.41
CA GLN A 38 6.39 -4.37 -10.55
C GLN A 38 6.53 -3.37 -9.43
N LEU A 39 7.67 -3.33 -8.78
CA LEU A 39 7.90 -2.29 -7.73
C LEU A 39 9.06 -1.38 -8.12
N ARG A 40 8.82 -0.10 -8.18
CA ARG A 40 9.94 0.87 -8.43
C ARG A 40 10.29 1.62 -7.15
N LEU A 41 11.40 1.29 -6.53
CA LEU A 41 11.78 1.93 -5.24
C LEU A 41 12.48 3.27 -5.47
N ALA A 42 12.44 4.15 -4.49
CA ALA A 42 12.91 5.57 -4.69
C ALA A 42 14.43 5.64 -4.93
N ASN A 43 15.14 4.54 -4.85
CA ASN A 43 16.59 4.55 -5.21
C ASN A 43 16.79 4.33 -6.72
N ASP A 44 15.84 4.75 -7.54
CA ASP A 44 16.01 4.67 -9.04
C ASP A 44 16.19 3.20 -9.47
N SER A 45 15.59 2.27 -8.76
CA SER A 45 15.68 0.84 -9.17
C SER A 45 14.29 0.24 -9.30
N THR A 46 14.06 -0.56 -10.32
CA THR A 46 12.71 -1.18 -10.52
C THR A 46 12.86 -2.69 -10.71
N LYS A 47 11.88 -3.45 -10.29
CA LYS A 47 11.97 -4.94 -10.41
C LYS A 47 10.58 -5.55 -10.57
N SER A 48 10.44 -6.48 -11.47
CA SER A 48 9.13 -7.19 -11.65
C SER A 48 9.11 -8.47 -10.82
N ILE A 49 8.17 -8.61 -9.92
CA ILE A 49 8.08 -9.83 -9.07
C ILE A 49 6.66 -10.39 -9.11
N VAL A 50 6.53 -11.69 -9.27
CA VAL A 50 5.16 -12.30 -9.30
C VAL A 50 4.67 -12.50 -7.86
N THR A 51 3.49 -12.03 -7.55
CA THR A 51 3.03 -11.97 -6.11
C THR A 51 3.02 -13.36 -5.47
N LYS A 52 2.90 -14.40 -6.25
CA LYS A 52 2.81 -15.79 -5.68
C LYS A 52 4.03 -16.10 -4.81
N ASP A 53 5.15 -15.45 -5.07
CA ASP A 53 6.35 -15.67 -4.20
C ASP A 53 6.31 -14.77 -2.95
N ILE A 54 5.23 -14.04 -2.74
CA ILE A 54 5.11 -13.22 -1.49
C ILE A 54 4.80 -14.13 -0.30
N LYS A 55 5.59 -14.03 0.74
CA LYS A 55 5.25 -14.72 2.03
C LYS A 55 4.48 -13.76 2.94
N ASP A 56 4.74 -12.48 2.83
CA ASP A 56 4.06 -11.48 3.72
C ASP A 56 4.20 -10.07 3.14
N LEU A 57 3.29 -9.19 3.47
CA LEU A 57 3.34 -7.79 2.93
C LEU A 57 3.13 -6.78 4.06
N ARG A 58 3.70 -5.60 3.93
CA ARG A 58 3.45 -4.52 4.93
C ARG A 58 3.63 -3.15 4.26
N ILE A 59 2.81 -2.19 4.60
CA ILE A 59 3.02 -0.81 4.07
C ILE A 59 4.02 -0.06 4.96
N LEU A 60 4.99 0.60 4.35
CA LEU A 60 6.01 1.34 5.16
C LEU A 60 5.46 2.72 5.58
N PRO A 61 6.11 3.32 6.56
CA PRO A 61 5.63 4.63 7.09
C PRO A 61 5.64 5.71 6.01
N LYS A 62 6.80 6.02 5.48
CA LYS A 62 6.95 7.10 4.44
C LYS A 62 6.45 8.46 4.99
N ASN A 63 5.14 8.67 5.03
CA ASN A 63 4.58 9.96 5.55
C ASN A 63 5.20 11.16 4.82
N GLU A 64 5.26 11.11 3.51
CA GLU A 64 5.84 12.24 2.74
C GLU A 64 4.75 13.23 2.34
N ILE A 65 4.93 14.50 2.62
CA ILE A 65 3.90 15.53 2.28
C ILE A 65 3.82 15.70 0.75
N MET A 66 4.96 15.58 0.08
CA MET A 66 5.01 15.77 -1.42
C MET A 66 4.50 17.17 -1.82
N PRO A 67 4.86 17.59 -3.02
CA PRO A 67 4.41 18.93 -3.51
C PRO A 67 2.91 18.91 -3.84
N LYS A 68 2.08 18.75 -2.84
CA LYS A 68 0.60 18.73 -3.07
C LYS A 68 -0.13 19.29 -1.85
N ASN A 69 -0.97 20.27 -2.05
CA ASN A 69 -1.75 20.86 -0.91
C ASN A 69 -3.21 21.04 -1.31
N GLY A 70 -3.48 21.87 -2.29
CA GLY A 70 -4.88 22.08 -2.74
C GLY A 70 -4.88 22.61 -4.18
N THR A 71 -4.09 23.63 -4.45
CA THR A 71 -4.00 24.19 -5.83
C THR A 71 -2.54 24.47 -6.21
N LYS A 72 -2.26 24.55 -7.49
CA LYS A 72 -0.85 24.83 -7.92
C LYS A 72 -0.64 26.34 -8.08
N SER A 73 0.45 26.85 -7.57
CA SER A 73 0.71 28.32 -7.65
C SER A 73 1.34 28.66 -9.02
N PRO A 74 1.15 29.89 -9.45
CA PRO A 74 1.72 30.33 -10.76
C PRO A 74 3.25 30.37 -10.71
N SER A 75 3.89 30.12 -11.82
CA SER A 75 5.38 30.16 -11.85
C SER A 75 5.88 31.55 -12.23
N THR A 76 7.12 31.86 -11.95
CA THR A 76 7.66 33.21 -12.26
C THR A 76 8.96 33.10 -13.08
N ASN A 77 9.82 32.18 -12.73
CA ASN A 77 11.11 32.02 -13.48
C ASN A 77 10.94 30.94 -14.56
N SER A 78 11.57 31.14 -15.70
CA SER A 78 11.45 30.14 -16.81
C SER A 78 12.81 29.45 -17.03
N THR A 79 12.78 28.23 -17.50
CA THR A 79 14.06 27.49 -17.74
C THR A 79 14.72 27.97 -19.04
N LYS A 80 13.92 28.34 -20.01
CA LYS A 80 14.50 28.81 -21.31
C LYS A 80 13.48 29.70 -22.05
N LEU A 81 12.83 30.60 -21.35
CA LEU A 81 11.81 31.51 -21.97
C LEU A 81 10.77 30.69 -22.75
N LYS A 82 9.90 31.37 -23.48
CA LYS A 82 8.85 30.64 -24.26
C LYS A 82 8.81 31.16 -25.70
N SER A 83 8.71 30.27 -26.66
CA SER A 83 8.66 30.71 -28.09
C SER A 83 7.34 30.26 -28.74
N ALA A 84 6.89 30.94 -29.75
CA ALA A 84 5.62 30.57 -30.42
C ALA A 84 5.83 30.33 -31.92
N GLU A 85 6.57 31.21 -32.57
CA GLU A 85 6.82 31.07 -34.03
C GLU A 85 8.24 30.56 -34.28
N THR A 86 8.48 29.95 -35.42
CA THR A 86 9.84 29.44 -35.73
C THR A 86 10.69 30.55 -36.35
N TYR A 87 11.91 30.69 -35.91
CA TYR A 87 12.80 31.78 -36.44
C TYR A 87 14.27 31.34 -36.42
N SER A 88 15.10 32.00 -37.20
CA SER A 88 16.56 31.67 -37.20
C SER A 88 17.25 32.44 -36.06
N SER A 89 16.82 33.65 -35.80
CA SER A 89 17.42 34.45 -34.70
C SER A 89 16.39 35.41 -34.11
N LYS A 90 16.64 35.92 -32.93
CA LYS A 90 15.67 36.86 -32.29
C LYS A 90 16.12 38.31 -32.48
N ASN A 91 15.28 39.14 -33.04
CA ASN A 91 15.63 40.59 -33.20
C ASN A 91 14.47 41.48 -32.76
N LYS A 92 13.65 41.00 -31.83
CA LYS A 92 12.49 41.81 -31.36
C LYS A 92 12.34 41.67 -29.84
N TRP A 93 11.84 42.69 -29.19
CA TRP A 93 11.66 42.63 -27.71
C TRP A 93 10.44 43.46 -27.29
N SER A 94 9.43 43.52 -28.13
CA SER A 94 8.21 44.31 -27.79
C SER A 94 6.95 43.46 -27.99
N MET A 95 5.90 43.76 -27.26
CA MET A 95 4.63 42.98 -27.40
C MET A 95 4.01 43.22 -28.79
N ASP A 96 4.14 44.42 -29.30
CA ASP A 96 3.56 44.74 -30.64
C ASP A 96 4.57 45.52 -31.49
N GLY B 1 -18.92 18.98 18.20
CA GLY B 1 -17.85 18.30 17.43
C GLY B 1 -18.07 16.79 17.46
N ALA B 2 -18.12 16.16 16.31
CA ALA B 2 -18.36 14.67 16.27
C ALA B 2 -17.14 13.93 16.84
N THR B 3 -15.95 14.42 16.56
CA THR B 3 -14.72 13.76 17.08
C THR B 3 -13.86 14.76 17.86
N THR B 4 -13.45 14.42 19.05
CA THR B 4 -12.62 15.35 19.88
C THR B 4 -11.22 15.49 19.28
N LYS B 5 -10.65 14.40 18.82
CA LYS B 5 -9.26 14.43 18.26
C LYS B 5 -9.28 14.02 16.78
N GLU B 6 -8.28 14.43 16.04
CA GLU B 6 -8.24 14.09 14.58
C GLU B 6 -7.41 12.81 14.36
N LYS B 7 -7.89 11.69 14.84
CA LYS B 7 -7.17 10.38 14.67
C LYS B 7 -5.72 10.49 15.17
N ASN B 8 -5.49 10.10 16.40
CA ASN B 8 -4.11 10.19 16.98
C ASN B 8 -3.24 9.02 16.47
N ILE B 9 -2.02 8.94 16.93
CA ILE B 9 -1.08 7.84 16.49
C ILE B 9 -0.86 7.88 14.96
N SER B 10 -1.78 7.32 14.20
CA SER B 10 -1.59 7.26 12.71
C SER B 10 -2.63 8.15 12.03
N VAL B 11 -2.25 8.80 10.94
CA VAL B 11 -3.22 9.67 10.19
C VAL B 11 -4.00 8.81 9.19
N ASP B 12 -3.39 7.78 8.66
CA ASP B 12 -4.11 6.89 7.69
C ASP B 12 -3.38 5.56 7.58
N VAL B 13 -4.02 4.56 7.01
CA VAL B 13 -3.41 3.18 6.90
C VAL B 13 -3.03 2.64 8.29
N ASP B 14 -2.80 1.35 8.39
CA ASP B 14 -2.47 0.73 9.71
C ASP B 14 -1.71 -0.59 9.50
N ALA B 15 -1.12 -1.10 10.55
CA ALA B 15 -0.37 -2.40 10.43
C ALA B 15 -1.33 -3.56 10.11
N ASP B 16 -2.55 -3.46 10.56
CA ASP B 16 -3.55 -4.56 10.28
C ASP B 16 -3.95 -4.55 8.81
N ALA B 17 -3.92 -3.40 8.17
CA ALA B 17 -4.27 -3.33 6.71
C ALA B 17 -3.26 -4.13 5.89
N SER B 18 -2.03 -4.23 6.36
CA SER B 18 -1.01 -5.07 5.65
C SER B 18 -1.51 -6.50 5.46
N SER B 19 -2.27 -6.99 6.42
CA SER B 19 -2.83 -8.37 6.32
C SER B 19 -3.87 -8.45 5.20
N GLN B 20 -4.58 -7.36 4.96
CA GLN B 20 -5.63 -7.36 3.89
C GLN B 20 -5.00 -7.59 2.51
N LEU B 21 -3.84 -7.03 2.28
CA LEU B 21 -3.16 -7.21 0.96
C LEU B 21 -2.66 -8.66 0.81
N LEU B 22 -2.06 -9.19 1.85
CA LEU B 22 -1.59 -10.61 1.79
C LEU B 22 -2.79 -11.57 1.75
N SER B 23 -3.82 -11.25 2.51
CA SER B 23 -5.06 -12.09 2.50
C SER B 23 -5.71 -12.08 1.11
N LEU B 24 -5.64 -10.96 0.42
CA LEU B 24 -6.24 -10.89 -0.96
C LEU B 24 -5.50 -11.82 -1.91
N LEU B 25 -4.19 -11.86 -1.83
CA LEU B 25 -3.40 -12.78 -2.71
C LEU B 25 -3.76 -14.24 -2.43
N LYS B 26 -3.99 -14.57 -1.18
CA LYS B 26 -4.37 -15.98 -0.82
C LYS B 26 -5.83 -16.24 -1.19
N SER B 27 -6.67 -15.24 -1.08
CA SER B 27 -8.12 -15.42 -1.42
C SER B 27 -8.32 -15.39 -2.94
N SER B 28 -9.46 -15.84 -3.40
CA SER B 28 -9.73 -15.86 -4.87
C SER B 28 -10.04 -14.44 -5.37
N THR B 29 -10.02 -14.24 -6.67
CA THR B 29 -10.31 -12.88 -7.22
C THR B 29 -11.55 -12.94 -8.13
N ALA B 30 -12.07 -11.79 -8.52
CA ALA B 30 -13.29 -11.74 -9.38
C ALA B 30 -14.41 -12.64 -8.81
N PRO B 31 -15.22 -12.07 -7.93
CA PRO B 31 -16.34 -12.85 -7.32
C PRO B 31 -17.35 -13.30 -8.39
N SER B 32 -17.95 -14.45 -8.20
CA SER B 32 -18.94 -14.96 -9.20
C SER B 32 -20.18 -14.05 -9.24
N ASP B 33 -20.51 -13.43 -8.14
CA ASP B 33 -21.71 -12.53 -8.10
C ASP B 33 -21.53 -11.34 -9.05
N LEU B 34 -20.31 -10.88 -9.22
CA LEU B 34 -20.03 -9.72 -10.13
C LEU B 34 -20.93 -8.53 -9.79
N ALA B 35 -20.96 -7.53 -10.65
CA ALA B 35 -21.80 -6.32 -10.38
C ALA B 35 -21.95 -5.49 -11.66
N THR B 36 -22.89 -4.57 -11.69
CA THR B 36 -23.10 -3.74 -12.89
C THR B 36 -22.84 -2.25 -12.58
N PRO B 37 -21.60 -1.84 -12.70
CA PRO B 37 -21.22 -0.43 -12.43
C PRO B 37 -21.87 0.51 -13.46
N GLN B 38 -22.09 0.03 -14.66
CA GLN B 38 -22.71 0.89 -15.73
C GLN B 38 -24.15 1.28 -15.34
N PRO B 39 -24.63 2.36 -15.92
CA PRO B 39 -26.01 2.85 -15.61
C PRO B 39 -27.04 1.84 -16.13
N SER B 40 -28.25 1.92 -15.62
CA SER B 40 -29.32 0.97 -16.07
C SER B 40 -30.19 1.63 -17.14
N THR B 41 -30.76 0.84 -18.02
CA THR B 41 -31.62 1.41 -19.10
C THR B 41 -33.03 1.69 -18.58
N PHE B 42 -33.77 2.53 -19.27
CA PHE B 42 -35.15 2.87 -18.81
C PHE B 42 -36.09 3.00 -20.03
N PRO B 43 -37.34 2.58 -19.86
CA PRO B 43 -38.31 2.64 -20.99
C PRO B 43 -38.55 4.09 -21.41
N GLN B 44 -38.86 4.95 -20.47
CA GLN B 44 -39.10 6.39 -20.80
C GLN B 44 -37.75 7.12 -20.97
N PRO B 45 -37.79 8.28 -21.60
CA PRO B 45 -36.53 9.04 -21.84
C PRO B 45 -35.89 9.46 -20.50
N PRO B 46 -34.57 9.62 -20.50
CA PRO B 46 -33.86 10.02 -19.26
C PRO B 46 -34.21 11.45 -18.88
N VAL B 47 -33.98 11.82 -17.65
CA VAL B 47 -34.28 13.23 -17.21
C VAL B 47 -32.99 14.06 -17.19
N GLU B 48 -33.05 15.26 -17.70
CA GLU B 48 -31.82 16.12 -17.74
C GLU B 48 -31.32 16.43 -16.32
N SER B 49 -30.02 16.35 -16.10
CA SER B 49 -29.46 16.63 -14.75
C SER B 49 -28.29 17.62 -14.87
N HIS B 50 -28.06 18.42 -13.85
CA HIS B 50 -26.94 19.39 -13.89
C HIS B 50 -25.85 19.00 -12.88
N SER B 51 -24.61 19.06 -13.29
CA SER B 51 -23.49 18.69 -12.35
C SER B 51 -23.41 19.69 -11.20
N SER B 52 -23.71 20.94 -11.46
CA SER B 52 -23.66 21.97 -10.38
C SER B 52 -24.78 22.99 -10.56
N MET A 1 -18.41 -2.49 0.19
CA MET A 1 -17.44 -2.48 -0.94
C MET A 1 -16.02 -2.71 -0.42
N GLY A 2 -15.32 -3.70 -0.94
CA GLY A 2 -13.94 -3.97 -0.49
C GLY A 2 -12.96 -3.06 -1.24
N MET A 3 -11.68 -3.21 -1.00
CA MET A 3 -10.67 -2.35 -1.69
C MET A 3 -9.83 -3.20 -2.65
N SER A 4 -9.51 -2.66 -3.81
CA SER A 4 -8.69 -3.42 -4.80
C SER A 4 -7.24 -2.94 -4.75
N VAL A 5 -6.34 -3.68 -5.36
CA VAL A 5 -4.90 -3.27 -5.35
C VAL A 5 -4.70 -1.98 -6.14
N ALA A 6 -5.55 -1.71 -7.12
CA ALA A 6 -5.40 -0.47 -7.95
C ALA A 6 -5.37 0.77 -7.04
N ASP A 7 -6.05 0.71 -5.93
CA ASP A 7 -5.99 1.84 -4.94
C ASP A 7 -4.60 1.90 -4.29
N PHE A 8 -3.94 0.77 -4.16
CA PHE A 8 -2.59 0.74 -3.51
C PHE A 8 -1.47 0.80 -4.55
N TYR A 9 -1.78 1.08 -5.79
CA TYR A 9 -0.69 1.29 -6.81
C TYR A 9 0.09 2.57 -6.50
N GLY A 10 1.40 2.53 -6.61
CA GLY A 10 2.24 3.71 -6.28
C GLY A 10 2.51 3.76 -4.76
N SER A 11 1.99 2.82 -4.00
CA SER A 11 2.27 2.81 -2.52
C SER A 11 3.67 2.26 -2.25
N ASN A 12 4.40 2.88 -1.36
CA ASN A 12 5.72 2.30 -0.94
C ASN A 12 5.50 1.27 0.16
N VAL A 13 5.85 0.04 -0.10
CA VAL A 13 5.64 -1.05 0.90
C VAL A 13 6.80 -2.02 0.85
N GLU A 14 6.97 -2.84 1.87
CA GLU A 14 8.06 -3.85 1.84
C GLU A 14 7.45 -5.25 1.69
N VAL A 15 7.95 -6.03 0.77
CA VAL A 15 7.41 -7.40 0.55
C VAL A 15 8.40 -8.44 1.08
N LEU A 16 7.96 -9.33 1.93
CA LEU A 16 8.86 -10.41 2.42
C LEU A 16 8.62 -11.68 1.58
N LEU A 17 9.68 -12.28 1.10
CA LEU A 17 9.53 -13.44 0.16
C LEU A 17 9.66 -14.77 0.91
N ASN A 18 9.15 -15.83 0.32
CA ASN A 18 9.20 -17.18 1.00
C ASN A 18 10.64 -17.60 1.31
N ASN A 19 11.61 -17.05 0.63
CA ASN A 19 13.04 -17.45 0.85
C ASN A 19 13.72 -16.54 1.89
N ASP A 20 12.94 -15.92 2.76
CA ASP A 20 13.52 -15.09 3.88
C ASP A 20 14.37 -13.95 3.31
N SER A 21 14.07 -13.48 2.12
CA SER A 21 14.73 -12.26 1.58
C SER A 21 13.77 -11.07 1.68
N LYS A 22 14.29 -9.92 2.01
CA LYS A 22 13.39 -8.73 2.21
C LYS A 22 13.60 -7.72 1.08
N ALA A 23 12.53 -7.07 0.65
CA ALA A 23 12.66 -6.01 -0.40
C ALA A 23 11.53 -4.99 -0.26
N ARG A 24 11.76 -3.78 -0.71
CA ARG A 24 10.68 -2.74 -0.66
C ARG A 24 10.75 -1.84 -1.89
N GLY A 25 9.64 -1.23 -2.27
CA GLY A 25 9.63 -0.36 -3.47
C GLY A 25 8.28 0.36 -3.56
N VAL A 26 8.15 1.31 -4.45
CA VAL A 26 6.82 1.97 -4.67
C VAL A 26 6.10 1.26 -5.83
N ILE A 27 4.95 0.70 -5.55
CA ILE A 27 4.31 -0.25 -6.53
C ILE A 27 3.96 0.49 -7.84
N THR A 28 4.10 -0.18 -8.96
CA THR A 28 3.79 0.45 -10.28
C THR A 28 2.69 -0.33 -11.02
N ASN A 29 2.54 -1.62 -10.77
CA ASN A 29 1.48 -2.38 -11.51
C ASN A 29 1.17 -3.72 -10.83
N PHE A 30 0.01 -4.27 -11.13
CA PHE A 30 -0.31 -5.68 -10.71
C PHE A 30 -1.27 -6.30 -11.74
N ASP A 31 -0.95 -7.46 -12.24
CA ASP A 31 -1.83 -8.14 -13.23
C ASP A 31 -2.69 -9.17 -12.51
N SER A 32 -3.97 -9.16 -12.75
CA SER A 32 -4.88 -10.09 -11.99
C SER A 32 -4.66 -11.53 -12.44
N SER A 33 -4.72 -11.79 -13.73
CA SER A 33 -4.61 -13.20 -14.23
C SER A 33 -3.26 -13.82 -13.85
N ASN A 34 -2.21 -13.05 -13.93
CA ASN A 34 -0.85 -13.60 -13.63
C ASN A 34 -0.35 -13.16 -12.24
N SER A 35 -1.03 -12.25 -11.59
CA SER A 35 -0.55 -11.69 -10.27
C SER A 35 0.94 -11.30 -10.35
N ILE A 36 1.25 -10.29 -11.14
CA ILE A 36 2.68 -9.90 -11.32
C ILE A 36 2.85 -8.42 -10.93
N LEU A 37 3.76 -8.14 -10.03
CA LEU A 37 3.84 -6.77 -9.43
C LEU A 37 5.16 -6.10 -9.80
N GLN A 38 5.06 -4.95 -10.43
CA GLN A 38 6.27 -4.11 -10.65
C GLN A 38 6.45 -3.15 -9.49
N LEU A 39 7.67 -2.91 -9.07
CA LEU A 39 7.92 -1.96 -7.95
C LEU A 39 9.06 -1.01 -8.32
N ARG A 40 8.81 0.28 -8.27
CA ARG A 40 9.91 1.26 -8.48
C ARG A 40 10.35 1.86 -7.14
N LEU A 41 11.49 1.44 -6.63
CA LEU A 41 11.96 1.93 -5.31
C LEU A 41 12.69 3.28 -5.46
N ALA A 42 12.76 4.05 -4.40
CA ALA A 42 13.28 5.46 -4.49
C ALA A 42 14.77 5.51 -4.85
N ASN A 43 15.42 4.37 -4.97
CA ASN A 43 16.83 4.37 -5.48
C ASN A 43 16.86 4.35 -7.02
N ASP A 44 15.85 4.91 -7.67
CA ASP A 44 15.87 5.05 -9.17
C ASP A 44 15.98 3.68 -9.84
N SER A 45 15.45 2.64 -9.21
CA SER A 45 15.51 1.29 -9.83
C SER A 45 14.11 0.67 -9.94
N THR A 46 13.82 0.04 -11.05
CA THR A 46 12.51 -0.69 -11.18
C THR A 46 12.75 -2.20 -11.03
N LYS A 47 11.75 -2.91 -10.54
CA LYS A 47 11.91 -4.39 -10.38
C LYS A 47 10.56 -5.10 -10.56
N SER A 48 10.50 -6.03 -11.49
CA SER A 48 9.25 -6.81 -11.70
C SER A 48 9.32 -8.15 -10.96
N ILE A 49 8.43 -8.37 -10.01
CA ILE A 49 8.44 -9.65 -9.25
C ILE A 49 7.03 -10.25 -9.26
N VAL A 50 6.93 -11.55 -9.41
CA VAL A 50 5.58 -12.20 -9.39
C VAL A 50 5.13 -12.40 -7.93
N THR A 51 3.94 -11.94 -7.60
CA THR A 51 3.51 -11.91 -6.17
C THR A 51 3.48 -13.32 -5.55
N LYS A 52 3.28 -14.33 -6.35
CA LYS A 52 3.10 -15.72 -5.80
C LYS A 52 4.32 -16.14 -4.97
N ASP A 53 5.47 -15.58 -5.24
CA ASP A 53 6.66 -15.91 -4.40
C ASP A 53 6.68 -15.08 -3.11
N ILE A 54 5.72 -14.21 -2.90
CA ILE A 54 5.67 -13.42 -1.63
C ILE A 54 5.07 -14.27 -0.51
N LYS A 55 5.70 -14.27 0.64
CA LYS A 55 5.09 -14.92 1.84
C LYS A 55 4.27 -13.89 2.64
N ASP A 56 4.64 -12.62 2.56
CA ASP A 56 3.94 -11.57 3.38
C ASP A 56 4.25 -10.18 2.84
N LEU A 57 3.38 -9.23 3.09
CA LEU A 57 3.62 -7.83 2.64
C LEU A 57 3.34 -6.85 3.79
N ARG A 58 3.95 -5.68 3.74
CA ARG A 58 3.66 -4.63 4.77
C ARG A 58 3.89 -3.24 4.18
N ILE A 59 3.14 -2.26 4.63
CA ILE A 59 3.43 -0.86 4.21
C ILE A 59 4.50 -0.24 5.12
N LEU A 60 5.49 0.40 4.54
CA LEU A 60 6.59 0.99 5.37
C LEU A 60 6.15 2.36 5.93
N PRO A 61 6.65 2.71 7.10
CA PRO A 61 6.27 4.00 7.73
C PRO A 61 6.86 5.17 6.95
N LYS A 62 8.03 4.99 6.38
CA LYS A 62 8.68 6.09 5.60
C LYS A 62 8.52 5.86 4.10
N ASN A 63 8.25 6.89 3.35
CA ASN A 63 8.10 6.74 1.87
C ASN A 63 9.42 7.02 1.17
N GLU A 64 9.93 8.22 1.30
CA GLU A 64 11.23 8.57 0.63
C GLU A 64 12.26 9.03 1.67
N ILE A 65 13.48 8.58 1.54
CA ILE A 65 14.56 8.99 2.51
C ILE A 65 15.77 9.52 1.74
N MET A 66 16.60 10.30 2.39
CA MET A 66 17.81 10.86 1.71
C MET A 66 18.84 11.38 2.74
N PRO A 67 18.43 12.29 3.61
CA PRO A 67 19.38 12.85 4.62
C PRO A 67 19.92 11.74 5.52
N LYS A 68 21.22 11.63 5.65
CA LYS A 68 21.82 10.59 6.55
C LYS A 68 23.08 11.14 7.23
N ASN A 69 23.10 11.15 8.54
CA ASN A 69 24.27 11.72 9.27
C ASN A 69 25.19 10.61 9.78
N GLY A 70 24.63 9.52 10.23
CA GLY A 70 25.46 8.41 10.80
C GLY A 70 26.31 7.79 9.69
N THR A 71 25.73 7.56 8.54
CA THR A 71 26.48 6.91 7.39
C THR A 71 27.08 5.57 7.82
N LYS A 72 26.39 4.85 8.70
CA LYS A 72 26.89 3.51 9.13
C LYS A 72 25.99 2.41 8.54
N SER A 73 26.49 1.20 8.50
CA SER A 73 25.67 0.06 7.95
C SER A 73 24.50 -0.25 8.89
N PRO A 74 23.48 -0.90 8.35
CA PRO A 74 22.28 -1.23 9.17
C PRO A 74 22.66 -2.14 10.36
N SER A 75 23.51 -3.11 10.13
CA SER A 75 23.93 -4.02 11.23
C SER A 75 25.46 -4.16 11.24
N THR A 76 26.05 -4.26 12.41
CA THR A 76 27.53 -4.42 12.50
C THR A 76 27.91 -5.89 12.26
N ASN A 77 27.07 -6.81 12.66
CA ASN A 77 27.36 -8.26 12.45
C ASN A 77 26.65 -8.77 11.20
N SER A 78 27.17 -9.83 10.60
CA SER A 78 26.53 -10.39 9.37
C SER A 78 25.90 -11.74 9.68
N THR A 79 24.86 -12.10 8.95
CA THR A 79 24.17 -13.40 9.19
C THR A 79 23.98 -14.16 7.88
N LYS A 80 23.66 -15.43 7.96
CA LYS A 80 23.47 -16.25 6.71
C LYS A 80 22.04 -16.10 6.19
N LEU A 81 21.88 -15.95 4.90
CA LEU A 81 20.50 -15.81 4.32
C LEU A 81 19.74 -17.13 4.44
N LYS A 82 20.42 -18.24 4.33
CA LYS A 82 19.74 -19.57 4.40
C LYS A 82 19.16 -19.79 5.80
N SER A 83 19.91 -19.48 6.82
CA SER A 83 19.42 -19.68 8.22
C SER A 83 19.73 -18.45 9.08
N ALA A 84 18.89 -18.15 10.04
CA ALA A 84 19.13 -16.97 10.92
C ALA A 84 18.71 -17.29 12.36
N GLU A 85 17.43 -17.54 12.57
CA GLU A 85 16.94 -17.86 13.94
C GLU A 85 17.52 -19.20 14.43
N THR A 86 17.77 -20.11 13.53
CA THR A 86 18.33 -21.45 13.94
C THR A 86 19.80 -21.54 13.55
N TYR A 87 20.61 -22.13 14.40
CA TYR A 87 22.07 -22.27 14.08
C TYR A 87 22.58 -23.64 14.57
N SER A 88 23.76 -24.02 14.14
CA SER A 88 24.34 -25.34 14.56
C SER A 88 25.65 -25.11 15.32
N SER A 89 25.94 -25.97 16.27
CA SER A 89 27.21 -25.82 17.06
C SER A 89 28.34 -26.60 16.39
N LYS A 90 28.05 -27.79 15.92
CA LYS A 90 29.11 -28.62 15.25
C LYS A 90 28.55 -29.22 13.95
N ASN A 91 29.23 -28.98 12.85
CA ASN A 91 28.76 -29.55 11.54
C ASN A 91 29.41 -30.91 11.30
N LYS A 92 30.66 -31.06 11.68
CA LYS A 92 31.37 -32.36 11.45
C LYS A 92 30.73 -33.47 12.30
N TRP A 93 30.35 -33.15 13.52
CA TRP A 93 29.73 -34.19 14.40
C TRP A 93 28.21 -34.19 14.22
N SER A 94 27.58 -33.05 14.44
CA SER A 94 26.08 -32.96 14.30
C SER A 94 25.38 -34.04 15.13
N MET A 95 24.07 -34.12 15.02
CA MET A 95 23.31 -35.15 15.80
C MET A 95 22.58 -36.10 14.85
N ASP A 96 22.34 -37.32 15.27
CA ASP A 96 21.63 -38.34 14.41
C ASP A 96 22.31 -38.45 13.03
N GLY B 1 4.84 4.97 22.12
CA GLY B 1 4.87 5.09 20.62
C GLY B 1 5.10 6.55 20.22
N ALA B 2 5.59 6.77 19.03
CA ALA B 2 5.84 8.17 18.57
C ALA B 2 4.71 8.64 17.65
N THR B 3 3.51 8.17 17.88
CA THR B 3 2.35 8.58 17.02
C THR B 3 1.22 9.11 17.90
N THR B 4 0.26 9.79 17.32
CA THR B 4 -0.88 10.34 18.11
C THR B 4 -2.13 9.47 17.90
N LYS B 5 -3.00 9.41 18.87
CA LYS B 5 -4.24 8.58 18.75
C LYS B 5 -5.42 9.45 18.31
N GLU B 6 -5.46 10.68 18.77
CA GLU B 6 -6.61 11.58 18.41
C GLU B 6 -6.61 11.87 16.91
N LYS B 7 -5.44 12.04 16.33
CA LYS B 7 -5.35 12.35 14.87
C LYS B 7 -4.34 11.42 14.20
N ASN B 8 -4.66 10.94 13.02
CA ASN B 8 -3.71 10.04 12.28
C ASN B 8 -3.52 10.53 10.83
N ILE B 9 -3.60 11.83 10.63
CA ILE B 9 -3.46 12.39 9.24
C ILE B 9 -1.97 12.41 8.84
N SER B 10 -1.09 12.65 9.78
CA SER B 10 0.37 12.71 9.46
C SER B 10 0.87 11.34 8.99
N VAL B 11 0.45 10.29 9.62
CA VAL B 11 0.88 8.92 9.20
C VAL B 11 -0.05 8.39 8.11
N ASP B 12 -1.34 8.42 8.36
CA ASP B 12 -2.35 7.96 7.33
C ASP B 12 -2.02 6.56 6.81
N VAL B 13 -2.21 5.55 7.63
CA VAL B 13 -2.00 4.14 7.17
C VAL B 13 -2.70 3.16 8.12
N ASP B 14 -3.56 2.32 7.59
CA ASP B 14 -4.27 1.31 8.45
C ASP B 14 -3.37 0.09 8.65
N ALA B 15 -3.06 -0.23 9.88
CA ALA B 15 -2.20 -1.43 10.16
C ALA B 15 -2.96 -2.72 9.80
N ASP B 16 -4.25 -2.74 10.04
CA ASP B 16 -5.06 -3.97 9.72
C ASP B 16 -5.24 -4.12 8.20
N ALA B 17 -5.22 -3.01 7.47
CA ALA B 17 -5.40 -3.09 5.98
C ALA B 17 -4.25 -3.88 5.35
N SER B 18 -3.07 -3.78 5.90
CA SER B 18 -1.90 -4.57 5.37
C SER B 18 -2.23 -6.06 5.34
N SER B 19 -2.97 -6.53 6.31
CA SER B 19 -3.35 -7.97 6.35
C SER B 19 -4.35 -8.28 5.22
N GLN B 20 -5.20 -7.34 4.90
CA GLN B 20 -6.21 -7.57 3.81
C GLN B 20 -5.50 -7.76 2.46
N LEU B 21 -4.41 -7.06 2.26
CA LEU B 21 -3.65 -7.21 0.96
C LEU B 21 -3.07 -8.61 0.85
N LEU B 22 -2.52 -9.13 1.93
CA LEU B 22 -1.98 -10.53 1.90
C LEU B 22 -3.14 -11.53 1.80
N SER B 23 -4.25 -11.23 2.43
CA SER B 23 -5.45 -12.13 2.32
C SER B 23 -5.94 -12.20 0.88
N LEU B 24 -5.89 -11.10 0.16
CA LEU B 24 -6.33 -11.10 -1.27
C LEU B 24 -5.41 -12.00 -2.11
N LEU B 25 -4.12 -11.91 -1.89
CA LEU B 25 -3.15 -12.76 -2.65
C LEU B 25 -3.39 -14.25 -2.36
N LYS B 26 -3.82 -14.57 -1.17
CA LYS B 26 -4.03 -16.00 -0.80
C LYS B 26 -5.31 -16.53 -1.45
N SER B 27 -6.34 -15.73 -1.50
CA SER B 27 -7.63 -16.17 -2.13
C SER B 27 -8.51 -14.97 -2.44
N SER B 28 -9.41 -15.11 -3.39
CA SER B 28 -10.32 -13.98 -3.75
C SER B 28 -11.78 -14.41 -3.57
N THR B 29 -12.66 -13.46 -3.33
CA THR B 29 -14.10 -13.81 -3.14
C THR B 29 -14.71 -14.30 -4.46
N ALA B 30 -15.46 -15.37 -4.42
CA ALA B 30 -16.07 -15.96 -5.67
C ALA B 30 -15.00 -16.21 -6.74
N PRO B 31 -15.42 -16.76 -7.87
CA PRO B 31 -14.46 -17.05 -8.98
C PRO B 31 -13.85 -15.75 -9.50
N SER B 32 -12.54 -15.71 -9.67
CA SER B 32 -11.87 -14.49 -10.18
C SER B 32 -11.61 -14.61 -11.68
N ASP B 33 -11.06 -15.73 -12.09
CA ASP B 33 -10.76 -15.94 -13.55
C ASP B 33 -12.07 -16.04 -14.35
N LEU B 34 -13.06 -16.70 -13.80
CA LEU B 34 -14.38 -16.87 -14.51
C LEU B 34 -14.17 -17.41 -15.93
N ALA B 35 -14.18 -18.73 -16.08
CA ALA B 35 -13.95 -19.36 -17.42
C ALA B 35 -12.70 -18.80 -18.10
N THR B 36 -12.49 -19.14 -19.35
CA THR B 36 -11.28 -18.63 -20.09
C THR B 36 -11.72 -17.91 -21.39
N PRO B 37 -12.49 -16.84 -21.22
CA PRO B 37 -12.96 -16.07 -22.39
C PRO B 37 -11.79 -15.36 -23.08
N GLN B 38 -11.88 -15.14 -24.37
CA GLN B 38 -10.77 -14.45 -25.10
C GLN B 38 -10.91 -12.93 -24.94
N PRO B 39 -9.80 -12.22 -25.09
CA PRO B 39 -9.81 -10.74 -24.93
C PRO B 39 -10.64 -10.10 -26.06
N SER B 40 -11.45 -9.11 -25.71
CA SER B 40 -12.28 -8.43 -26.74
C SER B 40 -12.01 -6.92 -26.73
N THR B 41 -12.03 -6.29 -27.87
CA THR B 41 -11.77 -4.82 -27.94
C THR B 41 -12.89 -4.13 -28.73
N PHE B 42 -13.32 -2.97 -28.29
CA PHE B 42 -14.39 -2.22 -29.02
C PHE B 42 -13.93 -0.78 -29.31
N PRO B 43 -14.49 -0.18 -30.33
CA PRO B 43 -14.10 1.21 -30.70
C PRO B 43 -14.57 2.19 -29.64
N GLN B 44 -13.73 3.15 -29.29
CA GLN B 44 -14.10 4.19 -28.27
C GLN B 44 -14.62 3.53 -26.97
N PRO B 45 -13.70 3.25 -26.06
CA PRO B 45 -14.10 2.63 -24.76
C PRO B 45 -14.89 3.65 -23.92
N PRO B 46 -15.73 3.15 -23.03
CA PRO B 46 -16.55 4.05 -22.17
C PRO B 46 -15.66 4.84 -21.21
N VAL B 47 -15.85 6.14 -21.13
CA VAL B 47 -15.02 6.97 -20.21
C VAL B 47 -15.66 7.00 -18.81
N GLU B 48 -16.90 7.41 -18.73
CA GLU B 48 -17.58 7.49 -17.40
C GLU B 48 -18.57 6.33 -17.24
N SER B 49 -19.48 6.19 -18.19
CA SER B 49 -20.51 5.10 -18.11
C SER B 49 -21.28 5.14 -16.78
N HIS B 50 -22.23 4.26 -16.59
CA HIS B 50 -23.03 4.26 -15.33
C HIS B 50 -22.44 3.26 -14.33
N SER B 51 -22.18 2.05 -14.78
CA SER B 51 -21.60 1.02 -13.86
C SER B 51 -20.30 0.46 -14.45
N SER B 52 -19.37 0.07 -13.61
CA SER B 52 -18.06 -0.50 -14.08
C SER B 52 -17.39 0.44 -15.10
N MET A 1 -16.61 -6.80 2.24
CA MET A 1 -16.10 -6.08 1.03
C MET A 1 -14.62 -5.72 1.22
N GLY A 2 -14.06 -4.97 0.30
CA GLY A 2 -12.62 -4.59 0.42
C GLY A 2 -12.26 -3.63 -0.72
N MET A 3 -10.99 -3.30 -0.85
CA MET A 3 -10.56 -2.38 -1.94
C MET A 3 -9.75 -3.14 -2.99
N SER A 4 -9.46 -2.50 -4.10
CA SER A 4 -8.68 -3.18 -5.19
C SER A 4 -7.22 -2.74 -5.15
N VAL A 5 -6.35 -3.47 -5.80
CA VAL A 5 -4.89 -3.10 -5.81
C VAL A 5 -4.69 -1.78 -6.57
N ALA A 6 -5.55 -1.49 -7.52
CA ALA A 6 -5.40 -0.21 -8.30
C ALA A 6 -5.35 1.00 -7.35
N ASP A 7 -6.02 0.90 -6.24
CA ASP A 7 -5.92 1.99 -5.20
C ASP A 7 -4.52 2.01 -4.58
N PHE A 8 -3.88 0.87 -4.50
CA PHE A 8 -2.52 0.79 -3.87
C PHE A 8 -1.40 0.87 -4.92
N TYR A 9 -1.72 1.18 -6.16
CA TYR A 9 -0.64 1.41 -7.18
C TYR A 9 0.16 2.67 -6.83
N GLY A 10 1.47 2.59 -6.88
CA GLY A 10 2.32 3.75 -6.48
C GLY A 10 2.49 3.81 -4.96
N SER A 11 1.93 2.86 -4.23
CA SER A 11 2.14 2.84 -2.75
C SER A 11 3.52 2.27 -2.41
N ASN A 12 4.21 2.88 -1.48
CA ASN A 12 5.52 2.32 -0.99
C ASN A 12 5.25 1.28 0.10
N VAL A 13 5.69 0.07 -0.10
CA VAL A 13 5.44 -1.00 0.91
C VAL A 13 6.66 -1.94 0.97
N GLU A 14 6.78 -2.69 2.05
CA GLU A 14 7.91 -3.67 2.15
C GLU A 14 7.35 -5.09 2.06
N VAL A 15 8.10 -6.00 1.48
CA VAL A 15 7.57 -7.36 1.24
C VAL A 15 8.62 -8.41 1.63
N LEU A 16 8.23 -9.36 2.45
CA LEU A 16 9.13 -10.49 2.79
C LEU A 16 8.80 -11.68 1.89
N LEU A 17 9.79 -12.20 1.19
CA LEU A 17 9.52 -13.28 0.21
C LEU A 17 9.69 -14.67 0.84
N ASN A 18 9.30 -15.70 0.12
CA ASN A 18 9.38 -17.10 0.67
C ASN A 18 10.83 -17.46 1.08
N ASN A 19 11.80 -16.77 0.54
CA ASN A 19 13.23 -17.09 0.86
C ASN A 19 13.73 -16.27 2.06
N ASP A 20 12.82 -15.77 2.90
CA ASP A 20 13.22 -15.04 4.15
C ASP A 20 14.09 -13.83 3.81
N SER A 21 13.90 -13.25 2.63
CA SER A 21 14.61 -11.97 2.30
C SER A 21 13.58 -10.83 2.27
N LYS A 22 13.99 -9.64 2.67
CA LYS A 22 13.04 -8.50 2.72
C LYS A 22 13.37 -7.48 1.63
N ALA A 23 12.36 -6.93 1.00
CA ALA A 23 12.59 -5.88 -0.04
C ALA A 23 11.38 -4.95 -0.14
N ARG A 24 11.60 -3.67 -0.25
CA ARG A 24 10.46 -2.70 -0.34
C ARG A 24 10.59 -1.84 -1.59
N GLY A 25 9.50 -1.27 -2.05
CA GLY A 25 9.55 -0.45 -3.30
C GLY A 25 8.21 0.26 -3.48
N VAL A 26 8.12 1.16 -4.43
CA VAL A 26 6.81 1.82 -4.72
C VAL A 26 6.11 1.07 -5.86
N ILE A 27 4.92 0.59 -5.63
CA ILE A 27 4.26 -0.31 -6.64
C ILE A 27 4.02 0.45 -7.95
N THR A 28 4.20 -0.21 -9.06
CA THR A 28 3.98 0.46 -10.39
C THR A 28 2.90 -0.26 -11.21
N ASN A 29 2.70 -1.56 -11.00
CA ASN A 29 1.65 -2.26 -11.79
C ASN A 29 1.24 -3.60 -11.15
N PHE A 30 0.08 -4.10 -11.53
CA PHE A 30 -0.32 -5.49 -11.15
C PHE A 30 -1.24 -6.06 -12.24
N ASP A 31 -0.91 -7.23 -12.73
CA ASP A 31 -1.73 -7.85 -13.82
C ASP A 31 -2.69 -8.86 -13.20
N SER A 32 -3.96 -8.76 -13.48
CA SER A 32 -4.95 -9.66 -12.82
C SER A 32 -4.73 -11.12 -13.23
N SER A 33 -4.53 -11.37 -14.50
CA SER A 33 -4.45 -12.78 -15.00
C SER A 33 -3.32 -13.56 -14.29
N ASN A 34 -2.15 -12.97 -14.22
CA ASN A 34 -1.00 -13.68 -13.58
C ASN A 34 -0.66 -13.07 -12.20
N SER A 35 -1.35 -12.01 -11.79
CA SER A 35 -0.97 -11.29 -10.53
C SER A 35 0.53 -10.97 -10.50
N ILE A 36 0.99 -10.11 -11.37
CA ILE A 36 2.45 -9.83 -11.46
C ILE A 36 2.71 -8.36 -11.09
N LEU A 37 3.58 -8.12 -10.14
CA LEU A 37 3.68 -6.76 -9.53
C LEU A 37 5.04 -6.14 -9.83
N GLN A 38 5.06 -5.01 -10.48
CA GLN A 38 6.33 -4.25 -10.65
C GLN A 38 6.51 -3.29 -9.49
N LEU A 39 7.69 -3.25 -8.91
CA LEU A 39 7.96 -2.25 -7.83
C LEU A 39 9.09 -1.32 -8.26
N ARG A 40 8.83 -0.03 -8.25
CA ARG A 40 9.92 0.96 -8.52
C ARG A 40 10.37 1.63 -7.22
N LEU A 41 11.51 1.24 -6.71
CA LEU A 41 11.97 1.80 -5.39
C LEU A 41 12.68 3.15 -5.58
N ALA A 42 12.69 3.97 -4.55
CA ALA A 42 13.15 5.39 -4.70
C ALA A 42 14.67 5.47 -4.97
N ASN A 43 15.37 4.36 -5.00
CA ASN A 43 16.82 4.38 -5.38
C ASN A 43 16.98 4.27 -6.91
N ASP A 44 16.01 4.72 -7.69
CA ASP A 44 16.14 4.74 -9.18
C ASP A 44 16.23 3.31 -9.72
N SER A 45 15.63 2.35 -9.05
CA SER A 45 15.67 0.94 -9.55
C SER A 45 14.25 0.39 -9.65
N THR A 46 13.95 -0.33 -10.71
CA THR A 46 12.60 -0.94 -10.87
C THR A 46 12.73 -2.44 -11.18
N LYS A 47 11.80 -3.23 -10.71
CA LYS A 47 11.90 -4.71 -10.94
C LYS A 47 10.50 -5.33 -11.01
N SER A 48 10.33 -6.30 -11.89
CA SER A 48 9.02 -7.01 -11.97
C SER A 48 9.07 -8.30 -11.15
N ILE A 49 8.19 -8.45 -10.19
CA ILE A 49 8.18 -9.68 -9.35
C ILE A 49 6.76 -10.26 -9.31
N VAL A 50 6.64 -11.56 -9.45
CA VAL A 50 5.27 -12.18 -9.42
C VAL A 50 4.84 -12.38 -7.96
N THR A 51 3.67 -11.90 -7.60
CA THR A 51 3.27 -11.85 -6.16
C THR A 51 3.28 -13.23 -5.50
N LYS A 52 3.13 -14.27 -6.28
CA LYS A 52 3.07 -15.65 -5.70
C LYS A 52 4.32 -15.96 -4.86
N ASP A 53 5.40 -15.28 -5.11
CA ASP A 53 6.62 -15.47 -4.26
C ASP A 53 6.54 -14.64 -2.97
N ILE A 54 5.47 -13.90 -2.77
CA ILE A 54 5.33 -13.11 -1.50
C ILE A 54 4.97 -14.03 -0.34
N LYS A 55 5.72 -13.98 0.73
CA LYS A 55 5.32 -14.70 1.98
C LYS A 55 4.49 -13.78 2.87
N ASP A 56 4.73 -12.49 2.80
CA ASP A 56 3.98 -11.51 3.67
C ASP A 56 4.15 -10.09 3.13
N LEU A 57 3.24 -9.21 3.45
CA LEU A 57 3.33 -7.80 2.96
C LEU A 57 3.10 -6.82 4.11
N ARG A 58 3.67 -5.64 4.01
CA ARG A 58 3.41 -4.57 5.03
C ARG A 58 3.61 -3.19 4.39
N ILE A 59 2.73 -2.26 4.66
CA ILE A 59 2.92 -0.88 4.14
C ILE A 59 3.86 -0.10 5.06
N LEU A 60 4.83 0.59 4.50
CA LEU A 60 5.79 1.37 5.36
C LEU A 60 5.18 2.73 5.73
N PRO A 61 5.67 3.31 6.81
CA PRO A 61 5.11 4.61 7.29
C PRO A 61 5.37 5.72 6.27
N LYS A 62 4.37 6.51 5.98
CA LYS A 62 4.54 7.64 5.02
C LYS A 62 4.38 8.98 5.74
N ASN A 63 4.60 10.07 5.03
CA ASN A 63 4.46 11.42 5.68
C ASN A 63 3.09 12.02 5.32
N GLU A 64 2.09 11.20 5.13
CA GLU A 64 0.72 11.72 4.80
C GLU A 64 -0.30 11.21 5.82
N ILE A 65 -1.30 12.01 6.10
CA ILE A 65 -2.33 11.59 7.11
C ILE A 65 -3.14 10.39 6.57
N MET A 66 -3.41 10.37 5.28
CA MET A 66 -4.18 9.25 4.65
C MET A 66 -5.52 9.03 5.41
N PRO A 67 -6.56 9.70 4.97
CA PRO A 67 -7.90 9.56 5.63
C PRO A 67 -8.44 8.13 5.44
N LYS A 68 -9.14 7.63 6.41
CA LYS A 68 -9.71 6.24 6.30
C LYS A 68 -11.23 6.29 6.42
N ASN A 69 -11.91 5.41 5.72
CA ASN A 69 -13.41 5.40 5.77
C ASN A 69 -13.89 4.44 6.86
N GLY A 70 -14.63 4.94 7.82
CA GLY A 70 -15.14 4.06 8.91
C GLY A 70 -15.47 4.92 10.15
N THR A 71 -16.69 5.40 10.24
CA THR A 71 -17.07 6.26 11.41
C THR A 71 -17.05 5.44 12.70
N LYS A 72 -17.49 4.21 12.63
CA LYS A 72 -17.50 3.34 13.86
C LYS A 72 -16.44 2.24 13.74
N SER A 73 -15.61 2.10 14.75
CA SER A 73 -14.55 1.05 14.72
C SER A 73 -14.37 0.44 16.12
N PRO A 74 -13.96 -0.81 16.17
CA PRO A 74 -13.75 -1.48 17.49
C PRO A 74 -12.53 -0.89 18.20
N SER A 75 -12.75 -0.04 19.17
CA SER A 75 -11.63 0.57 19.93
C SER A 75 -12.11 1.12 21.27
N THR A 76 -12.95 2.12 21.24
CA THR A 76 -13.47 2.71 22.51
C THR A 76 -15.00 2.80 22.47
N ASN A 77 -15.66 2.46 23.54
CA ASN A 77 -17.15 2.54 23.58
C ASN A 77 -17.60 3.63 24.55
N SER A 78 -17.93 4.79 24.05
CA SER A 78 -18.37 5.91 24.95
C SER A 78 -19.74 6.44 24.49
N THR A 79 -20.54 6.89 25.42
CA THR A 79 -21.88 7.44 25.07
C THR A 79 -21.99 8.91 25.51
N LYS A 80 -20.89 9.62 25.51
CA LYS A 80 -20.92 11.05 25.96
C LYS A 80 -21.37 11.95 24.80
N LEU A 81 -20.62 11.99 23.72
CA LEU A 81 -20.98 12.86 22.57
C LEU A 81 -20.26 12.40 21.29
N LYS A 82 -20.50 13.06 20.19
CA LYS A 82 -19.84 12.68 18.91
C LYS A 82 -18.90 13.79 18.43
N SER A 83 -17.83 13.44 17.76
CA SER A 83 -16.87 14.46 17.28
C SER A 83 -17.13 14.80 15.81
N ALA A 84 -16.90 16.03 15.42
CA ALA A 84 -17.15 16.43 14.00
C ALA A 84 -15.95 16.04 13.13
N GLU A 85 -15.95 16.45 11.88
CA GLU A 85 -14.81 16.11 10.97
C GLU A 85 -13.52 16.79 11.43
N THR A 86 -13.64 17.97 12.00
CA THR A 86 -12.41 18.70 12.48
C THR A 86 -12.12 18.34 13.93
N TYR A 87 -10.88 18.48 14.35
CA TYR A 87 -10.51 18.15 15.76
C TYR A 87 -9.61 19.24 16.34
N SER A 88 -9.79 19.57 17.60
CA SER A 88 -8.94 20.62 18.23
C SER A 88 -8.18 20.03 19.43
N SER A 89 -6.96 20.48 19.65
CA SER A 89 -6.16 19.95 20.79
C SER A 89 -5.48 21.10 21.54
N LYS A 90 -5.42 21.03 22.85
CA LYS A 90 -4.76 22.10 23.64
C LYS A 90 -3.40 21.62 24.16
N ASN A 91 -2.43 22.50 24.18
CA ASN A 91 -1.07 22.11 24.69
C ASN A 91 -1.14 21.74 26.18
N LYS A 92 -1.97 22.43 26.92
CA LYS A 92 -2.13 22.13 28.38
C LYS A 92 -3.60 21.94 28.72
N TRP A 93 -3.91 21.04 29.62
CA TRP A 93 -5.32 20.80 30.01
C TRP A 93 -5.61 21.47 31.36
N SER A 94 -6.65 22.30 31.42
CA SER A 94 -7.01 23.01 32.69
C SER A 94 -5.80 23.73 33.28
N MET A 95 -5.94 24.28 34.47
CA MET A 95 -4.80 25.00 35.12
C MET A 95 -3.63 24.05 35.37
N ASP A 96 -3.92 22.80 35.67
CA ASP A 96 -2.84 21.80 35.93
C ASP A 96 -3.17 20.46 35.25
N GLY B 1 -0.93 16.63 15.03
CA GLY B 1 0.31 16.24 14.28
C GLY B 1 0.32 14.72 14.05
N ALA B 2 0.70 14.29 12.87
CA ALA B 2 0.73 12.83 12.58
C ALA B 2 1.80 12.14 13.43
N THR B 3 2.89 12.82 13.71
CA THR B 3 3.98 12.22 14.55
C THR B 3 4.12 12.99 15.86
N THR B 4 4.31 12.29 16.95
CA THR B 4 4.47 12.97 18.28
C THR B 4 5.61 12.32 19.08
N LYS B 5 6.15 13.03 20.05
CA LYS B 5 7.28 12.48 20.85
C LYS B 5 6.81 11.27 21.67
N GLU B 6 5.60 11.31 22.19
CA GLU B 6 5.08 10.18 23.02
C GLU B 6 4.26 9.23 22.15
N LYS B 7 4.28 7.95 22.46
CA LYS B 7 3.51 6.96 21.65
C LYS B 7 2.28 6.49 22.43
N ASN B 8 1.11 6.68 21.87
CA ASN B 8 -0.14 6.20 22.54
C ASN B 8 -0.85 5.17 21.65
N ILE B 9 -1.09 3.98 22.18
CA ILE B 9 -1.76 2.90 21.38
C ILE B 9 -1.00 2.68 20.06
N SER B 10 -0.08 1.75 20.03
CA SER B 10 0.73 1.51 18.80
C SER B 10 0.21 0.29 18.05
N VAL B 11 0.39 0.24 16.76
CA VAL B 11 -0.09 -0.93 15.95
C VAL B 11 0.81 -1.11 14.71
N ASP B 12 2.08 -0.80 14.83
CA ASP B 12 3.03 -0.93 13.68
C ASP B 12 2.48 -0.21 12.43
N VAL B 13 1.85 0.93 12.62
CA VAL B 13 1.29 1.72 11.47
C VAL B 13 0.40 0.84 10.58
N ASP B 14 -0.89 0.85 10.82
CA ASP B 14 -1.85 0.06 9.97
C ASP B 14 -1.44 -1.42 9.89
N ALA B 15 -1.28 -2.06 11.02
CA ALA B 15 -0.88 -3.51 11.03
C ALA B 15 -2.00 -4.37 10.42
N ASP B 16 -3.23 -3.97 10.61
CA ASP B 16 -4.37 -4.75 10.03
C ASP B 16 -4.45 -4.54 8.52
N ALA B 17 -4.07 -3.37 8.06
CA ALA B 17 -4.11 -3.08 6.59
C ALA B 17 -3.15 -4.02 5.84
N SER B 18 -2.00 -4.29 6.41
CA SER B 18 -1.01 -5.21 5.76
C SER B 18 -1.68 -6.57 5.46
N SER B 19 -2.54 -7.02 6.34
CA SER B 19 -3.21 -8.34 6.13
C SER B 19 -4.21 -8.25 4.97
N GLN B 20 -4.81 -7.10 4.77
CA GLN B 20 -5.82 -6.96 3.68
C GLN B 20 -5.16 -7.17 2.31
N LEU B 21 -3.98 -6.64 2.12
CA LEU B 21 -3.28 -6.80 0.80
C LEU B 21 -2.77 -8.24 0.63
N LEU B 22 -2.23 -8.81 1.68
CA LEU B 22 -1.74 -10.22 1.60
C LEU B 22 -2.93 -11.18 1.48
N SER B 23 -4.00 -10.90 2.18
CA SER B 23 -5.23 -11.75 2.07
C SER B 23 -5.81 -11.69 0.66
N LEU B 24 -5.73 -10.55 0.02
CA LEU B 24 -6.28 -10.42 -1.37
C LEU B 24 -5.50 -11.31 -2.34
N LEU B 25 -4.19 -11.35 -2.21
CA LEU B 25 -3.36 -12.24 -3.10
C LEU B 25 -3.73 -13.70 -2.88
N LYS B 26 -3.97 -14.08 -1.65
CA LYS B 26 -4.36 -15.50 -1.36
C LYS B 26 -5.81 -15.74 -1.75
N SER B 27 -6.66 -14.76 -1.54
CA SER B 27 -8.13 -14.89 -1.90
C SER B 27 -8.72 -16.20 -1.39
N SER B 28 -9.92 -16.53 -1.82
CA SER B 28 -10.56 -17.81 -1.39
C SER B 28 -11.15 -18.54 -2.59
N THR B 29 -11.24 -19.85 -2.52
CA THR B 29 -11.80 -20.64 -3.66
C THR B 29 -12.90 -21.57 -3.16
N ALA B 30 -13.79 -21.99 -4.04
CA ALA B 30 -14.90 -22.90 -3.63
C ALA B 30 -14.35 -24.31 -3.31
N PRO B 31 -13.55 -24.87 -4.20
CA PRO B 31 -12.97 -26.23 -3.95
C PRO B 31 -12.18 -26.26 -2.65
N SER B 32 -12.11 -27.41 -2.01
CA SER B 32 -11.37 -27.51 -0.71
C SER B 32 -9.86 -27.38 -0.94
N ASP B 33 -9.09 -27.30 0.11
CA ASP B 33 -7.60 -27.16 -0.03
C ASP B 33 -6.93 -28.52 0.17
N LEU B 34 -7.57 -29.59 -0.26
CA LEU B 34 -6.98 -30.95 -0.10
C LEU B 34 -7.66 -31.93 -1.06
N ALA B 35 -6.97 -33.00 -1.41
CA ALA B 35 -7.53 -33.99 -2.40
C ALA B 35 -8.01 -33.30 -3.68
N THR B 36 -8.75 -34.00 -4.50
CA THR B 36 -9.23 -33.40 -5.79
C THR B 36 -10.26 -32.30 -5.50
N PRO B 37 -10.34 -31.32 -6.39
CA PRO B 37 -11.30 -30.21 -6.20
C PRO B 37 -12.74 -30.70 -6.36
N GLN B 38 -13.69 -30.02 -5.76
CA GLN B 38 -15.12 -30.44 -5.89
C GLN B 38 -15.95 -29.29 -6.49
N PRO B 39 -15.83 -29.10 -7.79
CA PRO B 39 -16.58 -28.02 -8.47
C PRO B 39 -18.09 -28.31 -8.46
N SER B 40 -18.46 -29.57 -8.46
CA SER B 40 -19.90 -29.93 -8.47
C SER B 40 -20.34 -30.39 -7.07
N THR B 41 -21.57 -30.11 -6.69
CA THR B 41 -22.08 -30.50 -5.34
C THR B 41 -21.17 -29.96 -4.23
N PHE B 42 -21.56 -28.85 -3.62
CA PHE B 42 -20.71 -28.25 -2.53
C PHE B 42 -20.56 -29.23 -1.35
N PRO B 43 -21.67 -29.81 -0.89
CA PRO B 43 -21.58 -30.84 0.19
C PRO B 43 -20.72 -32.03 -0.27
N GLN B 44 -19.98 -32.61 0.64
CA GLN B 44 -19.10 -33.78 0.27
C GLN B 44 -19.84 -35.10 0.53
N PRO B 45 -19.59 -36.09 -0.31
CA PRO B 45 -20.25 -37.41 -0.13
C PRO B 45 -19.67 -38.15 1.09
N PRO B 46 -20.46 -39.02 1.67
CA PRO B 46 -19.98 -39.80 2.85
C PRO B 46 -18.87 -40.78 2.42
N VAL B 47 -17.88 -40.96 3.25
CA VAL B 47 -16.75 -41.89 2.91
C VAL B 47 -17.26 -43.35 2.90
N GLU B 48 -18.18 -43.67 3.78
CA GLU B 48 -18.67 -45.07 3.89
C GLU B 48 -19.40 -45.50 2.60
N SER B 49 -20.11 -44.58 1.99
CA SER B 49 -20.86 -44.92 0.74
C SER B 49 -20.73 -43.79 -0.29
N HIS B 50 -20.66 -44.12 -1.56
CA HIS B 50 -20.55 -43.08 -2.61
C HIS B 50 -21.78 -43.09 -3.53
N SER B 51 -22.37 -41.95 -3.75
CA SER B 51 -23.58 -41.89 -4.63
C SER B 51 -23.20 -42.22 -6.08
N SER B 52 -22.02 -41.83 -6.49
CA SER B 52 -21.57 -42.12 -7.89
C SER B 52 -20.05 -42.12 -7.97
N MET A 1 -16.55 -4.28 -3.09
CA MET A 1 -16.39 -5.12 -1.88
C MET A 1 -14.91 -5.45 -1.65
N GLY A 2 -14.38 -5.05 -0.52
CA GLY A 2 -12.94 -5.32 -0.24
C GLY A 2 -12.08 -4.21 -0.86
N MET A 3 -10.79 -4.40 -0.89
CA MET A 3 -9.88 -3.37 -1.49
C MET A 3 -9.07 -3.98 -2.63
N SER A 4 -8.90 -3.24 -3.71
CA SER A 4 -8.11 -3.76 -4.87
C SER A 4 -6.70 -3.16 -4.86
N VAL A 5 -5.81 -3.69 -5.67
CA VAL A 5 -4.40 -3.16 -5.72
C VAL A 5 -4.40 -1.73 -6.28
N ALA A 6 -5.38 -1.39 -7.10
CA ALA A 6 -5.44 -0.01 -7.68
C ALA A 6 -5.44 1.04 -6.56
N ASP A 7 -6.02 0.70 -5.43
CA ASP A 7 -5.97 1.64 -4.26
C ASP A 7 -4.54 1.73 -3.72
N PHE A 8 -3.82 0.64 -3.77
CA PHE A 8 -2.40 0.65 -3.28
C PHE A 8 -1.41 0.82 -4.45
N TYR A 9 -1.90 1.12 -5.64
CA TYR A 9 -0.97 1.33 -6.81
C TYR A 9 -0.12 2.58 -6.60
N GLY A 10 1.18 2.46 -6.70
CA GLY A 10 2.08 3.62 -6.43
C GLY A 10 2.33 3.80 -4.93
N SER A 11 1.78 2.93 -4.10
CA SER A 11 2.09 3.00 -2.63
C SER A 11 3.47 2.41 -2.36
N ASN A 12 4.20 2.98 -1.43
CA ASN A 12 5.53 2.41 -1.05
C ASN A 12 5.31 1.33 0.01
N VAL A 13 5.67 0.10 -0.29
CA VAL A 13 5.46 -1.00 0.69
C VAL A 13 6.64 -1.98 0.63
N GLU A 14 6.85 -2.74 1.66
CA GLU A 14 7.97 -3.74 1.65
C GLU A 14 7.40 -5.16 1.58
N VAL A 15 7.89 -5.95 0.65
CA VAL A 15 7.38 -7.34 0.49
C VAL A 15 8.42 -8.34 1.01
N LEU A 16 8.00 -9.22 1.89
CA LEU A 16 8.91 -10.32 2.35
C LEU A 16 8.64 -11.57 1.53
N LEU A 17 9.67 -12.16 0.95
CA LEU A 17 9.45 -13.29 0.00
C LEU A 17 9.62 -14.64 0.70
N ASN A 18 9.25 -15.71 0.03
CA ASN A 18 9.31 -17.08 0.65
C ASN A 18 10.74 -17.42 1.12
N ASN A 19 11.73 -16.78 0.57
CA ASN A 19 13.15 -17.10 0.93
C ASN A 19 13.64 -16.22 2.08
N ASP A 20 12.74 -15.67 2.87
CA ASP A 20 13.14 -14.86 4.07
C ASP A 20 14.01 -13.67 3.65
N SER A 21 13.85 -13.18 2.44
CA SER A 21 14.55 -11.93 2.03
C SER A 21 13.54 -10.78 1.96
N LYS A 22 13.96 -9.60 2.33
CA LYS A 22 13.00 -8.45 2.37
C LYS A 22 13.32 -7.45 1.25
N ALA A 23 12.32 -6.77 0.75
CA ALA A 23 12.55 -5.72 -0.28
C ALA A 23 11.44 -4.67 -0.23
N ARG A 24 11.72 -3.46 -0.65
CA ARG A 24 10.68 -2.39 -0.64
C ARG A 24 10.75 -1.56 -1.92
N GLY A 25 9.63 -1.01 -2.35
CA GLY A 25 9.62 -0.20 -3.61
C GLY A 25 8.26 0.47 -3.74
N VAL A 26 8.13 1.35 -4.70
CA VAL A 26 6.80 1.98 -4.96
C VAL A 26 6.08 1.21 -6.07
N ILE A 27 4.88 0.74 -5.81
CA ILE A 27 4.21 -0.19 -6.77
C ILE A 27 3.99 0.51 -8.13
N THR A 28 4.29 -0.18 -9.21
CA THR A 28 4.15 0.42 -10.57
C THR A 28 3.19 -0.39 -11.46
N ASN A 29 2.88 -1.63 -11.11
CA ASN A 29 1.86 -2.39 -11.92
C ASN A 29 1.38 -3.64 -11.19
N PHE A 30 0.21 -4.11 -11.55
CA PHE A 30 -0.32 -5.41 -11.03
C PHE A 30 -1.21 -6.06 -12.08
N ASP A 31 -0.89 -7.25 -12.50
CA ASP A 31 -1.70 -7.93 -13.55
C ASP A 31 -2.67 -8.90 -12.90
N SER A 32 -3.93 -8.86 -13.24
CA SER A 32 -4.94 -9.75 -12.56
C SER A 32 -4.73 -11.20 -12.97
N SER A 33 -4.67 -11.47 -14.25
CA SER A 33 -4.59 -12.89 -14.72
C SER A 33 -3.32 -13.57 -14.19
N ASN A 34 -2.21 -12.86 -14.20
CA ASN A 34 -0.93 -13.49 -13.74
C ASN A 34 -0.54 -13.02 -12.33
N SER A 35 -1.23 -12.03 -11.78
CA SER A 35 -0.82 -11.45 -10.44
C SER A 35 0.68 -11.10 -10.43
N ILE A 36 1.07 -10.13 -11.22
CA ILE A 36 2.53 -9.80 -11.33
C ILE A 36 2.75 -8.34 -10.91
N LEU A 37 3.64 -8.12 -9.98
CA LEU A 37 3.77 -6.76 -9.37
C LEU A 37 5.13 -6.15 -9.68
N GLN A 38 5.15 -5.04 -10.36
CA GLN A 38 6.42 -4.30 -10.55
C GLN A 38 6.58 -3.28 -9.43
N LEU A 39 7.75 -3.23 -8.83
CA LEU A 39 8.01 -2.19 -7.78
C LEU A 39 9.14 -1.27 -8.24
N ARG A 40 8.87 0.02 -8.29
CA ARG A 40 9.97 1.00 -8.58
C ARG A 40 10.38 1.72 -7.29
N LEU A 41 11.51 1.37 -6.74
CA LEU A 41 11.95 1.97 -5.45
C LEU A 41 12.66 3.31 -5.68
N ALA A 42 12.68 4.15 -4.67
CA ALA A 42 13.17 5.57 -4.85
C ALA A 42 14.68 5.61 -5.16
N ASN A 43 15.36 4.49 -5.17
CA ASN A 43 16.79 4.47 -5.61
C ASN A 43 16.87 4.32 -7.15
N ASP A 44 15.88 4.78 -7.88
CA ASP A 44 15.94 4.78 -9.39
C ASP A 44 16.11 3.34 -9.91
N SER A 45 15.58 2.35 -9.21
CA SER A 45 15.70 0.95 -9.69
C SER A 45 14.32 0.30 -9.82
N THR A 46 14.10 -0.44 -10.88
CA THR A 46 12.80 -1.17 -11.04
C THR A 46 12.99 -2.66 -10.74
N LYS A 47 11.96 -3.32 -10.27
CA LYS A 47 12.07 -4.79 -10.00
C LYS A 47 10.71 -5.47 -10.19
N SER A 48 10.63 -6.40 -11.11
CA SER A 48 9.34 -7.11 -11.36
C SER A 48 9.29 -8.41 -10.57
N ILE A 49 8.30 -8.56 -9.71
CA ILE A 49 8.18 -9.81 -8.90
C ILE A 49 6.75 -10.36 -9.03
N VAL A 50 6.62 -11.64 -9.24
CA VAL A 50 5.25 -12.25 -9.31
C VAL A 50 4.73 -12.49 -7.89
N THR A 51 3.54 -12.00 -7.58
CA THR A 51 3.07 -11.97 -6.16
C THR A 51 3.04 -13.36 -5.52
N LYS A 52 2.93 -14.38 -6.32
CA LYS A 52 2.84 -15.78 -5.75
C LYS A 52 4.05 -16.09 -4.88
N ASP A 53 5.17 -15.47 -5.12
CA ASP A 53 6.36 -15.68 -4.24
C ASP A 53 6.32 -14.76 -3.00
N ILE A 54 5.24 -14.04 -2.79
CA ILE A 54 5.13 -13.21 -1.55
C ILE A 54 4.82 -14.12 -0.35
N LYS A 55 5.65 -14.06 0.67
CA LYS A 55 5.33 -14.75 1.95
C LYS A 55 4.58 -13.79 2.90
N ASP A 56 4.84 -12.50 2.78
CA ASP A 56 4.20 -11.50 3.69
C ASP A 56 4.33 -10.10 3.11
N LEU A 57 3.43 -9.21 3.47
CA LEU A 57 3.49 -7.81 2.93
C LEU A 57 3.32 -6.79 4.07
N ARG A 58 3.92 -5.63 3.92
CA ARG A 58 3.73 -4.56 4.94
C ARG A 58 3.89 -3.17 4.28
N ILE A 59 3.10 -2.22 4.66
CA ILE A 59 3.31 -0.82 4.15
C ILE A 59 4.35 -0.10 5.01
N LEU A 60 5.30 0.55 4.40
CA LEU A 60 6.33 1.31 5.19
C LEU A 60 5.80 2.72 5.54
N PRO A 61 6.41 3.34 6.52
CA PRO A 61 5.98 4.71 6.94
C PRO A 61 6.26 5.71 5.82
N LYS A 62 5.28 6.53 5.49
CA LYS A 62 5.48 7.53 4.41
C LYS A 62 5.70 8.93 5.01
N ASN A 63 4.81 9.36 5.86
CA ASN A 63 4.94 10.73 6.48
C ASN A 63 5.55 10.62 7.87
N GLU A 64 6.49 11.49 8.18
CA GLU A 64 7.14 11.45 9.53
C GLU A 64 6.55 12.55 10.43
N ILE A 65 6.75 12.45 11.71
CA ILE A 65 6.20 13.47 12.66
C ILE A 65 7.34 14.11 13.47
N MET A 66 7.26 15.40 13.71
CA MET A 66 8.33 16.12 14.49
C MET A 66 9.72 15.84 13.88
N PRO A 67 9.95 16.34 12.68
CA PRO A 67 11.26 16.11 12.00
C PRO A 67 12.39 16.82 12.76
N LYS A 68 12.11 17.97 13.32
CA LYS A 68 13.16 18.72 14.07
C LYS A 68 12.55 19.35 15.34
N ASN A 69 13.00 18.93 16.49
CA ASN A 69 12.50 19.51 17.77
C ASN A 69 13.08 20.90 17.98
N GLY A 70 14.34 21.09 17.62
CA GLY A 70 15.00 22.42 17.80
C GLY A 70 16.47 22.30 17.44
N THR A 71 17.24 23.34 17.67
CA THR A 71 18.70 23.30 17.34
C THR A 71 19.50 22.98 18.59
N LYS A 72 20.14 21.83 18.62
CA LYS A 72 20.96 21.44 19.81
C LYS A 72 22.19 20.64 19.37
N SER A 73 23.16 20.50 20.23
CA SER A 73 24.38 19.71 19.88
C SER A 73 24.54 18.53 20.87
N PRO A 74 23.77 17.48 20.65
CA PRO A 74 23.81 16.31 21.56
C PRO A 74 25.16 15.59 21.45
N SER A 75 25.71 15.51 20.26
CA SER A 75 27.02 14.81 20.08
C SER A 75 27.82 15.48 18.96
N THR A 76 29.13 15.32 18.98
CA THR A 76 29.97 15.92 17.90
C THR A 76 29.71 15.21 16.56
N ASN A 77 29.40 13.94 16.60
CA ASN A 77 29.15 13.15 15.34
C ASN A 77 30.37 13.26 14.39
N SER A 78 31.56 13.20 14.93
CA SER A 78 32.78 13.27 14.08
C SER A 78 33.66 12.04 14.32
N THR A 79 34.42 11.64 13.33
CA THR A 79 35.29 10.43 13.49
C THR A 79 36.55 10.78 14.29
N LYS A 80 36.87 9.99 15.29
CA LYS A 80 38.09 10.26 16.11
C LYS A 80 38.92 8.98 16.25
N LEU A 81 40.23 9.11 16.25
CA LEU A 81 41.12 7.91 16.40
C LEU A 81 40.96 7.31 17.80
N LYS A 82 40.75 8.14 18.79
CA LYS A 82 40.56 7.63 20.18
C LYS A 82 39.08 7.64 20.56
N SER A 83 38.74 7.01 21.66
CA SER A 83 37.31 6.98 22.09
C SER A 83 37.10 7.86 23.32
N ALA A 84 35.93 8.43 23.46
CA ALA A 84 35.65 9.33 24.64
C ALA A 84 35.62 8.50 25.93
N GLU A 85 35.96 9.11 27.04
CA GLU A 85 35.96 8.38 28.34
C GLU A 85 34.62 8.59 29.06
N THR A 86 34.07 7.55 29.62
CA THR A 86 32.77 7.68 30.36
C THR A 86 32.85 6.94 31.70
N TYR A 87 32.03 7.32 32.65
CA TYR A 87 32.04 6.64 33.98
C TYR A 87 30.73 5.89 34.21
N SER A 88 30.75 4.59 34.06
CA SER A 88 29.52 3.78 34.28
C SER A 88 29.88 2.30 34.44
N SER A 89 29.94 1.81 35.67
CA SER A 89 30.28 0.38 35.91
C SER A 89 29.18 -0.53 35.37
N LYS A 90 27.94 -0.07 35.39
CA LYS A 90 26.79 -0.87 34.85
C LYS A 90 26.73 -2.26 35.52
N ASN A 91 26.85 -2.31 36.82
CA ASN A 91 26.76 -3.61 37.54
C ASN A 91 26.49 -3.39 39.04
N LYS A 92 27.11 -2.39 39.63
CA LYS A 92 26.85 -2.08 41.07
C LYS A 92 26.59 -0.58 41.25
N TRP A 93 25.47 -0.24 41.86
CA TRP A 93 25.15 1.20 42.07
C TRP A 93 24.46 1.40 43.42
N SER A 94 24.42 2.62 43.91
CA SER A 94 23.77 2.90 45.23
C SER A 94 22.61 3.89 45.05
N MET A 95 21.58 3.76 45.85
CA MET A 95 20.42 4.69 45.74
C MET A 95 20.41 5.66 46.92
N ASP A 96 20.14 6.92 46.67
CA ASP A 96 20.11 7.93 47.78
C ASP A 96 19.35 9.18 47.32
N GLY B 1 -11.37 -0.93 24.08
CA GLY B 1 -12.69 -0.43 24.55
C GLY B 1 -13.15 0.71 23.65
N ALA B 2 -14.41 1.09 23.75
CA ALA B 2 -14.93 2.20 22.90
C ALA B 2 -14.99 3.50 23.71
N THR B 3 -14.55 4.59 23.15
CA THR B 3 -14.59 5.90 23.87
C THR B 3 -15.00 7.02 22.92
N THR B 4 -15.44 8.14 23.45
CA THR B 4 -15.87 9.28 22.59
C THR B 4 -14.93 10.47 22.78
N LYS B 5 -14.43 11.01 21.70
CA LYS B 5 -13.51 12.19 21.80
C LYS B 5 -13.80 13.18 20.66
N GLU B 6 -13.48 14.44 20.86
CA GLU B 6 -13.73 15.46 19.80
C GLU B 6 -12.85 15.19 18.57
N LYS B 7 -11.66 14.68 18.78
CA LYS B 7 -10.76 14.36 17.64
C LYS B 7 -10.84 12.88 17.30
N ASN B 8 -10.92 12.55 16.03
CA ASN B 8 -11.01 11.12 15.62
C ASN B 8 -10.17 10.87 14.36
N ILE B 9 -10.20 9.65 13.85
CA ILE B 9 -9.41 9.30 12.61
C ILE B 9 -7.92 9.67 12.79
N SER B 10 -7.11 8.72 13.17
CA SER B 10 -5.65 8.99 13.36
C SER B 10 -4.89 8.78 12.04
N VAL B 11 -3.71 9.32 11.94
CA VAL B 11 -2.91 9.16 10.67
C VAL B 11 -2.02 7.91 10.72
N ASP B 12 -2.26 7.01 11.65
CA ASP B 12 -1.43 5.77 11.72
C ASP B 12 -1.92 4.70 10.73
N VAL B 13 -3.00 4.96 10.02
CA VAL B 13 -3.57 3.96 9.03
C VAL B 13 -3.92 2.65 9.76
N ASP B 14 -4.70 1.80 9.11
CA ASP B 14 -5.10 0.51 9.75
C ASP B 14 -3.99 -0.53 9.59
N ALA B 15 -3.43 -0.99 10.69
CA ALA B 15 -2.37 -2.05 10.61
C ALA B 15 -2.96 -3.37 10.11
N ASP B 16 -4.23 -3.60 10.36
CA ASP B 16 -4.87 -4.89 9.92
C ASP B 16 -5.05 -4.91 8.40
N ALA B 17 -5.17 -3.76 7.78
CA ALA B 17 -5.39 -3.70 6.29
C ALA B 17 -4.22 -4.35 5.55
N SER B 18 -3.02 -4.19 6.05
CA SER B 18 -1.83 -4.85 5.41
C SER B 18 -2.06 -6.36 5.28
N SER B 19 -2.73 -6.94 6.26
CA SER B 19 -3.03 -8.41 6.20
C SER B 19 -4.00 -8.71 5.07
N GLN B 20 -4.89 -7.79 4.77
CA GLN B 20 -5.86 -8.00 3.64
C GLN B 20 -5.13 -8.14 2.31
N LEU B 21 -4.07 -7.39 2.12
CA LEU B 21 -3.27 -7.49 0.85
C LEU B 21 -2.65 -8.88 0.72
N LEU B 22 -2.09 -9.39 1.79
CA LEU B 22 -1.55 -10.79 1.75
C LEU B 22 -2.69 -11.79 1.67
N SER B 23 -3.76 -11.53 2.38
CA SER B 23 -4.97 -12.42 2.32
C SER B 23 -5.54 -12.45 0.90
N LEU B 24 -5.49 -11.33 0.21
CA LEU B 24 -6.03 -11.27 -1.19
C LEU B 24 -5.20 -12.18 -2.11
N LEU B 25 -3.90 -12.17 -1.95
CA LEU B 25 -3.02 -13.06 -2.80
C LEU B 25 -3.35 -14.54 -2.54
N LYS B 26 -3.61 -14.88 -1.30
CA LYS B 26 -3.94 -16.30 -0.95
C LYS B 26 -5.36 -16.65 -1.38
N SER B 27 -6.26 -15.68 -1.34
CA SER B 27 -7.66 -15.94 -1.76
C SER B 27 -8.38 -14.61 -2.02
N SER B 28 -9.32 -14.59 -2.93
CA SER B 28 -10.06 -13.33 -3.24
C SER B 28 -11.56 -13.51 -3.00
N THR B 29 -11.92 -14.33 -2.04
CA THR B 29 -13.37 -14.54 -1.74
C THR B 29 -13.98 -13.28 -1.12
N ALA B 30 -13.22 -12.57 -0.31
CA ALA B 30 -13.72 -11.32 0.36
C ALA B 30 -15.09 -11.55 1.01
N PRO B 31 -15.08 -12.05 2.23
CA PRO B 31 -16.36 -12.30 2.96
C PRO B 31 -17.10 -10.99 3.21
N SER B 32 -18.41 -11.02 3.11
CA SER B 32 -19.22 -9.77 3.33
C SER B 32 -20.53 -10.10 4.03
N ASP B 33 -21.13 -9.13 4.69
CA ASP B 33 -22.42 -9.37 5.39
C ASP B 33 -23.59 -8.82 4.57
N LEU B 34 -24.73 -9.48 4.62
CA LEU B 34 -25.93 -9.02 3.84
C LEU B 34 -25.59 -8.77 2.37
N ALA B 35 -26.51 -8.21 1.61
CA ALA B 35 -26.27 -7.93 0.15
C ALA B 35 -25.76 -9.19 -0.58
N THR B 36 -25.42 -9.06 -1.83
CA THR B 36 -24.92 -10.23 -2.61
C THR B 36 -23.94 -9.77 -3.70
N PRO B 37 -23.20 -10.71 -4.25
CA PRO B 37 -22.22 -10.37 -5.33
C PRO B 37 -22.95 -9.82 -6.56
N GLN B 38 -22.28 -9.00 -7.34
CA GLN B 38 -22.92 -8.42 -8.56
C GLN B 38 -22.24 -8.94 -9.83
N PRO B 39 -22.91 -8.81 -10.95
CA PRO B 39 -22.35 -9.30 -12.25
C PRO B 39 -21.05 -8.56 -12.60
N SER B 40 -20.06 -9.26 -13.08
CA SER B 40 -18.78 -8.60 -13.47
C SER B 40 -18.46 -8.88 -14.94
N THR B 41 -19.48 -9.00 -15.77
CA THR B 41 -19.25 -9.31 -17.22
C THR B 41 -18.53 -8.16 -17.91
N PHE B 42 -18.83 -6.94 -17.53
CA PHE B 42 -18.19 -5.76 -18.18
C PHE B 42 -17.21 -5.09 -17.20
N PRO B 43 -16.32 -4.26 -17.73
CA PRO B 43 -15.32 -3.55 -16.87
C PRO B 43 -16.04 -2.61 -15.89
N GLN B 44 -15.42 -2.33 -14.78
CA GLN B 44 -16.05 -1.42 -13.77
C GLN B 44 -15.68 0.04 -14.06
N PRO B 45 -16.50 0.96 -13.60
CA PRO B 45 -16.24 2.40 -13.84
C PRO B 45 -15.00 2.86 -13.07
N PRO B 46 -14.39 3.94 -13.52
CA PRO B 46 -13.17 4.47 -12.85
C PRO B 46 -13.52 4.99 -11.45
N VAL B 47 -12.58 4.98 -10.54
CA VAL B 47 -12.84 5.46 -9.16
C VAL B 47 -12.11 6.79 -8.92
N GLU B 48 -12.78 7.75 -8.32
CA GLU B 48 -12.14 9.07 -8.06
C GLU B 48 -11.90 9.25 -6.55
N SER B 49 -10.98 10.11 -6.19
CA SER B 49 -10.69 10.33 -4.73
C SER B 49 -11.88 11.02 -4.06
N HIS B 50 -12.03 10.82 -2.76
CA HIS B 50 -13.16 11.46 -2.03
C HIS B 50 -12.65 12.19 -0.78
N SER B 51 -11.47 12.75 -0.87
CA SER B 51 -10.89 13.49 0.31
C SER B 51 -11.49 14.89 0.40
N SER B 52 -11.39 15.51 1.54
CA SER B 52 -11.95 16.89 1.71
C SER B 52 -10.81 17.92 1.74
N MET A 1 -14.21 -5.16 -6.09
CA MET A 1 -14.76 -4.11 -5.18
C MET A 1 -14.27 -4.35 -3.75
N GLY A 2 -14.53 -3.42 -2.86
CA GLY A 2 -14.09 -3.58 -1.44
C GLY A 2 -12.59 -3.36 -1.33
N MET A 3 -12.15 -2.12 -1.48
CA MET A 3 -10.68 -1.80 -1.39
C MET A 3 -9.86 -2.68 -2.34
N SER A 4 -9.58 -2.19 -3.52
CA SER A 4 -8.79 -2.99 -4.50
C SER A 4 -7.32 -2.54 -4.49
N VAL A 5 -6.45 -3.29 -5.13
CA VAL A 5 -5.00 -2.93 -5.15
C VAL A 5 -4.78 -1.62 -5.91
N ALA A 6 -5.64 -1.30 -6.86
CA ALA A 6 -5.47 -0.05 -7.67
C ALA A 6 -5.39 1.18 -6.74
N ASP A 7 -6.04 1.12 -5.62
CA ASP A 7 -5.92 2.22 -4.60
C ASP A 7 -4.51 2.22 -3.99
N PHE A 8 -3.89 1.06 -3.89
CA PHE A 8 -2.53 0.98 -3.27
C PHE A 8 -1.43 1.01 -4.32
N TYR A 9 -1.74 1.29 -5.57
CA TYR A 9 -0.68 1.46 -6.61
C TYR A 9 0.16 2.70 -6.30
N GLY A 10 1.47 2.60 -6.44
CA GLY A 10 2.36 3.75 -6.10
C GLY A 10 2.65 3.77 -4.58
N SER A 11 2.09 2.84 -3.83
CA SER A 11 2.36 2.81 -2.35
C SER A 11 3.75 2.22 -2.08
N ASN A 12 4.52 2.85 -1.22
CA ASN A 12 5.82 2.25 -0.79
C ASN A 12 5.57 1.26 0.34
N VAL A 13 5.95 0.02 0.13
CA VAL A 13 5.72 -1.03 1.16
C VAL A 13 6.89 -2.00 1.18
N GLU A 14 7.00 -2.80 2.21
CA GLU A 14 8.08 -3.83 2.25
C GLU A 14 7.48 -5.22 2.08
N VAL A 15 7.98 -5.97 1.14
CA VAL A 15 7.43 -7.33 0.87
C VAL A 15 8.41 -8.40 1.37
N LEU A 16 7.94 -9.29 2.21
CA LEU A 16 8.80 -10.43 2.66
C LEU A 16 8.49 -11.66 1.80
N LEU A 17 9.50 -12.28 1.24
CA LEU A 17 9.27 -13.40 0.28
C LEU A 17 9.38 -14.75 0.98
N ASN A 18 8.99 -15.81 0.30
CA ASN A 18 8.99 -17.18 0.92
C ASN A 18 10.39 -17.57 1.43
N ASN A 19 11.42 -16.96 0.89
CA ASN A 19 12.81 -17.34 1.29
C ASN A 19 13.32 -16.45 2.44
N ASP A 20 12.42 -15.87 3.21
CA ASP A 20 12.82 -15.06 4.41
C ASP A 20 13.74 -13.90 4.00
N SER A 21 13.61 -13.43 2.78
CA SER A 21 14.35 -12.20 2.36
C SER A 21 13.38 -11.02 2.26
N LYS A 22 13.84 -9.83 2.58
CA LYS A 22 12.93 -8.65 2.57
C LYS A 22 13.27 -7.71 1.42
N ALA A 23 12.27 -7.10 0.82
CA ALA A 23 12.53 -6.12 -0.27
C ALA A 23 11.38 -5.10 -0.33
N ARG A 24 11.69 -3.83 -0.22
CA ARG A 24 10.62 -2.78 -0.20
C ARG A 24 10.78 -1.83 -1.39
N GLY A 25 9.68 -1.32 -1.90
CA GLY A 25 9.74 -0.46 -3.11
C GLY A 25 8.36 0.16 -3.36
N VAL A 26 8.25 1.08 -4.28
CA VAL A 26 6.94 1.76 -4.52
C VAL A 26 6.21 1.05 -5.66
N ILE A 27 5.04 0.51 -5.39
CA ILE A 27 4.34 -0.35 -6.39
C ILE A 27 3.98 0.46 -7.63
N THR A 28 4.06 -0.15 -8.80
CA THR A 28 3.70 0.56 -10.06
C THR A 28 2.58 -0.15 -10.81
N ASN A 29 2.43 -1.46 -10.64
CA ASN A 29 1.34 -2.17 -11.39
C ASN A 29 1.02 -3.53 -10.77
N PHE A 30 -0.14 -4.05 -11.09
CA PHE A 30 -0.48 -5.48 -10.75
C PHE A 30 -1.44 -6.02 -11.80
N ASP A 31 -1.13 -7.17 -12.37
CA ASP A 31 -2.01 -7.75 -13.42
C ASP A 31 -2.86 -8.85 -12.80
N SER A 32 -4.15 -8.81 -13.04
CA SER A 32 -5.06 -9.82 -12.38
C SER A 32 -4.81 -11.22 -12.92
N SER A 33 -4.76 -11.36 -14.23
CA SER A 33 -4.65 -12.73 -14.85
C SER A 33 -3.37 -13.43 -14.37
N ASN A 34 -2.26 -12.73 -14.35
CA ASN A 34 -0.97 -13.36 -13.94
C ASN A 34 -0.57 -12.95 -12.52
N SER A 35 -1.26 -12.00 -11.91
CA SER A 35 -0.84 -11.46 -10.56
C SER A 35 0.65 -11.09 -10.56
N ILE A 36 1.01 -10.07 -11.31
CA ILE A 36 2.46 -9.71 -11.45
C ILE A 36 2.66 -8.26 -11.01
N LEU A 37 3.56 -8.03 -10.09
CA LEU A 37 3.64 -6.68 -9.44
C LEU A 37 4.98 -6.01 -9.77
N GLN A 38 4.93 -4.86 -10.40
CA GLN A 38 6.18 -4.09 -10.65
C GLN A 38 6.42 -3.12 -9.48
N LEU A 39 7.63 -3.08 -8.98
CA LEU A 39 7.97 -2.11 -7.90
C LEU A 39 9.06 -1.14 -8.38
N ARG A 40 8.79 0.14 -8.34
CA ARG A 40 9.84 1.14 -8.71
C ARG A 40 10.56 1.65 -7.45
N LEU A 41 11.77 1.23 -7.23
CA LEU A 41 12.48 1.59 -5.97
C LEU A 41 13.15 2.97 -6.10
N ALA A 42 13.31 3.65 -4.99
CA ALA A 42 13.78 5.08 -5.01
C ALA A 42 15.23 5.19 -5.52
N ASN A 43 15.91 4.09 -5.74
CA ASN A 43 17.28 4.16 -6.35
C ASN A 43 17.20 4.18 -7.88
N ASP A 44 16.12 4.68 -8.46
CA ASP A 44 16.01 4.82 -9.95
C ASP A 44 16.06 3.44 -10.62
N SER A 45 15.60 2.41 -9.95
CA SER A 45 15.63 1.04 -10.55
C SER A 45 14.23 0.42 -10.56
N THR A 46 13.87 -0.22 -11.64
CA THR A 46 12.57 -0.94 -11.69
C THR A 46 12.77 -2.44 -11.40
N LYS A 47 11.77 -3.08 -10.84
CA LYS A 47 11.89 -4.54 -10.56
C LYS A 47 10.53 -5.23 -10.66
N SER A 48 10.38 -6.17 -11.55
CA SER A 48 9.08 -6.89 -11.69
C SER A 48 9.12 -8.19 -10.89
N ILE A 49 8.20 -8.36 -9.97
CA ILE A 49 8.16 -9.61 -9.15
C ILE A 49 6.74 -10.20 -9.17
N VAL A 50 6.61 -11.48 -9.38
CA VAL A 50 5.25 -12.11 -9.40
C VAL A 50 4.81 -12.40 -7.96
N THR A 51 3.63 -11.94 -7.59
CA THR A 51 3.23 -11.90 -6.14
C THR A 51 3.29 -13.27 -5.48
N LYS A 52 3.15 -14.32 -6.24
CA LYS A 52 3.09 -15.70 -5.64
C LYS A 52 4.33 -15.98 -4.78
N ASP A 53 5.42 -15.29 -5.02
CA ASP A 53 6.63 -15.46 -4.16
C ASP A 53 6.52 -14.61 -2.86
N ILE A 54 5.45 -13.88 -2.69
CA ILE A 54 5.26 -13.09 -1.43
C ILE A 54 4.85 -14.02 -0.28
N LYS A 55 5.56 -13.98 0.81
CA LYS A 55 5.11 -14.68 2.04
C LYS A 55 4.27 -13.73 2.92
N ASP A 56 4.57 -12.45 2.86
CA ASP A 56 3.84 -11.46 3.70
C ASP A 56 4.08 -10.04 3.17
N LEU A 57 3.20 -9.12 3.49
CA LEU A 57 3.33 -7.71 3.00
C LEU A 57 3.11 -6.72 4.14
N ARG A 58 3.77 -5.60 4.10
CA ARG A 58 3.53 -4.53 5.13
C ARG A 58 3.81 -3.15 4.53
N ILE A 59 3.02 -2.16 4.87
CA ILE A 59 3.29 -0.78 4.37
C ILE A 59 4.29 -0.08 5.31
N LEU A 60 5.30 0.56 4.74
CA LEU A 60 6.32 1.26 5.60
C LEU A 60 5.81 2.65 5.99
N PRO A 61 5.63 2.88 7.28
CA PRO A 61 5.11 4.20 7.75
C PRO A 61 6.13 5.31 7.47
N LYS A 62 7.40 4.98 7.49
CA LYS A 62 8.45 6.02 7.25
C LYS A 62 8.77 6.12 5.75
N ASN A 63 8.89 7.33 5.24
CA ASN A 63 9.20 7.52 3.80
C ASN A 63 10.24 8.64 3.62
N GLU A 64 10.76 8.78 2.43
CA GLU A 64 11.78 9.85 2.18
C GLU A 64 11.14 11.04 1.45
N ILE A 65 11.61 12.23 1.74
CA ILE A 65 11.05 13.45 1.08
C ILE A 65 12.12 14.14 0.23
N MET A 66 11.78 14.54 -0.97
CA MET A 66 12.78 15.21 -1.85
C MET A 66 12.96 16.69 -1.45
N PRO A 67 11.87 17.45 -1.42
CA PRO A 67 11.97 18.89 -1.08
C PRO A 67 12.23 19.06 0.42
N LYS A 68 13.05 20.01 0.78
CA LYS A 68 13.36 20.25 2.23
C LYS A 68 12.42 21.33 2.79
N ASN A 69 12.58 22.55 2.37
CA ASN A 69 11.70 23.65 2.88
C ASN A 69 11.45 24.68 1.78
N GLY A 70 10.23 24.76 1.30
CA GLY A 70 9.91 25.74 0.22
C GLY A 70 8.61 25.33 -0.48
N THR A 71 8.38 24.04 -0.62
CA THR A 71 7.14 23.56 -1.31
C THR A 71 6.06 23.24 -0.27
N LYS A 72 4.84 23.64 -0.52
CA LYS A 72 3.73 23.35 0.44
C LYS A 72 2.68 22.44 -0.22
N SER A 73 2.03 21.61 0.56
CA SER A 73 1.01 20.69 -0.01
C SER A 73 -0.40 21.29 0.16
N PRO A 74 -1.32 20.85 -0.68
CA PRO A 74 -2.72 21.37 -0.61
C PRO A 74 -3.38 20.93 0.70
N SER A 75 -4.34 21.69 1.17
CA SER A 75 -5.04 21.32 2.45
C SER A 75 -6.47 20.85 2.15
N THR A 76 -6.93 19.85 2.85
CA THR A 76 -8.32 19.34 2.61
C THR A 76 -9.36 20.39 3.00
N ASN A 77 -9.10 21.13 4.05
CA ASN A 77 -10.07 22.18 4.51
C ASN A 77 -9.57 23.57 4.11
N SER A 78 -10.38 24.33 3.41
CA SER A 78 -9.97 25.70 2.99
C SER A 78 -11.17 26.65 3.05
N THR A 79 -10.94 27.90 3.38
CA THR A 79 -12.06 28.89 3.43
C THR A 79 -11.99 29.85 2.23
N LYS A 80 -11.48 29.37 1.11
CA LYS A 80 -11.38 30.25 -0.09
C LYS A 80 -12.55 29.98 -1.04
N LEU A 81 -13.03 31.00 -1.71
CA LEU A 81 -14.18 30.82 -2.65
C LEU A 81 -13.67 30.46 -4.05
N LYS A 82 -14.29 29.50 -4.69
CA LYS A 82 -13.84 29.09 -6.06
C LYS A 82 -15.01 28.47 -6.84
N SER A 83 -16.15 29.13 -6.83
CA SER A 83 -17.35 28.58 -7.56
C SER A 83 -17.14 28.68 -9.07
N ALA A 84 -17.91 27.95 -9.82
CA ALA A 84 -17.77 27.98 -11.32
C ALA A 84 -19.06 27.48 -11.98
N GLU A 85 -19.62 26.40 -11.49
CA GLU A 85 -20.88 25.86 -12.09
C GLU A 85 -22.08 26.27 -11.22
N THR A 86 -23.27 26.08 -11.73
CA THR A 86 -24.50 26.46 -10.95
C THR A 86 -25.41 25.25 -10.78
N TYR A 87 -26.07 25.16 -9.65
CA TYR A 87 -26.97 23.99 -9.39
C TYR A 87 -28.22 24.07 -10.27
N SER A 88 -28.72 25.27 -10.50
CA SER A 88 -29.95 25.43 -11.33
C SER A 88 -29.60 26.12 -12.66
N SER A 89 -30.30 25.76 -13.71
CA SER A 89 -30.02 26.38 -15.05
C SER A 89 -31.24 27.21 -15.48
N LYS A 90 -31.04 28.14 -16.39
CA LYS A 90 -32.16 29.01 -16.86
C LYS A 90 -33.22 28.15 -17.57
N ASN A 91 -32.80 27.21 -18.37
CA ASN A 91 -33.78 26.33 -19.09
C ASN A 91 -33.56 24.87 -18.68
N LYS A 92 -34.44 24.33 -17.86
CA LYS A 92 -34.30 22.91 -17.43
C LYS A 92 -34.48 21.96 -18.62
N TRP A 93 -35.41 22.28 -19.50
CA TRP A 93 -35.65 21.42 -20.70
C TRP A 93 -36.15 22.27 -21.87
N SER A 94 -35.71 23.51 -21.96
CA SER A 94 -36.16 24.40 -23.07
C SER A 94 -34.96 24.85 -23.90
N MET A 95 -35.15 25.00 -25.20
CA MET A 95 -34.02 25.44 -26.08
C MET A 95 -34.08 26.96 -26.28
N ASP A 96 -35.13 27.45 -26.89
CA ASP A 96 -35.27 28.94 -27.14
C ASP A 96 -34.03 29.50 -27.84
N GLY B 1 -11.10 15.34 -18.45
CA GLY B 1 -11.88 15.03 -17.22
C GLY B 1 -11.01 15.26 -15.99
N ALA B 2 -11.63 15.49 -14.85
CA ALA B 2 -10.84 15.72 -13.60
C ALA B 2 -10.83 14.46 -12.74
N THR B 3 -9.69 14.15 -12.16
CA THR B 3 -9.59 12.93 -11.29
C THR B 3 -9.03 13.30 -9.91
N THR B 4 -9.51 12.67 -8.87
CA THR B 4 -8.99 12.97 -7.50
C THR B 4 -8.34 11.72 -6.90
N LYS B 5 -7.38 11.91 -6.02
CA LYS B 5 -6.69 10.74 -5.38
C LYS B 5 -7.24 10.50 -3.98
N GLU B 6 -7.60 11.55 -3.29
CA GLU B 6 -8.12 11.39 -1.89
C GLU B 6 -9.64 11.53 -1.88
N LYS B 7 -10.33 10.58 -1.29
CA LYS B 7 -11.82 10.66 -1.22
C LYS B 7 -12.27 10.92 0.21
N ASN B 8 -11.73 10.17 1.16
CA ASN B 8 -12.13 10.35 2.59
C ASN B 8 -10.88 10.44 3.47
N ILE B 9 -9.81 11.02 2.96
CA ILE B 9 -8.54 11.15 3.76
C ILE B 9 -8.10 9.78 4.31
N SER B 10 -7.27 9.08 3.59
CA SER B 10 -6.79 7.74 4.08
C SER B 10 -5.27 7.66 3.99
N VAL B 11 -4.60 7.71 5.13
CA VAL B 11 -3.10 7.61 5.14
C VAL B 11 -2.63 7.05 6.49
N ASP B 12 -1.64 6.18 6.46
CA ASP B 12 -1.12 5.56 7.73
C ASP B 12 -2.26 4.97 8.56
N VAL B 13 -2.01 4.62 9.80
CA VAL B 13 -3.07 4.05 10.71
C VAL B 13 -3.67 2.77 10.09
N ASP B 14 -4.45 2.03 10.86
CA ASP B 14 -5.09 0.77 10.33
C ASP B 14 -4.02 -0.18 9.75
N ALA B 15 -3.05 -0.56 10.56
CA ALA B 15 -2.00 -1.51 10.09
C ALA B 15 -2.60 -2.90 9.78
N ASP B 16 -3.77 -3.18 10.29
CA ASP B 16 -4.42 -4.51 10.01
C ASP B 16 -4.88 -4.58 8.55
N ALA B 17 -5.15 -3.45 7.94
CA ALA B 17 -5.58 -3.46 6.49
C ALA B 17 -4.47 -4.04 5.61
N SER B 18 -3.23 -3.87 6.00
CA SER B 18 -2.08 -4.47 5.23
C SER B 18 -2.29 -5.98 5.06
N SER B 19 -2.86 -6.61 6.06
CA SER B 19 -3.09 -8.09 6.00
C SER B 19 -4.14 -8.41 4.93
N GLN B 20 -5.10 -7.54 4.74
CA GLN B 20 -6.15 -7.78 3.70
C GLN B 20 -5.52 -7.77 2.30
N LEU B 21 -4.50 -6.97 2.10
CA LEU B 21 -3.82 -6.94 0.77
C LEU B 21 -3.14 -8.27 0.48
N LEU B 22 -2.54 -8.87 1.49
CA LEU B 22 -1.91 -10.22 1.30
C LEU B 22 -3.01 -11.27 1.10
N SER B 23 -4.09 -11.17 1.84
CA SER B 23 -5.23 -12.13 1.67
C SER B 23 -5.82 -12.02 0.26
N LEU B 24 -5.88 -10.82 -0.28
CA LEU B 24 -6.44 -10.64 -1.66
C LEU B 24 -5.55 -11.34 -2.69
N LEU B 25 -4.25 -11.25 -2.53
CA LEU B 25 -3.31 -11.94 -3.48
C LEU B 25 -3.51 -13.46 -3.42
N LYS B 26 -3.73 -13.99 -2.24
CA LYS B 26 -3.93 -15.47 -2.10
C LYS B 26 -5.34 -15.86 -2.57
N SER B 27 -6.33 -15.04 -2.26
CA SER B 27 -7.76 -15.36 -2.60
C SER B 27 -8.18 -16.72 -2.02
N SER B 28 -7.86 -17.81 -2.69
CA SER B 28 -8.25 -19.16 -2.19
C SER B 28 -7.01 -19.96 -1.79
N THR B 29 -7.16 -20.94 -0.94
CA THR B 29 -5.99 -21.75 -0.49
C THR B 29 -5.92 -23.06 -1.29
N ALA B 30 -6.39 -23.06 -2.52
CA ALA B 30 -6.38 -24.30 -3.38
C ALA B 30 -6.95 -25.52 -2.61
N PRO B 31 -8.18 -25.39 -2.16
CA PRO B 31 -8.84 -26.51 -1.44
C PRO B 31 -9.08 -27.69 -2.38
N SER B 32 -9.34 -27.41 -3.64
CA SER B 32 -9.56 -28.51 -4.64
C SER B 32 -8.24 -29.24 -4.93
N ASP B 33 -7.12 -28.55 -4.82
CA ASP B 33 -5.80 -29.17 -5.12
C ASP B 33 -5.33 -30.00 -3.92
N LEU B 34 -5.07 -31.28 -4.12
CA LEU B 34 -4.59 -32.18 -3.03
C LEU B 34 -5.57 -32.18 -1.83
N ALA B 35 -5.46 -31.21 -0.93
CA ALA B 35 -6.33 -31.19 0.29
C ALA B 35 -6.34 -32.54 1.02
N THR B 36 -5.47 -32.72 1.99
CA THR B 36 -5.40 -34.01 2.73
C THR B 36 -5.87 -33.82 4.19
N PRO B 37 -6.37 -34.89 4.79
CA PRO B 37 -6.83 -34.81 6.20
C PRO B 37 -5.69 -34.41 7.14
N GLN B 38 -5.97 -33.54 8.08
CA GLN B 38 -4.90 -33.10 9.04
C GLN B 38 -5.44 -33.13 10.49
N PRO B 39 -5.29 -34.27 11.13
CA PRO B 39 -5.77 -34.41 12.54
C PRO B 39 -4.99 -33.48 13.48
N SER B 40 -5.64 -32.95 14.48
CA SER B 40 -4.95 -32.02 15.42
C SER B 40 -5.29 -32.41 16.87
N THR B 41 -4.48 -31.97 17.81
CA THR B 41 -4.74 -32.29 19.24
C THR B 41 -5.52 -31.17 19.91
N PHE B 42 -6.08 -31.42 21.07
CA PHE B 42 -6.87 -30.37 21.79
C PHE B 42 -6.23 -30.06 23.15
N PRO B 43 -5.32 -29.10 23.17
CA PRO B 43 -4.64 -28.72 24.43
C PRO B 43 -5.64 -28.11 25.43
N GLN B 44 -6.66 -27.45 24.92
CA GLN B 44 -7.69 -26.85 25.83
C GLN B 44 -8.88 -27.81 25.98
N PRO B 45 -9.60 -27.66 27.08
CA PRO B 45 -10.78 -28.54 27.34
C PRO B 45 -11.90 -28.25 26.31
N PRO B 46 -12.71 -29.24 26.03
CA PRO B 46 -13.82 -29.06 25.05
C PRO B 46 -14.87 -28.10 25.62
N VAL B 47 -15.30 -27.14 24.83
CA VAL B 47 -16.33 -26.17 25.30
C VAL B 47 -17.41 -25.97 24.23
N GLU B 48 -18.63 -25.71 24.63
CA GLU B 48 -19.72 -25.49 23.63
C GLU B 48 -19.49 -24.18 22.86
N SER B 49 -18.95 -23.17 23.53
CA SER B 49 -18.68 -21.85 22.87
C SER B 49 -19.94 -21.31 22.19
N HIS B 50 -19.83 -20.15 21.56
CA HIS B 50 -21.01 -19.56 20.86
C HIS B 50 -20.57 -18.92 19.54
N SER B 51 -21.34 -19.10 18.49
CA SER B 51 -20.99 -18.50 17.17
C SER B 51 -22.12 -17.61 16.67
N SER B 52 -21.81 -16.65 15.83
CA SER B 52 -22.86 -15.73 15.29
C SER B 52 -22.36 -15.04 14.03
N MET A 1 -14.32 -1.59 3.73
CA MET A 1 -15.18 -2.78 3.46
C MET A 1 -14.50 -3.69 2.44
N GLY A 2 -14.26 -3.19 1.25
CA GLY A 2 -13.59 -4.03 0.20
C GLY A 2 -12.99 -3.10 -0.87
N MET A 3 -11.69 -3.17 -1.05
CA MET A 3 -11.03 -2.30 -2.08
C MET A 3 -10.14 -3.15 -2.99
N SER A 4 -9.77 -2.61 -4.13
CA SER A 4 -8.90 -3.38 -5.08
C SER A 4 -7.44 -2.92 -4.96
N VAL A 5 -6.53 -3.66 -5.52
CA VAL A 5 -5.08 -3.29 -5.44
C VAL A 5 -4.82 -1.99 -6.22
N ALA A 6 -5.61 -1.72 -7.24
CA ALA A 6 -5.41 -0.48 -8.06
C ALA A 6 -5.41 0.77 -7.16
N ASP A 7 -6.16 0.72 -6.09
CA ASP A 7 -6.14 1.85 -5.09
C ASP A 7 -4.78 1.88 -4.38
N PHE A 8 -4.15 0.75 -4.21
CA PHE A 8 -2.83 0.70 -3.49
C PHE A 8 -1.64 0.74 -4.48
N TYR A 9 -1.89 1.00 -5.74
CA TYR A 9 -0.76 1.18 -6.71
C TYR A 9 0.03 2.45 -6.38
N GLY A 10 1.33 2.39 -6.46
CA GLY A 10 2.18 3.57 -6.07
C GLY A 10 2.39 3.60 -4.55
N SER A 11 1.89 2.63 -3.82
CA SER A 11 2.14 2.59 -2.35
C SER A 11 3.55 2.04 -2.07
N ASN A 12 4.26 2.67 -1.16
CA ASN A 12 5.58 2.11 -0.70
C ASN A 12 5.34 1.08 0.39
N VAL A 13 5.70 -0.16 0.14
CA VAL A 13 5.48 -1.24 1.14
C VAL A 13 6.67 -2.19 1.12
N GLU A 14 6.81 -3.01 2.14
CA GLU A 14 7.92 -4.01 2.13
C GLU A 14 7.36 -5.42 1.93
N VAL A 15 7.90 -6.15 1.00
CA VAL A 15 7.41 -7.53 0.74
C VAL A 15 8.42 -8.56 1.26
N LEU A 16 7.99 -9.46 2.10
CA LEU A 16 8.89 -10.56 2.57
C LEU A 16 8.65 -11.81 1.71
N LEU A 17 9.69 -12.38 1.17
CA LEU A 17 9.52 -13.50 0.20
C LEU A 17 9.71 -14.86 0.90
N ASN A 18 9.32 -15.92 0.23
CA ASN A 18 9.39 -17.30 0.86
C ASN A 18 10.83 -17.66 1.25
N ASN A 19 11.81 -17.02 0.66
CA ASN A 19 13.24 -17.38 0.93
C ASN A 19 13.82 -16.52 2.06
N ASP A 20 12.98 -15.98 2.92
CA ASP A 20 13.47 -15.20 4.12
C ASP A 20 14.32 -14.01 3.67
N SER A 21 14.09 -13.50 2.48
CA SER A 21 14.76 -12.25 2.04
C SER A 21 13.76 -11.10 2.05
N LYS A 22 14.20 -9.91 2.37
CA LYS A 22 13.25 -8.76 2.50
C LYS A 22 13.45 -7.76 1.35
N ALA A 23 12.41 -7.08 0.97
CA ALA A 23 12.55 -6.02 -0.09
C ALA A 23 11.46 -4.96 0.08
N ARG A 24 11.74 -3.73 -0.30
CA ARG A 24 10.72 -2.65 -0.17
C ARG A 24 10.83 -1.68 -1.35
N GLY A 25 9.70 -1.22 -1.85
CA GLY A 25 9.71 -0.34 -3.06
C GLY A 25 8.30 0.20 -3.30
N VAL A 26 8.15 1.13 -4.21
CA VAL A 26 6.81 1.75 -4.46
C VAL A 26 6.11 1.01 -5.60
N ILE A 27 4.95 0.45 -5.34
CA ILE A 27 4.31 -0.45 -6.35
C ILE A 27 3.93 0.33 -7.61
N THR A 28 4.05 -0.30 -8.77
CA THR A 28 3.68 0.38 -10.04
C THR A 28 2.59 -0.39 -10.78
N ASN A 29 2.49 -1.70 -10.60
CA ASN A 29 1.45 -2.47 -11.35
C ASN A 29 1.16 -3.83 -10.71
N PHE A 30 0.03 -4.41 -11.03
CA PHE A 30 -0.27 -5.82 -10.64
C PHE A 30 -1.20 -6.43 -11.70
N ASP A 31 -0.81 -7.54 -12.27
CA ASP A 31 -1.63 -8.16 -13.36
C ASP A 31 -2.46 -9.28 -12.79
N SER A 32 -3.73 -9.30 -13.06
CA SER A 32 -4.62 -10.35 -12.46
C SER A 32 -4.31 -11.72 -13.07
N SER A 33 -4.27 -11.82 -14.37
CA SER A 33 -4.08 -13.15 -15.04
C SER A 33 -2.75 -13.78 -14.61
N ASN A 34 -1.71 -13.01 -14.54
CA ASN A 34 -0.36 -13.56 -14.19
C ASN A 34 0.02 -13.23 -12.74
N SER A 35 -0.71 -12.36 -12.07
CA SER A 35 -0.33 -11.92 -10.68
C SER A 35 1.15 -11.46 -10.64
N ILE A 36 1.45 -10.38 -11.31
CA ILE A 36 2.88 -9.93 -11.39
C ILE A 36 2.99 -8.47 -10.93
N LEU A 37 3.87 -8.20 -9.99
CA LEU A 37 3.89 -6.86 -9.35
C LEU A 37 5.20 -6.13 -9.65
N GLN A 38 5.11 -4.98 -10.28
CA GLN A 38 6.33 -4.15 -10.51
C GLN A 38 6.52 -3.19 -9.35
N LEU A 39 7.72 -3.07 -8.85
CA LEU A 39 8.01 -2.04 -7.79
C LEU A 39 9.04 -1.03 -8.29
N ARG A 40 8.70 0.23 -8.27
CA ARG A 40 9.71 1.29 -8.67
C ARG A 40 10.38 1.85 -7.42
N LEU A 41 11.61 1.51 -7.20
CA LEU A 41 12.30 1.91 -5.93
C LEU A 41 12.90 3.32 -6.05
N ALA A 42 13.04 3.99 -4.93
CA ALA A 42 13.41 5.44 -4.94
C ALA A 42 14.80 5.69 -5.55
N ASN A 43 15.56 4.64 -5.80
CA ASN A 43 16.87 4.81 -6.50
C ASN A 43 16.69 4.83 -8.04
N ASP A 44 15.54 5.28 -8.53
CA ASP A 44 15.32 5.39 -10.01
C ASP A 44 15.52 4.02 -10.69
N SER A 45 15.24 2.94 -9.98
CA SER A 45 15.40 1.59 -10.60
C SER A 45 14.05 0.85 -10.59
N THR A 46 13.72 0.19 -11.67
CA THR A 46 12.46 -0.62 -11.72
C THR A 46 12.77 -2.09 -11.44
N LYS A 47 11.83 -2.81 -10.86
CA LYS A 47 12.04 -4.26 -10.59
C LYS A 47 10.72 -5.02 -10.66
N SER A 48 10.64 -6.01 -11.52
CA SER A 48 9.38 -6.80 -11.64
C SER A 48 9.47 -8.07 -10.81
N ILE A 49 8.54 -8.27 -9.91
CA ILE A 49 8.54 -9.50 -9.06
C ILE A 49 7.16 -10.16 -9.11
N VAL A 50 7.11 -11.46 -9.30
CA VAL A 50 5.80 -12.16 -9.36
C VAL A 50 5.29 -12.43 -7.94
N THR A 51 4.07 -12.02 -7.64
CA THR A 51 3.57 -12.05 -6.22
C THR A 51 3.60 -13.45 -5.62
N LYS A 52 3.53 -14.47 -6.45
CA LYS A 52 3.48 -15.88 -5.93
C LYS A 52 4.68 -16.17 -5.03
N ASP A 53 5.76 -15.45 -5.17
CA ASP A 53 6.93 -15.65 -4.26
C ASP A 53 6.76 -14.85 -2.95
N ILE A 54 5.66 -14.16 -2.78
CA ILE A 54 5.45 -13.39 -1.50
C ILE A 54 5.07 -14.36 -0.36
N LYS A 55 5.78 -14.27 0.73
CA LYS A 55 5.34 -15.01 1.97
C LYS A 55 4.48 -14.08 2.83
N ASP A 56 4.73 -12.79 2.78
CA ASP A 56 3.95 -11.82 3.62
C ASP A 56 4.14 -10.39 3.09
N LEU A 57 3.24 -9.50 3.41
CA LEU A 57 3.34 -8.09 2.91
C LEU A 57 3.08 -7.11 4.06
N ARG A 58 3.70 -5.95 4.00
CA ARG A 58 3.44 -4.90 5.04
C ARG A 58 3.65 -3.51 4.43
N ILE A 59 2.87 -2.54 4.85
CA ILE A 59 3.12 -1.14 4.40
C ILE A 59 4.13 -0.46 5.33
N LEU A 60 5.11 0.23 4.77
CA LEU A 60 6.14 0.89 5.61
C LEU A 60 5.63 2.27 6.07
N PRO A 61 5.47 2.44 7.38
CA PRO A 61 4.98 3.74 7.92
C PRO A 61 6.02 4.84 7.67
N LYS A 62 5.57 6.03 7.34
CA LYS A 62 6.52 7.16 7.08
C LYS A 62 6.65 8.03 8.33
N ASN A 63 7.80 8.63 8.52
CA ASN A 63 8.02 9.50 9.73
C ASN A 63 8.24 10.96 9.30
N GLU A 64 7.93 11.89 10.18
CA GLU A 64 8.12 13.34 9.84
C GLU A 64 8.13 14.18 11.12
N ILE A 65 8.75 13.69 12.16
CA ILE A 65 8.79 14.45 13.46
C ILE A 65 10.22 14.92 13.74
N MET A 66 10.37 16.15 14.18
CA MET A 66 11.73 16.72 14.48
C MET A 66 12.68 16.54 13.29
N PRO A 67 12.63 17.47 12.35
CA PRO A 67 13.52 17.41 11.15
C PRO A 67 14.98 17.61 11.56
N LYS A 68 15.89 17.02 10.84
CA LYS A 68 17.35 17.17 11.17
C LYS A 68 17.78 18.63 11.02
N ASN A 69 17.22 19.33 10.06
CA ASN A 69 17.59 20.77 9.85
C ASN A 69 16.87 21.65 10.87
N GLY A 70 17.21 22.93 10.90
CA GLY A 70 16.55 23.86 11.88
C GLY A 70 17.63 24.53 12.74
N THR A 71 18.61 23.77 13.18
CA THR A 71 19.70 24.36 14.02
C THR A 71 20.53 25.35 13.19
N LYS A 72 20.74 25.04 11.93
CA LYS A 72 21.53 25.96 11.03
C LYS A 72 22.90 26.30 11.65
N SER A 73 23.56 25.32 12.22
CA SER A 73 24.90 25.57 12.84
C SER A 73 25.98 25.66 11.75
N PRO A 74 27.10 26.29 12.08
CA PRO A 74 28.20 26.44 11.09
C PRO A 74 28.72 25.07 10.66
N SER A 75 29.02 24.90 9.39
CA SER A 75 29.54 23.59 8.89
C SER A 75 30.55 23.83 7.77
N THR A 76 31.52 22.95 7.64
CA THR A 76 32.54 23.10 6.56
C THR A 76 32.75 21.77 5.83
N ASN A 77 33.19 21.82 4.59
CA ASN A 77 33.40 20.57 3.80
C ASN A 77 34.82 20.53 3.22
N SER A 78 35.77 21.12 3.91
CA SER A 78 37.17 21.13 3.41
C SER A 78 38.10 20.46 4.42
N THR A 79 39.10 19.76 3.95
CA THR A 79 40.06 19.07 4.88
C THR A 79 41.20 20.01 5.25
N LYS A 80 41.97 20.43 4.28
CA LYS A 80 43.12 21.35 4.56
C LYS A 80 42.75 22.79 4.19
N LEU A 81 43.26 23.75 4.93
CA LEU A 81 42.96 25.18 4.61
C LEU A 81 44.14 25.81 3.86
N LYS A 82 44.10 27.11 3.65
CA LYS A 82 45.22 27.79 2.92
C LYS A 82 46.53 27.66 3.70
N SER A 83 46.45 27.70 5.01
CA SER A 83 47.69 27.58 5.86
C SER A 83 47.61 26.32 6.72
N ALA A 84 48.73 25.68 6.95
CA ALA A 84 48.74 24.45 7.79
C ALA A 84 49.92 24.48 8.77
N GLU A 85 49.81 23.79 9.88
CA GLU A 85 50.92 23.78 10.88
C GLU A 85 51.78 22.53 10.72
N THR A 86 53.08 22.70 10.71
CA THR A 86 54.00 21.52 10.57
C THR A 86 53.94 20.65 11.83
N TYR A 87 53.76 21.25 12.98
CA TYR A 87 53.73 20.47 14.25
C TYR A 87 52.48 19.57 14.29
N SER A 88 52.50 18.54 15.10
CA SER A 88 51.33 17.62 15.20
C SER A 88 50.72 17.70 16.59
N SER A 89 49.43 17.41 16.71
CA SER A 89 48.76 17.49 18.04
C SER A 89 49.33 16.43 18.99
N LYS A 90 49.39 16.73 20.27
CA LYS A 90 49.94 15.76 21.26
C LYS A 90 49.04 14.53 21.37
N ASN A 91 47.74 14.72 21.23
CA ASN A 91 46.79 13.58 21.35
C ASN A 91 46.41 13.06 19.96
N LYS A 92 46.91 11.91 19.59
CA LYS A 92 46.57 11.33 18.25
C LYS A 92 46.20 9.84 18.38
N TRP A 93 46.89 9.11 19.22
CA TRP A 93 46.57 7.67 19.42
C TRP A 93 45.63 7.49 20.62
N SER A 94 44.73 6.54 20.56
CA SER A 94 43.80 6.29 21.69
C SER A 94 43.63 4.79 21.94
N MET A 95 43.18 4.42 23.11
CA MET A 95 43.00 2.97 23.43
C MET A 95 41.53 2.66 23.67
N ASP A 96 41.13 1.42 23.47
CA ASP A 96 39.70 1.03 23.69
C ASP A 96 39.62 -0.30 24.43
N GLY B 1 -0.49 -1.80 31.30
CA GLY B 1 0.48 -2.91 31.12
C GLY B 1 1.89 -2.33 30.98
N ALA B 2 2.11 -1.52 29.99
CA ALA B 2 3.46 -0.90 29.78
C ALA B 2 3.33 0.54 29.28
N THR B 3 4.31 1.36 29.57
CA THR B 3 4.25 2.79 29.12
C THR B 3 5.29 3.05 28.01
N THR B 4 5.58 2.05 27.21
CA THR B 4 6.58 2.22 26.12
C THR B 4 5.88 2.34 24.76
N LYS B 5 6.36 3.22 23.91
CA LYS B 5 5.74 3.39 22.57
C LYS B 5 6.72 2.99 21.47
N GLU B 6 6.25 2.28 20.47
CA GLU B 6 7.15 1.84 19.37
C GLU B 6 6.53 2.17 18.00
N LYS B 7 6.47 3.45 17.67
CA LYS B 7 5.90 3.87 16.34
C LYS B 7 4.50 3.29 16.12
N ASN B 8 3.65 3.36 17.12
CA ASN B 8 2.26 2.81 16.99
C ASN B 8 1.49 3.56 15.90
N ILE B 9 1.68 4.86 15.82
CA ILE B 9 0.97 5.69 14.77
C ILE B 9 -0.55 5.45 14.84
N SER B 10 -1.23 6.06 15.78
CA SER B 10 -2.71 5.87 15.90
C SER B 10 -3.42 6.49 14.69
N VAL B 11 -2.92 7.58 14.18
CA VAL B 11 -3.56 8.23 13.00
C VAL B 11 -2.96 7.68 11.69
N ASP B 12 -3.77 7.55 10.67
CA ASP B 12 -3.28 7.02 9.34
C ASP B 12 -2.53 5.69 9.51
N VAL B 13 -1.95 5.18 8.45
CA VAL B 13 -1.19 3.88 8.51
C VAL B 13 -2.05 2.78 9.15
N ASP B 14 -2.88 2.13 8.37
CA ASP B 14 -3.75 1.04 8.92
C ASP B 14 -2.96 -0.26 9.02
N ALA B 15 -2.67 -0.71 10.22
CA ALA B 15 -1.91 -1.99 10.40
C ALA B 15 -2.77 -3.18 9.93
N ASP B 16 -4.06 -3.10 10.13
CA ASP B 16 -4.96 -4.22 9.71
C ASP B 16 -5.09 -4.27 8.18
N ALA B 17 -4.95 -3.13 7.52
CA ALA B 17 -5.04 -3.11 6.02
C ALA B 17 -3.93 -3.96 5.40
N SER B 18 -2.77 -3.99 6.02
CA SER B 18 -1.63 -4.80 5.49
C SER B 18 -2.04 -6.27 5.34
N SER B 19 -2.79 -6.78 6.29
CA SER B 19 -3.22 -8.21 6.23
C SER B 19 -4.24 -8.42 5.11
N GLN B 20 -5.04 -7.42 4.82
CA GLN B 20 -6.06 -7.55 3.73
C GLN B 20 -5.37 -7.73 2.37
N LEU B 21 -4.27 -7.06 2.16
CA LEU B 21 -3.54 -7.18 0.86
C LEU B 21 -2.97 -8.61 0.70
N LEU B 22 -2.43 -9.15 1.76
CA LEU B 22 -1.93 -10.56 1.71
C LEU B 22 -3.12 -11.53 1.63
N SER B 23 -4.18 -11.23 2.35
CA SER B 23 -5.41 -12.08 2.27
C SER B 23 -5.99 -12.06 0.86
N LEU B 24 -5.91 -10.95 0.18
CA LEU B 24 -6.45 -10.85 -1.22
C LEU B 24 -5.66 -11.78 -2.15
N LEU B 25 -4.36 -11.82 -1.99
CA LEU B 25 -3.52 -12.75 -2.83
C LEU B 25 -3.91 -14.20 -2.56
N LYS B 26 -4.21 -14.52 -1.33
CA LYS B 26 -4.62 -15.92 -0.99
C LYS B 26 -6.07 -16.17 -1.43
N SER B 27 -6.91 -15.17 -1.33
CA SER B 27 -8.34 -15.33 -1.73
C SER B 27 -9.00 -13.95 -1.91
N SER B 28 -9.35 -13.61 -3.12
CA SER B 28 -9.98 -12.28 -3.39
C SER B 28 -11.46 -12.30 -2.99
N THR B 29 -12.12 -13.43 -3.15
CA THR B 29 -13.58 -13.50 -2.85
C THR B 29 -13.82 -14.31 -1.58
N ALA B 30 -15.03 -14.26 -1.04
CA ALA B 30 -15.36 -15.00 0.22
C ALA B 30 -14.40 -14.62 1.36
N PRO B 31 -14.70 -15.10 2.56
CA PRO B 31 -13.83 -14.80 3.74
C PRO B 31 -12.45 -15.45 3.56
N SER B 32 -11.57 -15.26 4.51
CA SER B 32 -10.21 -15.85 4.41
C SER B 32 -10.04 -16.99 5.42
N ASP B 33 -9.23 -17.98 5.09
CA ASP B 33 -9.04 -19.13 6.01
C ASP B 33 -7.86 -18.86 6.97
N LEU B 34 -7.67 -19.72 7.94
CA LEU B 34 -6.55 -19.54 8.93
C LEU B 34 -6.59 -18.14 9.56
N ALA B 35 -7.29 -18.00 10.66
CA ALA B 35 -7.38 -16.66 11.34
C ALA B 35 -7.94 -16.83 12.75
N THR B 36 -7.64 -15.90 13.63
CA THR B 36 -8.15 -16.00 15.04
C THR B 36 -9.52 -15.31 15.15
N PRO B 37 -10.34 -15.75 16.09
CA PRO B 37 -11.68 -15.14 16.28
C PRO B 37 -11.56 -13.70 16.80
N GLN B 38 -12.22 -12.77 16.17
CA GLN B 38 -12.18 -11.36 16.63
C GLN B 38 -13.37 -10.57 16.05
N PRO B 39 -13.82 -9.56 16.78
CA PRO B 39 -14.95 -8.73 16.29
C PRO B 39 -14.57 -8.00 14.99
N SER B 40 -15.43 -8.04 14.00
CA SER B 40 -15.12 -7.35 12.71
C SER B 40 -15.83 -6.00 12.65
N THR B 41 -17.14 -6.00 12.67
CA THR B 41 -17.91 -4.72 12.64
C THR B 41 -18.94 -4.69 13.77
N PHE B 42 -19.09 -3.56 14.42
CA PHE B 42 -20.08 -3.42 15.55
C PHE B 42 -19.87 -4.55 16.60
N PRO B 43 -19.06 -4.27 17.60
CA PRO B 43 -18.79 -5.29 18.66
C PRO B 43 -20.08 -5.58 19.45
N GLN B 44 -20.94 -4.61 19.60
CA GLN B 44 -22.22 -4.83 20.33
C GLN B 44 -23.37 -4.10 19.61
N PRO B 45 -24.58 -4.59 19.79
CA PRO B 45 -25.76 -3.96 19.13
C PRO B 45 -26.03 -2.57 19.73
N PRO B 46 -25.84 -1.53 18.93
CA PRO B 46 -26.09 -0.15 19.43
C PRO B 46 -27.60 0.07 19.65
N VAL B 47 -28.42 -0.54 18.83
CA VAL B 47 -29.90 -0.36 18.97
C VAL B 47 -30.40 -1.06 20.24
N GLU B 48 -29.83 -2.19 20.57
CA GLU B 48 -30.29 -2.95 21.78
C GLU B 48 -29.97 -2.17 23.06
N SER B 49 -28.83 -1.52 23.09
CA SER B 49 -28.44 -0.73 24.31
C SER B 49 -27.95 0.67 23.90
N HIS B 50 -28.38 1.68 24.61
CA HIS B 50 -27.96 3.08 24.28
C HIS B 50 -27.43 3.78 25.54
N SER B 51 -26.50 4.69 25.37
CA SER B 51 -25.93 5.42 26.55
C SER B 51 -26.19 6.92 26.42
N SER B 52 -26.38 7.60 27.53
CA SER B 52 -26.64 9.06 27.49
C SER B 52 -26.31 9.69 28.84
N MET A 1 -12.94 -2.22 -6.61
CA MET A 1 -14.06 -2.59 -5.68
C MET A 1 -13.57 -3.62 -4.66
N GLY A 2 -13.91 -3.44 -3.41
CA GLY A 2 -13.47 -4.40 -2.35
C GLY A 2 -11.99 -4.17 -2.03
N MET A 3 -11.56 -2.92 -2.02
CA MET A 3 -10.12 -2.59 -1.72
C MET A 3 -9.17 -3.39 -2.63
N SER A 4 -8.93 -2.89 -3.82
CA SER A 4 -8.03 -3.62 -4.77
C SER A 4 -6.64 -2.97 -4.78
N VAL A 5 -5.75 -3.47 -5.58
CA VAL A 5 -4.35 -2.92 -5.63
C VAL A 5 -4.37 -1.47 -6.18
N ALA A 6 -5.34 -1.15 -7.02
CA ALA A 6 -5.41 0.22 -7.62
C ALA A 6 -5.42 1.29 -6.52
N ASP A 7 -6.00 0.98 -5.39
CA ASP A 7 -5.95 1.92 -4.23
C ASP A 7 -4.52 2.00 -3.69
N PHE A 8 -3.80 0.91 -3.73
CA PHE A 8 -2.38 0.90 -3.25
C PHE A 8 -1.39 1.08 -4.41
N TYR A 9 -1.88 1.41 -5.59
CA TYR A 9 -0.96 1.58 -6.76
C TYR A 9 -0.07 2.81 -6.55
N GLY A 10 1.23 2.65 -6.70
CA GLY A 10 2.18 3.78 -6.45
C GLY A 10 2.50 3.89 -4.94
N SER A 11 1.92 3.04 -4.11
CA SER A 11 2.26 3.07 -2.65
C SER A 11 3.63 2.43 -2.40
N ASN A 12 4.43 3.02 -1.55
CA ASN A 12 5.72 2.37 -1.16
C ASN A 12 5.49 1.36 -0.04
N VAL A 13 5.79 0.12 -0.29
CA VAL A 13 5.58 -0.93 0.76
C VAL A 13 6.73 -1.94 0.72
N GLU A 14 6.88 -2.72 1.75
CA GLU A 14 7.96 -3.76 1.73
C GLU A 14 7.34 -5.15 1.60
N VAL A 15 7.83 -5.95 0.69
CA VAL A 15 7.28 -7.32 0.50
C VAL A 15 8.28 -8.36 1.03
N LEU A 16 7.83 -9.23 1.89
CA LEU A 16 8.70 -10.36 2.35
C LEU A 16 8.41 -11.60 1.51
N LEU A 17 9.43 -12.17 0.93
CA LEU A 17 9.20 -13.28 -0.05
C LEU A 17 9.37 -14.66 0.61
N ASN A 18 8.94 -15.70 -0.06
CA ASN A 18 9.00 -17.08 0.52
C ASN A 18 10.43 -17.47 0.91
N ASN A 19 11.41 -16.83 0.32
CA ASN A 19 12.85 -17.18 0.62
C ASN A 19 13.40 -16.30 1.74
N ASP A 20 12.54 -15.82 2.62
CA ASP A 20 12.99 -15.09 3.86
C ASP A 20 13.94 -13.93 3.51
N SER A 21 13.81 -13.39 2.31
CA SER A 21 14.56 -12.14 1.97
C SER A 21 13.57 -10.97 1.90
N LYS A 22 14.02 -9.79 2.26
CA LYS A 22 13.08 -8.63 2.34
C LYS A 22 13.36 -7.64 1.21
N ALA A 23 12.34 -6.97 0.73
CA ALA A 23 12.55 -5.92 -0.32
C ALA A 23 11.43 -4.87 -0.23
N ARG A 24 11.68 -3.68 -0.72
CA ARG A 24 10.62 -2.62 -0.70
C ARG A 24 10.72 -1.75 -1.96
N GLY A 25 9.62 -1.17 -2.37
CA GLY A 25 9.64 -0.30 -3.59
C GLY A 25 8.28 0.39 -3.73
N VAL A 26 8.17 1.33 -4.63
CA VAL A 26 6.85 1.99 -4.89
C VAL A 26 6.16 1.27 -6.06
N ILE A 27 4.94 0.83 -5.86
CA ILE A 27 4.27 -0.05 -6.87
C ILE A 27 4.10 0.69 -8.21
N THR A 28 4.34 0.00 -9.30
CA THR A 28 4.19 0.61 -10.65
C THR A 28 3.18 -0.15 -11.51
N ASN A 29 2.87 -1.40 -11.19
CA ASN A 29 1.80 -2.12 -11.96
C ASN A 29 1.33 -3.38 -11.23
N PHE A 30 0.14 -3.84 -11.56
CA PHE A 30 -0.37 -5.14 -11.02
C PHE A 30 -1.33 -5.76 -12.04
N ASP A 31 -1.03 -6.94 -12.50
CA ASP A 31 -1.88 -7.58 -13.55
C ASP A 31 -2.85 -8.56 -12.88
N SER A 32 -4.11 -8.47 -13.21
CA SER A 32 -5.12 -9.36 -12.52
C SER A 32 -4.93 -10.81 -12.97
N SER A 33 -4.92 -11.05 -14.26
CA SER A 33 -4.87 -12.46 -14.77
C SER A 33 -3.59 -13.17 -14.28
N ASN A 34 -2.48 -12.48 -14.29
CA ASN A 34 -1.20 -13.12 -13.88
C ASN A 34 -0.77 -12.69 -12.46
N SER A 35 -1.43 -11.71 -11.88
CA SER A 35 -0.99 -11.17 -10.54
C SER A 35 0.52 -10.85 -10.54
N ILE A 36 0.92 -9.87 -11.32
CA ILE A 36 2.38 -9.56 -11.45
C ILE A 36 2.63 -8.11 -11.01
N LEU A 37 3.54 -7.92 -10.09
CA LEU A 37 3.70 -6.57 -9.47
C LEU A 37 5.08 -5.99 -9.79
N GLN A 38 5.11 -4.87 -10.46
CA GLN A 38 6.40 -4.15 -10.64
C GLN A 38 6.58 -3.14 -9.52
N LEU A 39 7.74 -3.13 -8.90
CA LEU A 39 8.01 -2.11 -7.83
C LEU A 39 9.18 -1.22 -8.25
N ARG A 40 8.97 0.07 -8.28
CA ARG A 40 10.11 1.02 -8.50
C ARG A 40 10.49 1.69 -7.17
N LEU A 41 11.61 1.29 -6.60
CA LEU A 41 12.03 1.87 -5.28
C LEU A 41 12.76 3.21 -5.49
N ALA A 42 12.68 4.08 -4.52
CA ALA A 42 13.19 5.49 -4.70
C ALA A 42 14.72 5.55 -4.84
N ASN A 43 15.41 4.44 -4.72
CA ASN A 43 16.88 4.43 -4.96
C ASN A 43 17.20 4.20 -6.45
N ASP A 44 16.31 4.60 -7.35
CA ASP A 44 16.59 4.49 -8.83
C ASP A 44 16.69 3.01 -9.24
N SER A 45 16.01 2.12 -8.55
CA SER A 45 16.05 0.68 -8.93
C SER A 45 14.62 0.17 -9.16
N THR A 46 14.43 -0.63 -10.18
CA THR A 46 13.07 -1.19 -10.47
C THR A 46 13.14 -2.71 -10.59
N LYS A 47 12.11 -3.41 -10.19
CA LYS A 47 12.14 -4.90 -10.24
C LYS A 47 10.73 -5.47 -10.41
N SER A 48 10.56 -6.39 -11.32
CA SER A 48 9.22 -7.03 -11.51
C SER A 48 9.15 -8.34 -10.73
N ILE A 49 8.16 -8.47 -9.86
CA ILE A 49 8.02 -9.73 -9.06
C ILE A 49 6.59 -10.24 -9.18
N VAL A 50 6.43 -11.53 -9.39
CA VAL A 50 5.04 -12.11 -9.47
C VAL A 50 4.52 -12.35 -8.05
N THR A 51 3.35 -11.84 -7.73
CA THR A 51 2.89 -11.79 -6.31
C THR A 51 2.85 -13.19 -5.66
N LYS A 52 2.72 -14.22 -6.46
CA LYS A 52 2.62 -15.60 -5.90
C LYS A 52 3.83 -15.94 -5.02
N ASP A 53 4.95 -15.28 -5.25
CA ASP A 53 6.13 -15.52 -4.36
C ASP A 53 6.07 -14.66 -3.10
N ILE A 54 5.00 -13.91 -2.90
CA ILE A 54 4.88 -13.08 -1.65
C ILE A 54 4.54 -13.99 -0.45
N LYS A 55 5.34 -13.95 0.58
CA LYS A 55 4.98 -14.65 1.85
C LYS A 55 4.27 -13.68 2.80
N ASP A 56 4.57 -12.40 2.69
CA ASP A 56 3.94 -11.39 3.60
C ASP A 56 4.12 -9.98 3.03
N LEU A 57 3.23 -9.08 3.38
CA LEU A 57 3.31 -7.69 2.83
C LEU A 57 3.15 -6.66 3.96
N ARG A 58 3.78 -5.51 3.83
CA ARG A 58 3.58 -4.42 4.83
C ARG A 58 3.80 -3.06 4.17
N ILE A 59 3.07 -2.06 4.57
CA ILE A 59 3.36 -0.67 4.09
C ILE A 59 4.43 -0.02 4.99
N LEU A 60 5.41 0.60 4.39
CA LEU A 60 6.52 1.21 5.20
C LEU A 60 6.06 2.55 5.80
N PRO A 61 6.14 2.69 7.11
CA PRO A 61 5.61 3.91 7.78
C PRO A 61 6.47 5.13 7.42
N LYS A 62 5.84 6.26 7.25
CA LYS A 62 6.61 7.52 6.97
C LYS A 62 6.04 8.67 7.82
N ASN A 63 6.83 9.18 8.74
CA ASN A 63 6.33 10.27 9.64
C ASN A 63 7.42 11.32 9.85
N GLU A 64 7.10 12.39 10.53
CA GLU A 64 8.11 13.46 10.81
C GLU A 64 8.58 13.38 12.26
N ILE A 65 9.53 14.20 12.63
CA ILE A 65 10.05 14.18 14.04
C ILE A 65 9.83 15.54 14.71
N MET A 66 9.50 15.55 15.98
CA MET A 66 9.25 16.82 16.73
C MET A 66 8.23 17.71 15.98
N PRO A 67 6.96 17.48 16.26
CA PRO A 67 5.88 18.27 15.61
C PRO A 67 5.95 19.74 16.08
N LYS A 68 5.69 20.67 15.19
CA LYS A 68 5.74 22.12 15.58
C LYS A 68 4.64 22.44 16.58
N ASN A 69 3.48 21.84 16.44
CA ASN A 69 2.36 22.10 17.37
C ASN A 69 1.78 20.79 17.92
N GLY A 70 2.60 19.78 18.05
CA GLY A 70 2.11 18.47 18.57
C GLY A 70 1.41 17.70 17.46
N THR A 71 0.89 16.53 17.77
CA THR A 71 0.17 15.72 16.73
C THR A 71 -1.14 16.41 16.34
N LYS A 72 -1.85 16.96 17.31
CA LYS A 72 -3.17 17.61 17.05
C LYS A 72 -4.19 16.60 16.51
N SER A 73 -4.03 16.15 15.29
CA SER A 73 -5.02 15.20 14.69
C SER A 73 -4.32 13.86 14.35
N PRO A 74 -4.33 12.94 15.29
CA PRO A 74 -3.69 11.61 15.07
C PRO A 74 -4.35 10.88 13.88
N SER A 75 -5.60 11.14 13.63
CA SER A 75 -6.30 10.47 12.49
C SER A 75 -6.46 11.44 11.31
N THR A 76 -6.22 10.98 10.12
CA THR A 76 -6.34 11.88 8.92
C THR A 76 -7.81 12.08 8.55
N ASN A 77 -8.63 11.09 8.80
CA ASN A 77 -10.08 11.21 8.44
C ASN A 77 -10.91 11.58 9.68
N SER A 78 -11.59 12.69 9.63
CA SER A 78 -12.43 13.13 10.80
C SER A 78 -13.61 13.97 10.31
N THR A 79 -14.61 14.16 11.15
CA THR A 79 -15.78 14.98 10.75
C THR A 79 -15.64 16.44 11.24
N LYS A 80 -14.49 16.83 11.71
CA LYS A 80 -14.29 18.23 12.18
C LYS A 80 -14.36 19.21 11.00
N LEU A 81 -13.90 18.79 9.85
CA LEU A 81 -13.93 19.68 8.65
C LEU A 81 -15.22 19.47 7.86
N LYS A 82 -15.72 20.50 7.23
CA LYS A 82 -16.98 20.36 6.42
C LYS A 82 -16.81 21.02 5.05
N SER A 83 -17.76 20.82 4.16
CA SER A 83 -17.65 21.43 2.80
C SER A 83 -18.56 22.65 2.70
N ALA A 84 -18.12 23.67 2.00
CA ALA A 84 -18.93 24.92 1.87
C ALA A 84 -20.13 24.67 0.94
N GLU A 85 -21.28 25.20 1.30
CA GLU A 85 -22.50 25.02 0.44
C GLU A 85 -23.00 26.37 -0.05
N THR A 86 -23.69 26.40 -1.16
CA THR A 86 -24.22 27.68 -1.71
C THR A 86 -25.72 27.59 -1.98
N TYR A 87 -26.41 26.70 -1.29
CA TYR A 87 -27.89 26.59 -1.47
C TYR A 87 -28.61 27.73 -0.74
N SER A 88 -28.08 28.15 0.38
CA SER A 88 -28.73 29.25 1.15
C SER A 88 -27.66 30.08 1.88
N SER A 89 -28.04 31.20 2.43
CA SER A 89 -27.06 32.06 3.17
C SER A 89 -27.42 32.11 4.66
N LYS A 90 -26.42 32.23 5.51
CA LYS A 90 -26.70 32.30 6.99
C LYS A 90 -27.44 33.59 7.34
N ASN A 91 -27.07 34.69 6.71
CA ASN A 91 -27.72 36.00 7.03
C ASN A 91 -29.11 36.08 6.39
N LYS A 92 -29.25 35.58 5.18
CA LYS A 92 -30.56 35.67 4.47
C LYS A 92 -31.23 34.30 4.43
N TRP A 93 -32.52 34.25 4.68
CA TRP A 93 -33.26 32.95 4.64
C TRP A 93 -34.10 32.86 3.37
N SER A 94 -34.24 31.68 2.82
CA SER A 94 -35.06 31.51 1.56
C SER A 94 -36.52 31.86 1.83
N MET A 95 -37.01 31.54 3.01
CA MET A 95 -38.44 31.83 3.35
C MET A 95 -38.50 32.76 4.58
N ASP A 96 -39.42 33.69 4.57
CA ASP A 96 -39.54 34.64 5.72
C ASP A 96 -40.93 35.28 5.73
N GLY B 1 19.78 -6.20 13.18
CA GLY B 1 19.00 -5.76 14.38
C GLY B 1 17.64 -5.21 13.94
N ALA B 2 17.56 -3.92 13.71
CA ALA B 2 16.27 -3.31 13.28
C ALA B 2 16.52 -2.19 12.27
N THR B 3 15.56 -1.90 11.43
CA THR B 3 15.74 -0.82 10.42
C THR B 3 15.78 0.55 11.10
N THR B 4 15.03 0.71 12.16
CA THR B 4 15.02 2.02 12.89
C THR B 4 15.33 1.79 14.39
N LYS B 5 15.85 2.79 15.05
CA LYS B 5 16.16 2.65 16.51
C LYS B 5 14.87 2.49 17.32
N GLU B 6 13.81 3.15 16.91
CA GLU B 6 12.53 3.06 17.66
C GLU B 6 11.63 1.99 17.04
N LYS B 7 10.83 1.34 17.84
CA LYS B 7 9.91 0.27 17.31
C LYS B 7 8.72 0.08 18.27
N ASN B 8 8.28 1.14 18.89
CA ASN B 8 7.13 1.03 19.85
C ASN B 8 5.88 1.68 19.26
N ILE B 9 4.79 0.93 19.15
CA ILE B 9 3.51 1.49 18.59
C ILE B 9 3.75 2.15 17.22
N SER B 10 3.56 1.41 16.15
CA SER B 10 3.76 1.99 14.79
C SER B 10 2.43 2.11 14.06
N VAL B 11 2.27 3.11 13.23
CA VAL B 11 0.99 3.30 12.48
C VAL B 11 1.29 3.96 11.13
N ASP B 12 0.62 3.53 10.09
CA ASP B 12 0.85 4.13 8.73
C ASP B 12 -0.32 3.80 7.79
N VAL B 13 -1.34 4.64 7.80
CA VAL B 13 -2.53 4.43 6.91
C VAL B 13 -3.10 3.00 7.10
N ASP B 14 -3.90 2.80 8.12
CA ASP B 14 -4.53 1.46 8.39
C ASP B 14 -3.47 0.34 8.39
N ALA B 15 -2.91 0.05 9.54
CA ALA B 15 -1.90 -1.04 9.64
C ALA B 15 -2.56 -2.40 9.38
N ASP B 16 -3.82 -2.54 9.73
CA ASP B 16 -4.53 -3.84 9.51
C ASP B 16 -4.84 -4.03 8.02
N ALA B 17 -4.97 -2.95 7.27
CA ALA B 17 -5.29 -3.07 5.81
C ALA B 17 -4.16 -3.82 5.08
N SER B 18 -2.94 -3.68 5.55
CA SER B 18 -1.80 -4.44 4.94
C SER B 18 -2.09 -5.94 4.94
N SER B 19 -2.76 -6.41 5.95
CA SER B 19 -3.09 -7.88 6.04
C SER B 19 -4.09 -8.26 4.95
N GLN B 20 -4.98 -7.36 4.60
CA GLN B 20 -6.00 -7.65 3.54
C GLN B 20 -5.30 -7.87 2.19
N LEU B 21 -4.24 -7.15 1.93
CA LEU B 21 -3.50 -7.32 0.64
C LEU B 21 -2.87 -8.73 0.56
N LEU B 22 -2.29 -9.18 1.64
CA LEU B 22 -1.74 -10.57 1.66
C LEU B 22 -2.88 -11.59 1.64
N SER B 23 -3.97 -11.29 2.31
CA SER B 23 -5.16 -12.20 2.29
C SER B 23 -5.71 -12.32 0.87
N LEU B 24 -5.67 -11.25 0.11
CA LEU B 24 -6.19 -11.29 -1.30
C LEU B 24 -5.33 -12.24 -2.15
N LEU B 25 -4.03 -12.15 -2.01
CA LEU B 25 -3.12 -13.06 -2.79
C LEU B 25 -3.35 -14.52 -2.39
N LYS B 26 -3.65 -14.76 -1.13
CA LYS B 26 -3.82 -16.17 -0.67
C LYS B 26 -5.18 -16.72 -1.12
N SER B 27 -6.23 -15.94 -0.98
CA SER B 27 -7.61 -16.41 -1.36
C SER B 27 -7.92 -17.78 -0.74
N SER B 28 -9.01 -18.38 -1.13
CA SER B 28 -9.38 -19.72 -0.59
C SER B 28 -9.18 -20.80 -1.66
N THR B 29 -8.56 -21.89 -1.30
CA THR B 29 -8.32 -23.00 -2.29
C THR B 29 -8.63 -24.35 -1.65
N ALA B 30 -8.85 -25.37 -2.47
CA ALA B 30 -9.16 -26.75 -1.95
C ALA B 30 -10.26 -26.69 -0.87
N PRO B 31 -11.51 -26.78 -1.30
CA PRO B 31 -12.66 -26.78 -0.35
C PRO B 31 -12.63 -28.05 0.51
N SER B 32 -13.03 -27.95 1.76
CA SER B 32 -13.04 -29.14 2.66
C SER B 32 -14.47 -29.43 3.13
N ASP B 33 -14.80 -30.69 3.31
CA ASP B 33 -16.17 -31.06 3.78
C ASP B 33 -16.08 -31.99 5.01
N LEU B 34 -15.22 -32.97 4.94
CA LEU B 34 -15.07 -33.92 6.09
C LEU B 34 -13.75 -34.67 5.99
N ALA B 35 -13.13 -34.97 7.12
CA ALA B 35 -11.81 -35.69 7.12
C ALA B 35 -10.80 -35.02 6.18
N THR B 36 -9.69 -35.65 5.93
CA THR B 36 -8.66 -35.06 5.03
C THR B 36 -8.81 -35.61 3.60
N PRO B 37 -8.20 -34.94 2.64
CA PRO B 37 -8.29 -35.37 1.23
C PRO B 37 -7.68 -36.77 1.04
N GLN B 38 -6.68 -37.11 1.83
CA GLN B 38 -6.05 -38.44 1.72
C GLN B 38 -6.40 -39.32 2.93
N PRO B 39 -6.31 -40.62 2.76
CA PRO B 39 -6.61 -41.56 3.88
C PRO B 39 -5.63 -41.35 5.04
N SER B 40 -6.11 -41.45 6.26
CA SER B 40 -5.21 -41.29 7.44
C SER B 40 -5.87 -41.90 8.68
N THR B 41 -6.94 -41.29 9.16
CA THR B 41 -7.65 -41.85 10.36
C THR B 41 -8.35 -43.15 10.00
N PHE B 42 -8.87 -43.25 8.80
CA PHE B 42 -9.61 -44.48 8.39
C PHE B 42 -8.82 -45.23 7.30
N PRO B 43 -9.23 -46.45 7.02
CA PRO B 43 -8.55 -47.28 5.99
C PRO B 43 -8.68 -46.63 4.61
N GLN B 44 -8.17 -47.27 3.59
CA GLN B 44 -8.25 -46.69 2.21
C GLN B 44 -9.63 -47.00 1.59
N PRO B 45 -9.94 -46.32 0.50
CA PRO B 45 -11.28 -46.50 -0.15
C PRO B 45 -11.54 -47.97 -0.53
N PRO B 46 -10.60 -48.60 -1.25
CA PRO B 46 -10.84 -49.98 -1.73
C PRO B 46 -10.77 -50.97 -0.55
N VAL B 47 -11.34 -52.14 -0.72
CA VAL B 47 -11.34 -53.15 0.39
C VAL B 47 -10.24 -54.19 0.13
N GLU B 48 -9.47 -54.50 1.14
CA GLU B 48 -8.33 -55.47 0.96
C GLU B 48 -8.87 -56.87 0.66
N SER B 49 -9.97 -57.24 1.28
CA SER B 49 -10.55 -58.59 1.04
C SER B 49 -11.88 -58.48 0.29
N HIS B 50 -12.19 -59.44 -0.56
CA HIS B 50 -13.47 -59.39 -1.32
C HIS B 50 -14.66 -59.56 -0.36
N SER B 51 -14.52 -60.42 0.62
CA SER B 51 -15.64 -60.65 1.58
C SER B 51 -15.24 -60.21 3.00
N SER B 52 -16.19 -59.85 3.81
CA SER B 52 -15.87 -59.40 5.20
C SER B 52 -16.03 -60.56 6.19
N MET A 1 -17.14 -2.67 -5.00
CA MET A 1 -17.69 -2.53 -3.62
C MET A 1 -16.56 -2.59 -2.59
N GLY A 2 -15.74 -3.60 -2.65
CA GLY A 2 -14.61 -3.72 -1.70
C GLY A 2 -13.42 -2.90 -2.19
N MET A 3 -12.30 -2.99 -1.52
CA MET A 3 -11.09 -2.22 -1.95
C MET A 3 -10.19 -3.08 -2.83
N SER A 4 -9.81 -2.58 -3.98
CA SER A 4 -8.93 -3.36 -4.89
C SER A 4 -7.47 -2.89 -4.78
N VAL A 5 -6.55 -3.63 -5.33
CA VAL A 5 -5.10 -3.23 -5.25
C VAL A 5 -4.86 -1.94 -6.05
N ALA A 6 -5.66 -1.69 -7.06
CA ALA A 6 -5.45 -0.45 -7.90
C ALA A 6 -5.46 0.80 -7.01
N ASP A 7 -6.20 0.77 -5.94
CA ASP A 7 -6.18 1.90 -4.96
C ASP A 7 -4.81 1.96 -4.24
N PHE A 8 -4.18 0.82 -4.06
CA PHE A 8 -2.87 0.78 -3.34
C PHE A 8 -1.69 0.81 -4.33
N TYR A 9 -1.93 1.05 -5.60
CA TYR A 9 -0.80 1.20 -6.57
C TYR A 9 0.01 2.47 -6.25
N GLY A 10 1.31 2.39 -6.39
CA GLY A 10 2.19 3.56 -6.04
C GLY A 10 2.48 3.59 -4.53
N SER A 11 1.93 2.66 -3.77
CA SER A 11 2.18 2.66 -2.29
C SER A 11 3.57 2.10 -1.97
N ASN A 12 4.24 2.68 -1.02
CA ASN A 12 5.56 2.12 -0.57
C ASN A 12 5.32 1.03 0.47
N VAL A 13 5.73 -0.18 0.18
CA VAL A 13 5.51 -1.31 1.13
C VAL A 13 6.72 -2.25 1.11
N GLU A 14 6.87 -3.06 2.13
CA GLU A 14 8.01 -4.03 2.13
C GLU A 14 7.48 -5.46 1.95
N VAL A 15 7.99 -6.16 0.97
CA VAL A 15 7.49 -7.54 0.70
C VAL A 15 8.53 -8.59 1.15
N LEU A 16 8.14 -9.49 2.02
CA LEU A 16 9.07 -10.59 2.42
C LEU A 16 8.78 -11.83 1.59
N LEU A 17 9.78 -12.42 0.99
CA LEU A 17 9.55 -13.53 0.02
C LEU A 17 9.76 -14.90 0.69
N ASN A 18 9.34 -15.95 0.02
CA ASN A 18 9.50 -17.33 0.59
C ASN A 18 10.98 -17.65 0.87
N ASN A 19 11.89 -16.95 0.22
CA ASN A 19 13.35 -17.25 0.41
C ASN A 19 13.94 -16.41 1.56
N ASP A 20 13.10 -15.93 2.46
CA ASP A 20 13.61 -15.24 3.70
C ASP A 20 14.44 -14.00 3.34
N SER A 21 14.17 -13.38 2.21
CA SER A 21 14.80 -12.06 1.91
C SER A 21 13.75 -10.96 1.94
N LYS A 22 14.03 -9.86 2.59
CA LYS A 22 13.02 -8.77 2.71
C LYS A 22 13.43 -7.56 1.87
N ALA A 23 12.48 -6.91 1.26
CA ALA A 23 12.80 -5.70 0.42
C ALA A 23 11.58 -4.76 0.37
N ARG A 24 11.80 -3.52 0.02
CA ARG A 24 10.68 -2.53 -0.02
C ARG A 24 10.82 -1.60 -1.21
N GLY A 25 9.71 -1.16 -1.75
CA GLY A 25 9.74 -0.31 -2.98
C GLY A 25 8.33 0.22 -3.25
N VAL A 26 8.18 1.12 -4.18
CA VAL A 26 6.84 1.74 -4.43
C VAL A 26 6.12 0.99 -5.55
N ILE A 27 4.99 0.40 -5.25
CA ILE A 27 4.33 -0.51 -6.25
C ILE A 27 3.91 0.28 -7.50
N THR A 28 4.02 -0.33 -8.66
CA THR A 28 3.65 0.36 -9.92
C THR A 28 2.55 -0.41 -10.67
N ASN A 29 2.44 -1.71 -10.49
CA ASN A 29 1.37 -2.46 -11.24
C ASN A 29 1.10 -3.83 -10.62
N PHE A 30 -0.04 -4.39 -10.92
CA PHE A 30 -0.34 -5.82 -10.55
C PHE A 30 -1.29 -6.40 -11.59
N ASP A 31 -0.94 -7.53 -12.16
CA ASP A 31 -1.79 -8.15 -13.22
C ASP A 31 -2.63 -9.26 -12.60
N SER A 32 -3.91 -9.26 -12.85
CA SER A 32 -4.79 -10.29 -12.22
C SER A 32 -4.51 -11.68 -12.82
N SER A 33 -4.54 -11.78 -14.12
CA SER A 33 -4.38 -13.13 -14.77
C SER A 33 -3.04 -13.77 -14.41
N ASN A 34 -1.99 -12.98 -14.38
CA ASN A 34 -0.63 -13.55 -14.09
C ASN A 34 -0.18 -13.22 -12.65
N SER A 35 -0.89 -12.35 -11.96
CA SER A 35 -0.45 -11.91 -10.58
C SER A 35 1.02 -11.47 -10.58
N ILE A 36 1.33 -10.39 -11.25
CA ILE A 36 2.75 -9.94 -11.38
C ILE A 36 2.88 -8.50 -10.91
N LEU A 37 3.78 -8.23 -10.00
CA LEU A 37 3.83 -6.89 -9.34
C LEU A 37 5.14 -6.17 -9.68
N GLN A 38 5.04 -5.01 -10.27
CA GLN A 38 6.25 -4.18 -10.52
C GLN A 38 6.47 -3.23 -9.33
N LEU A 39 7.68 -3.13 -8.85
CA LEU A 39 8.00 -2.14 -7.78
C LEU A 39 9.03 -1.13 -8.29
N ARG A 40 8.71 0.14 -8.24
CA ARG A 40 9.71 1.19 -8.63
C ARG A 40 10.37 1.76 -7.38
N LEU A 41 11.62 1.43 -7.16
CA LEU A 41 12.29 1.84 -5.89
C LEU A 41 12.88 3.26 -6.01
N ALA A 42 12.95 3.97 -4.90
CA ALA A 42 13.36 5.41 -4.93
C ALA A 42 14.80 5.58 -5.46
N ASN A 43 15.55 4.52 -5.62
CA ASN A 43 16.90 4.62 -6.24
C ASN A 43 16.81 4.60 -7.78
N ASP A 44 15.71 5.05 -8.35
CA ASP A 44 15.60 5.17 -9.86
C ASP A 44 15.78 3.80 -10.51
N SER A 45 15.37 2.74 -9.85
CA SER A 45 15.49 1.38 -10.46
C SER A 45 14.13 0.69 -10.50
N THR A 46 13.83 0.03 -11.60
CA THR A 46 12.55 -0.75 -11.69
C THR A 46 12.80 -2.22 -11.40
N LYS A 47 11.83 -2.91 -10.85
CA LYS A 47 12.00 -4.36 -10.56
C LYS A 47 10.66 -5.09 -10.67
N SER A 48 10.55 -6.05 -11.57
CA SER A 48 9.28 -6.82 -11.71
C SER A 48 9.37 -8.12 -10.91
N ILE A 49 8.46 -8.34 -10.00
CA ILE A 49 8.47 -9.59 -9.18
C ILE A 49 7.09 -10.24 -9.21
N VAL A 50 7.02 -11.53 -9.40
CA VAL A 50 5.69 -12.21 -9.43
C VAL A 50 5.22 -12.47 -7.99
N THR A 51 4.02 -12.05 -7.66
CA THR A 51 3.56 -12.08 -6.23
C THR A 51 3.59 -13.47 -5.63
N LYS A 52 3.50 -14.49 -6.45
CA LYS A 52 3.46 -15.90 -5.92
C LYS A 52 4.69 -16.20 -5.04
N ASP A 53 5.76 -15.46 -5.22
CA ASP A 53 6.95 -15.66 -4.33
C ASP A 53 6.80 -14.87 -3.02
N ILE A 54 5.71 -14.17 -2.83
CA ILE A 54 5.51 -13.41 -1.55
C ILE A 54 5.14 -14.37 -0.41
N LYS A 55 5.86 -14.30 0.68
CA LYS A 55 5.43 -15.04 1.92
C LYS A 55 4.56 -14.12 2.78
N ASP A 56 4.84 -12.83 2.75
CA ASP A 56 4.08 -11.88 3.62
C ASP A 56 4.24 -10.45 3.09
N LEU A 57 3.33 -9.57 3.42
CA LEU A 57 3.41 -8.16 2.94
C LEU A 57 3.17 -7.18 4.09
N ARG A 58 3.78 -6.03 4.05
CA ARG A 58 3.53 -4.99 5.09
C ARG A 58 3.74 -3.59 4.50
N ILE A 59 2.90 -2.66 4.85
CA ILE A 59 3.13 -1.24 4.41
C ILE A 59 4.09 -0.55 5.38
N LEU A 60 5.08 0.14 4.87
CA LEU A 60 6.06 0.82 5.77
C LEU A 60 5.52 2.19 6.22
N PRO A 61 6.00 2.66 7.36
CA PRO A 61 5.57 3.99 7.87
C PRO A 61 5.96 5.10 6.90
N LYS A 62 5.30 6.23 6.96
CA LYS A 62 5.62 7.37 6.05
C LYS A 62 6.85 8.13 6.57
N ASN A 63 7.74 8.51 5.69
CA ASN A 63 8.97 9.25 6.12
C ASN A 63 9.13 10.53 5.30
N GLU A 64 10.09 11.36 5.66
CA GLU A 64 10.30 12.65 4.91
C GLU A 64 11.73 12.69 4.34
N ILE A 65 11.89 12.37 3.07
CA ILE A 65 13.24 12.40 2.41
C ILE A 65 14.22 11.46 3.14
N MET A 66 15.33 11.15 2.51
CA MET A 66 16.38 10.27 3.14
C MET A 66 15.75 8.95 3.66
N PRO A 67 15.17 8.19 2.75
CA PRO A 67 14.56 6.89 3.12
C PRO A 67 15.65 5.90 3.55
N LYS A 68 16.77 5.90 2.87
CA LYS A 68 17.88 4.97 3.23
C LYS A 68 19.24 5.70 3.13
N ASN A 69 20.28 5.12 3.70
CA ASN A 69 21.63 5.76 3.63
C ASN A 69 22.12 5.82 2.18
N GLY A 70 21.85 4.80 1.41
CA GLY A 70 22.28 4.79 -0.02
C GLY A 70 23.80 4.61 -0.11
N THR A 71 24.54 5.64 0.19
CA THR A 71 26.04 5.56 0.10
C THR A 71 26.57 4.58 1.15
N LYS A 72 25.95 4.52 2.30
CA LYS A 72 26.41 3.60 3.41
C LYS A 72 27.91 3.82 3.70
N SER A 73 28.21 4.68 4.65
CA SER A 73 29.63 4.97 4.98
C SER A 73 30.05 4.21 6.25
N PRO A 74 31.33 4.21 6.54
CA PRO A 74 31.84 3.50 7.75
C PRO A 74 31.23 4.09 9.03
N SER A 75 31.13 3.30 10.08
CA SER A 75 30.52 3.76 11.37
C SER A 75 29.09 4.28 11.14
N THR A 76 28.38 4.54 12.22
CA THR A 76 26.97 5.03 12.09
C THR A 76 26.91 6.55 12.22
N ASN A 77 27.81 7.13 12.97
CA ASN A 77 27.80 8.62 13.15
C ASN A 77 28.86 9.27 12.27
N SER A 78 28.46 10.19 11.43
CA SER A 78 29.44 10.90 10.55
C SER A 78 29.25 12.41 10.66
N THR A 79 30.31 13.17 10.50
CA THR A 79 30.20 14.65 10.60
C THR A 79 31.03 15.34 9.50
N LYS A 80 30.69 16.56 9.14
CA LYS A 80 31.47 17.32 8.11
C LYS A 80 31.59 16.51 6.81
N LEU A 81 30.55 15.78 6.45
CA LEU A 81 30.59 14.98 5.19
C LEU A 81 30.60 15.91 3.97
N LYS A 82 29.76 16.93 3.98
CA LYS A 82 29.70 17.91 2.84
C LYS A 82 29.49 17.17 1.51
N SER A 83 28.79 16.06 1.53
CA SER A 83 28.57 15.28 0.27
C SER A 83 27.66 16.06 -0.69
N ALA A 84 26.73 16.82 -0.15
CA ALA A 84 25.80 17.61 -1.02
C ALA A 84 26.07 19.11 -0.86
N GLU A 85 25.91 19.87 -1.91
CA GLU A 85 26.13 21.34 -1.82
C GLU A 85 24.81 22.09 -2.00
N THR A 86 24.21 22.51 -0.91
CA THR A 86 22.91 23.26 -1.01
C THR A 86 22.87 24.38 0.04
N TYR A 87 22.09 25.40 -0.20
CA TYR A 87 21.99 26.53 0.78
C TYR A 87 20.58 27.13 0.75
N SER A 88 20.21 27.85 1.78
CA SER A 88 18.86 28.47 1.83
C SER A 88 18.93 29.86 2.47
N SER A 89 18.27 30.83 1.89
CA SER A 89 18.29 32.22 2.46
C SER A 89 16.88 32.66 2.86
N LYS A 90 16.02 31.72 3.20
CA LYS A 90 14.62 32.08 3.59
C LYS A 90 14.52 32.19 5.11
N ASN A 91 14.61 31.09 5.81
CA ASN A 91 14.53 31.13 7.30
C ASN A 91 15.77 30.47 7.92
N LYS A 92 16.56 31.23 8.63
CA LYS A 92 17.79 30.67 9.28
C LYS A 92 17.40 29.66 10.36
N TRP A 93 16.40 29.97 11.14
CA TRP A 93 15.96 29.04 12.23
C TRP A 93 14.45 29.10 12.40
N SER A 94 13.86 28.08 12.98
CA SER A 94 12.38 28.06 13.19
C SER A 94 12.03 27.30 14.47
N MET A 95 10.98 27.69 15.14
CA MET A 95 10.57 26.98 16.40
C MET A 95 9.06 27.11 16.62
N ASP A 96 8.30 27.15 15.55
CA ASP A 96 6.82 27.27 15.68
C ASP A 96 6.13 26.00 15.17
N GLY B 1 -2.59 24.16 13.50
CA GLY B 1 -2.08 24.23 14.89
C GLY B 1 -0.55 24.13 14.89
N ALA B 2 0.00 23.26 15.69
CA ALA B 2 1.49 23.10 15.74
C ALA B 2 2.01 22.53 14.42
N THR B 3 1.23 21.68 13.79
CA THR B 3 1.66 21.07 12.49
C THR B 3 0.53 21.16 11.45
N THR B 4 0.85 21.02 10.19
CA THR B 4 -0.19 21.09 9.12
C THR B 4 -0.70 19.69 8.79
N LYS B 5 -2.00 19.54 8.66
CA LYS B 5 -2.58 18.19 8.36
C LYS B 5 -2.95 18.09 6.88
N GLU B 6 -2.19 18.75 6.02
CA GLU B 6 -2.47 18.74 4.55
C GLU B 6 -3.92 19.15 4.25
N LYS B 7 -4.12 20.40 3.87
CA LYS B 7 -5.51 20.89 3.58
C LYS B 7 -6.15 20.07 2.45
N ASN B 8 -5.36 19.62 1.52
CA ASN B 8 -5.90 18.79 0.40
C ASN B 8 -5.72 17.30 0.72
N ILE B 9 -6.73 16.50 0.45
CA ILE B 9 -6.67 15.02 0.76
C ILE B 9 -6.39 14.79 2.25
N SER B 10 -6.64 13.59 2.73
CA SER B 10 -6.40 13.28 4.17
C SER B 10 -5.29 12.24 4.31
N VAL B 11 -4.66 12.19 5.46
CA VAL B 11 -3.56 11.19 5.68
C VAL B 11 -4.15 9.90 6.25
N ASP B 12 -3.70 8.76 5.77
CA ASP B 12 -4.23 7.45 6.25
C ASP B 12 -3.26 6.32 5.90
N VAL B 13 -3.46 5.17 6.49
CA VAL B 13 -2.55 4.01 6.19
C VAL B 13 -3.21 2.69 6.62
N ASP B 14 -3.88 2.68 7.76
CA ASP B 14 -4.57 1.44 8.25
C ASP B 14 -3.62 0.24 8.29
N ALA B 15 -3.02 -0.03 9.43
CA ALA B 15 -2.08 -1.19 9.54
C ALA B 15 -2.84 -2.52 9.35
N ASP B 16 -4.09 -2.56 9.74
CA ASP B 16 -4.90 -3.81 9.54
C ASP B 16 -5.24 -4.00 8.06
N ALA B 17 -5.36 -2.92 7.32
CA ALA B 17 -5.64 -3.04 5.85
C ALA B 17 -4.48 -3.74 5.15
N SER B 18 -3.28 -3.58 5.64
CA SER B 18 -2.10 -4.30 5.04
C SER B 18 -2.36 -5.81 4.99
N SER B 19 -3.05 -6.33 5.99
CA SER B 19 -3.36 -7.79 6.03
C SER B 19 -4.32 -8.16 4.90
N GLN B 20 -5.21 -7.27 4.54
CA GLN B 20 -6.18 -7.56 3.45
C GLN B 20 -5.45 -7.75 2.11
N LEU B 21 -4.39 -7.01 1.90
CA LEU B 21 -3.60 -7.15 0.63
C LEU B 21 -2.96 -8.54 0.56
N LEU B 22 -2.39 -9.00 1.65
CA LEU B 22 -1.84 -10.39 1.67
C LEU B 22 -2.99 -11.40 1.67
N SER B 23 -4.08 -11.09 2.36
CA SER B 23 -5.28 -11.97 2.33
C SER B 23 -5.85 -12.07 0.91
N LEU B 24 -5.78 -11.00 0.15
CA LEU B 24 -6.30 -11.02 -1.25
C LEU B 24 -5.47 -12.00 -2.10
N LEU B 25 -4.17 -12.00 -1.93
CA LEU B 25 -3.30 -12.99 -2.67
C LEU B 25 -3.67 -14.42 -2.26
N LYS B 26 -4.03 -14.63 -1.03
CA LYS B 26 -4.44 -16.00 -0.57
C LYS B 26 -5.85 -16.30 -1.08
N SER B 27 -6.69 -15.30 -1.20
CA SER B 27 -8.08 -15.53 -1.71
C SER B 27 -8.69 -14.20 -2.16
N SER B 28 -9.02 -14.10 -3.43
CA SER B 28 -9.60 -12.82 -3.95
C SER B 28 -10.98 -12.55 -3.35
N THR B 29 -11.74 -13.60 -3.09
CA THR B 29 -13.12 -13.41 -2.55
C THR B 29 -13.08 -12.78 -1.15
N ALA B 30 -12.31 -13.36 -0.26
CA ALA B 30 -12.22 -12.85 1.16
C ALA B 30 -13.62 -12.57 1.74
N PRO B 31 -14.47 -13.59 1.72
CA PRO B 31 -15.87 -13.41 2.21
C PRO B 31 -15.88 -13.16 3.73
N SER B 32 -15.11 -13.93 4.47
CA SER B 32 -15.09 -13.76 5.96
C SER B 32 -13.76 -14.26 6.53
N ASP B 33 -13.55 -14.08 7.81
CA ASP B 33 -12.28 -14.55 8.44
C ASP B 33 -12.33 -16.06 8.68
N LEU B 34 -11.33 -16.78 8.24
CA LEU B 34 -11.31 -18.27 8.40
C LEU B 34 -12.59 -18.90 7.83
N ALA B 35 -12.66 -19.08 6.54
CA ALA B 35 -13.87 -19.69 5.91
C ALA B 35 -13.57 -20.08 4.47
N THR B 36 -14.28 -21.06 3.95
CA THR B 36 -14.03 -21.50 2.53
C THR B 36 -14.47 -20.40 1.54
N PRO B 37 -13.79 -20.33 0.41
CA PRO B 37 -14.14 -19.31 -0.62
C PRO B 37 -15.52 -19.61 -1.22
N GLN B 38 -16.27 -18.59 -1.55
CA GLN B 38 -17.63 -18.80 -2.13
C GLN B 38 -17.77 -18.01 -3.45
N PRO B 39 -17.00 -18.40 -4.45
CA PRO B 39 -17.06 -17.71 -5.77
C PRO B 39 -18.41 -17.99 -6.45
N SER B 40 -19.00 -19.14 -6.20
CA SER B 40 -20.30 -19.48 -6.87
C SER B 40 -21.40 -18.50 -6.42
N THR B 41 -21.36 -18.07 -5.19
CA THR B 41 -22.41 -17.12 -4.68
C THR B 41 -21.84 -15.70 -4.58
N PHE B 42 -20.88 -15.36 -5.41
CA PHE B 42 -20.29 -13.99 -5.38
C PHE B 42 -20.22 -13.41 -6.80
N PRO B 43 -21.36 -13.04 -7.33
CA PRO B 43 -21.41 -12.46 -8.70
C PRO B 43 -20.73 -11.09 -8.72
N GLN B 44 -19.75 -10.92 -9.59
CA GLN B 44 -19.04 -9.60 -9.68
C GLN B 44 -19.90 -8.57 -10.44
N PRO B 45 -20.30 -8.90 -11.66
CA PRO B 45 -21.10 -7.94 -12.46
C PRO B 45 -22.54 -7.86 -11.91
N PRO B 46 -23.20 -6.74 -12.16
CA PRO B 46 -24.60 -6.58 -11.68
C PRO B 46 -25.54 -7.52 -12.45
N VAL B 47 -26.64 -7.87 -11.85
CA VAL B 47 -27.62 -8.79 -12.53
C VAL B 47 -29.02 -8.16 -12.54
N GLU B 48 -29.86 -8.58 -13.46
CA GLU B 48 -31.24 -8.00 -13.54
C GLU B 48 -32.24 -8.96 -12.88
N SER B 49 -33.17 -8.42 -12.12
CA SER B 49 -34.19 -9.27 -11.44
C SER B 49 -35.59 -8.76 -11.75
N HIS B 50 -36.55 -9.66 -11.89
CA HIS B 50 -37.95 -9.23 -12.20
C HIS B 50 -38.89 -9.64 -11.05
N SER B 51 -39.67 -8.71 -10.55
CA SER B 51 -40.61 -9.03 -9.44
C SER B 51 -42.05 -8.71 -9.85
N SER B 52 -43.00 -9.50 -9.42
CA SER B 52 -44.42 -9.25 -9.77
C SER B 52 -45.33 -9.69 -8.63
N MET A 1 -18.83 -4.01 -0.53
CA MET A 1 -18.07 -2.72 -0.52
C MET A 1 -16.60 -2.97 -0.16
N GLY A 2 -15.70 -2.26 -0.79
CA GLY A 2 -14.25 -2.44 -0.51
C GLY A 2 -13.42 -1.67 -1.54
N MET A 3 -12.12 -1.80 -1.50
CA MET A 3 -11.25 -1.09 -2.47
C MET A 3 -10.34 -2.08 -3.20
N SER A 4 -9.87 -1.73 -4.37
CA SER A 4 -8.98 -2.66 -5.14
C SER A 4 -7.51 -2.23 -4.99
N VAL A 5 -6.60 -3.02 -5.48
CA VAL A 5 -5.15 -2.69 -5.36
C VAL A 5 -4.82 -1.43 -6.19
N ALA A 6 -5.56 -1.18 -7.25
CA ALA A 6 -5.28 0.01 -8.12
C ALA A 6 -5.28 1.30 -7.28
N ASP A 7 -6.06 1.33 -6.23
CA ASP A 7 -6.04 2.49 -5.29
C ASP A 7 -4.71 2.52 -4.52
N PHE A 8 -4.14 1.37 -4.26
CA PHE A 8 -2.85 1.31 -3.51
C PHE A 8 -1.64 1.22 -4.47
N TYR A 9 -1.85 1.42 -5.75
CA TYR A 9 -0.69 1.46 -6.70
C TYR A 9 0.19 2.70 -6.43
N GLY A 10 1.48 2.57 -6.58
CA GLY A 10 2.40 3.69 -6.24
C GLY A 10 2.68 3.72 -4.73
N SER A 11 2.12 2.79 -3.96
CA SER A 11 2.35 2.80 -2.49
C SER A 11 3.73 2.23 -2.15
N ASN A 12 4.40 2.80 -1.19
CA ASN A 12 5.68 2.21 -0.70
C ASN A 12 5.39 1.13 0.35
N VAL A 13 5.81 -0.07 0.09
CA VAL A 13 5.53 -1.19 1.05
C VAL A 13 6.73 -2.15 1.08
N GLU A 14 6.83 -2.97 2.09
CA GLU A 14 7.94 -3.96 2.14
C GLU A 14 7.40 -5.37 1.91
N VAL A 15 7.97 -6.10 0.98
CA VAL A 15 7.49 -7.48 0.70
C VAL A 15 8.49 -8.50 1.23
N LEU A 16 8.05 -9.41 2.08
CA LEU A 16 8.95 -10.49 2.56
C LEU A 16 8.73 -11.75 1.71
N LEU A 17 9.78 -12.29 1.14
CA LEU A 17 9.62 -13.41 0.17
C LEU A 17 9.83 -14.77 0.85
N ASN A 18 9.39 -15.83 0.20
CA ASN A 18 9.51 -17.21 0.81
C ASN A 18 10.98 -17.57 1.10
N ASN A 19 11.91 -16.92 0.42
CA ASN A 19 13.35 -17.27 0.60
C ASN A 19 14.00 -16.42 1.70
N ASP A 20 13.22 -15.89 2.62
CA ASP A 20 13.78 -15.16 3.81
C ASP A 20 14.61 -13.95 3.37
N SER A 21 14.30 -13.37 2.24
CA SER A 21 14.92 -12.07 1.86
C SER A 21 13.89 -10.94 1.99
N LYS A 22 14.27 -9.83 2.57
CA LYS A 22 13.29 -8.73 2.82
C LYS A 22 13.62 -7.53 1.91
N ALA A 23 12.61 -6.94 1.33
CA ALA A 23 12.84 -5.77 0.42
C ALA A 23 11.62 -4.84 0.41
N ARG A 24 11.80 -3.60 0.03
CA ARG A 24 10.65 -2.65 -0.04
C ARG A 24 10.82 -1.69 -1.23
N GLY A 25 9.73 -1.23 -1.78
CA GLY A 25 9.80 -0.38 -3.01
C GLY A 25 8.41 0.18 -3.30
N VAL A 26 8.30 1.08 -4.25
CA VAL A 26 6.98 1.74 -4.52
C VAL A 26 6.26 0.98 -5.64
N ILE A 27 5.12 0.41 -5.35
CA ILE A 27 4.45 -0.49 -6.35
C ILE A 27 4.04 0.30 -7.59
N THR A 28 4.15 -0.31 -8.75
CA THR A 28 3.79 0.40 -10.02
C THR A 28 2.68 -0.35 -10.77
N ASN A 29 2.56 -1.66 -10.59
CA ASN A 29 1.51 -2.40 -11.36
C ASN A 29 1.21 -3.77 -10.74
N PHE A 30 0.04 -4.29 -11.01
CA PHE A 30 -0.30 -5.70 -10.64
C PHE A 30 -1.31 -6.27 -11.64
N ASP A 31 -0.97 -7.36 -12.28
CA ASP A 31 -1.89 -7.96 -13.29
C ASP A 31 -2.66 -9.11 -12.66
N SER A 32 -3.97 -9.10 -12.76
CA SER A 32 -4.79 -10.14 -12.05
C SER A 32 -4.51 -11.54 -12.60
N SER A 33 -4.43 -11.66 -13.91
CA SER A 33 -4.30 -13.02 -14.53
C SER A 33 -3.04 -13.74 -14.04
N ASN A 34 -1.92 -13.06 -14.06
CA ASN A 34 -0.64 -13.71 -13.60
C ASN A 34 -0.18 -13.16 -12.23
N SER A 35 -0.93 -12.25 -11.65
CA SER A 35 -0.50 -11.58 -10.36
C SER A 35 0.98 -11.18 -10.41
N ILE A 36 1.30 -10.22 -11.26
CA ILE A 36 2.73 -9.82 -11.44
C ILE A 36 2.92 -8.39 -10.95
N LEU A 37 3.85 -8.17 -10.06
CA LEU A 37 3.94 -6.85 -9.36
C LEU A 37 5.24 -6.15 -9.72
N GLN A 38 5.15 -4.99 -10.31
CA GLN A 38 6.36 -4.17 -10.57
C GLN A 38 6.59 -3.21 -9.41
N LEU A 39 7.80 -3.13 -8.92
CA LEU A 39 8.12 -2.14 -7.85
C LEU A 39 9.17 -1.15 -8.35
N ARG A 40 8.86 0.13 -8.30
CA ARG A 40 9.87 1.16 -8.70
C ARG A 40 10.55 1.71 -7.45
N LEU A 41 11.78 1.31 -7.20
CA LEU A 41 12.46 1.70 -5.93
C LEU A 41 13.12 3.07 -6.06
N ALA A 42 13.29 3.76 -4.94
CA ALA A 42 13.72 5.20 -4.96
C ALA A 42 15.13 5.37 -5.53
N ASN A 43 15.84 4.29 -5.79
CA ASN A 43 17.19 4.42 -6.46
C ASN A 43 17.03 4.46 -8.00
N ASP A 44 15.91 4.96 -8.50
CA ASP A 44 15.71 5.08 -9.99
C ASP A 44 15.86 3.71 -10.67
N SER A 45 15.52 2.64 -9.96
CA SER A 45 15.62 1.28 -10.58
C SER A 45 14.26 0.59 -10.58
N THR A 46 13.92 -0.06 -11.67
CA THR A 46 12.63 -0.83 -11.72
C THR A 46 12.88 -2.31 -11.43
N LYS A 47 11.91 -2.98 -10.87
CA LYS A 47 12.08 -4.45 -10.59
C LYS A 47 10.72 -5.16 -10.71
N SER A 48 10.62 -6.10 -11.61
CA SER A 48 9.34 -6.87 -11.76
C SER A 48 9.41 -8.18 -10.99
N ILE A 49 8.50 -8.40 -10.07
CA ILE A 49 8.49 -9.68 -9.29
C ILE A 49 7.08 -10.28 -9.33
N VAL A 50 6.99 -11.56 -9.58
CA VAL A 50 5.63 -12.21 -9.62
C VAL A 50 5.18 -12.55 -8.18
N THR A 51 4.00 -12.13 -7.82
CA THR A 51 3.59 -12.12 -6.38
C THR A 51 3.67 -13.50 -5.73
N LYS A 52 3.58 -14.54 -6.52
CA LYS A 52 3.57 -15.93 -5.94
C LYS A 52 4.82 -16.19 -5.07
N ASP A 53 5.87 -15.44 -5.29
CA ASP A 53 7.08 -15.59 -4.42
C ASP A 53 6.93 -14.79 -3.10
N ILE A 54 5.82 -14.10 -2.93
CA ILE A 54 5.60 -13.35 -1.65
C ILE A 54 5.19 -14.32 -0.53
N LYS A 55 5.84 -14.25 0.61
CA LYS A 55 5.35 -14.96 1.81
C LYS A 55 4.42 -14.04 2.62
N ASP A 56 4.68 -12.75 2.59
CA ASP A 56 3.85 -11.79 3.38
C ASP A 56 4.09 -10.36 2.88
N LEU A 57 3.17 -9.46 3.18
CA LEU A 57 3.32 -8.04 2.71
C LEU A 57 3.02 -7.08 3.86
N ARG A 58 3.65 -5.93 3.84
CA ARG A 58 3.35 -4.88 4.87
C ARG A 58 3.57 -3.49 4.28
N ILE A 59 2.73 -2.55 4.62
CA ILE A 59 2.98 -1.14 4.19
C ILE A 59 3.91 -0.44 5.20
N LEU A 60 4.92 0.24 4.70
CA LEU A 60 5.88 0.92 5.64
C LEU A 60 5.30 2.28 6.08
N PRO A 61 5.81 2.79 7.19
CA PRO A 61 5.29 4.07 7.75
C PRO A 61 5.58 5.23 6.78
N LYS A 62 4.73 6.23 6.77
CA LYS A 62 4.94 7.40 5.87
C LYS A 62 4.90 8.70 6.68
N ASN A 63 5.79 9.62 6.38
CA ASN A 63 5.84 10.93 7.12
C ASN A 63 5.92 10.71 8.64
N GLU A 64 5.96 11.78 9.40
CA GLU A 64 6.05 11.65 10.89
C GLU A 64 4.93 12.45 11.56
N ILE A 65 4.37 11.92 12.63
CA ILE A 65 3.27 12.65 13.33
C ILE A 65 3.81 13.91 14.00
N MET A 66 5.00 13.84 14.57
CA MET A 66 5.62 15.02 15.27
C MET A 66 4.69 15.58 16.37
N PRO A 67 5.20 16.52 17.13
CA PRO A 67 4.39 17.14 18.21
C PRO A 67 3.18 17.89 17.62
N LYS A 68 2.15 18.08 18.41
CA LYS A 68 0.93 18.80 17.90
C LYS A 68 1.09 20.30 18.14
N ASN A 69 0.77 21.10 17.13
CA ASN A 69 0.90 22.58 17.28
C ASN A 69 -0.36 23.27 16.76
N GLY A 70 -0.58 24.50 17.14
CA GLY A 70 -1.79 25.25 16.68
C GLY A 70 -1.41 26.11 15.46
N THR A 71 -0.82 25.51 14.46
CA THR A 71 -0.40 26.29 13.25
C THR A 71 -1.20 25.83 12.02
N LYS A 72 -2.38 26.36 11.83
CA LYS A 72 -3.22 25.96 10.66
C LYS A 72 -2.98 26.91 9.49
N SER A 73 -3.20 26.45 8.28
CA SER A 73 -2.98 27.34 7.08
C SER A 73 -4.04 28.45 7.04
N PRO A 74 -3.81 29.45 6.21
CA PRO A 74 -4.75 30.59 6.11
C PRO A 74 -6.14 30.10 5.66
N SER A 75 -6.20 29.06 4.87
CA SER A 75 -7.50 28.52 4.40
C SER A 75 -7.64 27.04 4.79
N THR A 76 -8.77 26.65 5.32
CA THR A 76 -8.97 25.23 5.73
C THR A 76 -10.29 24.70 5.15
N ASN A 77 -10.45 23.40 5.11
CA ASN A 77 -11.72 22.80 4.58
C ASN A 77 -12.91 23.19 5.47
N SER A 78 -12.68 23.27 6.76
CA SER A 78 -13.78 23.65 7.70
C SER A 78 -13.43 24.95 8.44
N THR A 79 -14.41 25.78 8.68
CA THR A 79 -14.15 27.07 9.40
C THR A 79 -14.98 27.14 10.67
N LYS A 80 -14.66 28.06 11.56
CA LYS A 80 -15.43 28.20 12.84
C LYS A 80 -16.89 28.58 12.55
N LEU A 81 -17.11 29.42 11.58
CA LEU A 81 -18.49 29.83 11.21
C LEU A 81 -18.89 29.23 9.86
N LYS A 82 -19.98 28.50 9.81
CA LYS A 82 -20.42 27.88 8.52
C LYS A 82 -21.93 28.02 8.37
N SER A 83 -22.38 28.43 7.21
CA SER A 83 -23.85 28.57 6.97
C SER A 83 -24.29 27.70 5.79
N ALA A 84 -25.52 27.25 5.79
CA ALA A 84 -26.02 26.39 4.67
C ALA A 84 -27.53 26.58 4.49
N GLU A 85 -28.03 26.30 3.31
CA GLU A 85 -29.48 26.45 3.04
C GLU A 85 -30.17 25.08 3.04
N THR A 86 -31.38 25.01 3.51
CA THR A 86 -32.11 23.69 3.56
C THR A 86 -33.19 23.65 2.49
N TYR A 87 -33.38 22.51 1.86
CA TYR A 87 -34.43 22.39 0.81
C TYR A 87 -35.49 21.36 1.24
N SER A 88 -36.69 21.48 0.72
CA SER A 88 -37.78 20.52 1.08
C SER A 88 -38.14 19.66 -0.13
N SER A 89 -38.43 18.40 0.09
CA SER A 89 -38.78 17.50 -1.05
C SER A 89 -40.29 17.25 -1.10
N LYS A 90 -40.86 16.76 -0.03
CA LYS A 90 -42.33 16.46 -0.02
C LYS A 90 -43.04 17.38 0.99
N ASN A 91 -44.16 17.93 0.59
CA ASN A 91 -44.94 18.82 1.51
C ASN A 91 -46.43 18.47 1.45
N LYS A 92 -46.76 17.22 1.19
CA LYS A 92 -48.19 16.82 1.08
C LYS A 92 -48.58 15.94 2.28
N TRP A 93 -48.00 16.18 3.42
CA TRP A 93 -48.33 15.35 4.63
C TRP A 93 -49.51 15.96 5.37
N SER A 94 -49.43 17.22 5.72
CA SER A 94 -50.55 17.88 6.46
C SER A 94 -50.83 19.26 5.85
N MET A 95 -52.08 19.64 5.79
CA MET A 95 -52.43 20.98 5.22
C MET A 95 -51.91 22.10 6.13
N ASP A 96 -51.91 21.87 7.42
CA ASP A 96 -51.41 22.92 8.36
C ASP A 96 -50.58 22.26 9.47
N GLY B 1 -24.79 6.24 17.32
CA GLY B 1 -25.18 6.77 15.98
C GLY B 1 -25.55 5.59 15.06
N ALA B 2 -26.75 5.59 14.54
CA ALA B 2 -27.18 4.47 13.64
C ALA B 2 -26.40 4.53 12.32
N THR B 3 -26.08 5.71 11.86
CA THR B 3 -25.30 5.85 10.59
C THR B 3 -23.89 5.28 10.75
N THR B 4 -23.28 5.51 11.89
CA THR B 4 -21.88 5.00 12.14
C THR B 4 -20.94 5.42 11.01
N LYS B 5 -20.40 6.61 11.08
CA LYS B 5 -19.47 7.09 10.01
C LYS B 5 -18.16 6.27 10.04
N GLU B 6 -17.63 6.04 11.21
CA GLU B 6 -16.37 5.24 11.32
C GLU B 6 -16.48 4.23 12.48
N LYS B 7 -15.93 3.06 12.30
CA LYS B 7 -15.98 2.03 13.39
C LYS B 7 -14.60 1.87 14.04
N ASN B 8 -13.82 2.92 14.06
CA ASN B 8 -12.44 2.84 14.67
C ASN B 8 -12.23 4.01 15.62
N ILE B 9 -11.85 3.74 16.85
CA ILE B 9 -11.61 4.82 17.84
C ILE B 9 -10.78 4.30 19.02
N SER B 10 -9.70 3.61 18.74
CA SER B 10 -8.83 3.07 19.83
C SER B 10 -7.39 2.92 19.35
N VAL B 11 -7.17 2.13 18.32
CA VAL B 11 -5.78 1.94 17.81
C VAL B 11 -5.48 2.96 16.71
N ASP B 12 -4.33 3.60 16.77
CA ASP B 12 -3.97 4.61 15.73
C ASP B 12 -3.46 3.91 14.46
N VAL B 13 -2.81 2.79 14.62
CA VAL B 13 -2.29 2.04 13.42
C VAL B 13 -3.42 1.28 12.73
N ASP B 14 -3.09 0.36 11.85
CA ASP B 14 -4.14 -0.42 11.14
C ASP B 14 -3.54 -1.71 10.56
N ALA B 15 -3.29 -2.69 11.40
CA ALA B 15 -2.71 -3.98 10.92
C ALA B 15 -3.72 -4.73 10.03
N ASP B 16 -4.99 -4.48 10.22
CA ASP B 16 -6.03 -5.21 9.41
C ASP B 16 -6.00 -4.75 7.96
N ALA B 17 -5.66 -3.50 7.72
CA ALA B 17 -5.56 -3.00 6.31
C ALA B 17 -4.41 -3.72 5.58
N SER B 18 -3.25 -3.74 6.19
CA SER B 18 -2.07 -4.44 5.56
C SER B 18 -2.40 -5.91 5.28
N SER B 19 -3.09 -6.54 6.19
CA SER B 19 -3.44 -7.99 6.01
C SER B 19 -4.47 -8.16 4.89
N GLN B 20 -5.32 -7.17 4.70
CA GLN B 20 -6.36 -7.25 3.62
C GLN B 20 -5.68 -7.31 2.24
N LEU B 21 -4.60 -6.58 2.07
CA LEU B 21 -3.88 -6.59 0.75
C LEU B 21 -3.27 -7.97 0.49
N LEU B 22 -2.68 -8.57 1.51
CA LEU B 22 -2.13 -9.95 1.35
C LEU B 22 -3.29 -10.96 1.22
N SER B 23 -4.35 -10.75 1.97
CA SER B 23 -5.55 -11.64 1.85
C SER B 23 -6.16 -11.55 0.45
N LEU B 24 -6.12 -10.39 -0.15
CA LEU B 24 -6.69 -10.23 -1.54
C LEU B 24 -5.90 -11.07 -2.54
N LEU B 25 -4.58 -11.04 -2.43
CA LEU B 25 -3.74 -11.88 -3.35
C LEU B 25 -4.04 -13.37 -3.15
N LYS B 26 -4.30 -13.78 -1.93
CA LYS B 26 -4.62 -15.21 -1.66
C LYS B 26 -6.06 -15.53 -2.09
N SER B 27 -6.93 -14.54 -2.10
CA SER B 27 -8.37 -14.77 -2.49
C SER B 27 -8.98 -15.92 -1.69
N SER B 28 -8.55 -16.09 -0.46
CA SER B 28 -9.13 -17.18 0.40
C SER B 28 -9.58 -16.61 1.74
N THR B 29 -10.46 -17.31 2.43
CA THR B 29 -10.98 -16.81 3.76
C THR B 29 -11.63 -15.42 3.60
N ALA B 30 -12.26 -14.92 4.64
CA ALA B 30 -12.91 -13.58 4.57
C ALA B 30 -13.37 -13.12 5.96
N PRO B 31 -14.26 -13.88 6.59
CA PRO B 31 -14.73 -13.50 7.95
C PRO B 31 -13.59 -13.63 8.97
N SER B 32 -13.30 -12.58 9.70
CA SER B 32 -12.21 -12.64 10.72
C SER B 32 -12.60 -13.57 11.88
N ASP B 33 -13.87 -13.63 12.20
CA ASP B 33 -14.33 -14.50 13.32
C ASP B 33 -14.82 -15.85 12.78
N LEU B 34 -14.55 -16.92 13.50
CA LEU B 34 -14.99 -18.29 13.04
C LEU B 34 -14.49 -18.59 11.63
N ALA B 35 -13.36 -19.27 11.51
CA ALA B 35 -12.81 -19.60 10.17
C ALA B 35 -11.72 -20.67 10.31
N THR B 36 -11.92 -21.81 9.69
CA THR B 36 -10.90 -22.91 9.78
C THR B 36 -10.52 -23.39 8.36
N PRO B 37 -9.47 -22.80 7.81
CA PRO B 37 -9.03 -23.19 6.44
C PRO B 37 -8.51 -24.63 6.41
N GLN B 38 -8.04 -25.14 7.53
CA GLN B 38 -7.46 -26.53 7.54
C GLN B 38 -8.54 -27.57 7.16
N PRO B 39 -9.62 -27.63 7.93
CA PRO B 39 -10.70 -28.60 7.62
C PRO B 39 -11.41 -28.23 6.32
N SER B 40 -11.48 -26.95 6.02
CA SER B 40 -12.16 -26.50 4.75
C SER B 40 -11.36 -26.95 3.54
N THR B 41 -11.99 -26.99 2.39
CA THR B 41 -11.28 -27.43 1.14
C THR B 41 -11.53 -26.43 0.01
N PHE B 42 -10.74 -26.50 -1.05
CA PHE B 42 -10.89 -25.52 -2.18
C PHE B 42 -10.10 -26.00 -3.41
N PRO B 43 -8.78 -26.12 -3.28
CA PRO B 43 -7.95 -26.57 -4.44
C PRO B 43 -8.26 -28.02 -4.80
N GLN B 44 -8.65 -28.83 -3.84
CA GLN B 44 -8.92 -30.28 -4.13
C GLN B 44 -10.14 -30.42 -5.06
N PRO B 45 -11.28 -29.91 -4.65
CA PRO B 45 -12.49 -29.99 -5.51
C PRO B 45 -12.33 -29.10 -6.75
N PRO B 46 -13.16 -29.35 -7.75
CA PRO B 46 -13.08 -28.54 -9.00
C PRO B 46 -13.37 -27.06 -8.72
N VAL B 47 -12.65 -26.17 -9.36
CA VAL B 47 -12.87 -24.71 -9.13
C VAL B 47 -12.90 -23.96 -10.47
N GLU B 48 -13.72 -22.95 -10.59
CA GLU B 48 -13.80 -22.18 -11.87
C GLU B 48 -13.04 -20.86 -11.72
N SER B 49 -12.45 -20.39 -12.79
CA SER B 49 -11.69 -19.10 -12.73
C SER B 49 -12.19 -18.13 -13.81
N HIS B 50 -12.22 -16.86 -13.51
CA HIS B 50 -12.71 -15.85 -14.50
C HIS B 50 -11.65 -14.77 -14.70
N SER B 51 -11.54 -14.24 -15.90
CA SER B 51 -10.53 -13.18 -16.19
C SER B 51 -11.22 -11.90 -16.67
N SER B 52 -10.66 -10.76 -16.36
CA SER B 52 -11.27 -9.46 -16.78
C SER B 52 -10.49 -8.87 -17.96
N MET A 1 -18.01 -6.60 -1.63
CA MET A 1 -16.76 -6.09 -2.27
C MET A 1 -16.11 -5.02 -1.39
N GLY A 2 -14.88 -4.68 -1.66
CA GLY A 2 -14.17 -3.65 -0.85
C GLY A 2 -13.28 -2.81 -1.76
N MET A 3 -12.00 -2.71 -1.42
CA MET A 3 -11.06 -1.91 -2.26
C MET A 3 -10.14 -2.84 -3.05
N SER A 4 -9.74 -2.43 -4.23
CA SER A 4 -8.85 -3.27 -5.07
C SER A 4 -7.40 -2.79 -4.98
N VAL A 5 -6.47 -3.53 -5.53
CA VAL A 5 -5.03 -3.13 -5.46
C VAL A 5 -4.79 -1.83 -6.25
N ALA A 6 -5.60 -1.57 -7.27
CA ALA A 6 -5.38 -0.35 -8.11
C ALA A 6 -5.37 0.91 -7.23
N ASP A 7 -6.10 0.89 -6.14
CA ASP A 7 -6.05 2.03 -5.17
C ASP A 7 -4.69 2.08 -4.47
N PHE A 8 -4.05 0.95 -4.29
CA PHE A 8 -2.74 0.90 -3.57
C PHE A 8 -1.56 0.92 -4.57
N TYR A 9 -1.81 1.18 -5.83
CA TYR A 9 -0.68 1.32 -6.82
C TYR A 9 0.13 2.59 -6.50
N GLY A 10 1.44 2.51 -6.61
CA GLY A 10 2.31 3.66 -6.24
C GLY A 10 2.58 3.68 -4.72
N SER A 11 2.00 2.75 -3.98
CA SER A 11 2.23 2.74 -2.49
C SER A 11 3.62 2.21 -2.16
N ASN A 12 4.28 2.78 -1.19
CA ASN A 12 5.58 2.23 -0.70
C ASN A 12 5.32 1.14 0.33
N VAL A 13 5.72 -0.07 0.05
CA VAL A 13 5.51 -1.18 1.03
C VAL A 13 6.72 -2.13 1.01
N GLU A 14 6.87 -2.93 2.03
CA GLU A 14 7.98 -3.94 2.03
C GLU A 14 7.41 -5.34 1.86
N VAL A 15 7.95 -6.10 0.93
CA VAL A 15 7.45 -7.49 0.71
C VAL A 15 8.46 -8.50 1.25
N LEU A 16 8.03 -9.38 2.11
CA LEU A 16 8.94 -10.47 2.60
C LEU A 16 8.71 -11.72 1.76
N LEU A 17 9.76 -12.27 1.20
CA LEU A 17 9.59 -13.41 0.25
C LEU A 17 9.77 -14.76 0.95
N ASN A 18 9.42 -15.84 0.29
CA ASN A 18 9.49 -17.20 0.91
C ASN A 18 10.91 -17.54 1.39
N ASN A 19 11.90 -16.89 0.83
CA ASN A 19 13.32 -17.21 1.18
C ASN A 19 13.81 -16.33 2.34
N ASP A 20 12.91 -15.79 3.15
CA ASP A 20 13.31 -14.99 4.35
C ASP A 20 14.19 -13.79 3.95
N SER A 21 14.01 -13.30 2.74
CA SER A 21 14.71 -12.04 2.34
C SER A 21 13.69 -10.89 2.28
N LYS A 22 14.09 -9.71 2.69
CA LYS A 22 13.12 -8.57 2.73
C LYS A 22 13.46 -7.54 1.66
N ALA A 23 12.46 -6.90 1.11
CA ALA A 23 12.70 -5.79 0.14
C ALA A 23 11.54 -4.80 0.15
N ARG A 24 11.79 -3.56 -0.17
CA ARG A 24 10.69 -2.54 -0.16
C ARG A 24 10.85 -1.58 -1.35
N GLY A 25 9.73 -1.12 -1.89
CA GLY A 25 9.79 -0.28 -3.12
C GLY A 25 8.38 0.27 -3.40
N VAL A 26 8.26 1.16 -4.35
CA VAL A 26 6.93 1.80 -4.61
C VAL A 26 6.20 1.04 -5.71
N ILE A 27 5.05 0.50 -5.42
CA ILE A 27 4.36 -0.40 -6.42
C ILE A 27 4.01 0.38 -7.69
N THR A 28 4.11 -0.26 -8.84
CA THR A 28 3.76 0.42 -10.12
C THR A 28 2.65 -0.32 -10.86
N ASN A 29 2.54 -1.62 -10.69
CA ASN A 29 1.49 -2.37 -11.47
C ASN A 29 1.20 -3.74 -10.85
N PHE A 30 0.04 -4.28 -11.15
CA PHE A 30 -0.27 -5.69 -10.78
C PHE A 30 -1.24 -6.28 -11.82
N ASP A 31 -0.89 -7.42 -12.37
CA ASP A 31 -1.73 -8.02 -13.45
C ASP A 31 -2.59 -9.12 -12.84
N SER A 32 -3.87 -9.13 -13.11
CA SER A 32 -4.76 -10.16 -12.48
C SER A 32 -4.47 -11.54 -13.06
N SER A 33 -4.43 -11.66 -14.36
CA SER A 33 -4.27 -13.02 -14.99
C SER A 33 -2.96 -13.68 -14.55
N ASN A 34 -1.89 -12.93 -14.49
CA ASN A 34 -0.57 -13.52 -14.11
C ASN A 34 -0.19 -13.16 -12.67
N SER A 35 -0.91 -12.25 -12.03
CA SER A 35 -0.51 -11.76 -10.66
C SER A 35 0.96 -11.35 -10.62
N ILE A 36 1.31 -10.30 -11.33
CA ILE A 36 2.75 -9.89 -11.42
C ILE A 36 2.90 -8.42 -10.98
N LEU A 37 3.77 -8.16 -10.05
CA LEU A 37 3.80 -6.81 -9.40
C LEU A 37 5.12 -6.11 -9.71
N GLN A 38 5.05 -4.96 -10.34
CA GLN A 38 6.29 -4.17 -10.59
C GLN A 38 6.52 -3.19 -9.43
N LEU A 39 7.72 -3.10 -8.94
CA LEU A 39 8.04 -2.09 -7.88
C LEU A 39 9.09 -1.10 -8.41
N ARG A 40 8.78 0.17 -8.38
CA ARG A 40 9.79 1.21 -8.76
C ARG A 40 10.46 1.78 -7.51
N LEU A 41 11.70 1.43 -7.29
CA LEU A 41 12.38 1.85 -6.02
C LEU A 41 12.97 3.25 -6.15
N ALA A 42 13.07 3.95 -5.03
CA ALA A 42 13.48 5.40 -5.06
C ALA A 42 14.90 5.58 -5.61
N ASN A 43 15.65 4.51 -5.80
CA ASN A 43 16.99 4.62 -6.45
C ASN A 43 16.86 4.60 -7.98
N ASP A 44 15.75 5.05 -8.54
CA ASP A 44 15.60 5.18 -10.03
C ASP A 44 15.78 3.80 -10.70
N SER A 45 15.41 2.73 -10.01
CA SER A 45 15.54 1.37 -10.62
C SER A 45 14.18 0.67 -10.65
N THR A 46 13.88 0.00 -11.75
CA THR A 46 12.61 -0.77 -11.83
C THR A 46 12.86 -2.25 -11.50
N LYS A 47 11.88 -2.93 -10.94
CA LYS A 47 12.05 -4.37 -10.63
C LYS A 47 10.71 -5.09 -10.71
N SER A 48 10.58 -6.06 -11.58
CA SER A 48 9.30 -6.82 -11.70
C SER A 48 9.36 -8.10 -10.87
N ILE A 49 8.44 -8.28 -9.96
CA ILE A 49 8.43 -9.51 -9.11
C ILE A 49 7.04 -10.15 -9.16
N VAL A 50 6.97 -11.45 -9.31
CA VAL A 50 5.65 -12.13 -9.36
C VAL A 50 5.15 -12.38 -7.92
N THR A 51 3.94 -11.96 -7.62
CA THR A 51 3.45 -11.97 -6.20
C THR A 51 3.46 -13.38 -5.61
N LYS A 52 3.37 -14.39 -6.44
CA LYS A 52 3.28 -15.80 -5.92
C LYS A 52 4.47 -16.13 -5.02
N ASP A 53 5.58 -15.45 -5.20
CA ASP A 53 6.76 -15.68 -4.29
C ASP A 53 6.64 -14.83 -3.01
N ILE A 54 5.55 -14.12 -2.83
CA ILE A 54 5.37 -13.35 -1.54
C ILE A 54 5.02 -14.31 -0.40
N LYS A 55 5.73 -14.23 0.69
CA LYS A 55 5.31 -14.94 1.92
C LYS A 55 4.46 -14.00 2.79
N ASP A 56 4.75 -12.72 2.75
CA ASP A 56 4.02 -11.74 3.62
C ASP A 56 4.20 -10.33 3.08
N LEU A 57 3.29 -9.43 3.41
CA LEU A 57 3.39 -8.03 2.90
C LEU A 57 3.16 -7.03 4.04
N ARG A 58 3.77 -5.87 3.96
CA ARG A 58 3.52 -4.80 4.98
C ARG A 58 3.73 -3.42 4.36
N ILE A 59 2.93 -2.46 4.74
CA ILE A 59 3.18 -1.05 4.28
C ILE A 59 4.16 -0.36 5.23
N LEU A 60 5.16 0.30 4.69
CA LEU A 60 6.14 1.01 5.57
C LEU A 60 5.62 2.41 5.93
N PRO A 61 5.50 2.70 7.22
CA PRO A 61 5.07 4.06 7.66
C PRO A 61 6.15 5.09 7.32
N LYS A 62 5.75 6.32 7.08
CA LYS A 62 6.75 7.38 6.74
C LYS A 62 7.27 8.05 8.01
N ASN A 63 8.56 8.31 8.07
CA ASN A 63 9.16 8.95 9.29
C ASN A 63 8.60 10.36 9.48
N GLU A 64 8.40 11.09 8.41
CA GLU A 64 7.85 12.49 8.50
C GLU A 64 8.67 13.33 9.50
N ILE A 65 8.16 14.47 9.89
CA ILE A 65 8.86 15.32 10.89
C ILE A 65 8.16 15.24 12.25
N MET A 66 8.91 15.33 13.33
CA MET A 66 8.32 15.19 14.71
C MET A 66 7.49 13.88 14.80
N PRO A 67 8.13 12.76 14.51
CA PRO A 67 7.42 11.46 14.53
C PRO A 67 7.02 11.09 15.97
N LYS A 68 5.99 10.27 16.10
CA LYS A 68 5.53 9.83 17.47
C LYS A 68 5.25 11.04 18.37
N ASN A 69 4.37 11.92 17.94
CA ASN A 69 4.03 13.12 18.76
C ASN A 69 3.38 12.70 20.08
N GLY A 70 2.52 11.70 20.03
CA GLY A 70 1.87 11.20 21.28
C GLY A 70 2.66 9.98 21.79
N THR A 71 2.24 9.41 22.90
CA THR A 71 2.94 8.22 23.46
C THR A 71 1.92 7.18 23.96
N LYS A 72 2.26 5.92 23.86
CA LYS A 72 1.34 4.85 24.35
C LYS A 72 1.89 4.22 25.63
N SER A 73 3.17 3.93 25.66
CA SER A 73 3.81 3.33 26.88
C SER A 73 3.05 2.07 27.33
N PRO A 74 3.06 1.04 26.50
CA PRO A 74 2.38 -0.24 26.86
C PRO A 74 3.09 -0.91 28.03
N SER A 75 2.36 -1.57 28.89
CA SER A 75 2.99 -2.24 30.08
C SER A 75 2.92 -3.77 29.93
N THR A 76 2.92 -4.26 28.71
CA THR A 76 2.89 -5.75 28.51
C THR A 76 4.21 -6.37 28.97
N ASN A 77 5.31 -5.76 28.64
CA ASN A 77 6.64 -6.30 29.07
C ASN A 77 7.49 -5.18 29.68
N SER A 78 8.26 -5.50 30.68
CA SER A 78 9.12 -4.47 31.34
C SER A 78 10.59 -4.88 31.28
N THR A 79 11.48 -3.91 31.14
CA THR A 79 12.94 -4.23 31.09
C THR A 79 13.69 -3.46 32.18
N LYS A 80 14.84 -3.96 32.60
CA LYS A 80 15.63 -3.26 33.65
C LYS A 80 16.74 -2.42 33.01
N LEU A 81 17.38 -2.94 31.99
CA LEU A 81 18.48 -2.18 31.33
C LEU A 81 18.02 -1.65 29.97
N LYS A 82 18.37 -0.43 29.65
CA LYS A 82 17.98 0.17 28.34
C LYS A 82 18.97 -0.29 27.26
N SER A 83 18.54 -0.30 26.02
CA SER A 83 19.43 -0.76 24.91
C SER A 83 19.74 0.42 23.96
N ALA A 84 20.97 0.50 23.50
CA ALA A 84 21.35 1.59 22.56
C ALA A 84 22.67 1.24 21.87
N GLU A 85 23.74 1.12 22.61
CA GLU A 85 25.06 0.74 22.03
C GLU A 85 25.64 -0.45 22.79
N THR A 86 26.27 -1.37 22.09
CA THR A 86 26.82 -2.58 22.75
C THR A 86 28.34 -2.47 22.90
N TYR A 87 28.84 -1.27 23.04
CA TYR A 87 30.32 -1.09 23.20
C TYR A 87 30.62 0.03 24.19
N SER A 88 31.45 -0.23 25.17
CA SER A 88 31.81 0.82 26.17
C SER A 88 33.33 0.90 26.34
N SER A 89 33.84 2.07 26.60
CA SER A 89 35.32 2.23 26.80
C SER A 89 35.61 3.46 27.66
N LYS A 90 35.35 4.64 27.14
CA LYS A 90 35.61 5.88 27.92
C LYS A 90 34.84 7.06 27.33
N ASN A 91 33.66 6.79 26.79
CA ASN A 91 32.82 7.89 26.18
C ASN A 91 33.62 8.66 25.13
N LYS A 92 34.41 7.98 24.34
CA LYS A 92 35.24 8.67 23.29
C LYS A 92 34.34 9.31 22.24
N TRP A 93 33.23 8.68 21.91
CA TRP A 93 32.32 9.23 20.87
C TRP A 93 31.38 10.28 21.49
N SER A 94 30.68 9.92 22.53
CA SER A 94 29.74 10.89 23.18
C SER A 94 30.06 11.00 24.69
N MET A 95 30.14 12.20 25.19
CA MET A 95 30.45 12.41 26.64
C MET A 95 29.29 11.88 27.50
N ASP A 96 28.08 12.04 27.05
CA ASP A 96 26.89 11.58 27.83
C ASP A 96 25.73 11.22 26.89
N GLY B 1 -22.57 2.51 1.61
CA GLY B 1 -21.68 3.55 2.19
C GLY B 1 -20.38 2.92 2.66
N ALA B 2 -19.27 3.60 2.44
CA ALA B 2 -17.95 3.04 2.89
C ALA B 2 -17.85 3.05 4.42
N THR B 3 -17.20 2.07 4.99
CA THR B 3 -17.07 2.01 6.48
C THR B 3 -15.64 2.36 6.91
N THR B 4 -14.96 3.19 6.15
CA THR B 4 -13.56 3.58 6.51
C THR B 4 -13.37 5.10 6.32
N LYS B 5 -12.46 5.68 7.07
CA LYS B 5 -12.22 7.15 6.95
C LYS B 5 -10.72 7.44 7.03
N GLU B 6 -10.25 8.45 6.32
CA GLU B 6 -8.81 8.82 6.37
C GLU B 6 -8.64 10.34 6.47
N LYS B 7 -7.67 10.79 7.21
CA LYS B 7 -7.45 12.27 7.37
C LYS B 7 -6.20 12.70 6.60
N ASN B 8 -6.36 13.59 5.65
CA ASN B 8 -5.19 14.10 4.85
C ASN B 8 -4.39 12.94 4.24
N ILE B 9 -5.07 11.91 3.80
CA ILE B 9 -4.38 10.70 3.20
C ILE B 9 -3.29 10.18 4.17
N SER B 10 -3.68 9.79 5.36
CA SER B 10 -2.70 9.29 6.36
C SER B 10 -3.01 7.83 6.73
N VAL B 11 -2.01 7.08 7.11
CA VAL B 11 -2.22 5.65 7.48
C VAL B 11 -1.20 5.21 8.53
N ASP B 12 -1.46 5.52 9.78
CA ASP B 12 -0.50 5.12 10.86
C ASP B 12 -0.74 3.66 11.27
N VAL B 13 0.33 2.89 11.40
CA VAL B 13 0.20 1.44 11.78
C VAL B 13 -0.71 0.69 10.78
N ASP B 14 -2.02 0.68 11.00
CA ASP B 14 -2.96 -0.06 10.09
C ASP B 14 -2.52 -1.51 9.91
N ALA B 15 -2.29 -2.22 10.99
CA ALA B 15 -1.82 -3.64 10.89
C ALA B 15 -2.92 -4.52 10.28
N ASP B 16 -4.17 -4.18 10.52
CA ASP B 16 -5.29 -4.99 9.94
C ASP B 16 -5.39 -4.74 8.43
N ALA B 17 -5.12 -3.54 7.98
CA ALA B 17 -5.16 -3.24 6.52
C ALA B 17 -4.07 -4.02 5.79
N SER B 18 -2.89 -4.08 6.35
CA SER B 18 -1.77 -4.87 5.73
C SER B 18 -2.21 -6.32 5.49
N SER B 19 -3.00 -6.84 6.39
CA SER B 19 -3.47 -8.26 6.24
C SER B 19 -4.43 -8.38 5.06
N GLN B 20 -5.18 -7.34 4.77
CA GLN B 20 -6.14 -7.40 3.62
C GLN B 20 -5.39 -7.59 2.30
N LEU B 21 -4.27 -6.93 2.13
CA LEU B 21 -3.48 -7.06 0.86
C LEU B 21 -2.92 -8.48 0.73
N LEU B 22 -2.38 -9.01 1.81
CA LEU B 22 -1.87 -10.42 1.76
C LEU B 22 -3.04 -11.40 1.67
N SER B 23 -4.13 -11.09 2.33
CA SER B 23 -5.36 -11.95 2.24
C SER B 23 -5.89 -11.97 0.79
N LEU B 24 -5.80 -10.86 0.10
CA LEU B 24 -6.31 -10.79 -1.31
C LEU B 24 -5.51 -11.73 -2.21
N LEU B 25 -4.20 -11.73 -2.07
CA LEU B 25 -3.35 -12.66 -2.88
C LEU B 25 -3.68 -14.12 -2.55
N LYS B 26 -4.01 -14.39 -1.31
CA LYS B 26 -4.32 -15.80 -0.90
C LYS B 26 -5.72 -16.19 -1.40
N SER B 27 -6.67 -15.29 -1.31
CA SER B 27 -8.06 -15.60 -1.78
C SER B 27 -8.85 -14.31 -1.96
N SER B 28 -9.98 -14.38 -2.62
CA SER B 28 -10.82 -13.17 -2.84
C SER B 28 -12.31 -13.53 -2.77
N THR B 29 -13.16 -12.55 -2.61
CA THR B 29 -14.62 -12.82 -2.53
C THR B 29 -15.27 -12.63 -3.91
N ALA B 30 -16.16 -13.53 -4.28
CA ALA B 30 -16.83 -13.46 -5.64
C ALA B 30 -15.79 -13.26 -6.75
N PRO B 31 -14.95 -14.26 -6.95
CA PRO B 31 -13.89 -14.17 -8.00
C PRO B 31 -14.52 -14.14 -9.39
N SER B 32 -14.04 -13.27 -10.24
CA SER B 32 -14.58 -13.18 -11.63
C SER B 32 -13.47 -12.76 -12.60
N ASP B 33 -13.44 -13.34 -13.77
CA ASP B 33 -12.39 -12.98 -14.78
C ASP B 33 -12.82 -13.43 -16.18
N LEU B 34 -14.10 -13.42 -16.47
CA LEU B 34 -14.59 -13.84 -17.81
C LEU B 34 -14.49 -12.67 -18.80
N ALA B 35 -13.84 -12.88 -19.92
CA ALA B 35 -13.65 -11.79 -20.94
C ALA B 35 -13.13 -10.50 -20.29
N THR B 36 -11.84 -10.31 -20.27
CA THR B 36 -11.25 -9.08 -19.65
C THR B 36 -10.33 -8.37 -20.67
N PRO B 37 -10.25 -7.05 -20.55
CA PRO B 37 -9.38 -6.27 -21.48
C PRO B 37 -7.90 -6.60 -21.23
N GLN B 38 -7.09 -6.55 -22.26
CA GLN B 38 -5.63 -6.84 -22.10
C GLN B 38 -4.80 -5.66 -22.61
N PRO B 39 -4.52 -4.72 -21.72
CA PRO B 39 -3.72 -3.52 -22.11
C PRO B 39 -2.31 -3.93 -22.55
N SER B 40 -1.76 -3.23 -23.50
CA SER B 40 -0.38 -3.57 -24.00
C SER B 40 0.39 -2.29 -24.32
N THR B 41 -0.11 -1.49 -25.23
CA THR B 41 0.58 -0.23 -25.61
C THR B 41 -0.38 0.96 -25.51
N PHE B 42 -1.31 0.91 -24.58
CA PHE B 42 -2.29 2.02 -24.43
C PHE B 42 -1.58 3.31 -23.96
N PRO B 43 -0.90 3.24 -22.81
CA PRO B 43 -0.24 4.45 -22.26
C PRO B 43 0.93 4.88 -23.15
N GLN B 44 1.60 3.94 -23.78
CA GLN B 44 2.74 4.28 -24.68
C GLN B 44 2.79 3.32 -25.88
N PRO B 45 3.34 3.79 -26.99
CA PRO B 45 3.44 2.93 -28.19
C PRO B 45 4.51 1.84 -27.99
N PRO B 46 4.38 0.76 -28.73
CA PRO B 46 5.38 -0.34 -28.63
C PRO B 46 6.75 0.11 -29.15
N VAL B 47 7.81 -0.35 -28.54
CA VAL B 47 9.18 0.05 -28.99
C VAL B 47 9.95 -1.18 -29.47
N GLU B 48 10.56 -1.09 -30.63
CA GLU B 48 11.34 -2.25 -31.17
C GLU B 48 12.80 -1.82 -31.39
N SER B 49 13.74 -2.64 -30.98
CA SER B 49 15.18 -2.32 -31.18
C SER B 49 15.98 -3.57 -31.51
N HIS B 50 16.92 -3.48 -32.41
CA HIS B 50 17.74 -4.66 -32.78
C HIS B 50 19.06 -4.67 -31.98
N SER B 51 19.87 -3.66 -32.17
CA SER B 51 21.17 -3.58 -31.42
C SER B 51 20.91 -3.38 -29.92
N SER B 52 19.86 -2.66 -29.58
CA SER B 52 19.52 -2.42 -28.13
C SER B 52 20.73 -1.86 -27.36
N MET A 1 -17.27 -0.76 2.70
CA MET A 1 -16.40 -0.02 1.73
C MET A 1 -15.30 -0.96 1.21
N GLY A 2 -15.54 -1.62 0.10
CA GLY A 2 -14.50 -2.53 -0.47
C GLY A 2 -13.42 -1.69 -1.15
N MET A 3 -12.18 -2.11 -1.05
CA MET A 3 -11.06 -1.35 -1.69
C MET A 3 -10.28 -2.24 -2.65
N SER A 4 -9.87 -1.71 -3.77
CA SER A 4 -9.06 -2.51 -4.75
C SER A 4 -7.58 -2.15 -4.62
N VAL A 5 -6.72 -2.98 -5.16
CA VAL A 5 -5.25 -2.70 -5.07
C VAL A 5 -4.90 -1.45 -5.89
N ALA A 6 -5.66 -1.17 -6.93
CA ALA A 6 -5.38 0.05 -7.77
C ALA A 6 -5.33 1.31 -6.90
N ASP A 7 -6.09 1.32 -5.83
CA ASP A 7 -6.00 2.46 -4.86
C ASP A 7 -4.65 2.45 -4.14
N PHE A 8 -4.09 1.28 -3.94
CA PHE A 8 -2.76 1.19 -3.25
C PHE A 8 -1.60 1.12 -4.27
N TYR A 9 -1.87 1.34 -5.54
CA TYR A 9 -0.76 1.40 -6.54
C TYR A 9 0.11 2.65 -6.29
N GLY A 10 1.41 2.53 -6.47
CA GLY A 10 2.32 3.67 -6.17
C GLY A 10 2.64 3.73 -4.66
N SER A 11 2.11 2.83 -3.87
CA SER A 11 2.41 2.84 -2.40
C SER A 11 3.80 2.25 -2.13
N ASN A 12 4.55 2.87 -1.25
CA ASN A 12 5.85 2.26 -0.82
C ASN A 12 5.60 1.26 0.30
N VAL A 13 5.94 0.02 0.07
CA VAL A 13 5.71 -1.02 1.11
C VAL A 13 6.87 -2.02 1.11
N GLU A 14 6.99 -2.80 2.15
CA GLU A 14 8.08 -3.83 2.18
C GLU A 14 7.46 -5.23 2.05
N VAL A 15 7.97 -6.02 1.14
CA VAL A 15 7.43 -7.40 0.94
C VAL A 15 8.42 -8.43 1.50
N LEU A 16 7.97 -9.31 2.34
CA LEU A 16 8.86 -10.39 2.87
C LEU A 16 8.66 -11.66 2.03
N LEU A 17 9.73 -12.23 1.53
CA LEU A 17 9.60 -13.38 0.59
C LEU A 17 9.70 -14.72 1.35
N ASN A 18 9.23 -15.78 0.74
CA ASN A 18 9.25 -17.13 1.40
C ASN A 18 10.67 -17.55 1.79
N ASN A 19 11.67 -16.99 1.16
CA ASN A 19 13.08 -17.38 1.45
C ASN A 19 13.70 -16.46 2.52
N ASP A 20 12.88 -15.86 3.36
CA ASP A 20 13.40 -15.02 4.49
C ASP A 20 14.28 -13.87 3.96
N SER A 21 14.03 -13.42 2.74
CA SER A 21 14.73 -12.20 2.24
C SER A 21 13.77 -11.01 2.28
N LYS A 22 14.26 -9.85 2.62
CA LYS A 22 13.37 -8.66 2.76
C LYS A 22 13.61 -7.66 1.63
N ALA A 23 12.56 -7.03 1.16
CA ALA A 23 12.71 -5.98 0.11
C ALA A 23 11.56 -4.97 0.19
N ARG A 24 11.79 -3.75 -0.24
CA ARG A 24 10.70 -2.73 -0.24
C ARG A 24 10.83 -1.81 -1.46
N GLY A 25 9.72 -1.31 -1.96
CA GLY A 25 9.76 -0.47 -3.19
C GLY A 25 8.37 0.13 -3.43
N VAL A 26 8.24 1.04 -4.37
CA VAL A 26 6.92 1.71 -4.59
C VAL A 26 6.17 0.97 -5.70
N ILE A 27 5.01 0.45 -5.39
CA ILE A 27 4.30 -0.46 -6.36
C ILE A 27 3.90 0.32 -7.63
N THR A 28 3.97 -0.33 -8.76
CA THR A 28 3.58 0.33 -10.03
C THR A 28 2.45 -0.43 -10.73
N ASN A 29 2.32 -1.73 -10.52
CA ASN A 29 1.21 -2.47 -11.21
C ASN A 29 0.92 -3.81 -10.53
N PHE A 30 -0.25 -4.34 -10.76
CA PHE A 30 -0.59 -5.73 -10.34
C PHE A 30 -1.60 -6.33 -11.31
N ASP A 31 -1.30 -7.48 -11.87
CA ASP A 31 -2.21 -8.10 -12.87
C ASP A 31 -3.04 -9.16 -12.19
N SER A 32 -4.35 -9.16 -12.38
CA SER A 32 -5.22 -10.14 -11.66
C SER A 32 -4.99 -11.55 -12.21
N SER A 33 -5.05 -11.72 -13.51
CA SER A 33 -4.97 -13.09 -14.12
C SER A 33 -3.63 -13.75 -13.75
N ASN A 34 -2.55 -13.01 -13.81
CA ASN A 34 -1.21 -13.61 -13.52
C ASN A 34 -0.71 -13.22 -12.11
N SER A 35 -1.37 -12.29 -11.45
CA SER A 35 -0.87 -11.79 -10.11
C SER A 35 0.62 -11.40 -10.19
N ILE A 36 0.92 -10.36 -10.93
CA ILE A 36 2.36 -9.98 -11.13
C ILE A 36 2.56 -8.51 -10.72
N LEU A 37 3.50 -8.26 -9.84
CA LEU A 37 3.61 -6.90 -9.22
C LEU A 37 4.92 -6.24 -9.61
N GLN A 38 4.84 -5.09 -10.24
CA GLN A 38 6.07 -4.30 -10.53
C GLN A 38 6.32 -3.32 -9.39
N LEU A 39 7.55 -3.24 -8.92
CA LEU A 39 7.91 -2.22 -7.89
C LEU A 39 8.95 -1.25 -8.44
N ARG A 40 8.67 0.02 -8.42
CA ARG A 40 9.68 1.04 -8.86
C ARG A 40 10.42 1.59 -7.64
N LEU A 41 11.64 1.16 -7.44
CA LEU A 41 12.39 1.55 -6.19
C LEU A 41 13.05 2.92 -6.36
N ALA A 42 13.29 3.60 -5.26
CA ALA A 42 13.73 5.03 -5.31
C ALA A 42 15.16 5.18 -5.88
N ASN A 43 15.83 4.10 -6.19
CA ASN A 43 17.15 4.21 -6.88
C ASN A 43 16.97 4.27 -8.42
N ASP A 44 15.84 4.75 -8.89
CA ASP A 44 15.60 4.87 -10.37
C ASP A 44 15.66 3.49 -11.05
N SER A 45 15.33 2.44 -10.32
CA SER A 45 15.38 1.07 -10.94
C SER A 45 13.99 0.41 -10.88
N THR A 46 13.61 -0.25 -11.94
CA THR A 46 12.31 -0.99 -11.94
C THR A 46 12.56 -2.47 -11.66
N LYS A 47 11.60 -3.15 -11.06
CA LYS A 47 11.77 -4.60 -10.78
C LYS A 47 10.41 -5.31 -10.80
N SER A 48 10.24 -6.26 -11.70
CA SER A 48 8.95 -7.01 -11.78
C SER A 48 9.04 -8.31 -10.97
N ILE A 49 8.16 -8.50 -10.02
CA ILE A 49 8.19 -9.75 -9.20
C ILE A 49 6.78 -10.36 -9.17
N VAL A 50 6.68 -11.66 -9.34
CA VAL A 50 5.34 -12.32 -9.28
C VAL A 50 4.95 -12.54 -7.81
N THR A 51 3.78 -12.09 -7.42
CA THR A 51 3.42 -12.05 -5.96
C THR A 51 3.47 -13.43 -5.31
N LYS A 52 3.29 -14.48 -6.08
CA LYS A 52 3.21 -15.86 -5.51
C LYS A 52 4.48 -16.19 -4.71
N ASP A 53 5.58 -15.54 -5.01
CA ASP A 53 6.82 -15.79 -4.20
C ASP A 53 6.79 -14.98 -2.88
N ILE A 54 5.78 -14.16 -2.67
CA ILE A 54 5.69 -13.39 -1.40
C ILE A 54 5.12 -14.27 -0.28
N LYS A 55 5.71 -14.22 0.88
CA LYS A 55 5.09 -14.85 2.07
C LYS A 55 4.20 -13.84 2.80
N ASP A 56 4.56 -12.57 2.74
CA ASP A 56 3.80 -11.52 3.49
C ASP A 56 4.16 -10.12 2.99
N LEU A 57 3.30 -9.15 3.23
CA LEU A 57 3.61 -7.74 2.84
C LEU A 57 3.33 -6.79 4.00
N ARG A 58 3.94 -5.63 3.98
CA ARG A 58 3.63 -4.59 5.02
C ARG A 58 3.85 -3.20 4.43
N ILE A 59 3.08 -2.22 4.84
CA ILE A 59 3.33 -0.82 4.37
C ILE A 59 4.36 -0.14 5.28
N LEU A 60 5.34 0.52 4.71
CA LEU A 60 6.39 1.18 5.54
C LEU A 60 5.90 2.57 6.00
N PRO A 61 6.40 3.02 7.14
CA PRO A 61 5.95 4.33 7.68
C PRO A 61 6.48 5.48 6.81
N LYS A 62 5.60 6.18 6.14
CA LYS A 62 6.02 7.34 5.30
C LYS A 62 4.81 8.24 5.01
N ASN A 63 4.57 9.20 5.87
CA ASN A 63 3.41 10.13 5.65
C ASN A 63 3.59 11.41 6.49
N GLU A 64 4.80 11.87 6.61
CA GLU A 64 5.06 13.11 7.43
C GLU A 64 4.98 14.35 6.54
N ILE A 65 4.31 15.38 7.01
CA ILE A 65 4.19 16.65 6.20
C ILE A 65 4.82 17.82 6.96
N MET A 66 5.66 18.58 6.30
CA MET A 66 6.33 19.76 6.96
C MET A 66 7.02 19.33 8.28
N PRO A 67 7.94 18.39 8.17
CA PRO A 67 8.67 17.92 9.38
C PRO A 67 9.58 19.02 9.93
N LYS A 68 10.45 19.56 9.10
CA LYS A 68 11.36 20.65 9.57
C LYS A 68 10.83 22.01 9.11
N ASN A 69 10.25 22.07 7.93
CA ASN A 69 9.71 23.37 7.42
C ASN A 69 8.18 23.35 7.45
N GLY A 70 7.58 24.45 7.85
CA GLY A 70 6.08 24.51 7.92
C GLY A 70 5.65 25.91 8.38
N THR A 71 5.07 25.99 9.55
CA THR A 71 4.64 27.32 10.09
C THR A 71 5.87 28.18 10.44
N LYS A 72 6.90 27.55 10.96
CA LYS A 72 8.13 28.32 11.35
C LYS A 72 8.82 28.90 10.11
N SER A 73 8.90 28.13 9.05
CA SER A 73 9.57 28.62 7.80
C SER A 73 8.85 28.06 6.56
N PRO A 74 9.05 28.72 5.44
CA PRO A 74 8.40 28.27 4.17
C PRO A 74 8.86 26.85 3.79
N SER A 75 7.95 26.04 3.31
CA SER A 75 8.33 24.65 2.92
C SER A 75 8.78 24.60 1.45
N THR A 76 8.23 25.46 0.63
CA THR A 76 8.63 25.48 -0.82
C THR A 76 8.99 26.91 -1.25
N ASN A 77 9.69 27.03 -2.35
CA ASN A 77 10.11 28.39 -2.84
C ASN A 77 9.06 28.94 -3.81
N SER A 78 8.84 30.24 -3.79
CA SER A 78 7.83 30.85 -4.70
C SER A 78 8.52 31.81 -5.68
N THR A 79 7.94 32.01 -6.84
CA THR A 79 8.57 32.93 -7.86
C THR A 79 8.61 34.36 -7.33
N LYS A 80 7.58 34.78 -6.63
CA LYS A 80 7.54 36.17 -6.07
C LYS A 80 8.65 36.34 -5.02
N LEU A 81 8.85 35.36 -4.17
CA LEU A 81 9.91 35.43 -3.11
C LEU A 81 9.80 36.73 -2.29
N LYS A 82 9.11 36.68 -1.18
CA LYS A 82 8.96 37.90 -0.33
C LYS A 82 10.11 37.99 0.68
N SER A 83 11.06 38.85 0.45
CA SER A 83 12.21 38.99 1.39
C SER A 83 12.89 40.35 1.18
N ALA A 84 13.86 40.67 2.02
CA ALA A 84 14.59 41.96 1.87
C ALA A 84 15.86 41.76 1.04
N GLU A 85 16.22 42.73 0.23
CA GLU A 85 17.43 42.59 -0.63
C GLU A 85 18.59 43.40 -0.02
N THR A 86 19.79 42.86 -0.11
CA THR A 86 20.97 43.58 0.46
C THR A 86 22.08 43.67 -0.61
N TYR A 87 22.78 44.78 -0.65
CA TYR A 87 23.87 44.94 -1.66
C TYR A 87 25.24 44.78 -0.98
N SER A 88 26.10 43.96 -1.56
CA SER A 88 27.44 43.74 -0.95
C SER A 88 28.54 44.06 -1.98
N SER A 89 29.66 44.55 -1.53
CA SER A 89 30.78 44.90 -2.47
C SER A 89 31.74 43.71 -2.59
N LYS A 90 32.47 43.65 -3.69
CA LYS A 90 33.43 42.51 -3.89
C LYS A 90 34.84 42.94 -3.44
N ASN A 91 35.52 42.07 -2.74
CA ASN A 91 36.90 42.40 -2.28
C ASN A 91 37.94 41.60 -3.07
N LYS A 92 38.61 42.25 -3.99
CA LYS A 92 39.64 41.54 -4.82
C LYS A 92 41.03 41.73 -4.20
N TRP A 93 41.48 42.96 -4.12
CA TRP A 93 42.84 43.24 -3.54
C TRP A 93 42.70 44.04 -2.24
N SER A 94 43.52 43.74 -1.26
CA SER A 94 43.45 44.48 0.04
C SER A 94 44.85 44.90 0.49
N MET A 95 45.71 45.21 -0.45
CA MET A 95 47.11 45.62 -0.09
C MET A 95 47.10 46.94 0.68
N ASP A 96 46.19 47.84 0.34
CA ASP A 96 46.10 49.17 1.04
C ASP A 96 47.46 49.88 1.05
N GLY B 1 -10.23 13.19 36.49
CA GLY B 1 -9.55 12.11 35.71
C GLY B 1 -9.85 12.31 34.21
N ALA B 2 -8.99 11.81 33.36
CA ALA B 2 -9.21 11.96 31.89
C ALA B 2 -9.68 10.63 31.29
N THR B 3 -10.54 10.68 30.30
CA THR B 3 -11.03 9.43 29.66
C THR B 3 -10.71 9.43 28.16
N THR B 4 -10.70 8.28 27.55
CA THR B 4 -10.38 8.19 26.09
C THR B 4 -11.52 7.49 25.33
N LYS B 5 -11.89 8.01 24.18
CA LYS B 5 -12.98 7.37 23.38
C LYS B 5 -12.38 6.60 22.20
N GLU B 6 -12.99 5.50 21.83
CA GLU B 6 -12.46 4.64 20.70
C GLU B 6 -11.05 4.14 21.02
N LYS B 7 -10.63 3.05 20.41
CA LYS B 7 -9.26 2.50 20.68
C LYS B 7 -8.25 3.15 19.72
N ASN B 8 -7.21 3.73 20.26
CA ASN B 8 -6.17 4.36 19.39
C ASN B 8 -5.17 3.30 18.90
N ILE B 9 -4.89 2.31 19.71
CA ILE B 9 -3.92 1.23 19.32
C ILE B 9 -2.58 1.84 18.87
N SER B 10 -1.78 2.28 19.82
CA SER B 10 -0.45 2.88 19.47
C SER B 10 0.48 1.81 18.88
N VAL B 11 0.32 0.58 19.29
CA VAL B 11 1.20 -0.52 18.76
C VAL B 11 0.57 -1.11 17.49
N ASP B 12 1.40 -1.56 16.57
CA ASP B 12 0.90 -2.10 15.25
C ASP B 12 0.24 -0.99 14.42
N VAL B 13 -0.86 -0.44 14.88
CA VAL B 13 -1.58 0.64 14.12
C VAL B 13 -2.03 0.14 12.74
N ASP B 14 -3.33 0.10 12.51
CA ASP B 14 -3.88 -0.40 11.20
C ASP B 14 -3.33 -1.80 10.88
N ALA B 15 -3.34 -2.68 11.84
CA ALA B 15 -2.83 -4.07 11.62
C ALA B 15 -3.75 -4.83 10.64
N ASP B 16 -5.02 -4.52 10.64
CA ASP B 16 -5.98 -5.26 9.75
C ASP B 16 -5.79 -4.83 8.30
N ALA B 17 -5.40 -3.60 8.07
CA ALA B 17 -5.23 -3.12 6.65
C ALA B 17 -4.11 -3.91 5.94
N SER B 18 -2.96 -4.01 6.58
CA SER B 18 -1.84 -4.81 5.98
C SER B 18 -2.29 -6.25 5.71
N SER B 19 -3.12 -6.79 6.57
CA SER B 19 -3.59 -8.20 6.39
C SER B 19 -4.52 -8.29 5.18
N GLN B 20 -5.35 -7.30 4.98
CA GLN B 20 -6.30 -7.32 3.81
C GLN B 20 -5.53 -7.29 2.50
N LEU B 21 -4.42 -6.58 2.45
CA LEU B 21 -3.60 -6.51 1.20
C LEU B 21 -2.97 -7.87 0.91
N LEU B 22 -2.53 -8.57 1.93
CA LEU B 22 -1.93 -9.92 1.72
C LEU B 22 -3.01 -10.90 1.25
N SER B 23 -4.19 -10.82 1.82
CA SER B 23 -5.31 -11.71 1.37
C SER B 23 -5.68 -11.43 -0.09
N LEU B 24 -5.69 -10.18 -0.48
CA LEU B 24 -6.02 -9.82 -1.89
C LEU B 24 -4.94 -10.35 -2.84
N LEU B 25 -3.69 -10.21 -2.46
CA LEU B 25 -2.57 -10.75 -3.31
C LEU B 25 -2.68 -12.28 -3.43
N LYS B 26 -3.12 -12.94 -2.39
CA LYS B 26 -3.27 -14.42 -2.45
C LYS B 26 -4.51 -14.80 -3.26
N SER B 27 -5.59 -14.07 -3.07
CA SER B 27 -6.87 -14.36 -3.82
C SER B 27 -7.27 -15.83 -3.71
N SER B 28 -8.29 -16.24 -4.41
CA SER B 28 -8.74 -17.67 -4.38
C SER B 28 -9.06 -18.15 -5.79
N THR B 29 -9.13 -19.45 -5.98
CA THR B 29 -9.44 -20.00 -7.34
C THR B 29 -10.92 -19.83 -7.66
N ALA B 30 -11.25 -19.40 -8.85
CA ALA B 30 -12.67 -19.20 -9.25
C ALA B 30 -12.77 -18.94 -10.76
N PRO B 31 -13.96 -19.12 -11.31
CA PRO B 31 -14.17 -18.87 -12.76
C PRO B 31 -13.91 -17.40 -13.10
N SER B 32 -13.04 -17.14 -14.06
CA SER B 32 -12.75 -15.73 -14.47
C SER B 32 -13.60 -15.34 -15.68
N ASP B 33 -13.88 -16.28 -16.55
CA ASP B 33 -14.68 -15.98 -17.78
C ASP B 33 -15.84 -16.99 -17.91
N LEU B 34 -16.44 -17.06 -19.08
CA LEU B 34 -17.59 -18.01 -19.31
C LEU B 34 -18.71 -17.80 -18.28
N ALA B 35 -19.77 -17.12 -18.68
CA ALA B 35 -20.92 -16.85 -17.75
C ALA B 35 -20.45 -16.15 -16.47
N THR B 36 -20.62 -14.84 -16.42
CA THR B 36 -20.21 -14.08 -15.20
C THR B 36 -21.44 -13.36 -14.60
N PRO B 37 -22.12 -14.03 -13.68
CA PRO B 37 -23.35 -13.45 -13.08
C PRO B 37 -23.03 -12.18 -12.29
N GLN B 38 -21.84 -12.10 -11.72
CA GLN B 38 -21.46 -10.88 -10.95
C GLN B 38 -20.97 -9.78 -11.90
N PRO B 39 -21.13 -8.54 -11.48
CA PRO B 39 -20.69 -7.40 -12.33
C PRO B 39 -19.17 -7.38 -12.47
N SER B 40 -18.67 -7.16 -13.66
CA SER B 40 -17.19 -7.14 -13.86
C SER B 40 -16.82 -6.18 -15.00
N THR B 41 -15.58 -5.78 -15.08
CA THR B 41 -15.15 -4.86 -16.18
C THR B 41 -13.82 -5.35 -16.78
N PHE B 42 -13.53 -4.95 -17.99
CA PHE B 42 -12.26 -5.40 -18.66
C PHE B 42 -11.06 -4.62 -18.09
N PRO B 43 -9.91 -5.26 -18.02
CA PRO B 43 -8.69 -4.59 -17.49
C PRO B 43 -8.21 -3.52 -18.49
N GLN B 44 -7.55 -2.50 -18.00
CA GLN B 44 -7.12 -1.38 -18.89
C GLN B 44 -5.71 -1.64 -19.48
N PRO B 45 -4.74 -1.93 -18.64
CA PRO B 45 -3.33 -2.09 -19.12
C PRO B 45 -3.22 -3.11 -20.29
N PRO B 46 -3.81 -4.28 -20.12
CA PRO B 46 -3.71 -5.33 -21.18
C PRO B 46 -4.33 -4.85 -22.50
N VAL B 47 -3.52 -4.42 -23.42
CA VAL B 47 -4.05 -3.97 -24.76
C VAL B 47 -4.56 -5.18 -25.54
N GLU B 48 -3.91 -6.31 -25.40
CA GLU B 48 -4.32 -7.55 -26.14
C GLU B 48 -4.40 -7.30 -27.65
N SER B 49 -4.70 -8.33 -28.41
CA SER B 49 -4.78 -8.18 -29.90
C SER B 49 -6.24 -8.03 -30.34
N HIS B 50 -7.14 -8.72 -29.70
CA HIS B 50 -8.58 -8.67 -30.10
C HIS B 50 -9.42 -8.05 -28.97
N SER B 51 -10.36 -7.21 -29.32
CA SER B 51 -11.24 -6.58 -28.28
C SER B 51 -12.71 -6.72 -28.69
N SER B 52 -13.58 -6.95 -27.74
CA SER B 52 -15.04 -7.09 -28.06
C SER B 52 -15.78 -5.81 -27.70
N MET A 1 -15.69 -4.83 3.22
CA MET A 1 -15.65 -4.31 1.82
C MET A 1 -14.37 -4.79 1.12
N GLY A 2 -13.23 -4.43 1.64
CA GLY A 2 -11.94 -4.86 1.01
C GLY A 2 -11.49 -3.80 0.00
N MET A 3 -10.26 -3.90 -0.46
CA MET A 3 -9.75 -2.90 -1.46
C MET A 3 -8.98 -3.61 -2.57
N SER A 4 -8.83 -2.96 -3.70
CA SER A 4 -8.07 -3.58 -4.84
C SER A 4 -6.66 -2.98 -4.91
N VAL A 5 -5.80 -3.55 -5.73
CA VAL A 5 -4.41 -3.03 -5.83
C VAL A 5 -4.41 -1.59 -6.40
N ALA A 6 -5.40 -1.27 -7.21
CA ALA A 6 -5.48 0.12 -7.79
C ALA A 6 -5.46 1.17 -6.68
N ASP A 7 -6.03 0.85 -5.54
CA ASP A 7 -5.97 1.77 -4.38
C ASP A 7 -4.54 1.87 -3.85
N PHE A 8 -3.82 0.78 -3.88
CA PHE A 8 -2.40 0.80 -3.42
C PHE A 8 -1.42 0.95 -4.59
N TYR A 9 -1.91 1.25 -5.77
CA TYR A 9 -1.00 1.42 -6.95
C TYR A 9 -0.13 2.68 -6.75
N GLY A 10 1.17 2.55 -6.89
CA GLY A 10 2.08 3.70 -6.61
C GLY A 10 2.37 3.80 -5.10
N SER A 11 1.80 2.94 -4.29
CA SER A 11 2.09 2.98 -2.82
C SER A 11 3.47 2.36 -2.53
N ASN A 12 4.23 2.97 -1.66
CA ASN A 12 5.53 2.36 -1.24
C ASN A 12 5.29 1.36 -0.12
N VAL A 13 5.63 0.12 -0.35
CA VAL A 13 5.43 -0.93 0.69
C VAL A 13 6.60 -1.93 0.66
N GLU A 14 6.79 -2.68 1.71
CA GLU A 14 7.89 -3.68 1.71
C GLU A 14 7.31 -5.11 1.64
N VAL A 15 7.80 -5.91 0.73
CA VAL A 15 7.28 -7.29 0.58
C VAL A 15 8.31 -8.30 1.13
N LEU A 16 7.89 -9.17 2.01
CA LEU A 16 8.79 -10.25 2.49
C LEU A 16 8.54 -11.52 1.68
N LEU A 17 9.57 -12.09 1.10
CA LEU A 17 9.36 -13.23 0.15
C LEU A 17 9.55 -14.57 0.87
N ASN A 18 9.14 -15.65 0.22
CA ASN A 18 9.22 -17.01 0.86
C ASN A 18 10.65 -17.37 1.26
N ASN A 19 11.62 -16.75 0.65
CA ASN A 19 13.06 -17.11 0.93
C ASN A 19 13.64 -16.23 2.06
N ASP A 20 12.79 -15.68 2.91
CA ASP A 20 13.27 -14.88 4.09
C ASP A 20 14.14 -13.69 3.63
N SER A 21 13.90 -13.20 2.43
CA SER A 21 14.59 -11.95 1.98
C SER A 21 13.60 -10.80 1.97
N LYS A 22 14.04 -9.61 2.28
CA LYS A 22 13.11 -8.44 2.37
C LYS A 22 13.34 -7.47 1.22
N ALA A 23 12.31 -6.82 0.76
CA ALA A 23 12.49 -5.79 -0.31
C ALA A 23 11.37 -4.74 -0.23
N ARG A 24 11.63 -3.54 -0.70
CA ARG A 24 10.58 -2.47 -0.67
C ARG A 24 10.67 -1.62 -1.93
N GLY A 25 9.56 -1.08 -2.37
CA GLY A 25 9.56 -0.23 -3.59
C GLY A 25 8.18 0.43 -3.76
N VAL A 26 8.06 1.35 -4.69
CA VAL A 26 6.72 1.98 -4.96
C VAL A 26 6.05 1.23 -6.10
N ILE A 27 4.83 0.79 -5.90
CA ILE A 27 4.18 -0.14 -6.89
C ILE A 27 4.02 0.55 -8.26
N THR A 28 4.30 -0.18 -9.31
CA THR A 28 4.18 0.40 -10.69
C THR A 28 3.18 -0.39 -11.55
N ASN A 29 2.87 -1.63 -11.19
CA ASN A 29 1.83 -2.37 -11.99
C ASN A 29 1.35 -3.64 -11.25
N PHE A 30 0.17 -4.10 -11.61
CA PHE A 30 -0.36 -5.40 -11.08
C PHE A 30 -1.27 -6.04 -12.12
N ASP A 31 -0.94 -7.22 -12.57
CA ASP A 31 -1.76 -7.89 -13.63
C ASP A 31 -2.73 -8.87 -12.97
N SER A 32 -4.00 -8.77 -13.27
CA SER A 32 -5.01 -9.63 -12.58
C SER A 32 -4.81 -11.10 -12.94
N SER A 33 -4.64 -11.40 -14.21
CA SER A 33 -4.58 -12.83 -14.66
C SER A 33 -3.43 -13.57 -13.96
N ASN A 34 -2.26 -12.98 -13.93
CA ASN A 34 -1.08 -13.66 -13.31
C ASN A 34 -0.72 -13.03 -11.96
N SER A 35 -1.39 -11.99 -11.54
CA SER A 35 -1.01 -11.25 -10.28
C SER A 35 0.50 -10.93 -10.28
N ILE A 36 0.93 -10.07 -11.16
CA ILE A 36 2.40 -9.79 -11.28
C ILE A 36 2.66 -8.33 -10.89
N LEU A 37 3.56 -8.12 -9.96
CA LEU A 37 3.70 -6.75 -9.37
C LEU A 37 5.08 -6.18 -9.69
N GLN A 38 5.11 -5.07 -10.38
CA GLN A 38 6.40 -4.33 -10.57
C GLN A 38 6.55 -3.31 -9.45
N LEU A 39 7.70 -3.27 -8.82
CA LEU A 39 7.94 -2.23 -7.77
C LEU A 39 9.10 -1.33 -8.20
N ARG A 40 8.86 -0.04 -8.27
CA ARG A 40 9.97 0.93 -8.53
C ARG A 40 10.35 1.66 -7.25
N LEU A 41 11.46 1.31 -6.66
CA LEU A 41 11.86 1.93 -5.36
C LEU A 41 12.56 3.27 -5.59
N ALA A 42 12.56 4.13 -4.59
CA ALA A 42 13.04 5.55 -4.77
C ALA A 42 14.55 5.62 -5.03
N ASN A 43 15.25 4.50 -5.01
CA ASN A 43 16.69 4.51 -5.40
C ASN A 43 16.85 4.34 -6.92
N ASP A 44 15.88 4.78 -7.71
CA ASP A 44 16.00 4.74 -9.21
C ASP A 44 16.17 3.29 -9.69
N SER A 45 15.59 2.34 -8.98
CA SER A 45 15.69 0.91 -9.42
C SER A 45 14.28 0.31 -9.52
N THR A 46 14.07 -0.56 -10.49
CA THR A 46 12.74 -1.21 -10.66
C THR A 46 12.89 -2.73 -10.72
N LYS A 47 11.92 -3.45 -10.23
CA LYS A 47 12.03 -4.95 -10.20
C LYS A 47 10.65 -5.59 -10.32
N SER A 48 10.50 -6.54 -11.22
CA SER A 48 9.18 -7.22 -11.39
C SER A 48 9.15 -8.52 -10.59
N ILE A 49 8.18 -8.67 -9.71
CA ILE A 49 8.06 -9.94 -8.92
C ILE A 49 6.61 -10.45 -9.02
N VAL A 50 6.43 -11.73 -9.19
CA VAL A 50 5.05 -12.30 -9.24
C VAL A 50 4.53 -12.50 -7.81
N THR A 51 3.36 -11.97 -7.50
CA THR A 51 2.89 -11.90 -6.07
C THR A 51 2.83 -13.29 -5.42
N LYS A 52 2.68 -14.32 -6.22
CA LYS A 52 2.55 -15.71 -5.65
C LYS A 52 3.75 -16.06 -4.76
N ASP A 53 4.89 -15.46 -5.02
CA ASP A 53 6.07 -15.71 -4.15
C ASP A 53 6.07 -14.78 -2.92
N ILE A 54 5.01 -14.02 -2.71
CA ILE A 54 4.93 -13.19 -1.46
C ILE A 54 4.61 -14.08 -0.25
N LYS A 55 5.43 -14.01 0.76
CA LYS A 55 5.09 -14.68 2.06
C LYS A 55 4.36 -13.69 2.97
N ASP A 56 4.67 -12.42 2.86
CA ASP A 56 4.06 -11.41 3.78
C ASP A 56 4.20 -10.00 3.19
N LEU A 57 3.31 -9.10 3.53
CA LEU A 57 3.37 -7.72 2.98
C LEU A 57 3.20 -6.69 4.11
N ARG A 58 3.80 -5.53 3.94
CA ARG A 58 3.60 -4.43 4.94
C ARG A 58 3.78 -3.07 4.26
N ILE A 59 2.98 -2.10 4.60
CA ILE A 59 3.19 -0.72 4.05
C ILE A 59 4.21 0.03 4.92
N LEU A 60 5.17 0.68 4.29
CA LEU A 60 6.21 1.42 5.07
C LEU A 60 5.69 2.80 5.46
N PRO A 61 6.31 3.40 6.47
CA PRO A 61 5.86 4.73 6.96
C PRO A 61 6.07 5.80 5.87
N LYS A 62 5.18 6.76 5.80
CA LYS A 62 5.30 7.84 4.77
C LYS A 62 5.28 9.21 5.44
N ASN A 63 5.97 10.17 4.86
CA ASN A 63 6.03 11.54 5.46
C ASN A 63 4.89 12.40 4.91
N GLU A 64 4.20 13.11 5.76
CA GLU A 64 3.07 13.97 5.30
C GLU A 64 3.55 15.42 5.14
N ILE A 65 2.67 16.29 4.70
CA ILE A 65 3.06 17.72 4.50
C ILE A 65 1.92 18.65 4.99
N MET A 66 1.64 18.63 6.28
CA MET A 66 0.57 19.50 6.89
C MET A 66 -0.67 19.67 5.97
N PRO A 67 -1.23 18.56 5.54
CA PRO A 67 -2.42 18.61 4.64
C PRO A 67 -3.62 19.22 5.37
N LYS A 68 -3.70 19.04 6.67
CA LYS A 68 -4.84 19.60 7.45
C LYS A 68 -4.49 21.00 7.97
N ASN A 69 -5.48 21.82 8.24
CA ASN A 69 -5.21 23.20 8.73
C ASN A 69 -5.25 23.25 10.26
N GLY A 70 -4.25 23.82 10.87
CA GLY A 70 -4.21 23.90 12.36
C GLY A 70 -3.69 22.58 12.94
N THR A 71 -2.81 21.93 12.25
CA THR A 71 -2.24 20.64 12.75
C THR A 71 -0.71 20.67 12.72
N LYS A 72 -0.08 20.18 13.76
CA LYS A 72 1.42 20.18 13.79
C LYS A 72 1.94 18.74 13.71
N SER A 73 2.69 18.43 12.68
CA SER A 73 3.24 17.05 12.54
C SER A 73 4.46 16.87 13.46
N PRO A 74 5.47 17.73 13.32
CA PRO A 74 6.70 17.58 14.14
C PRO A 74 6.41 17.98 15.60
N SER A 75 7.18 17.46 16.53
CA SER A 75 6.97 17.80 17.98
C SER A 75 7.26 19.28 18.22
N THR A 76 8.18 19.85 17.48
CA THR A 76 8.50 21.30 17.65
C THR A 76 8.52 22.01 16.29
N ASN A 77 8.24 23.29 16.26
CA ASN A 77 8.22 24.05 14.98
C ASN A 77 9.29 25.15 15.00
N SER A 78 10.28 25.04 14.14
CA SER A 78 11.36 26.07 14.11
C SER A 78 11.44 26.71 12.71
N THR A 79 11.25 28.02 12.63
CA THR A 79 11.36 28.76 11.33
C THR A 79 10.64 28.02 10.18
N LYS A 80 9.60 27.29 10.50
CA LYS A 80 8.85 26.53 9.44
C LYS A 80 8.12 27.51 8.52
N LEU A 81 7.46 28.49 9.08
CA LEU A 81 6.71 29.48 8.25
C LEU A 81 7.40 30.85 8.30
N LYS A 82 7.56 31.48 7.16
CA LYS A 82 8.23 32.82 7.13
C LYS A 82 7.37 33.87 7.87
N SER A 83 6.07 33.71 7.84
CA SER A 83 5.17 34.70 8.51
C SER A 83 5.41 34.69 10.03
N ALA A 84 5.64 33.54 10.59
CA ALA A 84 5.87 33.44 12.06
C ALA A 84 7.32 33.01 12.35
N GLU A 85 8.23 33.36 11.48
CA GLU A 85 9.67 32.99 11.69
C GLU A 85 10.26 33.76 12.88
N THR A 86 9.88 35.02 13.01
CA THR A 86 10.44 35.85 14.13
C THR A 86 9.73 35.51 15.45
N TYR A 87 8.46 35.21 15.38
CA TYR A 87 7.68 34.88 16.63
C TYR A 87 7.07 33.48 16.52
N SER A 88 7.24 32.66 17.53
CA SER A 88 6.65 31.29 17.51
C SER A 88 5.35 31.25 18.33
N SER A 89 5.41 31.71 19.55
CA SER A 89 4.19 31.72 20.41
C SER A 89 3.97 33.11 21.03
N LYS A 90 2.74 33.50 21.24
CA LYS A 90 2.46 34.84 21.83
C LYS A 90 1.54 34.69 23.05
N ASN A 91 1.74 35.50 24.07
CA ASN A 91 0.86 35.43 25.28
C ASN A 91 -0.09 36.62 25.31
N LYS A 92 -1.38 36.37 25.29
CA LYS A 92 -2.38 37.48 25.31
C LYS A 92 -2.83 37.76 26.75
N TRP A 93 -3.56 36.86 27.35
CA TRP A 93 -4.06 37.08 28.74
C TRP A 93 -3.81 35.83 29.60
N SER A 94 -3.28 36.01 30.79
CA SER A 94 -3.04 34.84 31.69
C SER A 94 -3.12 35.29 33.15
N MET A 95 -2.13 36.04 33.61
CA MET A 95 -2.16 36.53 35.03
C MET A 95 -3.24 37.61 35.20
N ASP A 96 -3.40 38.45 34.21
CA ASP A 96 -4.43 39.54 34.31
C ASP A 96 -4.71 40.12 32.91
N GLY B 1 -7.87 -6.53 26.19
CA GLY B 1 -6.61 -6.80 25.43
C GLY B 1 -5.44 -6.87 26.40
N ALA B 2 -4.56 -5.90 26.37
CA ALA B 2 -3.38 -5.89 27.28
C ALA B 2 -2.99 -4.46 27.65
N THR B 3 -2.30 -4.28 28.75
CA THR B 3 -1.89 -2.91 29.17
C THR B 3 -0.38 -2.86 29.43
N THR B 4 0.21 -1.69 29.38
CA THR B 4 1.69 -1.54 29.59
C THR B 4 2.48 -2.49 28.69
N LYS B 5 1.95 -2.81 27.53
CA LYS B 5 2.67 -3.73 26.60
C LYS B 5 3.12 -2.98 25.34
N GLU B 6 2.21 -2.23 24.75
CA GLU B 6 2.57 -1.46 23.51
C GLU B 6 2.83 0.01 23.85
N LYS B 7 3.82 0.60 23.24
CA LYS B 7 4.14 2.04 23.51
C LYS B 7 3.39 2.94 22.52
N ASN B 8 2.89 4.06 22.98
CA ASN B 8 2.15 4.99 22.08
C ASN B 8 3.10 6.07 21.54
N ILE B 9 3.34 6.08 20.25
CA ILE B 9 4.26 7.09 19.65
C ILE B 9 4.08 7.16 18.13
N SER B 10 3.89 6.03 17.48
CA SER B 10 3.70 6.03 15.99
C SER B 10 2.34 6.65 15.64
N VAL B 11 2.11 6.88 14.37
CA VAL B 11 0.81 7.50 13.93
C VAL B 11 0.44 7.00 12.54
N ASP B 12 -0.81 7.14 12.16
CA ASP B 12 -1.29 6.66 10.81
C ASP B 12 -0.88 5.19 10.57
N VAL B 13 -1.18 4.67 9.39
CA VAL B 13 -0.85 3.23 9.06
C VAL B 13 -1.50 2.28 10.07
N ASP B 14 -1.55 1.00 9.75
CA ASP B 14 -2.13 0.00 10.70
C ASP B 14 -1.69 -1.41 10.32
N ALA B 15 -1.51 -2.26 11.29
CA ALA B 15 -1.07 -3.67 11.01
C ALA B 15 -2.16 -4.45 10.28
N ASP B 16 -3.41 -4.09 10.48
CA ASP B 16 -4.53 -4.85 9.84
C ASP B 16 -4.56 -4.58 8.34
N ALA B 17 -4.18 -3.39 7.93
CA ALA B 17 -4.19 -3.06 6.46
C ALA B 17 -3.19 -3.94 5.71
N SER B 18 -1.98 -4.06 6.22
CA SER B 18 -0.95 -4.94 5.57
C SER B 18 -1.49 -6.36 5.41
N SER B 19 -2.26 -6.81 6.36
CA SER B 19 -2.83 -8.20 6.28
C SER B 19 -3.87 -8.28 5.17
N GLN B 20 -4.58 -7.20 4.91
CA GLN B 20 -5.64 -7.23 3.84
C GLN B 20 -5.01 -7.52 2.47
N LEU B 21 -3.87 -6.94 2.19
CA LEU B 21 -3.20 -7.18 0.87
C LEU B 21 -2.71 -8.63 0.78
N LEU B 22 -2.12 -9.13 1.83
CA LEU B 22 -1.66 -10.57 1.82
C LEU B 22 -2.87 -11.50 1.83
N SER B 23 -3.91 -11.12 2.53
CA SER B 23 -5.17 -11.95 2.53
C SER B 23 -5.76 -12.03 1.12
N LEU B 24 -5.68 -10.95 0.37
CA LEU B 24 -6.22 -10.95 -1.03
C LEU B 24 -5.43 -11.94 -1.91
N LEU B 25 -4.13 -11.95 -1.76
CA LEU B 25 -3.29 -12.92 -2.54
C LEU B 25 -3.66 -14.37 -2.17
N LYS B 26 -4.03 -14.60 -0.93
CA LYS B 26 -4.42 -15.98 -0.50
C LYS B 26 -5.80 -16.35 -1.04
N SER B 27 -6.66 -15.37 -1.21
CA SER B 27 -8.04 -15.66 -1.73
C SER B 27 -8.00 -15.90 -3.24
N SER B 28 -8.98 -16.57 -3.78
CA SER B 28 -8.99 -16.88 -5.24
C SER B 28 -9.74 -15.80 -6.02
N THR B 29 -10.86 -15.35 -5.49
CA THR B 29 -11.66 -14.30 -6.19
C THR B 29 -11.92 -13.12 -5.27
N ALA B 30 -12.07 -11.94 -5.81
CA ALA B 30 -12.36 -10.74 -4.97
C ALA B 30 -13.81 -10.78 -4.47
N PRO B 31 -14.08 -10.05 -3.40
CA PRO B 31 -15.47 -10.01 -2.84
C PRO B 31 -16.46 -9.45 -3.87
N SER B 32 -16.01 -8.54 -4.70
CA SER B 32 -16.91 -7.95 -5.74
C SER B 32 -16.29 -8.10 -7.13
N ASP B 33 -17.11 -8.20 -8.15
CA ASP B 33 -16.57 -8.33 -9.54
C ASP B 33 -15.94 -7.01 -9.99
N LEU B 34 -14.86 -7.08 -10.75
CA LEU B 34 -14.14 -5.85 -11.21
C LEU B 34 -13.72 -4.95 -10.03
N ALA B 35 -14.62 -4.12 -9.53
CA ALA B 35 -14.29 -3.20 -8.39
C ALA B 35 -13.02 -2.38 -8.70
N THR B 36 -12.84 -1.99 -9.94
CA THR B 36 -11.64 -1.19 -10.32
C THR B 36 -12.07 0.11 -11.02
N PRO B 37 -12.50 1.08 -10.22
CA PRO B 37 -12.94 2.39 -10.78
C PRO B 37 -11.75 3.14 -11.38
N GLN B 38 -12.00 4.02 -12.32
CA GLN B 38 -10.90 4.80 -12.95
C GLN B 38 -10.60 6.07 -12.11
N PRO B 39 -9.43 6.65 -12.34
CA PRO B 39 -9.05 7.87 -11.58
C PRO B 39 -9.95 9.05 -11.95
N SER B 40 -10.36 9.82 -10.97
CA SER B 40 -11.25 10.99 -11.25
C SER B 40 -10.52 12.04 -12.09
N THR B 41 -9.23 12.19 -11.87
CA THR B 41 -8.44 13.20 -12.65
C THR B 41 -7.11 12.59 -13.13
N PHE B 42 -6.49 13.21 -14.10
CA PHE B 42 -5.18 12.68 -14.62
C PHE B 42 -4.08 12.84 -13.55
N PRO B 43 -3.07 12.00 -13.65
CA PRO B 43 -1.95 12.06 -12.66
C PRO B 43 -1.16 13.36 -12.81
N GLN B 44 -0.87 13.74 -14.03
CA GLN B 44 -0.11 15.01 -14.27
C GLN B 44 -0.64 15.72 -15.51
N PRO B 45 -0.36 17.02 -15.61
CA PRO B 45 -0.84 17.81 -16.78
C PRO B 45 -0.21 17.30 -18.08
N PRO B 46 -0.89 17.53 -19.19
CA PRO B 46 -0.35 17.10 -20.52
C PRO B 46 0.88 17.94 -20.89
N VAL B 47 1.54 17.60 -21.96
CA VAL B 47 2.74 18.38 -22.40
C VAL B 47 2.60 18.79 -23.86
N GLU B 48 2.96 20.01 -24.18
CA GLU B 48 2.81 20.51 -25.60
C GLU B 48 3.87 19.85 -26.49
N SER B 49 5.04 19.64 -25.97
CA SER B 49 6.14 19.02 -26.80
C SER B 49 6.45 17.61 -26.30
N HIS B 50 6.77 16.71 -27.20
CA HIS B 50 7.09 15.30 -26.80
C HIS B 50 8.46 14.89 -27.34
N SER B 51 9.13 13.99 -26.66
CA SER B 51 10.49 13.52 -27.12
C SER B 51 11.43 14.72 -27.36
N SER B 52 11.24 15.80 -26.63
CA SER B 52 12.11 16.99 -26.80
C SER B 52 13.22 17.01 -25.74
N MET A 1 -16.15 4.00 -3.74
CA MET A 1 -14.75 3.54 -3.95
C MET A 1 -14.62 2.06 -3.60
N GLY A 2 -14.00 1.29 -4.46
CA GLY A 2 -13.84 -0.16 -4.21
C GLY A 2 -12.59 -0.40 -3.33
N MET A 3 -12.27 -1.64 -3.07
CA MET A 3 -11.07 -1.95 -2.23
C MET A 3 -10.11 -2.89 -3.00
N SER A 4 -9.76 -2.52 -4.20
CA SER A 4 -8.86 -3.39 -5.02
C SER A 4 -7.41 -2.91 -4.92
N VAL A 5 -6.50 -3.62 -5.52
CA VAL A 5 -5.05 -3.24 -5.46
C VAL A 5 -4.81 -1.93 -6.22
N ALA A 6 -5.63 -1.64 -7.22
CA ALA A 6 -5.43 -0.39 -8.03
C ALA A 6 -5.40 0.84 -7.13
N ASP A 7 -6.11 0.79 -6.03
CA ASP A 7 -6.05 1.91 -5.04
C ASP A 7 -4.68 1.95 -4.37
N PHE A 8 -4.04 0.80 -4.21
CA PHE A 8 -2.71 0.75 -3.53
C PHE A 8 -1.55 0.80 -4.54
N TYR A 9 -1.83 1.08 -5.80
CA TYR A 9 -0.72 1.26 -6.79
C TYR A 9 0.08 2.53 -6.46
N GLY A 10 1.39 2.46 -6.56
CA GLY A 10 2.25 3.64 -6.20
C GLY A 10 2.51 3.67 -4.69
N SER A 11 1.94 2.76 -3.93
CA SER A 11 2.18 2.76 -2.45
C SER A 11 3.57 2.20 -2.14
N ASN A 12 4.26 2.81 -1.21
CA ASN A 12 5.56 2.25 -0.74
C ASN A 12 5.31 1.18 0.32
N VAL A 13 5.70 -0.03 0.06
CA VAL A 13 5.45 -1.14 1.02
C VAL A 13 6.64 -2.10 1.03
N GLU A 14 6.78 -2.90 2.06
CA GLU A 14 7.89 -3.89 2.09
C GLU A 14 7.35 -5.31 1.92
N VAL A 15 7.86 -6.05 0.98
CA VAL A 15 7.35 -7.43 0.73
C VAL A 15 8.39 -8.45 1.21
N LEU A 16 7.98 -9.35 2.08
CA LEU A 16 8.89 -10.47 2.50
C LEU A 16 8.60 -11.71 1.66
N LEU A 17 9.60 -12.31 1.08
CA LEU A 17 9.37 -13.42 0.12
C LEU A 17 9.57 -14.79 0.80
N ASN A 18 9.15 -15.85 0.14
CA ASN A 18 9.24 -17.22 0.74
C ASN A 18 10.69 -17.58 1.11
N ASN A 19 11.65 -16.94 0.49
CA ASN A 19 13.08 -17.29 0.74
C ASN A 19 13.67 -16.41 1.86
N ASP A 20 12.83 -15.87 2.73
CA ASP A 20 13.33 -15.09 3.91
C ASP A 20 14.18 -13.89 3.46
N SER A 21 13.93 -13.38 2.28
CA SER A 21 14.59 -12.11 1.85
C SER A 21 13.58 -10.97 1.90
N LYS A 22 13.97 -9.84 2.46
CA LYS A 22 13.01 -8.71 2.64
C LYS A 22 13.38 -7.56 1.70
N ALA A 23 12.38 -6.89 1.14
CA ALA A 23 12.66 -5.74 0.23
C ALA A 23 11.49 -4.77 0.24
N ARG A 24 11.73 -3.52 -0.09
CA ARG A 24 10.63 -2.51 -0.10
C ARG A 24 10.78 -1.57 -1.30
N GLY A 25 9.67 -1.11 -1.84
CA GLY A 25 9.73 -0.28 -3.08
C GLY A 25 8.33 0.27 -3.36
N VAL A 26 8.21 1.16 -4.32
CA VAL A 26 6.87 1.80 -4.58
C VAL A 26 6.16 1.04 -5.70
N ILE A 27 5.00 0.50 -5.41
CA ILE A 27 4.33 -0.41 -6.40
C ILE A 27 3.97 0.36 -7.68
N THR A 28 4.11 -0.27 -8.82
CA THR A 28 3.78 0.41 -10.11
C THR A 28 2.70 -0.36 -10.88
N ASN A 29 2.56 -1.66 -10.68
CA ASN A 29 1.51 -2.40 -11.45
C ASN A 29 1.19 -3.76 -10.81
N PHE A 30 0.04 -4.31 -11.14
CA PHE A 30 -0.29 -5.72 -10.79
C PHE A 30 -1.23 -6.30 -11.84
N ASP A 31 -0.87 -7.43 -12.39
CA ASP A 31 -1.69 -8.03 -13.49
C ASP A 31 -2.56 -9.14 -12.91
N SER A 32 -3.84 -9.12 -13.19
CA SER A 32 -4.76 -10.13 -12.58
C SER A 32 -4.46 -11.53 -13.14
N SER A 33 -4.40 -11.65 -14.45
CA SER A 33 -4.24 -13.01 -15.07
C SER A 33 -2.95 -13.69 -14.59
N ASN A 34 -1.87 -12.95 -14.52
CA ASN A 34 -0.57 -13.55 -14.10
C ASN A 34 -0.21 -13.18 -12.65
N SER A 35 -0.93 -12.26 -12.04
CA SER A 35 -0.56 -11.76 -10.66
C SER A 35 0.93 -11.36 -10.62
N ILE A 36 1.29 -10.31 -11.32
CA ILE A 36 2.74 -9.91 -11.40
C ILE A 36 2.89 -8.46 -10.96
N LEU A 37 3.76 -8.20 -10.02
CA LEU A 37 3.81 -6.85 -9.38
C LEU A 37 5.14 -6.16 -9.68
N GLN A 38 5.08 -5.03 -10.31
CA GLN A 38 6.32 -4.23 -10.53
C GLN A 38 6.51 -3.26 -9.37
N LEU A 39 7.72 -3.15 -8.85
CA LEU A 39 8.00 -2.12 -7.80
C LEU A 39 9.07 -1.15 -8.31
N ARG A 40 8.77 0.13 -8.32
CA ARG A 40 9.79 1.14 -8.72
C ARG A 40 10.44 1.74 -7.47
N LEU A 41 11.68 1.41 -7.23
CA LEU A 41 12.34 1.84 -5.96
C LEU A 41 12.92 3.25 -6.10
N ALA A 42 12.99 3.97 -5.00
CA ALA A 42 13.39 5.43 -5.04
C ALA A 42 14.82 5.60 -5.57
N ASN A 43 15.58 4.53 -5.71
CA ASN A 43 16.94 4.64 -6.32
C ASN A 43 16.85 4.57 -7.86
N ASP A 44 15.75 5.00 -8.45
CA ASP A 44 15.65 5.08 -9.96
C ASP A 44 15.85 3.70 -10.58
N SER A 45 15.44 2.64 -9.89
CA SER A 45 15.58 1.27 -10.47
C SER A 45 14.22 0.57 -10.51
N THR A 46 13.93 -0.12 -11.59
CA THR A 46 12.66 -0.89 -11.70
C THR A 46 12.90 -2.36 -11.36
N LYS A 47 11.91 -3.03 -10.80
CA LYS A 47 12.06 -4.48 -10.50
C LYS A 47 10.71 -5.19 -10.59
N SER A 48 10.59 -6.15 -11.47
CA SER A 48 9.31 -6.91 -11.60
C SER A 48 9.37 -8.20 -10.78
N ILE A 49 8.42 -8.38 -9.88
CA ILE A 49 8.40 -9.62 -9.05
C ILE A 49 7.00 -10.25 -9.11
N VAL A 50 6.93 -11.55 -9.28
CA VAL A 50 5.60 -12.23 -9.33
C VAL A 50 5.11 -12.47 -7.90
N THR A 51 3.90 -12.04 -7.60
CA THR A 51 3.42 -12.03 -6.17
C THR A 51 3.43 -13.43 -5.55
N LYS A 52 3.35 -14.46 -6.35
CA LYS A 52 3.29 -15.86 -5.81
C LYS A 52 4.50 -16.14 -4.91
N ASP A 53 5.59 -15.43 -5.08
CA ASP A 53 6.76 -15.62 -4.18
C ASP A 53 6.61 -14.81 -2.88
N ILE A 54 5.51 -14.08 -2.71
CA ILE A 54 5.32 -13.30 -1.45
C ILE A 54 4.94 -14.24 -0.30
N LYS A 55 5.67 -14.17 0.79
CA LYS A 55 5.25 -14.88 2.03
C LYS A 55 4.43 -13.94 2.91
N ASP A 56 4.68 -12.66 2.84
CA ASP A 56 3.94 -11.67 3.71
C ASP A 56 4.13 -10.25 3.16
N LEU A 57 3.21 -9.36 3.46
CA LEU A 57 3.30 -7.96 2.94
C LEU A 57 3.05 -6.96 4.07
N ARG A 58 3.66 -5.80 3.99
CA ARG A 58 3.37 -4.71 4.97
C ARG A 58 3.59 -3.34 4.33
N ILE A 59 2.79 -2.36 4.69
CA ILE A 59 3.06 -0.97 4.24
C ILE A 59 4.04 -0.29 5.22
N LEU A 60 5.06 0.36 4.70
CA LEU A 60 6.05 1.04 5.60
C LEU A 60 5.52 2.42 6.02
N PRO A 61 5.70 2.77 7.28
CA PRO A 61 5.19 4.08 7.78
C PRO A 61 6.00 5.22 7.16
N LYS A 62 7.26 5.01 6.90
CA LYS A 62 8.11 6.10 6.31
C LYS A 62 7.94 6.14 4.78
N ASN A 63 7.78 7.31 4.23
CA ASN A 63 7.61 7.44 2.75
C ASN A 63 8.38 8.67 2.23
N GLU A 64 8.25 8.96 0.96
CA GLU A 64 8.98 10.14 0.39
C GLU A 64 8.05 11.36 0.36
N ILE A 65 8.57 12.51 0.69
CA ILE A 65 7.73 13.75 0.69
C ILE A 65 7.33 14.14 -0.74
N MET A 66 6.09 14.52 -0.95
CA MET A 66 5.63 14.90 -2.32
C MET A 66 4.33 15.73 -2.23
N PRO A 67 4.48 17.04 -2.13
CA PRO A 67 3.29 17.94 -2.05
C PRO A 67 2.44 17.82 -3.32
N LYS A 68 1.14 17.83 -3.18
CA LYS A 68 0.24 17.73 -4.36
C LYS A 68 -1.16 18.25 -4.02
N ASN A 69 -1.24 19.23 -3.15
CA ASN A 69 -2.57 19.80 -2.77
C ASN A 69 -2.48 21.32 -2.63
N GLY A 70 -2.07 21.99 -3.68
CA GLY A 70 -1.95 23.48 -3.63
C GLY A 70 -0.57 23.86 -3.06
N THR A 71 -0.44 25.06 -2.58
CA THR A 71 0.87 25.51 -2.00
C THR A 71 0.70 25.85 -0.52
N LYS A 72 1.78 25.82 0.23
CA LYS A 72 1.70 26.14 1.70
C LYS A 72 1.97 27.63 1.92
N SER A 73 3.17 28.08 1.62
CA SER A 73 3.52 29.52 1.84
C SER A 73 3.29 30.32 0.54
N PRO A 74 3.19 31.63 0.67
CA PRO A 74 2.97 32.50 -0.52
C PRO A 74 4.19 32.44 -1.45
N SER A 75 4.04 32.89 -2.67
CA SER A 75 5.17 32.86 -3.64
C SER A 75 5.90 34.20 -3.69
N THR A 76 5.84 34.97 -2.63
CA THR A 76 6.53 36.30 -2.61
C THR A 76 7.80 36.23 -1.75
N ASN A 77 8.43 35.06 -1.67
CA ASN A 77 9.67 34.90 -0.84
C ASN A 77 9.40 35.26 0.63
N SER A 78 10.31 34.90 1.50
CA SER A 78 10.14 35.23 2.96
C SER A 78 11.48 35.62 3.58
N THR A 79 11.45 36.39 4.63
CA THR A 79 12.73 36.82 5.30
C THR A 79 12.57 36.77 6.82
N LYS A 80 13.66 36.53 7.53
CA LYS A 80 13.58 36.49 9.02
C LYS A 80 13.34 37.90 9.59
N LEU A 81 14.02 38.89 9.04
CA LEU A 81 13.85 40.29 9.55
C LEU A 81 12.43 40.79 9.26
N LYS A 82 11.86 40.39 8.15
CA LYS A 82 10.46 40.80 7.79
C LYS A 82 10.31 42.33 7.81
N SER A 83 11.29 43.04 7.32
CA SER A 83 11.21 44.53 7.28
C SER A 83 11.11 45.02 5.83
N ALA A 84 10.16 45.87 5.55
CA ALA A 84 10.00 46.39 4.15
C ALA A 84 9.09 47.63 4.15
N GLU A 85 8.76 48.14 2.98
CA GLU A 85 7.86 49.32 2.90
C GLU A 85 6.42 48.86 2.64
N THR A 86 5.45 49.64 3.06
CA THR A 86 4.03 49.24 2.88
C THR A 86 3.44 49.90 1.63
N TYR A 87 2.74 49.14 0.82
CA TYR A 87 2.11 49.71 -0.41
C TYR A 87 0.60 49.45 -0.40
N SER A 88 -0.17 50.29 -1.05
CA SER A 88 -1.65 50.09 -1.07
C SER A 88 -2.02 48.92 -2.00
N SER A 89 -2.51 47.84 -1.45
CA SER A 89 -2.88 46.66 -2.29
C SER A 89 -3.86 45.76 -1.53
N LYS A 90 -4.40 44.77 -2.20
CA LYS A 90 -5.36 43.83 -1.52
C LYS A 90 -4.59 42.69 -0.84
N ASN A 91 -5.05 42.25 0.31
CA ASN A 91 -4.35 41.16 1.04
C ASN A 91 -5.11 39.84 0.86
N LYS A 92 -4.43 38.82 0.38
CA LYS A 92 -5.10 37.49 0.19
C LYS A 92 -4.86 36.59 1.41
N TRP A 93 -3.61 36.28 1.68
CA TRP A 93 -3.30 35.41 2.85
C TRP A 93 -2.37 36.15 3.81
N SER A 94 -2.38 35.78 5.08
CA SER A 94 -1.51 36.46 6.08
C SER A 94 -0.44 35.48 6.58
N MET A 95 0.74 35.99 6.89
CA MET A 95 1.84 35.09 7.39
C MET A 95 1.47 34.50 8.75
N ASP A 96 0.77 35.25 9.57
CA ASP A 96 0.38 34.73 10.92
C ASP A 96 -1.10 35.01 11.18
N GLY B 1 -17.57 18.25 -8.86
CA GLY B 1 -17.58 17.07 -7.95
C GLY B 1 -16.15 16.77 -7.50
N ALA B 2 -15.75 17.30 -6.37
CA ALA B 2 -14.36 17.05 -5.86
C ALA B 2 -14.38 16.96 -4.34
N THR B 3 -13.39 16.29 -3.77
CA THR B 3 -13.33 16.15 -2.28
C THR B 3 -12.03 16.74 -1.74
N THR B 4 -12.08 17.39 -0.61
CA THR B 4 -10.84 17.99 -0.02
C THR B 4 -10.61 17.45 1.39
N LYS B 5 -9.40 17.55 1.89
CA LYS B 5 -9.06 17.05 3.27
C LYS B 5 -9.50 15.58 3.45
N GLU B 6 -9.31 15.03 4.61
CA GLU B 6 -9.73 13.62 4.88
C GLU B 6 -10.61 13.55 6.12
N LYS B 7 -11.42 12.52 6.23
CA LYS B 7 -12.32 12.38 7.42
C LYS B 7 -11.65 11.51 8.49
N ASN B 8 -10.69 12.07 9.20
CA ASN B 8 -9.98 11.31 10.29
C ASN B 8 -9.42 9.98 9.75
N ILE B 9 -8.97 9.97 8.51
CA ILE B 9 -8.41 8.72 7.89
C ILE B 9 -9.39 7.55 8.04
N SER B 10 -10.26 7.37 7.09
CA SER B 10 -11.25 6.25 7.16
C SER B 10 -10.83 5.10 6.24
N VAL B 11 -9.56 4.93 6.02
CA VAL B 11 -9.07 3.84 5.12
C VAL B 11 -7.65 3.41 5.52
N ASP B 12 -7.33 2.14 5.35
CA ASP B 12 -5.97 1.63 5.72
C ASP B 12 -5.61 1.98 7.18
N VAL B 13 -6.53 1.76 8.09
CA VAL B 13 -6.28 2.14 9.51
C VAL B 13 -5.43 1.06 10.21
N ASP B 14 -4.48 1.48 11.02
CA ASP B 14 -3.63 0.52 11.82
C ASP B 14 -2.96 -0.51 10.90
N ALA B 15 -2.14 -1.37 11.47
CA ALA B 15 -1.42 -2.40 10.66
C ALA B 15 -2.37 -3.50 10.17
N ASP B 16 -3.60 -3.53 10.63
CA ASP B 16 -4.54 -4.63 10.25
C ASP B 16 -4.89 -4.54 8.75
N ALA B 17 -4.86 -3.36 8.19
CA ALA B 17 -5.15 -3.21 6.72
C ALA B 17 -4.09 -3.94 5.89
N SER B 18 -2.85 -3.92 6.34
CA SER B 18 -1.75 -4.64 5.62
C SER B 18 -2.11 -6.12 5.42
N SER B 19 -2.79 -6.69 6.39
CA SER B 19 -3.18 -8.13 6.28
C SER B 19 -4.21 -8.33 5.17
N GLN B 20 -5.07 -7.35 4.97
CA GLN B 20 -6.12 -7.48 3.91
C GLN B 20 -5.48 -7.60 2.52
N LEU B 21 -4.39 -6.90 2.29
CA LEU B 21 -3.71 -6.98 0.97
C LEU B 21 -3.09 -8.37 0.77
N LEU B 22 -2.49 -8.90 1.80
CA LEU B 22 -1.94 -10.29 1.72
C LEU B 22 -3.09 -11.31 1.65
N SER B 23 -4.16 -11.04 2.36
CA SER B 23 -5.36 -11.94 2.31
C SER B 23 -5.94 -11.98 0.90
N LEU B 24 -5.91 -10.87 0.20
CA LEU B 24 -6.46 -10.84 -1.20
C LEU B 24 -5.62 -11.74 -2.12
N LEU B 25 -4.32 -11.62 -2.02
CA LEU B 25 -3.41 -12.50 -2.84
C LEU B 25 -3.60 -13.98 -2.46
N LYS B 26 -3.89 -14.24 -1.21
CA LYS B 26 -4.07 -15.66 -0.75
C LYS B 26 -5.41 -16.21 -1.23
N SER B 27 -6.41 -15.37 -1.32
CA SER B 27 -7.75 -15.82 -1.79
C SER B 27 -8.61 -14.63 -2.22
N SER B 28 -9.24 -14.72 -3.36
CA SER B 28 -10.09 -13.61 -3.86
C SER B 28 -11.20 -14.15 -4.77
N THR B 29 -12.11 -13.30 -5.19
CA THR B 29 -13.21 -13.77 -6.09
C THR B 29 -12.67 -14.13 -7.47
N ALA B 30 -12.95 -15.31 -7.93
CA ALA B 30 -12.44 -15.74 -9.28
C ALA B 30 -13.19 -15.00 -10.40
N PRO B 31 -12.60 -15.00 -11.58
CA PRO B 31 -13.26 -14.34 -12.75
C PRO B 31 -14.55 -15.07 -13.12
N SER B 32 -15.51 -14.37 -13.67
CA SER B 32 -16.81 -15.02 -14.03
C SER B 32 -16.95 -15.13 -15.55
N ASP B 33 -17.44 -16.24 -16.04
CA ASP B 33 -17.65 -16.40 -17.50
C ASP B 33 -19.03 -17.00 -17.77
N LEU B 34 -19.30 -18.17 -17.23
CA LEU B 34 -20.65 -18.79 -17.40
C LEU B 34 -20.87 -19.89 -16.35
N ALA B 35 -20.28 -19.74 -15.19
CA ALA B 35 -20.44 -20.76 -14.12
C ALA B 35 -21.82 -20.63 -13.46
N THR B 36 -22.29 -19.41 -13.29
CA THR B 36 -23.62 -19.20 -12.64
C THR B 36 -24.39 -18.08 -13.37
N PRO B 37 -25.72 -18.16 -13.34
CA PRO B 37 -26.55 -17.12 -13.99
C PRO B 37 -26.39 -15.77 -13.27
N GLN B 38 -26.61 -14.69 -13.97
CA GLN B 38 -26.45 -13.33 -13.33
C GLN B 38 -27.48 -13.15 -12.19
N PRO B 39 -28.76 -13.30 -12.51
CA PRO B 39 -29.80 -13.09 -11.47
C PRO B 39 -29.77 -14.24 -10.44
N SER B 40 -29.54 -13.92 -9.20
CA SER B 40 -29.52 -14.96 -8.13
C SER B 40 -29.69 -14.31 -6.75
N THR B 41 -28.69 -13.60 -6.29
CA THR B 41 -28.80 -12.90 -4.96
C THR B 41 -29.67 -11.65 -5.11
N PHE B 42 -29.51 -10.93 -6.20
CA PHE B 42 -30.32 -9.69 -6.42
C PHE B 42 -30.48 -9.41 -7.92
N PRO B 43 -31.57 -9.90 -8.49
CA PRO B 43 -31.81 -9.73 -9.95
C PRO B 43 -31.88 -8.24 -10.32
N GLN B 44 -31.41 -7.89 -11.50
CA GLN B 44 -31.44 -6.46 -11.93
C GLN B 44 -32.29 -6.32 -13.20
N PRO B 45 -33.53 -5.88 -13.05
CA PRO B 45 -34.44 -5.75 -14.22
C PRO B 45 -33.92 -4.66 -15.18
N PRO B 46 -34.29 -4.76 -16.45
CA PRO B 46 -33.82 -3.77 -17.46
C PRO B 46 -34.32 -2.36 -17.11
N VAL B 47 -33.59 -1.35 -17.53
CA VAL B 47 -34.01 0.06 -17.26
C VAL B 47 -34.03 0.87 -18.56
N GLU B 48 -34.78 1.95 -18.60
CA GLU B 48 -34.85 2.78 -19.83
C GLU B 48 -34.97 4.27 -19.48
N SER B 49 -34.28 4.70 -18.45
CA SER B 49 -34.34 6.14 -18.04
C SER B 49 -33.74 7.03 -19.14
N HIS B 50 -32.73 6.56 -19.81
CA HIS B 50 -32.10 7.36 -20.90
C HIS B 50 -31.89 6.50 -22.15
N SER B 51 -31.69 7.11 -23.29
CA SER B 51 -31.48 6.34 -24.55
C SER B 51 -30.13 6.69 -25.16
N SER B 52 -29.56 5.79 -25.92
CA SER B 52 -28.24 6.06 -26.56
C SER B 52 -28.22 5.54 -28.01
N MET A 1 -16.70 -4.99 2.40
CA MET A 1 -15.66 -4.05 1.87
C MET A 1 -14.69 -4.79 0.95
N GLY A 2 -14.34 -4.19 -0.17
CA GLY A 2 -13.39 -4.85 -1.12
C GLY A 2 -12.50 -3.80 -1.77
N MET A 3 -11.24 -3.78 -1.41
CA MET A 3 -10.29 -2.78 -2.01
C MET A 3 -9.31 -3.48 -2.95
N SER A 4 -9.07 -2.90 -4.11
CA SER A 4 -8.18 -3.57 -5.10
C SER A 4 -6.78 -2.95 -5.07
N VAL A 5 -5.88 -3.46 -5.88
CA VAL A 5 -4.47 -2.93 -5.90
C VAL A 5 -4.45 -1.48 -6.42
N ALA A 6 -5.40 -1.12 -7.25
CA ALA A 6 -5.42 0.27 -7.83
C ALA A 6 -5.41 1.32 -6.71
N ASP A 7 -6.00 1.00 -5.59
CA ASP A 7 -5.94 1.92 -4.41
C ASP A 7 -4.51 1.97 -3.87
N PHE A 8 -3.81 0.87 -3.91
CA PHE A 8 -2.39 0.84 -3.42
C PHE A 8 -1.39 0.98 -4.58
N TYR A 9 -1.86 1.30 -5.77
CA TYR A 9 -0.93 1.48 -6.92
C TYR A 9 -0.05 2.72 -6.69
N GLY A 10 1.25 2.57 -6.84
CA GLY A 10 2.19 3.70 -6.54
C GLY A 10 2.47 3.77 -5.02
N SER A 11 1.92 2.88 -4.24
CA SER A 11 2.20 2.90 -2.76
C SER A 11 3.58 2.32 -2.48
N ASN A 12 4.35 2.97 -1.63
CA ASN A 12 5.68 2.40 -1.21
C ASN A 12 5.46 1.42 -0.05
N VAL A 13 5.73 0.16 -0.29
CA VAL A 13 5.56 -0.87 0.78
C VAL A 13 6.71 -1.87 0.73
N GLU A 14 6.90 -2.64 1.76
CA GLU A 14 8.00 -3.65 1.75
C GLU A 14 7.42 -5.05 1.67
N VAL A 15 7.91 -5.85 0.74
CA VAL A 15 7.38 -7.24 0.57
C VAL A 15 8.39 -8.26 1.11
N LEU A 16 7.96 -9.13 1.98
CA LEU A 16 8.85 -10.24 2.43
C LEU A 16 8.56 -11.49 1.59
N LEU A 17 9.56 -12.06 0.98
CA LEU A 17 9.32 -13.18 0.01
C LEU A 17 9.48 -14.54 0.70
N ASN A 18 9.07 -15.60 0.04
CA ASN A 18 9.13 -16.97 0.65
C ASN A 18 10.56 -17.35 1.05
N ASN A 19 11.54 -16.72 0.47
CA ASN A 19 12.97 -17.09 0.77
C ASN A 19 13.53 -16.25 1.93
N ASP A 20 12.67 -15.71 2.77
CA ASP A 20 13.13 -14.95 3.98
C ASP A 20 14.03 -13.77 3.59
N SER A 21 13.84 -13.24 2.39
CA SER A 21 14.56 -12.00 2.00
C SER A 21 13.58 -10.82 1.96
N LYS A 22 14.02 -9.65 2.34
CA LYS A 22 13.10 -8.48 2.40
C LYS A 22 13.42 -7.47 1.29
N ALA A 23 12.42 -6.83 0.76
CA ALA A 23 12.65 -5.78 -0.28
C ALA A 23 11.51 -4.75 -0.25
N ARG A 24 11.78 -3.54 -0.68
CA ARG A 24 10.71 -2.48 -0.67
C ARG A 24 10.80 -1.62 -1.92
N GLY A 25 9.69 -1.08 -2.35
CA GLY A 25 9.70 -0.23 -3.59
C GLY A 25 8.32 0.43 -3.74
N VAL A 26 8.20 1.36 -4.66
CA VAL A 26 6.87 1.98 -4.93
C VAL A 26 6.19 1.24 -6.08
N ILE A 27 4.96 0.81 -5.88
CA ILE A 27 4.31 -0.10 -6.88
C ILE A 27 4.17 0.61 -8.24
N THR A 28 4.42 -0.11 -9.31
CA THR A 28 4.32 0.49 -10.68
C THR A 28 3.32 -0.28 -11.55
N ASN A 29 2.98 -1.51 -11.22
CA ASN A 29 1.94 -2.23 -12.04
C ASN A 29 1.43 -3.49 -11.33
N PHE A 30 0.25 -3.94 -11.71
CA PHE A 30 -0.30 -5.23 -11.20
C PHE A 30 -1.20 -5.86 -12.27
N ASP A 31 -0.87 -7.04 -12.72
CA ASP A 31 -1.68 -7.68 -13.81
C ASP A 31 -2.68 -8.65 -13.19
N SER A 32 -3.94 -8.52 -13.53
CA SER A 32 -4.99 -9.37 -12.86
C SER A 32 -4.79 -10.85 -13.22
N SER A 33 -4.58 -11.14 -14.50
CA SER A 33 -4.53 -12.57 -14.94
C SER A 33 -3.43 -13.35 -14.20
N ASN A 34 -2.25 -12.79 -14.14
CA ASN A 34 -1.11 -13.50 -13.47
C ASN A 34 -0.76 -12.87 -12.11
N SER A 35 -1.44 -11.80 -11.72
CA SER A 35 -1.06 -11.06 -10.46
C SER A 35 0.45 -10.77 -10.41
N ILE A 36 0.91 -9.92 -11.31
CA ILE A 36 2.39 -9.66 -11.40
C ILE A 36 2.67 -8.22 -10.99
N LEU A 37 3.55 -8.02 -10.05
CA LEU A 37 3.71 -6.67 -9.44
C LEU A 37 5.11 -6.12 -9.73
N GLN A 38 5.17 -5.01 -10.42
CA GLN A 38 6.47 -4.28 -10.58
C GLN A 38 6.62 -3.27 -9.45
N LEU A 39 7.77 -3.25 -8.81
CA LEU A 39 8.02 -2.22 -7.76
C LEU A 39 9.20 -1.34 -8.18
N ARG A 40 8.98 -0.05 -8.25
CA ARG A 40 10.11 0.90 -8.52
C ARG A 40 10.50 1.64 -7.23
N LEU A 41 11.61 1.27 -6.64
CA LEU A 41 12.02 1.90 -5.34
C LEU A 41 12.74 3.23 -5.60
N ALA A 42 12.71 4.12 -4.62
CA ALA A 42 13.19 5.52 -4.84
C ALA A 42 14.71 5.59 -5.05
N ASN A 43 15.41 4.48 -4.96
CA ASN A 43 16.88 4.48 -5.27
C ASN A 43 17.12 4.24 -6.77
N ASP A 44 16.19 4.63 -7.63
CA ASP A 44 16.40 4.51 -9.12
C ASP A 44 16.51 3.03 -9.52
N SER A 45 15.87 2.14 -8.79
CA SER A 45 15.90 0.69 -9.17
C SER A 45 14.48 0.15 -9.32
N THR A 46 14.24 -0.64 -10.33
CA THR A 46 12.89 -1.23 -10.53
C THR A 46 13.00 -2.75 -10.71
N LYS A 47 11.99 -3.49 -10.30
CA LYS A 47 12.05 -4.97 -10.41
C LYS A 47 10.64 -5.56 -10.57
N SER A 48 10.48 -6.48 -11.48
CA SER A 48 9.16 -7.15 -11.67
C SER A 48 9.10 -8.46 -10.87
N ILE A 49 8.16 -8.57 -9.97
CA ILE A 49 8.05 -9.82 -9.14
C ILE A 49 6.61 -10.33 -9.19
N VAL A 50 6.43 -11.62 -9.35
CA VAL A 50 5.04 -12.17 -9.39
C VAL A 50 4.53 -12.37 -7.95
N THR A 51 3.37 -11.84 -7.64
CA THR A 51 2.91 -11.77 -6.21
C THR A 51 2.87 -13.14 -5.55
N LYS A 52 2.71 -14.18 -6.33
CA LYS A 52 2.58 -15.56 -5.76
C LYS A 52 3.79 -15.91 -4.88
N ASP A 53 4.93 -15.32 -5.15
CA ASP A 53 6.12 -15.57 -4.28
C ASP A 53 6.11 -14.65 -3.04
N ILE A 54 5.06 -13.87 -2.83
CA ILE A 54 4.97 -13.04 -1.59
C ILE A 54 4.61 -13.93 -0.39
N LYS A 55 5.42 -13.91 0.64
CA LYS A 55 5.05 -14.60 1.91
C LYS A 55 4.33 -13.62 2.85
N ASP A 56 4.63 -12.35 2.75
CA ASP A 56 4.00 -11.34 3.65
C ASP A 56 4.20 -9.93 3.09
N LEU A 57 3.31 -9.01 3.43
CA LEU A 57 3.42 -7.62 2.91
C LEU A 57 3.26 -6.60 4.05
N ARG A 58 3.88 -5.44 3.92
CA ARG A 58 3.68 -4.36 4.93
C ARG A 58 3.88 -2.99 4.27
N ILE A 59 3.14 -2.00 4.69
CA ILE A 59 3.38 -0.61 4.19
C ILE A 59 4.46 0.07 5.04
N LEU A 60 5.42 0.70 4.40
CA LEU A 60 6.53 1.37 5.16
C LEU A 60 6.07 2.76 5.63
N PRO A 61 6.79 3.32 6.59
CA PRO A 61 6.42 4.65 7.15
C PRO A 61 6.38 5.72 6.05
N LYS A 62 7.15 5.54 5.01
CA LYS A 62 7.13 6.54 3.88
C LYS A 62 5.92 6.28 2.97
N ASN A 63 5.00 7.20 2.93
CA ASN A 63 3.77 7.01 2.10
C ASN A 63 3.07 8.36 1.84
N GLU A 64 1.86 8.32 1.34
CA GLU A 64 1.11 9.58 1.09
C GLU A 64 0.20 9.91 2.27
N ILE A 65 -0.18 11.15 2.41
CA ILE A 65 -1.07 11.56 3.56
C ILE A 65 -2.44 10.85 3.46
N MET A 66 -2.91 10.62 2.25
CA MET A 66 -4.23 9.93 2.05
C MET A 66 -5.34 10.63 2.86
N PRO A 67 -6.01 11.58 2.26
CA PRO A 67 -7.10 12.31 2.96
C PRO A 67 -8.28 11.36 3.25
N LYS A 68 -8.87 11.47 4.41
CA LYS A 68 -10.01 10.56 4.78
C LYS A 68 -11.34 11.23 4.41
N ASN A 69 -11.53 12.46 4.83
CA ASN A 69 -12.83 13.16 4.54
C ASN A 69 -12.65 14.13 3.37
N GLY A 70 -13.62 14.20 2.49
CA GLY A 70 -13.53 15.14 1.33
C GLY A 70 -14.94 15.52 0.88
N THR A 71 -15.33 16.75 1.08
CA THR A 71 -16.71 17.19 0.68
C THR A 71 -16.63 18.43 -0.22
N LYS A 72 -17.70 18.76 -0.87
CA LYS A 72 -17.70 19.96 -1.77
C LYS A 72 -18.14 21.21 -0.99
N SER A 73 -17.67 22.36 -1.41
CA SER A 73 -18.03 23.63 -0.69
C SER A 73 -19.43 24.09 -1.13
N PRO A 74 -20.07 24.89 -0.29
CA PRO A 74 -21.43 25.40 -0.60
C PRO A 74 -21.39 26.32 -1.83
N SER A 75 -20.29 27.02 -2.02
CA SER A 75 -20.18 27.94 -3.19
C SER A 75 -19.26 27.33 -4.26
N THR A 76 -19.42 27.75 -5.50
CA THR A 76 -18.57 27.20 -6.59
C THR A 76 -17.50 28.21 -6.99
N ASN A 77 -16.30 27.76 -7.23
CA ASN A 77 -15.19 28.69 -7.63
C ASN A 77 -14.29 28.04 -8.67
N SER A 78 -13.21 28.69 -9.04
CA SER A 78 -12.27 28.12 -10.06
C SER A 78 -11.45 26.97 -9.44
N THR A 79 -10.95 26.09 -10.26
CA THR A 79 -10.16 24.93 -9.74
C THR A 79 -8.66 25.15 -10.00
N LYS A 80 -7.83 24.73 -9.07
CA LYS A 80 -6.34 24.88 -9.23
C LYS A 80 -5.96 26.34 -9.52
N LEU A 81 -6.67 27.27 -8.92
CA LEU A 81 -6.34 28.72 -9.12
C LEU A 81 -5.00 29.05 -8.47
N LYS A 82 -4.69 28.42 -7.37
CA LYS A 82 -3.39 28.68 -6.67
C LYS A 82 -2.21 28.25 -7.56
N SER A 83 -2.40 27.22 -8.35
CA SER A 83 -1.31 26.70 -9.25
C SER A 83 -0.04 26.34 -8.46
N ALA A 84 0.79 27.30 -8.14
CA ALA A 84 2.06 26.99 -7.40
C ALA A 84 2.29 28.02 -6.29
N GLU A 85 3.10 27.68 -5.32
CA GLU A 85 3.37 28.63 -4.19
C GLU A 85 4.64 29.43 -4.47
N THR A 86 4.70 30.66 -4.01
CA THR A 86 5.89 31.52 -4.29
C THR A 86 7.13 30.96 -3.58
N TYR A 87 6.97 30.45 -2.39
CA TYR A 87 8.12 29.83 -1.66
C TYR A 87 7.89 28.32 -1.50
N SER A 88 8.72 27.52 -2.12
CA SER A 88 8.57 26.03 -2.00
C SER A 88 9.88 25.34 -2.39
N SER A 89 9.98 24.06 -2.14
CA SER A 89 11.22 23.31 -2.51
C SER A 89 10.90 22.30 -3.63
N LYS A 90 11.60 22.40 -4.74
CA LYS A 90 11.34 21.46 -5.87
C LYS A 90 11.76 20.03 -5.51
N ASN A 91 12.88 19.89 -4.85
CA ASN A 91 13.36 18.53 -4.45
C ASN A 91 13.88 18.56 -3.00
N LYS A 92 13.39 17.66 -2.17
CA LYS A 92 13.87 17.62 -0.75
C LYS A 92 15.35 17.21 -0.71
N TRP A 93 15.78 16.39 -1.62
CA TRP A 93 17.22 15.96 -1.64
C TRP A 93 17.91 16.47 -2.92
N SER A 94 19.21 16.61 -2.88
CA SER A 94 19.95 17.11 -4.08
C SER A 94 20.78 15.98 -4.69
N MET A 95 20.84 15.92 -6.00
CA MET A 95 21.63 14.85 -6.68
C MET A 95 23.00 15.38 -7.10
N ASP A 96 24.05 14.67 -6.78
CA ASP A 96 25.43 15.12 -7.16
C ASP A 96 25.95 14.32 -8.35
N GLY B 1 -3.81 16.55 30.93
CA GLY B 1 -4.49 15.51 30.11
C GLY B 1 -5.25 16.18 28.96
N ALA B 2 -4.57 16.50 27.89
CA ALA B 2 -5.24 17.17 26.73
C ALA B 2 -6.23 16.20 26.07
N THR B 3 -5.89 14.94 26.00
CA THR B 3 -6.80 13.94 25.37
C THR B 3 -7.05 12.78 26.34
N THR B 4 -8.29 12.38 26.50
CA THR B 4 -8.61 11.24 27.43
C THR B 4 -8.39 9.90 26.73
N LYS B 5 -8.63 9.85 25.44
CA LYS B 5 -8.46 8.57 24.67
C LYS B 5 -7.27 8.68 23.72
N GLU B 6 -6.66 7.58 23.38
CA GLU B 6 -5.49 7.60 22.45
C GLU B 6 -5.96 7.31 21.02
N LYS B 7 -5.37 7.97 20.05
CA LYS B 7 -5.78 7.75 18.62
C LYS B 7 -5.45 6.32 18.19
N ASN B 8 -4.37 5.76 18.70
CA ASN B 8 -3.96 4.36 18.34
C ASN B 8 -3.87 4.19 16.80
N ILE B 9 -2.84 4.76 16.21
CA ILE B 9 -2.66 4.66 14.71
C ILE B 9 -3.93 5.13 13.98
N SER B 10 -4.13 6.42 13.89
CA SER B 10 -5.32 6.97 13.18
C SER B 10 -4.99 7.27 11.71
N VAL B 11 -3.74 7.56 11.41
CA VAL B 11 -3.36 7.89 10.01
C VAL B 11 -3.02 6.61 9.22
N ASP B 12 -3.28 6.61 7.93
CA ASP B 12 -3.02 5.40 7.08
C ASP B 12 -3.69 4.14 7.67
N VAL B 13 -4.88 4.31 8.22
CA VAL B 13 -5.65 3.14 8.80
C VAL B 13 -4.78 2.34 9.79
N ASP B 14 -5.33 1.26 10.32
CA ASP B 14 -4.56 0.43 11.30
C ASP B 14 -3.60 -0.52 10.57
N ALA B 15 -2.74 -1.18 11.30
CA ALA B 15 -1.79 -2.16 10.67
C ALA B 15 -2.53 -3.40 10.15
N ASP B 16 -3.77 -3.60 10.53
CA ASP B 16 -4.52 -4.83 10.10
C ASP B 16 -4.84 -4.76 8.60
N ALA B 17 -4.95 -3.57 8.04
CA ALA B 17 -5.27 -3.46 6.58
C ALA B 17 -4.16 -4.09 5.73
N SER B 18 -2.93 -3.98 6.17
CA SER B 18 -1.80 -4.63 5.44
C SER B 18 -2.06 -6.13 5.27
N SER B 19 -2.69 -6.74 6.24
CA SER B 19 -3.03 -8.19 6.15
C SER B 19 -4.07 -8.43 5.06
N GLN B 20 -4.94 -7.47 4.84
CA GLN B 20 -5.99 -7.63 3.77
C GLN B 20 -5.32 -7.79 2.39
N LEU B 21 -4.24 -7.07 2.15
CA LEU B 21 -3.52 -7.21 0.86
C LEU B 21 -2.91 -8.60 0.71
N LEU B 22 -2.34 -9.11 1.77
CA LEU B 22 -1.79 -10.51 1.73
C LEU B 22 -2.94 -11.52 1.66
N SER B 23 -4.03 -11.24 2.34
CA SER B 23 -5.22 -12.13 2.27
C SER B 23 -5.77 -12.18 0.83
N LEU B 24 -5.72 -11.08 0.13
CA LEU B 24 -6.23 -11.05 -1.28
C LEU B 24 -5.37 -11.94 -2.17
N LEU B 25 -4.07 -11.89 -2.01
CA LEU B 25 -3.16 -12.77 -2.82
C LEU B 25 -3.44 -14.25 -2.53
N LYS B 26 -3.80 -14.57 -1.31
CA LYS B 26 -4.10 -15.99 -0.95
C LYS B 26 -5.46 -16.41 -1.52
N SER B 27 -6.39 -15.48 -1.57
CA SER B 27 -7.76 -15.79 -2.14
C SER B 27 -8.36 -17.05 -1.50
N SER B 28 -9.48 -17.50 -2.00
CA SER B 28 -10.14 -18.72 -1.44
C SER B 28 -10.22 -19.82 -2.50
N THR B 29 -10.18 -21.06 -2.10
CA THR B 29 -10.25 -22.18 -3.09
C THR B 29 -11.63 -22.23 -3.75
N ALA B 30 -11.68 -22.58 -5.03
CA ALA B 30 -12.99 -22.64 -5.75
C ALA B 30 -12.80 -23.27 -7.14
N PRO B 31 -11.98 -22.66 -7.99
CA PRO B 31 -11.73 -23.23 -9.33
C PRO B 31 -10.94 -24.54 -9.22
N SER B 32 -10.92 -25.33 -10.26
CA SER B 32 -10.16 -26.63 -10.22
C SER B 32 -8.67 -26.38 -10.08
N ASP B 33 -7.95 -27.32 -9.51
CA ASP B 33 -6.48 -27.14 -9.32
C ASP B 33 -5.71 -27.91 -10.40
N LEU B 34 -4.50 -27.49 -10.70
CA LEU B 34 -3.67 -28.17 -11.75
C LEU B 34 -4.44 -28.33 -13.06
N ALA B 35 -5.29 -27.38 -13.37
CA ALA B 35 -6.08 -27.46 -14.65
C ALA B 35 -5.18 -27.12 -15.84
N THR B 36 -4.32 -26.14 -15.69
CA THR B 36 -3.40 -25.76 -16.80
C THR B 36 -1.98 -25.52 -16.25
N PRO B 37 -1.20 -26.58 -16.17
CA PRO B 37 0.19 -26.47 -15.64
C PRO B 37 1.06 -25.67 -16.60
N GLN B 38 0.94 -24.36 -16.58
CA GLN B 38 1.78 -23.49 -17.48
C GLN B 38 3.14 -23.20 -16.84
N PRO B 39 3.15 -22.77 -15.58
CA PRO B 39 4.43 -22.43 -14.91
C PRO B 39 5.34 -23.66 -14.84
N SER B 40 6.64 -23.44 -14.77
CA SER B 40 7.60 -24.59 -14.69
C SER B 40 8.13 -24.75 -13.26
N THR B 41 8.46 -25.96 -12.87
CA THR B 41 8.95 -26.20 -11.48
C THR B 41 10.41 -25.72 -11.36
N PHE B 42 10.74 -25.08 -10.26
CA PHE B 42 12.15 -24.58 -10.05
C PHE B 42 12.61 -23.70 -11.23
N PRO B 43 11.99 -22.54 -11.39
CA PRO B 43 12.37 -21.62 -12.49
C PRO B 43 13.81 -21.14 -12.32
N GLN B 44 14.18 -20.73 -11.14
CA GLN B 44 15.58 -20.26 -10.89
C GLN B 44 15.98 -20.52 -9.43
N PRO B 45 17.27 -20.64 -9.19
CA PRO B 45 17.76 -20.89 -7.80
C PRO B 45 17.56 -19.64 -6.93
N PRO B 46 17.41 -19.83 -5.63
CA PRO B 46 17.24 -18.69 -4.70
C PRO B 46 18.53 -17.88 -4.60
N VAL B 47 18.47 -16.71 -4.01
CA VAL B 47 19.71 -15.87 -3.86
C VAL B 47 19.93 -15.53 -2.39
N GLU B 48 21.17 -15.54 -1.94
CA GLU B 48 21.47 -15.23 -0.51
C GLU B 48 21.38 -13.72 -0.27
N SER B 49 21.78 -12.94 -1.23
CA SER B 49 21.77 -11.45 -1.06
C SER B 49 20.86 -10.79 -2.10
N HIS B 50 20.27 -9.67 -1.76
CA HIS B 50 19.36 -8.96 -2.71
C HIS B 50 20.15 -8.48 -3.94
N SER B 51 21.39 -8.09 -3.73
CA SER B 51 22.22 -7.59 -4.88
C SER B 51 22.45 -8.71 -5.90
N SER B 52 22.57 -9.94 -5.44
CA SER B 52 22.80 -11.11 -6.36
C SER B 52 24.00 -10.84 -7.29
N MET A 1 -18.82 -3.10 -3.26
CA MET A 1 -17.48 -3.63 -3.65
C MET A 1 -16.40 -3.08 -2.72
N GLY A 2 -15.41 -3.89 -2.38
CA GLY A 2 -14.32 -3.42 -1.49
C GLY A 2 -13.27 -2.67 -2.32
N MET A 3 -12.14 -2.35 -1.71
CA MET A 3 -11.07 -1.61 -2.45
C MET A 3 -10.11 -2.60 -3.10
N SER A 4 -9.82 -2.40 -4.36
CA SER A 4 -8.91 -3.35 -5.08
C SER A 4 -7.45 -2.87 -4.99
N VAL A 5 -6.53 -3.61 -5.55
CA VAL A 5 -5.09 -3.23 -5.48
C VAL A 5 -4.84 -1.93 -6.27
N ALA A 6 -5.64 -1.65 -7.28
CA ALA A 6 -5.43 -0.41 -8.10
C ALA A 6 -5.42 0.84 -7.21
N ASP A 7 -6.15 0.79 -6.11
CA ASP A 7 -6.10 1.93 -5.13
C ASP A 7 -4.72 1.97 -4.44
N PHE A 8 -4.10 0.82 -4.27
CA PHE A 8 -2.78 0.78 -3.56
C PHE A 8 -1.61 0.81 -4.55
N TYR A 9 -1.86 1.07 -5.82
CA TYR A 9 -0.73 1.25 -6.79
C TYR A 9 0.06 2.51 -6.45
N GLY A 10 1.37 2.46 -6.57
CA GLY A 10 2.22 3.63 -6.20
C GLY A 10 2.49 3.66 -4.68
N SER A 11 1.92 2.75 -3.93
CA SER A 11 2.16 2.72 -2.45
C SER A 11 3.56 2.18 -2.14
N ASN A 12 4.24 2.79 -1.19
CA ASN A 12 5.56 2.23 -0.74
C ASN A 12 5.32 1.15 0.31
N VAL A 13 5.75 -0.06 0.04
CA VAL A 13 5.53 -1.17 1.02
C VAL A 13 6.74 -2.11 1.01
N GLU A 14 6.89 -2.92 2.02
CA GLU A 14 8.00 -3.91 2.03
C GLU A 14 7.43 -5.33 1.86
N VAL A 15 7.94 -6.07 0.90
CA VAL A 15 7.41 -7.45 0.65
C VAL A 15 8.43 -8.48 1.13
N LEU A 16 8.02 -9.36 2.02
CA LEU A 16 8.92 -10.47 2.47
C LEU A 16 8.63 -11.73 1.64
N LEU A 17 9.64 -12.41 1.19
CA LEU A 17 9.43 -13.55 0.24
C LEU A 17 9.59 -14.90 0.96
N ASN A 18 9.22 -15.97 0.30
CA ASN A 18 9.29 -17.34 0.93
C ASN A 18 10.72 -17.70 1.36
N ASN A 19 11.71 -17.06 0.77
CA ASN A 19 13.12 -17.43 1.06
C ASN A 19 13.70 -16.55 2.19
N ASP A 20 12.85 -16.02 3.05
CA ASP A 20 13.33 -15.20 4.23
C ASP A 20 14.15 -14.00 3.75
N SER A 21 13.90 -13.53 2.55
CA SER A 21 14.51 -12.24 2.10
C SER A 21 13.49 -11.12 2.28
N LYS A 22 13.93 -9.88 2.27
CA LYS A 22 12.98 -8.75 2.52
C LYS A 22 13.39 -7.54 1.68
N ALA A 23 12.43 -6.86 1.09
CA ALA A 23 12.74 -5.66 0.26
C ALA A 23 11.55 -4.70 0.25
N ARG A 24 11.77 -3.45 -0.11
CA ARG A 24 10.65 -2.46 -0.14
C ARG A 24 10.79 -1.51 -1.33
N GLY A 25 9.69 -1.08 -1.88
CA GLY A 25 9.73 -0.23 -3.11
C GLY A 25 8.33 0.30 -3.40
N VAL A 26 8.19 1.20 -4.34
CA VAL A 26 6.85 1.83 -4.59
C VAL A 26 6.14 1.07 -5.71
N ILE A 27 4.98 0.53 -5.43
CA ILE A 27 4.31 -0.38 -6.42
C ILE A 27 3.95 0.38 -7.69
N THR A 28 4.06 -0.26 -8.83
CA THR A 28 3.72 0.40 -10.13
C THR A 28 2.61 -0.36 -10.87
N ASN A 29 2.50 -1.66 -10.68
CA ASN A 29 1.45 -2.42 -11.43
C ASN A 29 1.15 -3.78 -10.79
N PHE A 30 0.01 -4.34 -11.13
CA PHE A 30 -0.31 -5.75 -10.76
C PHE A 30 -1.24 -6.35 -11.82
N ASP A 31 -0.87 -7.46 -12.39
CA ASP A 31 -1.69 -8.08 -13.48
C ASP A 31 -2.53 -9.20 -12.88
N SER A 32 -3.82 -9.20 -13.12
CA SER A 32 -4.71 -10.22 -12.49
C SER A 32 -4.39 -11.62 -13.02
N SER A 33 -4.25 -11.75 -14.31
CA SER A 33 -4.07 -13.12 -14.93
C SER A 33 -2.84 -13.82 -14.34
N ASN A 34 -1.73 -13.14 -14.29
CA ASN A 34 -0.47 -13.77 -13.77
C ASN A 34 -0.14 -13.27 -12.34
N SER A 35 -0.88 -12.31 -11.81
CA SER A 35 -0.54 -11.70 -10.48
C SER A 35 0.94 -11.29 -10.45
N ILE A 36 1.30 -10.30 -11.22
CA ILE A 36 2.75 -9.91 -11.33
C ILE A 36 2.90 -8.45 -10.91
N LEU A 37 3.79 -8.18 -9.98
CA LEU A 37 3.82 -6.82 -9.35
C LEU A 37 5.14 -6.12 -9.66
N GLN A 38 5.07 -4.99 -10.30
CA GLN A 38 6.30 -4.18 -10.54
C GLN A 38 6.50 -3.19 -9.38
N LEU A 39 7.71 -3.08 -8.88
CA LEU A 39 7.99 -2.05 -7.84
C LEU A 39 9.04 -1.06 -8.36
N ARG A 40 8.72 0.21 -8.36
CA ARG A 40 9.73 1.23 -8.75
C ARG A 40 10.39 1.82 -7.50
N LEU A 41 11.64 1.50 -7.26
CA LEU A 41 12.31 1.92 -6.00
C LEU A 41 12.88 3.33 -6.13
N ALA A 42 13.00 4.03 -5.02
CA ALA A 42 13.37 5.49 -5.05
C ALA A 42 14.78 5.70 -5.64
N ASN A 43 15.55 4.65 -5.85
CA ASN A 43 16.88 4.82 -6.50
C ASN A 43 16.75 4.78 -8.04
N ASP A 44 15.61 5.17 -8.59
CA ASP A 44 15.46 5.25 -10.08
C ASP A 44 15.61 3.88 -10.72
N SER A 45 15.27 2.82 -10.01
CA SER A 45 15.41 1.44 -10.58
C SER A 45 14.06 0.71 -10.56
N THR A 46 13.74 0.02 -11.63
CA THR A 46 12.48 -0.78 -11.66
C THR A 46 12.78 -2.25 -11.32
N LYS A 47 11.82 -2.95 -10.75
CA LYS A 47 12.03 -4.39 -10.44
C LYS A 47 10.68 -5.14 -10.52
N SER A 48 10.59 -6.10 -11.39
CA SER A 48 9.32 -6.87 -11.53
C SER A 48 9.39 -8.16 -10.70
N ILE A 49 8.44 -8.35 -9.81
CA ILE A 49 8.41 -9.59 -8.97
C ILE A 49 7.02 -10.22 -9.04
N VAL A 50 6.95 -11.51 -9.21
CA VAL A 50 5.62 -12.20 -9.28
C VAL A 50 5.12 -12.47 -7.84
N THR A 51 3.92 -12.06 -7.54
CA THR A 51 3.43 -12.07 -6.11
C THR A 51 3.48 -13.47 -5.50
N LYS A 52 3.42 -14.49 -6.33
CA LYS A 52 3.39 -15.89 -5.79
C LYS A 52 4.61 -16.17 -4.88
N ASP A 53 5.68 -15.43 -5.06
CA ASP A 53 6.86 -15.61 -4.17
C ASP A 53 6.70 -14.81 -2.86
N ILE A 54 5.59 -14.12 -2.68
CA ILE A 54 5.39 -13.35 -1.41
C ILE A 54 5.03 -14.30 -0.26
N LYS A 55 5.75 -14.21 0.83
CA LYS A 55 5.33 -14.92 2.07
C LYS A 55 4.47 -13.99 2.93
N ASP A 56 4.73 -12.69 2.87
CA ASP A 56 3.95 -11.72 3.70
C ASP A 56 4.16 -10.30 3.16
N LEU A 57 3.26 -9.40 3.48
CA LEU A 57 3.37 -7.99 2.98
C LEU A 57 3.16 -7.00 4.12
N ARG A 58 3.78 -5.85 4.05
CA ARG A 58 3.57 -4.79 5.08
C ARG A 58 3.77 -3.41 4.46
N ILE A 59 2.93 -2.46 4.79
CA ILE A 59 3.14 -1.07 4.30
C ILE A 59 4.10 -0.33 5.25
N LEU A 60 5.08 0.35 4.70
CA LEU A 60 6.04 1.11 5.56
C LEU A 60 5.48 2.50 5.89
N PRO A 61 5.24 2.77 7.17
CA PRO A 61 4.72 4.11 7.57
C PRO A 61 5.78 5.19 7.32
N LYS A 62 5.36 6.36 6.91
CA LYS A 62 6.34 7.46 6.64
C LYS A 62 6.46 8.38 7.86
N ASN A 63 7.54 8.27 8.59
CA ASN A 63 7.73 9.15 9.79
C ASN A 63 9.21 9.14 10.21
N GLU A 64 9.71 10.28 10.63
CA GLU A 64 11.15 10.39 11.08
C GLU A 64 12.11 9.88 9.98
N ILE A 65 12.68 10.78 9.23
CA ILE A 65 13.63 10.37 8.14
C ILE A 65 15.06 10.72 8.55
N MET A 66 15.99 9.80 8.36
CA MET A 66 17.43 10.05 8.74
C MET A 66 17.54 10.53 10.20
N PRO A 67 17.03 9.73 11.12
CA PRO A 67 17.08 10.10 12.56
C PRO A 67 18.53 10.09 13.06
N LYS A 68 18.87 11.00 13.95
CA LYS A 68 20.25 11.05 14.50
C LYS A 68 20.55 9.79 15.32
N ASN A 69 19.55 9.25 15.99
CA ASN A 69 19.74 8.01 16.82
C ASN A 69 20.87 8.21 17.84
N GLY A 70 20.93 9.37 18.46
CA GLY A 70 21.98 9.64 19.48
C GLY A 70 21.37 9.59 20.88
N THR A 71 20.51 8.63 21.12
CA THR A 71 19.86 8.52 22.46
C THR A 71 20.60 7.50 23.33
N LYS A 72 20.60 7.70 24.63
CA LYS A 72 21.31 6.76 25.55
C LYS A 72 20.70 5.36 25.46
N SER A 73 19.39 5.27 25.37
CA SER A 73 18.72 3.94 25.26
C SER A 73 17.55 4.02 24.26
N PRO A 74 17.14 2.87 23.74
CA PRO A 74 16.01 2.84 22.77
C PRO A 74 14.72 3.34 23.45
N SER A 75 13.98 4.17 22.77
CA SER A 75 12.70 4.70 23.35
C SER A 75 11.62 4.78 22.26
N THR A 76 10.40 4.45 22.60
CA THR A 76 9.29 4.52 21.60
C THR A 76 8.99 5.98 21.24
N ASN A 77 9.12 6.88 22.19
CA ASN A 77 8.86 8.32 21.92
C ASN A 77 10.12 9.14 22.16
N SER A 78 10.32 10.18 21.38
CA SER A 78 11.53 11.04 21.55
C SER A 78 11.13 12.48 21.87
N THR A 79 11.94 13.19 22.61
CA THR A 79 11.62 14.60 22.96
C THR A 79 12.41 15.56 22.07
N LYS A 80 11.78 16.60 21.60
CA LYS A 80 12.49 17.57 20.71
C LYS A 80 12.89 18.82 21.50
N LEU A 81 14.04 19.37 21.21
CA LEU A 81 14.51 20.60 21.92
C LEU A 81 14.02 21.85 21.18
N LYS A 82 13.90 22.97 21.88
CA LYS A 82 13.44 24.25 21.23
C LYS A 82 12.11 24.04 20.49
N SER A 83 11.20 23.28 21.08
CA SER A 83 9.88 23.03 20.42
C SER A 83 8.76 23.10 21.46
N ALA A 84 7.54 23.25 21.01
CA ALA A 84 6.39 23.35 21.97
C ALA A 84 6.20 22.02 22.71
N GLU A 85 5.82 22.08 23.97
CA GLU A 85 5.64 20.84 24.78
C GLU A 85 4.47 20.02 24.23
N THR A 86 4.60 18.70 24.21
CA THR A 86 3.50 17.84 23.70
C THR A 86 3.11 16.80 24.76
N TYR A 87 1.84 16.50 24.88
CA TYR A 87 1.38 15.49 25.88
C TYR A 87 0.81 14.27 25.17
N SER A 88 1.18 13.09 25.60
CA SER A 88 0.66 11.84 24.95
C SER A 88 -0.04 10.96 26.00
N SER A 89 -1.11 10.31 25.61
CA SER A 89 -1.84 9.42 26.56
C SER A 89 -2.41 8.20 25.82
N LYS A 90 -1.74 7.77 24.78
CA LYS A 90 -2.24 6.59 24.00
C LYS A 90 -1.47 5.33 24.40
N ASN A 91 -2.18 4.27 24.72
CA ASN A 91 -1.51 3.00 25.13
C ASN A 91 -1.72 1.92 24.06
N LYS A 92 -0.79 1.00 23.94
CA LYS A 92 -0.92 -0.08 22.92
C LYS A 92 -1.88 -1.16 23.42
N TRP A 93 -2.78 -1.61 22.58
CA TRP A 93 -3.76 -2.67 23.01
C TRP A 93 -3.35 -4.02 22.41
N SER A 94 -3.23 -5.03 23.24
CA SER A 94 -2.85 -6.38 22.73
C SER A 94 -3.53 -7.47 23.56
N MET A 95 -3.81 -8.61 22.96
CA MET A 95 -4.50 -9.74 23.67
C MET A 95 -5.85 -9.30 24.26
N ASP A 96 -5.85 -8.69 25.44
CA ASP A 96 -7.14 -8.25 26.07
C ASP A 96 -6.98 -6.86 26.69
N GLY B 1 -6.63 23.49 -9.40
CA GLY B 1 -5.39 22.71 -9.70
C GLY B 1 -5.68 21.65 -10.77
N ALA B 2 -6.26 22.06 -11.87
CA ALA B 2 -6.58 21.08 -12.96
C ALA B 2 -5.28 20.56 -13.61
N THR B 3 -4.26 21.38 -13.63
CA THR B 3 -2.97 20.96 -14.29
C THR B 3 -2.36 19.76 -13.57
N THR B 4 -2.47 19.72 -12.26
CA THR B 4 -1.86 18.59 -11.49
C THR B 4 -2.94 17.83 -10.73
N LYS B 5 -2.71 16.58 -10.44
CA LYS B 5 -3.71 15.76 -9.68
C LYS B 5 -3.32 15.69 -8.19
N GLU B 6 -2.04 15.52 -7.91
CA GLU B 6 -1.56 15.43 -6.49
C GLU B 6 -2.34 14.37 -5.70
N LYS B 7 -2.05 14.22 -4.43
CA LYS B 7 -2.77 13.22 -3.59
C LYS B 7 -2.61 13.55 -2.11
N ASN B 8 -3.69 13.51 -1.36
CA ASN B 8 -3.62 13.81 0.10
C ASN B 8 -3.95 12.56 0.91
N ILE B 9 -3.28 12.37 2.03
CA ILE B 9 -3.51 11.16 2.90
C ILE B 9 -3.39 9.88 2.06
N SER B 10 -2.30 9.74 1.33
CA SER B 10 -2.12 8.54 0.46
C SER B 10 -1.41 7.42 1.22
N VAL B 11 -0.59 7.76 2.19
CA VAL B 11 0.19 6.72 2.93
C VAL B 11 -0.65 6.13 4.06
N ASP B 12 -1.16 6.96 4.95
CA ASP B 12 -1.97 6.48 6.12
C ASP B 12 -1.23 5.38 6.87
N VAL B 13 -1.87 4.75 7.83
CA VAL B 13 -1.21 3.69 8.64
C VAL B 13 -2.25 2.70 9.18
N ASP B 14 -2.06 1.42 8.95
CA ASP B 14 -3.04 0.40 9.42
C ASP B 14 -2.38 -0.98 9.43
N ALA B 15 -2.12 -1.51 10.61
CA ALA B 15 -1.46 -2.85 10.71
C ALA B 15 -2.39 -3.94 10.19
N ASP B 16 -3.68 -3.80 10.43
CA ASP B 16 -4.66 -4.83 9.96
C ASP B 16 -4.85 -4.74 8.45
N ALA B 17 -4.74 -3.55 7.89
CA ALA B 17 -4.93 -3.38 6.42
C ALA B 17 -3.84 -4.15 5.65
N SER B 18 -2.63 -4.16 6.18
CA SER B 18 -1.51 -4.93 5.52
C SER B 18 -1.92 -6.39 5.33
N SER B 19 -2.65 -6.93 6.28
CA SER B 19 -3.09 -8.35 6.17
C SER B 19 -4.14 -8.50 5.05
N GLN B 20 -4.94 -7.47 4.84
CA GLN B 20 -6.00 -7.54 3.78
C GLN B 20 -5.35 -7.68 2.39
N LEU B 21 -4.25 -7.00 2.16
CA LEU B 21 -3.56 -7.10 0.84
C LEU B 21 -2.99 -8.51 0.63
N LEU B 22 -2.40 -9.08 1.65
CA LEU B 22 -1.89 -10.47 1.54
C LEU B 22 -3.06 -11.45 1.47
N SER B 23 -4.12 -11.18 2.19
CA SER B 23 -5.34 -12.04 2.14
C SER B 23 -5.93 -12.04 0.72
N LEU B 24 -5.90 -10.90 0.05
CA LEU B 24 -6.44 -10.82 -1.34
C LEU B 24 -5.61 -11.69 -2.29
N LEU B 25 -4.31 -11.67 -2.15
CA LEU B 25 -3.43 -12.52 -3.01
C LEU B 25 -3.72 -14.01 -2.79
N LYS B 26 -4.06 -14.38 -1.58
CA LYS B 26 -4.36 -15.81 -1.28
C LYS B 26 -5.73 -16.20 -1.83
N SER B 27 -6.67 -15.27 -1.81
CA SER B 27 -8.03 -15.57 -2.33
C SER B 27 -8.79 -14.25 -2.61
N SER B 28 -9.79 -14.30 -3.45
CA SER B 28 -10.57 -13.06 -3.78
C SER B 28 -11.74 -12.89 -2.81
N THR B 29 -12.31 -13.99 -2.35
CA THR B 29 -13.47 -13.89 -1.41
C THR B 29 -12.99 -13.73 0.03
N ALA B 30 -13.53 -12.79 0.76
CA ALA B 30 -13.12 -12.57 2.19
C ALA B 30 -14.09 -11.59 2.87
N PRO B 31 -14.18 -11.66 4.18
CA PRO B 31 -15.07 -10.74 4.92
C PRO B 31 -14.54 -9.31 4.85
N SER B 32 -15.37 -8.37 4.46
CA SER B 32 -14.92 -6.95 4.37
C SER B 32 -16.14 -6.02 4.34
N ASP B 33 -17.08 -6.27 3.46
CA ASP B 33 -18.29 -5.41 3.37
C ASP B 33 -19.48 -6.07 4.09
N LEU B 34 -19.21 -6.87 5.11
CA LEU B 34 -20.29 -7.58 5.86
C LEU B 34 -21.13 -8.47 4.93
N ALA B 35 -22.09 -7.91 4.23
CA ALA B 35 -22.95 -8.75 3.33
C ALA B 35 -22.19 -9.13 2.06
N THR B 36 -22.46 -10.29 1.52
CA THR B 36 -21.76 -10.72 0.27
C THR B 36 -22.74 -10.78 -0.91
N PRO B 37 -22.22 -10.78 -2.11
CA PRO B 37 -23.08 -10.83 -3.32
C PRO B 37 -23.81 -12.17 -3.40
N GLN B 38 -25.11 -12.14 -3.59
CA GLN B 38 -25.89 -13.41 -3.68
C GLN B 38 -25.95 -13.91 -5.14
N PRO B 39 -26.31 -13.04 -6.08
CA PRO B 39 -26.37 -13.45 -7.51
C PRO B 39 -25.01 -13.98 -7.98
N SER B 40 -25.00 -15.08 -8.70
CA SER B 40 -23.71 -15.65 -9.20
C SER B 40 -23.08 -14.72 -10.24
N THR B 41 -23.89 -14.11 -11.08
CA THR B 41 -23.38 -13.19 -12.14
C THR B 41 -22.27 -13.86 -12.98
N PHE B 42 -22.65 -14.45 -14.09
CA PHE B 42 -21.64 -15.15 -14.95
C PHE B 42 -21.93 -14.89 -16.44
N PRO B 43 -20.93 -14.47 -17.19
CA PRO B 43 -21.12 -14.23 -18.63
C PRO B 43 -21.13 -15.55 -19.42
N GLN B 44 -22.29 -16.12 -19.61
CA GLN B 44 -22.39 -17.39 -20.39
C GLN B 44 -22.37 -17.10 -21.91
N PRO B 45 -23.23 -16.20 -22.37
CA PRO B 45 -23.31 -15.93 -23.83
C PRO B 45 -22.11 -15.09 -24.29
N PRO B 46 -21.80 -15.17 -25.56
CA PRO B 46 -20.64 -14.38 -26.10
C PRO B 46 -20.92 -12.88 -26.02
N VAL B 47 -22.17 -12.48 -26.13
CA VAL B 47 -22.52 -11.04 -26.05
C VAL B 47 -23.47 -10.79 -24.87
N GLU B 48 -23.19 -9.80 -24.07
CA GLU B 48 -24.09 -9.50 -22.90
C GLU B 48 -25.46 -9.00 -23.39
N SER B 49 -25.46 -8.25 -24.48
CA SER B 49 -26.75 -7.70 -25.03
C SER B 49 -27.56 -6.98 -23.96
N HIS B 50 -27.30 -5.69 -23.75
CA HIS B 50 -28.05 -4.90 -22.72
C HIS B 50 -28.03 -5.58 -21.36
N SER B 51 -28.74 -5.05 -20.40
CA SER B 51 -28.78 -5.67 -19.04
C SER B 51 -30.23 -5.75 -18.53
N SER B 52 -30.48 -6.63 -17.60
CA SER B 52 -31.87 -6.77 -17.05
C SER B 52 -31.98 -6.09 -15.69
#